data_2MKI
#
_entry.id   2MKI
#
loop_
_entity.id
_entity.type
_entity.pdbx_description
1 polymer 'Cytoplasmic polyadenylation element-binding protein 4'
2 polymer "RNA (5'-R(*CP*UP*UP*UP*A)-3')"
#
loop_
_entity_poly.entity_id
_entity_poly.type
_entity_poly.pdbx_seq_one_letter_code
_entity_poly.pdbx_strand_id
1 'polypeptide(L)'
;SHQNGERVERYSRKVFVGGLPPDIDEDEITASFRRFGPLIVDWPHKAESKSYFPPKGYAFLLFQDESSVQALIDACIEED
GKLYLCVSSPTIKDKPVQIRPWNLSDSDFVMDGSQPLDPRKTIFVGGVPRPLRAVELAMIMDRLYGGVCYAGIDTDPELK
YPKGAGRVAFSNQQSYIAAISARFVQLQHGEIDKRVEVKPYVL
;
A
2 'polyribonucleotide' CUUUA B
#
loop_
_chem_comp.id
_chem_comp.type
_chem_comp.name
_chem_comp.formula
A RNA linking ADENOSINE-5'-MONOPHOSPHATE 'C10 H14 N5 O7 P'
C RNA linking CYTIDINE-5'-MONOPHOSPHATE 'C9 H14 N3 O8 P'
U RNA linking URIDINE-5'-MONOPHOSPHATE 'C9 H13 N2 O9 P'
#
# COMPACT_ATOMS: atom_id res chain seq x y z
N SER A 1 -5.69 33.82 -15.14
CA SER A 1 -5.12 32.70 -14.35
C SER A 1 -6.17 31.63 -14.10
N HIS A 2 -5.73 30.43 -13.70
CA HIS A 2 -6.60 29.30 -13.43
C HIS A 2 -6.03 28.46 -12.30
N GLN A 3 -6.82 27.51 -11.79
CA GLN A 3 -6.42 26.65 -10.69
C GLN A 3 -6.94 25.22 -10.88
N ASN A 4 -6.40 24.29 -10.09
CA ASN A 4 -6.76 22.87 -10.15
C ASN A 4 -7.14 22.32 -8.77
N GLY A 5 -7.50 23.21 -7.84
CA GLY A 5 -7.88 22.81 -6.48
C GLY A 5 -9.13 21.93 -6.49
N GLU A 6 -9.42 21.30 -5.36
CA GLU A 6 -10.53 20.36 -5.18
C GLU A 6 -10.49 19.19 -6.17
N ARG A 7 -9.37 19.01 -6.89
CA ARG A 7 -9.20 17.91 -7.83
C ARG A 7 -7.81 17.28 -7.71
N VAL A 8 -6.97 17.81 -6.82
CA VAL A 8 -5.61 17.30 -6.60
C VAL A 8 -5.29 17.19 -5.11
N GLU A 9 -6.31 17.31 -4.27
CA GLU A 9 -6.16 17.29 -2.82
C GLU A 9 -6.89 16.10 -2.19
N ARG A 10 -7.34 15.15 -3.01
CA ARG A 10 -7.97 13.93 -2.53
C ARG A 10 -6.91 12.93 -2.08
N TYR A 11 -7.18 12.21 -0.99
CA TYR A 11 -6.20 11.33 -0.38
C TYR A 11 -6.90 10.28 0.48
N SER A 12 -6.15 9.23 0.85
CA SER A 12 -6.67 8.18 1.70
C SER A 12 -6.42 8.52 3.17
N ARG A 13 -7.10 7.79 4.06
CA ARG A 13 -6.94 7.95 5.50
C ARG A 13 -5.71 7.15 5.96
N LYS A 14 -4.91 6.66 5.01
CA LYS A 14 -3.68 5.92 5.28
C LYS A 14 -2.53 6.54 4.51
N VAL A 15 -1.36 6.58 5.16
CA VAL A 15 -0.15 7.09 4.54
C VAL A 15 1.05 6.31 5.05
N PHE A 16 1.95 5.92 4.13
CA PHE A 16 3.17 5.22 4.51
C PHE A 16 4.18 6.24 5.01
N VAL A 17 4.92 5.89 6.06
CA VAL A 17 6.00 6.74 6.53
C VAL A 17 7.27 5.89 6.62
N GLY A 18 8.25 6.23 5.78
CA GLY A 18 9.46 5.43 5.65
C GLY A 18 10.58 5.93 6.54
N GLY A 19 11.58 5.07 6.74
CA GLY A 19 12.78 5.42 7.46
C GLY A 19 12.55 5.63 8.95
N LEU A 20 11.47 5.05 9.52
CA LEU A 20 11.25 5.08 10.96
C LEU A 20 12.56 4.70 11.66
N PRO A 21 13.10 5.55 12.54
CA PRO A 21 14.40 5.35 13.13
C PRO A 21 14.38 4.28 14.21
N PRO A 22 15.56 3.68 14.49
CA PRO A 22 15.75 2.72 15.57
C PRO A 22 15.41 3.30 16.94
N ASP A 23 15.45 2.43 17.96
CA ASP A 23 15.16 2.78 19.34
C ASP A 23 13.73 3.25 19.58
N ILE A 24 13.39 4.50 19.24
CA ILE A 24 12.04 5.02 19.45
C ILE A 24 11.00 4.24 18.66
N ASP A 25 9.72 4.38 19.06
CA ASP A 25 8.64 3.61 18.48
C ASP A 25 7.36 4.45 18.37
N GLU A 26 6.21 3.77 18.35
CA GLU A 26 4.88 4.31 18.12
C GLU A 26 4.58 5.62 18.86
N ASP A 27 5.14 5.83 20.06
CA ASP A 27 4.79 7.00 20.86
C ASP A 27 5.49 8.27 20.36
N GLU A 28 6.73 8.14 19.88
CA GLU A 28 7.53 9.29 19.49
C GLU A 28 7.07 9.83 18.13
N ILE A 29 6.52 8.96 17.28
CA ILE A 29 6.00 9.40 16.00
C ILE A 29 4.57 9.90 16.16
N THR A 30 3.84 9.41 17.17
CA THR A 30 2.52 9.94 17.47
C THR A 30 2.66 11.32 18.11
N ALA A 31 3.88 11.67 18.54
CA ALA A 31 4.19 13.01 19.00
C ALA A 31 4.88 13.87 17.94
N SER A 32 5.44 13.27 16.89
CA SER A 32 6.12 14.03 15.83
C SER A 32 5.15 14.59 14.81
N PHE A 33 4.17 13.80 14.38
CA PHE A 33 3.21 14.23 13.37
C PHE A 33 1.99 14.91 13.99
N ARG A 34 1.97 15.06 15.31
CA ARG A 34 0.82 15.61 16.03
C ARG A 34 0.63 17.10 15.74
N ARG A 35 1.65 17.74 15.17
CA ARG A 35 1.61 19.16 14.82
C ARG A 35 0.63 19.42 13.66
N PHE A 36 0.15 18.35 13.02
CA PHE A 36 -0.79 18.45 11.93
C PHE A 36 -2.14 17.87 12.33
N GLY A 37 -2.37 17.72 13.64
CA GLY A 37 -3.58 17.10 14.16
C GLY A 37 -3.26 15.72 14.73
N PRO A 38 -4.21 15.12 15.47
CA PRO A 38 -4.02 13.83 16.11
C PRO A 38 -3.92 12.72 15.06
N LEU A 39 -3.11 11.69 15.35
CA LEU A 39 -2.91 10.59 14.43
C LEU A 39 -2.61 9.28 15.17
N ILE A 40 -2.68 8.18 14.44
CA ILE A 40 -2.33 6.86 14.96
C ILE A 40 -1.47 6.12 13.93
N VAL A 41 -0.83 5.03 14.34
CA VAL A 41 0.07 4.28 13.48
C VAL A 41 -0.11 2.78 13.67
N ASP A 42 0.09 2.02 12.60
CA ASP A 42 -0.09 0.58 12.61
C ASP A 42 0.86 -0.09 11.62
N TRP A 43 1.00 -1.41 11.75
CA TRP A 43 1.80 -2.21 10.83
C TRP A 43 1.25 -3.64 10.88
N PRO A 44 1.57 -4.52 9.92
CA PRO A 44 0.90 -5.81 9.77
C PRO A 44 1.34 -6.78 10.87
N HIS A 45 2.41 -6.44 11.59
CA HIS A 45 2.96 -7.26 12.67
C HIS A 45 2.54 -6.70 14.04
N LYS A 46 1.66 -5.69 14.05
CA LYS A 46 1.20 -5.07 15.29
C LYS A 46 0.48 -6.08 16.17
N ALA A 47 0.59 -5.89 17.50
CA ALA A 47 0.01 -6.79 18.47
C ALA A 47 -0.41 -6.04 19.73
N GLU A 48 -1.22 -6.70 20.57
CA GLU A 48 -1.66 -6.14 21.85
C GLU A 48 -0.68 -6.47 22.97
N SER A 49 0.49 -7.02 22.61
CA SER A 49 1.51 -7.42 23.57
C SER A 49 2.33 -6.23 24.06
N LYS A 50 2.03 -5.02 23.57
CA LYS A 50 2.73 -3.79 23.93
C LYS A 50 4.24 -3.91 23.76
N SER A 51 4.69 -4.71 22.78
CA SER A 51 6.11 -4.87 22.50
C SER A 51 6.63 -3.72 21.63
N TYR A 52 5.73 -3.10 20.85
CA TYR A 52 6.03 -1.98 19.97
C TYR A 52 7.20 -2.25 19.01
N PHE A 53 7.63 -1.20 18.30
CA PHE A 53 8.72 -1.19 17.33
C PHE A 53 8.53 -2.18 16.17
N PRO A 54 8.29 -1.68 14.95
CA PRO A 54 8.18 -2.49 13.74
C PRO A 54 9.44 -3.34 13.48
N PRO A 55 9.34 -4.30 12.56
CA PRO A 55 10.40 -5.24 12.21
C PRO A 55 11.77 -4.61 11.95
N LYS A 56 11.84 -3.36 11.48
CA LYS A 56 13.14 -2.71 11.28
C LYS A 56 13.03 -1.20 11.41
N GLY A 57 12.35 -0.53 10.47
CA GLY A 57 12.35 0.92 10.43
C GLY A 57 11.41 1.51 9.39
N TYR A 58 10.20 0.95 9.25
CA TYR A 58 9.17 1.55 8.41
C TYR A 58 7.80 1.29 9.02
N ALA A 59 6.85 2.21 8.85
CA ALA A 59 5.52 2.09 9.44
C ALA A 59 4.48 2.81 8.58
N PHE A 60 3.20 2.70 8.96
CA PHE A 60 2.12 3.31 8.19
C PHE A 60 1.14 4.00 9.14
N LEU A 61 0.81 5.27 8.87
CA LEU A 61 -0.10 6.02 9.72
C LEU A 61 -1.55 5.87 9.28
N LEU A 62 -2.43 5.95 10.27
CA LEU A 62 -3.87 6.00 10.06
C LEU A 62 -4.35 7.36 10.55
N PHE A 63 -5.35 7.92 9.88
CA PHE A 63 -5.86 9.25 10.18
C PHE A 63 -7.38 9.25 10.24
N GLN A 64 -7.95 10.33 10.79
CA GLN A 64 -9.38 10.47 10.98
C GLN A 64 -9.97 11.42 9.95
N ASP A 65 -9.15 12.42 9.56
CA ASP A 65 -9.56 13.42 8.60
C ASP A 65 -8.64 13.42 7.39
N GLU A 66 -9.20 13.81 6.23
CA GLU A 66 -8.46 13.79 4.98
C GLU A 66 -7.69 15.09 4.76
N SER A 67 -7.88 16.07 5.66
CA SER A 67 -7.18 17.35 5.57
C SER A 67 -5.91 17.34 6.42
N SER A 68 -5.76 16.37 7.33
CA SER A 68 -4.59 16.27 8.17
C SER A 68 -3.38 15.80 7.36
N VAL A 69 -3.60 14.90 6.41
CA VAL A 69 -2.53 14.44 5.53
C VAL A 69 -2.13 15.55 4.58
N GLN A 70 -3.02 16.53 4.37
CA GLN A 70 -2.76 17.60 3.43
C GLN A 70 -1.79 18.61 4.04
N ALA A 71 -1.92 18.90 5.34
CA ALA A 71 -1.03 19.84 6.00
C ALA A 71 0.36 19.23 6.20
N LEU A 72 0.44 17.92 6.49
CA LEU A 72 1.73 17.29 6.76
C LEU A 72 2.50 17.00 5.46
N ILE A 73 1.81 17.04 4.32
CA ILE A 73 2.45 16.84 3.02
C ILE A 73 2.71 18.19 2.33
N ASP A 74 2.09 19.27 2.79
CA ASP A 74 2.27 20.59 2.17
C ASP A 74 3.18 21.50 2.99
N ALA A 75 3.55 21.10 4.20
CA ALA A 75 4.41 21.89 5.08
C ALA A 75 5.74 21.20 5.36
N CYS A 76 6.23 20.39 4.41
CA CYS A 76 7.44 19.62 4.58
C CYS A 76 8.28 19.59 3.30
N ILE A 77 9.39 18.84 3.34
CA ILE A 77 10.35 18.75 2.25
C ILE A 77 9.82 17.79 1.19
N GLU A 78 10.27 17.92 -0.06
CA GLU A 78 9.82 17.05 -1.13
C GLU A 78 10.96 16.63 -2.05
N GLU A 79 10.79 15.48 -2.72
CA GLU A 79 11.77 14.97 -3.68
C GLU A 79 11.04 14.29 -4.83
N ASP A 80 10.37 15.09 -5.66
CA ASP A 80 9.72 14.72 -6.92
C ASP A 80 8.82 13.47 -6.87
N GLY A 81 8.49 12.97 -5.68
CA GLY A 81 7.62 11.81 -5.55
C GLY A 81 7.47 11.36 -4.09
N LYS A 82 8.40 11.75 -3.21
CA LYS A 82 8.29 11.46 -1.79
C LYS A 82 8.63 12.72 -0.99
N LEU A 83 8.42 12.70 0.32
CA LEU A 83 8.63 13.85 1.18
C LEU A 83 9.46 13.47 2.40
N TYR A 84 9.87 14.46 3.22
CA TYR A 84 10.63 14.21 4.44
C TYR A 84 10.18 15.10 5.60
N LEU A 85 10.28 14.57 6.83
CA LEU A 85 10.09 15.35 8.04
C LEU A 85 11.21 15.02 9.04
N CYS A 86 11.37 15.87 10.06
CA CYS A 86 12.39 15.68 11.09
C CYS A 86 11.78 15.12 12.36
N VAL A 87 12.56 14.36 13.13
CA VAL A 87 12.09 13.76 14.38
C VAL A 87 13.17 13.75 15.47
N SER A 88 14.40 14.18 15.15
CA SER A 88 15.51 14.25 16.10
C SER A 88 15.67 12.96 16.91
N SER A 89 15.60 11.80 16.25
CA SER A 89 15.64 10.51 16.92
C SER A 89 17.04 10.14 17.43
N PRO A 90 17.13 9.31 18.47
CA PRO A 90 18.38 8.94 19.16
C PRO A 90 19.43 8.18 18.34
N THR A 91 19.26 8.05 17.02
CA THR A 91 20.19 7.28 16.19
C THR A 91 21.23 8.20 15.56
N ILE A 92 20.90 9.49 15.53
CA ILE A 92 21.64 10.53 14.82
C ILE A 92 21.16 11.89 15.33
N LYS A 93 21.61 12.98 14.70
CA LYS A 93 21.11 14.31 15.03
C LYS A 93 19.66 14.45 14.58
N ASP A 94 19.29 13.79 13.48
CA ASP A 94 17.92 13.76 12.97
C ASP A 94 17.71 12.62 11.98
N LYS A 95 16.47 12.13 11.87
CA LYS A 95 16.08 11.12 10.90
C LYS A 95 15.07 11.74 9.94
N PRO A 96 15.46 12.02 8.70
CA PRO A 96 14.54 12.38 7.65
C PRO A 96 13.60 11.19 7.38
N VAL A 97 12.44 11.15 8.04
CA VAL A 97 11.45 10.11 7.79
C VAL A 97 10.67 10.50 6.54
N GLN A 98 10.33 9.53 5.70
CA GLN A 98 9.64 9.84 4.46
C GLN A 98 8.13 9.73 4.62
N ILE A 99 7.39 10.38 3.71
CA ILE A 99 5.94 10.31 3.64
C ILE A 99 5.51 9.97 2.21
N ARG A 100 4.47 9.15 2.09
CA ARG A 100 3.90 8.77 0.80
C ARG A 100 2.48 8.26 1.03
N PRO A 101 1.46 9.10 0.74
CA PRO A 101 0.06 8.76 0.96
C PRO A 101 -0.48 7.83 -0.12
N TRP A 102 -1.63 7.19 0.12
CA TRP A 102 -2.30 6.38 -0.87
C TRP A 102 -3.23 7.26 -1.71
N ASN A 103 -3.41 6.90 -2.99
CA ASN A 103 -4.19 7.69 -3.92
C ASN A 103 -5.50 6.99 -4.27
N LEU A 104 -6.53 7.78 -4.58
CA LEU A 104 -7.87 7.28 -4.84
C LEU A 104 -8.10 7.14 -6.34
N SER A 105 -7.57 6.07 -6.95
CA SER A 105 -7.77 5.83 -8.37
C SER A 105 -7.65 4.36 -8.77
N ASP A 106 -6.78 3.59 -8.08
CA ASP A 106 -6.52 2.21 -8.47
C ASP A 106 -6.51 1.25 -7.28
N SER A 107 -7.26 1.56 -6.22
CA SER A 107 -7.31 0.71 -5.04
C SER A 107 -7.83 -0.69 -5.35
N ASP A 108 -8.73 -0.79 -6.35
CA ASP A 108 -9.31 -2.07 -6.75
C ASP A 108 -9.85 -1.99 -8.18
N PHE A 109 -10.08 -3.16 -8.80
CA PHE A 109 -10.62 -3.24 -10.15
C PHE A 109 -11.31 -4.58 -10.38
N VAL A 110 -12.24 -4.62 -11.34
CA VAL A 110 -12.93 -5.83 -11.75
C VAL A 110 -13.02 -5.90 -13.26
N MET A 111 -13.09 -7.12 -13.79
CA MET A 111 -13.12 -7.35 -15.23
C MET A 111 -14.25 -8.30 -15.62
N ASP A 112 -15.19 -8.52 -14.69
CA ASP A 112 -16.35 -9.37 -14.94
C ASP A 112 -17.52 -8.84 -14.12
N GLY A 113 -18.63 -9.59 -14.06
CA GLY A 113 -19.84 -9.21 -13.34
C GLY A 113 -19.68 -9.29 -11.82
N SER A 114 -18.45 -9.18 -11.32
CA SER A 114 -18.17 -9.27 -9.88
C SER A 114 -18.75 -10.55 -9.27
N GLN A 115 -18.41 -11.69 -9.89
CA GLN A 115 -18.88 -13.00 -9.44
C GLN A 115 -18.44 -13.26 -8.00
N PRO A 116 -19.14 -14.13 -7.27
CA PRO A 116 -18.81 -14.48 -5.90
C PRO A 116 -17.35 -14.93 -5.77
N LEU A 117 -16.69 -14.52 -4.68
CA LEU A 117 -15.29 -14.82 -4.45
C LEU A 117 -15.12 -15.73 -3.24
N ASP A 118 -14.03 -16.51 -3.23
CA ASP A 118 -13.75 -17.45 -2.15
C ASP A 118 -12.23 -17.50 -1.94
N PRO A 119 -11.77 -17.90 -0.75
CA PRO A 119 -10.35 -17.93 -0.43
C PRO A 119 -9.65 -19.06 -1.17
N ARG A 120 -10.43 -19.89 -1.88
CA ARG A 120 -9.94 -21.01 -2.68
C ARG A 120 -9.83 -20.64 -4.16
N LYS A 121 -10.10 -19.38 -4.50
CA LYS A 121 -9.97 -18.88 -5.87
C LYS A 121 -9.13 -17.61 -5.93
N THR A 122 -8.37 -17.31 -4.87
CA THR A 122 -7.64 -16.05 -4.78
C THR A 122 -6.16 -16.26 -4.49
N ILE A 123 -5.32 -15.45 -5.13
CA ILE A 123 -3.87 -15.52 -5.02
C ILE A 123 -3.35 -14.22 -4.40
N PHE A 124 -2.24 -14.30 -3.65
CA PHE A 124 -1.58 -13.11 -3.13
C PHE A 124 -0.29 -12.86 -3.89
N VAL A 125 0.10 -11.60 -4.00
CA VAL A 125 1.25 -11.17 -4.77
C VAL A 125 2.07 -10.16 -3.95
N GLY A 126 3.36 -10.44 -3.75
CA GLY A 126 4.22 -9.58 -2.92
C GLY A 126 5.62 -9.44 -3.50
N GLY A 127 6.36 -8.47 -2.99
CA GLY A 127 7.65 -8.07 -3.56
C GLY A 127 7.43 -7.07 -4.69
N VAL A 128 6.24 -6.46 -4.70
CA VAL A 128 5.83 -5.53 -5.75
C VAL A 128 6.56 -4.19 -5.66
N PRO A 129 6.69 -3.49 -6.79
CA PRO A 129 7.16 -2.12 -6.85
C PRO A 129 6.06 -1.19 -6.34
N ARG A 130 6.33 0.11 -6.27
CA ARG A 130 5.37 1.06 -5.72
C ARG A 130 4.11 1.19 -6.58
N PRO A 131 4.21 1.45 -7.90
CA PRO A 131 3.05 1.48 -8.79
C PRO A 131 2.64 0.07 -9.19
N LEU A 132 1.34 -0.13 -9.44
CA LEU A 132 0.82 -1.41 -9.91
C LEU A 132 -0.38 -1.20 -10.84
N ARG A 133 -1.29 -0.29 -10.46
CA ARG A 133 -2.54 0.00 -11.15
C ARG A 133 -3.36 -1.27 -11.37
N ALA A 134 -4.40 -1.47 -10.55
CA ALA A 134 -5.21 -2.67 -10.59
C ALA A 134 -5.81 -2.95 -11.96
N VAL A 135 -5.98 -1.91 -12.79
CA VAL A 135 -6.51 -2.08 -14.14
C VAL A 135 -5.58 -2.93 -14.99
N GLU A 136 -4.29 -2.60 -14.99
CA GLU A 136 -3.32 -3.29 -15.83
C GLU A 136 -2.85 -4.57 -15.17
N LEU A 137 -2.99 -4.68 -13.83
CA LEU A 137 -2.63 -5.89 -13.12
C LEU A 137 -3.57 -7.02 -13.52
N ALA A 138 -4.85 -6.69 -13.74
CA ALA A 138 -5.84 -7.69 -14.10
C ALA A 138 -5.75 -8.05 -15.58
N MET A 139 -5.38 -7.08 -16.44
CA MET A 139 -5.28 -7.32 -17.87
C MET A 139 -4.12 -8.26 -18.18
N ILE A 140 -3.01 -8.11 -17.44
CA ILE A 140 -1.83 -8.92 -17.65
C ILE A 140 -2.10 -10.37 -17.23
N MET A 141 -2.65 -10.58 -16.03
CA MET A 141 -3.04 -11.92 -15.60
C MET A 141 -4.06 -12.53 -16.56
N ASP A 142 -4.79 -11.72 -17.33
CA ASP A 142 -5.76 -12.25 -18.28
C ASP A 142 -5.10 -12.65 -19.60
N ARG A 143 -3.91 -12.11 -19.90
CA ARG A 143 -3.19 -12.48 -21.10
C ARG A 143 -2.26 -13.67 -20.86
N LEU A 144 -1.98 -14.00 -19.59
CA LEU A 144 -1.10 -15.12 -19.26
C LEU A 144 -1.85 -16.26 -18.56
N TYR A 145 -3.03 -15.99 -17.99
CA TYR A 145 -3.76 -17.03 -17.28
C TYR A 145 -5.26 -17.00 -17.55
N GLY A 146 -5.81 -15.82 -17.84
CA GLY A 146 -7.23 -15.68 -18.13
C GLY A 146 -8.08 -15.96 -16.88
N GLY A 147 -9.40 -15.90 -17.05
CA GLY A 147 -10.37 -16.23 -16.02
C GLY A 147 -10.39 -15.25 -14.84
N VAL A 148 -9.73 -14.09 -14.99
CA VAL A 148 -9.66 -13.12 -13.90
C VAL A 148 -11.03 -12.49 -13.67
N CYS A 149 -11.33 -12.11 -12.42
CA CYS A 149 -12.59 -11.48 -12.08
C CYS A 149 -12.38 -10.22 -11.24
N TYR A 150 -11.37 -10.22 -10.37
CA TYR A 150 -11.08 -9.08 -9.50
C TYR A 150 -9.57 -8.99 -9.23
N ALA A 151 -9.08 -7.76 -9.04
CA ALA A 151 -7.70 -7.51 -8.69
C ALA A 151 -7.58 -6.20 -7.92
N GLY A 152 -6.53 -6.05 -7.12
CA GLY A 152 -6.30 -4.82 -6.38
C GLY A 152 -5.18 -4.99 -5.36
N ILE A 153 -4.95 -3.94 -4.56
CA ILE A 153 -3.94 -3.96 -3.52
C ILE A 153 -4.59 -4.49 -2.25
N ASP A 154 -3.85 -5.27 -1.46
CA ASP A 154 -4.37 -5.83 -0.21
C ASP A 154 -4.91 -4.73 0.69
N THR A 155 -6.09 -4.96 1.27
CA THR A 155 -6.74 -3.99 2.14
C THR A 155 -7.43 -4.70 3.30
N ASP A 156 -7.84 -3.91 4.30
CA ASP A 156 -8.59 -4.42 5.45
C ASP A 156 -9.84 -3.56 5.65
N PRO A 157 -11.01 -4.19 5.81
CA PRO A 157 -12.31 -3.54 5.91
C PRO A 157 -12.61 -2.96 7.29
N GLU A 158 -11.82 -3.32 8.32
CA GLU A 158 -12.08 -2.87 9.67
C GLU A 158 -11.20 -1.67 10.01
N LEU A 159 -10.04 -1.55 9.35
CA LEU A 159 -9.13 -0.44 9.52
C LEU A 159 -9.14 0.45 8.28
N LYS A 160 -9.93 0.07 7.27
CA LYS A 160 -10.13 0.83 6.03
C LYS A 160 -8.80 1.31 5.43
N TYR A 161 -7.82 0.41 5.30
CA TYR A 161 -6.50 0.79 4.81
C TYR A 161 -5.85 -0.33 4.00
N PRO A 162 -4.94 0.01 3.06
CA PRO A 162 -4.17 -0.98 2.33
C PRO A 162 -3.02 -1.51 3.20
N LYS A 163 -2.59 -2.74 2.91
CA LYS A 163 -1.50 -3.41 3.62
C LYS A 163 -0.33 -3.68 2.68
N GLY A 164 -0.22 -2.89 1.59
CA GLY A 164 0.80 -3.11 0.59
C GLY A 164 0.51 -4.42 -0.16
N ALA A 165 1.46 -4.87 -0.99
CA ALA A 165 1.27 -6.08 -1.77
C ALA A 165 -0.05 -6.05 -2.55
N GLY A 166 -0.49 -7.18 -3.07
CA GLY A 166 -1.74 -7.23 -3.82
C GLY A 166 -2.35 -8.63 -3.83
N ARG A 167 -3.56 -8.72 -4.38
CA ARG A 167 -4.27 -9.99 -4.50
C ARG A 167 -5.02 -9.99 -5.83
N VAL A 168 -5.29 -11.18 -6.35
CA VAL A 168 -6.07 -11.34 -7.58
C VAL A 168 -7.01 -12.52 -7.40
N ALA A 169 -8.22 -12.42 -7.93
CA ALA A 169 -9.20 -13.48 -7.79
C ALA A 169 -9.74 -13.88 -9.16
N PHE A 170 -10.14 -15.14 -9.28
CA PHE A 170 -10.56 -15.72 -10.54
C PHE A 170 -11.95 -16.34 -10.42
N SER A 171 -12.68 -16.39 -11.53
CA SER A 171 -13.99 -17.02 -11.57
C SER A 171 -13.87 -18.52 -11.84
N ASN A 172 -12.64 -19.05 -11.91
CA ASN A 172 -12.39 -20.46 -12.16
C ASN A 172 -11.29 -20.98 -11.24
N GLN A 173 -11.45 -22.21 -10.74
CA GLN A 173 -10.45 -22.83 -9.89
C GLN A 173 -9.24 -23.29 -10.70
N GLN A 174 -9.37 -23.31 -12.02
CA GLN A 174 -8.30 -23.73 -12.90
C GLN A 174 -7.33 -22.57 -13.13
N SER A 175 -7.87 -21.34 -13.22
CA SER A 175 -7.06 -20.16 -13.41
C SER A 175 -6.37 -19.78 -12.10
N TYR A 176 -6.97 -20.14 -10.97
CA TYR A 176 -6.38 -19.90 -9.67
C TYR A 176 -5.12 -20.74 -9.50
N ILE A 177 -5.20 -22.05 -9.73
CA ILE A 177 -4.05 -22.92 -9.57
C ILE A 177 -3.01 -22.67 -10.66
N ALA A 178 -3.39 -21.97 -11.74
CA ALA A 178 -2.46 -21.60 -12.78
C ALA A 178 -1.69 -20.34 -12.39
N ALA A 179 -2.25 -19.51 -11.49
CA ALA A 179 -1.60 -18.29 -11.06
C ALA A 179 -0.61 -18.54 -9.92
N ILE A 180 -0.87 -19.54 -9.07
CA ILE A 180 0.06 -19.96 -8.04
C ILE A 180 0.85 -21.18 -8.50
N SER A 181 0.97 -21.35 -9.81
CA SER A 181 1.66 -22.49 -10.41
C SER A 181 3.17 -22.33 -10.35
N ALA A 182 3.65 -21.10 -10.13
CA ALA A 182 5.08 -20.82 -10.04
C ALA A 182 5.30 -19.60 -9.17
N ARG A 183 6.38 -19.60 -8.39
CA ARG A 183 6.73 -18.49 -7.50
C ARG A 183 6.82 -17.17 -8.26
N PHE A 184 7.23 -17.21 -9.52
CA PHE A 184 7.34 -16.01 -10.34
C PHE A 184 6.40 -16.11 -11.54
N VAL A 185 5.33 -15.30 -11.51
CA VAL A 185 4.37 -15.22 -12.60
C VAL A 185 4.93 -14.36 -13.74
N GLN A 186 4.35 -14.51 -14.93
CA GLN A 186 4.73 -13.71 -16.09
C GLN A 186 3.82 -12.50 -16.17
N LEU A 187 4.40 -11.33 -16.45
CA LEU A 187 3.67 -10.08 -16.46
C LEU A 187 3.82 -9.38 -17.81
N GLN A 188 4.05 -10.15 -18.87
CA GLN A 188 4.31 -9.62 -20.20
C GLN A 188 3.03 -9.11 -20.86
N HIS A 189 3.16 -8.07 -21.67
CA HIS A 189 2.02 -7.46 -22.32
C HIS A 189 2.42 -6.85 -23.67
N GLY A 190 3.58 -7.27 -24.18
CA GLY A 190 4.20 -6.70 -25.37
C GLY A 190 4.99 -5.46 -25.00
N GLU A 191 6.27 -5.42 -25.36
CA GLU A 191 7.19 -4.35 -25.02
C GLU A 191 7.26 -4.05 -23.52
N ILE A 192 6.74 -4.97 -22.70
CA ILE A 192 6.69 -4.82 -21.24
C ILE A 192 7.01 -6.16 -20.59
N ASP A 193 7.63 -6.11 -19.40
CA ASP A 193 7.96 -7.31 -18.63
C ASP A 193 8.15 -6.95 -17.16
N LYS A 194 7.55 -7.76 -16.28
CA LYS A 194 7.68 -7.63 -14.83
C LYS A 194 7.68 -9.03 -14.23
N ARG A 195 8.06 -9.14 -12.95
CA ARG A 195 8.01 -10.39 -12.21
C ARG A 195 7.76 -10.10 -10.74
N VAL A 196 7.11 -11.03 -10.04
CA VAL A 196 6.76 -10.85 -8.64
C VAL A 196 6.52 -12.20 -7.97
N GLU A 197 6.66 -12.26 -6.65
CA GLU A 197 6.49 -13.48 -5.88
C GLU A 197 5.01 -13.74 -5.59
N VAL A 198 4.61 -15.02 -5.58
CA VAL A 198 3.22 -15.40 -5.30
C VAL A 198 3.09 -16.38 -4.15
N LYS A 199 1.88 -16.47 -3.60
CA LYS A 199 1.52 -17.49 -2.64
C LYS A 199 0.00 -17.60 -2.59
N PRO A 200 -0.54 -18.73 -2.10
CA PRO A 200 -1.97 -18.89 -1.89
C PRO A 200 -2.46 -17.79 -0.95
N TYR A 201 -3.59 -17.16 -1.25
CA TYR A 201 -4.05 -16.07 -0.42
C TYR A 201 -4.52 -16.57 0.94
N VAL A 202 -4.32 -15.76 1.97
CA VAL A 202 -4.62 -16.12 3.35
C VAL A 202 -4.88 -14.86 4.17
N LEU A 203 -5.79 -14.96 5.15
CA LEU A 203 -6.16 -13.85 6.01
C LEU A 203 -6.67 -14.36 7.37
N SER A 1 -20.17 18.07 -23.97
CA SER A 1 -21.28 18.72 -23.24
C SER A 1 -20.76 19.68 -22.18
N HIS A 2 -20.08 19.14 -21.16
CA HIS A 2 -19.50 19.93 -20.07
C HIS A 2 -18.20 19.30 -19.60
N GLN A 3 -17.38 20.07 -18.88
CA GLN A 3 -16.08 19.63 -18.38
C GLN A 3 -15.88 20.12 -16.94
N ASN A 4 -14.90 19.54 -16.26
CA ASN A 4 -14.59 19.89 -14.87
C ASN A 4 -13.08 19.87 -14.64
N GLY A 5 -12.65 20.54 -13.56
CA GLY A 5 -11.25 20.61 -13.17
C GLY A 5 -10.80 19.36 -12.42
N GLU A 6 -9.57 19.39 -11.91
CA GLU A 6 -8.98 18.29 -11.17
C GLU A 6 -8.20 18.84 -9.98
N ARG A 7 -8.07 18.05 -8.90
CA ARG A 7 -7.39 18.46 -7.68
C ARG A 7 -6.53 17.33 -7.16
N VAL A 8 -5.65 17.65 -6.20
CA VAL A 8 -4.74 16.66 -5.60
C VAL A 8 -4.82 16.69 -4.08
N GLU A 9 -5.81 17.41 -3.52
CA GLU A 9 -5.98 17.51 -2.08
C GLU A 9 -6.73 16.29 -1.52
N ARG A 10 -7.26 15.44 -2.41
CA ARG A 10 -7.95 14.23 -1.99
C ARG A 10 -6.97 13.08 -1.79
N TYR A 11 -7.27 12.23 -0.82
CA TYR A 11 -6.36 11.18 -0.38
C TYR A 11 -7.14 10.03 0.26
N SER A 12 -6.45 8.91 0.52
CA SER A 12 -7.09 7.69 1.01
C SER A 12 -7.13 7.63 2.54
N ARG A 13 -7.01 8.77 3.23
CA ARG A 13 -6.98 8.84 4.68
C ARG A 13 -5.92 7.93 5.29
N LYS A 14 -4.94 7.51 4.48
CA LYS A 14 -3.86 6.64 4.92
C LYS A 14 -2.57 7.00 4.19
N VAL A 15 -1.46 6.83 4.91
CA VAL A 15 -0.14 7.18 4.39
C VAL A 15 0.90 6.20 4.91
N PHE A 16 1.86 5.86 4.06
CA PHE A 16 2.98 5.01 4.46
C PHE A 16 4.10 5.90 4.96
N VAL A 17 4.76 5.48 6.04
CA VAL A 17 5.88 6.23 6.59
C VAL A 17 7.09 5.29 6.69
N GLY A 18 7.97 5.40 5.70
CA GLY A 18 9.14 4.55 5.63
C GLY A 18 10.33 5.17 6.35
N GLY A 19 11.34 4.34 6.62
CA GLY A 19 12.57 4.82 7.23
C GLY A 19 12.40 5.18 8.70
N LEU A 20 11.39 4.60 9.35
CA LEU A 20 11.18 4.76 10.78
C LEU A 20 12.42 4.21 11.49
N PRO A 21 13.04 4.97 12.41
CA PRO A 21 14.23 4.53 13.10
C PRO A 21 13.89 3.38 14.06
N PRO A 22 14.65 2.27 14.03
CA PRO A 22 14.37 1.08 14.83
C PRO A 22 14.50 1.30 16.35
N ASP A 23 14.99 2.46 16.79
CA ASP A 23 15.27 2.69 18.20
C ASP A 23 14.07 3.24 18.97
N ILE A 24 12.93 3.46 18.31
CA ILE A 24 11.73 3.97 18.97
C ILE A 24 10.48 3.23 18.51
N ASP A 25 9.31 3.71 18.95
CA ASP A 25 8.04 3.07 18.69
C ASP A 25 6.95 4.11 18.37
N GLU A 26 5.70 3.66 18.39
CA GLU A 26 4.53 4.46 18.06
C GLU A 26 4.52 5.84 18.74
N ASP A 27 5.11 5.95 19.93
CA ASP A 27 5.06 7.18 20.70
C ASP A 27 5.81 8.32 20.00
N GLU A 28 6.93 8.01 19.35
CA GLU A 28 7.80 9.04 18.80
C GLU A 28 7.15 9.66 17.56
N ILE A 29 6.49 8.85 16.73
CA ILE A 29 5.84 9.35 15.52
C ILE A 29 4.45 9.92 15.83
N THR A 30 3.79 9.42 16.88
CA THR A 30 2.50 10.00 17.25
C THR A 30 2.74 11.40 17.82
N ALA A 31 3.98 11.71 18.20
CA ALA A 31 4.36 13.05 18.62
C ALA A 31 4.99 13.87 17.49
N SER A 32 5.50 13.22 16.43
CA SER A 32 6.12 13.95 15.32
C SER A 32 5.12 14.56 14.35
N PHE A 33 3.91 13.98 14.24
CA PHE A 33 2.91 14.47 13.32
C PHE A 33 1.70 15.06 14.05
N ARG A 34 1.80 15.24 15.38
CA ARG A 34 0.70 15.76 16.19
C ARG A 34 0.41 17.23 15.88
N ARG A 35 1.38 17.94 15.28
CA ARG A 35 1.19 19.34 14.90
C ARG A 35 0.25 19.47 13.71
N PHE A 36 -0.05 18.35 13.06
CA PHE A 36 -0.91 18.32 11.89
C PHE A 36 -2.29 17.76 12.27
N GLY A 37 -2.62 17.79 13.56
CA GLY A 37 -3.83 17.19 14.08
C GLY A 37 -3.52 15.82 14.67
N PRO A 38 -4.49 15.20 15.36
CA PRO A 38 -4.32 13.91 15.98
C PRO A 38 -4.18 12.81 14.93
N LEU A 39 -3.35 11.80 15.22
CA LEU A 39 -3.12 10.70 14.31
C LEU A 39 -2.79 9.41 15.07
N ILE A 40 -2.81 8.30 14.35
CA ILE A 40 -2.47 6.99 14.90
C ILE A 40 -1.66 6.20 13.87
N VAL A 41 -1.04 5.11 14.30
CA VAL A 41 -0.18 4.32 13.42
C VAL A 41 -0.41 2.83 13.65
N ASP A 42 -0.22 2.05 12.58
CA ASP A 42 -0.48 0.61 12.61
C ASP A 42 0.50 -0.12 11.69
N TRP A 43 0.60 -1.43 11.88
CA TRP A 43 1.39 -2.31 11.03
C TRP A 43 0.83 -3.73 11.22
N PRO A 44 1.10 -4.69 10.32
CA PRO A 44 0.43 -5.99 10.34
C PRO A 44 0.98 -6.86 11.48
N HIS A 45 2.06 -6.40 12.11
CA HIS A 45 2.73 -7.09 13.21
C HIS A 45 2.33 -6.48 14.56
N LYS A 46 1.23 -5.71 14.60
CA LYS A 46 0.82 -4.95 15.78
C LYS A 46 0.82 -5.79 17.06
N ALA A 47 1.17 -5.14 18.16
CA ALA A 47 1.28 -5.75 19.47
C ALA A 47 0.14 -5.30 20.38
N GLU A 48 0.22 -5.68 21.67
CA GLU A 48 -0.75 -5.29 22.68
C GLU A 48 -0.65 -3.78 22.96
N SER A 49 -1.48 -3.30 23.89
CA SER A 49 -1.48 -1.90 24.30
C SER A 49 -0.22 -1.55 25.10
N LYS A 50 0.76 -2.46 25.14
CA LYS A 50 2.02 -2.28 25.85
C LYS A 50 3.13 -3.02 25.10
N SER A 51 4.39 -2.65 25.39
CA SER A 51 5.57 -3.26 24.78
C SER A 51 5.51 -3.29 23.25
N TYR A 52 4.87 -2.28 22.64
CA TYR A 52 4.74 -2.19 21.20
C TYR A 52 6.03 -1.64 20.57
N PHE A 53 6.43 -2.23 19.44
CA PHE A 53 7.61 -1.84 18.69
C PHE A 53 7.42 -2.22 17.21
N PRO A 54 8.04 -1.46 16.29
CA PRO A 54 8.02 -1.73 14.86
C PRO A 54 8.70 -3.07 14.53
N PRO A 55 8.35 -3.68 13.38
CA PRO A 55 8.94 -4.92 12.91
C PRO A 55 10.38 -4.73 12.44
N LYS A 56 10.73 -3.54 11.94
CA LYS A 56 12.08 -3.20 11.52
C LYS A 56 12.27 -1.69 11.57
N GLY A 57 11.58 -0.99 10.66
CA GLY A 57 11.77 0.44 10.49
C GLY A 57 10.82 1.03 9.44
N TYR A 58 9.63 0.46 9.30
CA TYR A 58 8.61 1.02 8.41
C TYR A 58 7.24 0.88 9.08
N ALA A 59 6.35 1.85 8.86
CA ALA A 59 5.03 1.86 9.48
C ALA A 59 4.01 2.58 8.60
N PHE A 60 2.74 2.59 9.01
CA PHE A 60 1.68 3.21 8.23
C PHE A 60 0.72 3.97 9.14
N LEU A 61 0.46 5.25 8.84
CA LEU A 61 -0.41 6.07 9.68
C LEU A 61 -1.86 5.96 9.22
N LEU A 62 -2.76 6.14 10.20
CA LEU A 62 -4.19 6.19 9.95
C LEU A 62 -4.67 7.60 10.28
N PHE A 63 -5.58 8.12 9.46
CA PHE A 63 -6.11 9.46 9.60
C PHE A 63 -7.62 9.46 9.37
N GLN A 64 -8.26 10.62 9.56
CA GLN A 64 -9.71 10.76 9.47
C GLN A 64 -10.14 11.65 8.32
N ASP A 65 -9.24 12.53 7.88
CA ASP A 65 -9.56 13.50 6.84
C ASP A 65 -8.37 13.70 5.90
N GLU A 66 -8.65 14.22 4.70
CA GLU A 66 -7.62 14.40 3.69
C GLU A 66 -6.81 15.68 3.92
N SER A 67 -7.30 16.57 4.78
CA SER A 67 -6.61 17.82 5.08
C SER A 67 -5.47 17.59 6.06
N SER A 68 -5.47 16.45 6.76
CA SER A 68 -4.45 16.16 7.75
C SER A 68 -3.18 15.66 7.07
N VAL A 69 -3.33 14.78 6.06
CA VAL A 69 -2.19 14.30 5.30
C VAL A 69 -1.67 15.43 4.40
N GLN A 70 -2.53 16.40 4.10
CA GLN A 70 -2.16 17.50 3.23
C GLN A 70 -1.26 18.49 3.97
N ALA A 71 -1.47 18.66 5.28
CA ALA A 71 -0.67 19.58 6.07
C ALA A 71 0.71 18.98 6.37
N LEU A 72 0.78 17.66 6.62
CA LEU A 72 2.04 17.03 6.95
C LEU A 72 2.89 16.79 5.69
N ILE A 73 2.29 16.89 4.51
CA ILE A 73 3.01 16.75 3.24
C ILE A 73 3.36 18.11 2.64
N ASP A 74 2.70 19.19 3.09
CA ASP A 74 2.96 20.53 2.57
C ASP A 74 3.87 21.35 3.50
N ALA A 75 4.10 20.85 4.72
CA ALA A 75 4.93 21.54 5.70
C ALA A 75 6.13 20.70 6.12
N CYS A 76 6.63 19.85 5.21
CA CYS A 76 7.74 18.95 5.47
C CYS A 76 8.85 19.10 4.43
N ILE A 77 9.86 18.24 4.51
CA ILE A 77 11.03 18.28 3.66
C ILE A 77 10.75 17.46 2.39
N GLU A 78 11.53 17.68 1.34
CA GLU A 78 11.35 16.97 0.08
C GLU A 78 12.67 16.33 -0.37
N GLU A 79 12.56 15.25 -1.16
CA GLU A 79 13.73 14.58 -1.72
C GLU A 79 13.45 14.12 -3.15
N ASP A 80 13.26 15.10 -4.04
CA ASP A 80 13.13 14.93 -5.49
C ASP A 80 12.06 13.91 -5.94
N GLY A 81 11.23 13.41 -5.02
CA GLY A 81 10.18 12.46 -5.37
C GLY A 81 9.49 11.87 -4.14
N LYS A 82 10.12 12.01 -2.96
CA LYS A 82 9.51 11.57 -1.72
C LYS A 82 9.55 12.71 -0.70
N LEU A 83 8.89 12.52 0.44
CA LEU A 83 8.85 13.52 1.51
C LEU A 83 9.67 13.05 2.71
N TYR A 84 10.04 13.99 3.58
CA TYR A 84 10.84 13.72 4.76
C TYR A 84 10.32 14.55 5.95
N LEU A 85 10.48 14.04 7.17
CA LEU A 85 10.23 14.84 8.37
C LEU A 85 11.31 14.53 9.40
N CYS A 86 11.61 15.50 10.26
CA CYS A 86 12.60 15.32 11.32
C CYS A 86 11.93 14.68 12.54
N VAL A 87 12.70 13.95 13.35
CA VAL A 87 12.20 13.27 14.53
C VAL A 87 13.03 13.63 15.75
N SER A 88 12.49 13.42 16.95
CA SER A 88 13.14 13.82 18.19
C SER A 88 14.02 12.72 18.78
N SER A 89 13.86 11.48 18.29
CA SER A 89 14.65 10.35 18.75
C SER A 89 14.97 9.41 17.58
N PRO A 90 15.76 9.91 16.61
CA PRO A 90 16.15 9.18 15.42
C PRO A 90 17.10 8.02 15.74
N THR A 91 17.33 7.16 14.75
CA THR A 91 18.29 6.07 14.87
C THR A 91 19.66 6.64 14.54
N ILE A 92 20.73 5.97 14.95
CA ILE A 92 22.08 6.36 14.58
C ILE A 92 22.32 7.81 15.00
N LYS A 93 22.38 8.74 14.05
CA LYS A 93 22.48 10.17 14.32
C LYS A 93 21.78 10.95 13.20
N ASP A 94 20.93 11.91 13.57
CA ASP A 94 20.18 12.77 12.66
C ASP A 94 19.63 11.99 11.46
N LYS A 95 18.52 11.27 11.67
CA LYS A 95 17.97 10.39 10.65
C LYS A 95 16.48 10.70 10.42
N PRO A 96 16.13 11.29 9.27
CA PRO A 96 14.76 11.68 8.93
C PRO A 96 13.87 10.47 8.64
N VAL A 97 12.56 10.69 8.61
CA VAL A 97 11.59 9.65 8.27
C VAL A 97 10.89 10.04 6.97
N GLN A 98 10.64 9.06 6.10
CA GLN A 98 10.10 9.28 4.77
C GLN A 98 8.58 9.10 4.76
N ILE A 99 7.88 9.81 3.86
CA ILE A 99 6.43 9.77 3.76
C ILE A 99 5.96 9.62 2.31
N ARG A 100 4.89 8.85 2.10
CA ARG A 100 4.22 8.77 0.81
C ARG A 100 2.77 8.30 1.01
N PRO A 101 1.78 9.17 0.74
CA PRO A 101 0.36 8.86 0.87
C PRO A 101 -0.17 8.01 -0.29
N TRP A 102 -1.41 7.52 -0.17
CA TRP A 102 -2.07 6.80 -1.26
C TRP A 102 -3.02 7.75 -1.99
N ASN A 103 -3.07 7.66 -3.32
CA ASN A 103 -3.88 8.54 -4.15
C ASN A 103 -5.10 7.81 -4.72
N LEU A 104 -6.16 8.57 -4.99
CA LEU A 104 -7.42 8.04 -5.48
C LEU A 104 -7.40 7.96 -7.01
N SER A 105 -6.52 7.12 -7.55
CA SER A 105 -6.42 6.90 -8.99
C SER A 105 -6.35 5.41 -9.33
N ASP A 106 -5.88 4.59 -8.38
CA ASP A 106 -5.85 3.15 -8.54
C ASP A 106 -5.91 2.52 -7.16
N SER A 107 -6.70 1.45 -6.98
CA SER A 107 -6.77 0.76 -5.70
C SER A 107 -7.26 -0.67 -5.90
N ASP A 108 -8.31 -0.85 -6.72
CA ASP A 108 -8.87 -2.17 -7.01
C ASP A 108 -9.70 -2.12 -8.29
N PHE A 109 -9.99 -3.30 -8.85
CA PHE A 109 -10.77 -3.41 -10.06
C PHE A 109 -11.41 -4.80 -10.17
N VAL A 110 -12.46 -4.91 -10.99
CA VAL A 110 -13.14 -6.17 -11.26
C VAL A 110 -13.49 -6.28 -12.73
N MET A 111 -13.53 -7.51 -13.24
CA MET A 111 -13.85 -7.78 -14.64
C MET A 111 -14.90 -8.88 -14.73
N ASP A 112 -15.75 -8.98 -13.70
CA ASP A 112 -16.74 -10.04 -13.59
C ASP A 112 -17.94 -9.53 -12.80
N GLY A 113 -19.07 -10.22 -12.91
CA GLY A 113 -20.30 -9.88 -12.22
C GLY A 113 -20.27 -10.30 -10.74
N SER A 114 -19.08 -10.32 -10.14
CA SER A 114 -18.90 -10.71 -8.75
C SER A 114 -19.43 -12.12 -8.46
N GLN A 115 -19.00 -13.10 -9.25
CA GLN A 115 -19.32 -14.50 -9.00
C GLN A 115 -18.74 -14.91 -7.64
N PRO A 116 -19.19 -16.04 -7.06
CA PRO A 116 -18.72 -16.50 -5.77
C PRO A 116 -17.20 -16.46 -5.67
N LEU A 117 -16.70 -15.82 -4.61
CA LEU A 117 -15.30 -15.55 -4.42
C LEU A 117 -14.88 -15.85 -2.99
N ASP A 118 -13.72 -16.50 -2.83
CA ASP A 118 -13.22 -16.89 -1.53
C ASP A 118 -11.69 -16.94 -1.59
N PRO A 119 -11.00 -16.87 -0.44
CA PRO A 119 -9.55 -16.97 -0.36
C PRO A 119 -8.99 -18.25 -0.98
N ARG A 120 -9.85 -19.25 -1.23
CA ARG A 120 -9.45 -20.52 -1.81
C ARG A 120 -9.28 -20.41 -3.33
N LYS A 121 -9.64 -19.25 -3.91
CA LYS A 121 -9.43 -19.00 -5.33
C LYS A 121 -8.68 -17.68 -5.53
N THR A 122 -7.93 -17.25 -4.50
CA THR A 122 -7.25 -15.96 -4.53
C THR A 122 -5.74 -16.14 -4.33
N ILE A 123 -4.96 -15.25 -4.93
CA ILE A 123 -3.51 -15.31 -4.92
C ILE A 123 -2.95 -13.98 -4.43
N PHE A 124 -1.80 -14.01 -3.74
CA PHE A 124 -1.15 -12.80 -3.24
C PHE A 124 0.16 -12.59 -3.98
N VAL A 125 0.61 -11.33 -4.04
CA VAL A 125 1.86 -10.96 -4.69
C VAL A 125 2.58 -9.89 -3.89
N GLY A 126 3.92 -9.94 -3.90
CA GLY A 126 4.74 -8.98 -3.16
C GLY A 126 6.09 -8.75 -3.84
N GLY A 127 6.84 -7.76 -3.35
CA GLY A 127 8.09 -7.36 -3.97
C GLY A 127 7.85 -6.50 -5.21
N VAL A 128 6.59 -6.07 -5.39
CA VAL A 128 6.18 -5.32 -6.57
C VAL A 128 6.42 -3.82 -6.37
N PRO A 129 6.77 -3.08 -7.45
CA PRO A 129 6.85 -1.63 -7.43
C PRO A 129 5.52 -1.00 -6.97
N ARG A 130 5.58 0.27 -6.57
CA ARG A 130 4.40 0.97 -6.06
C ARG A 130 3.31 1.13 -7.13
N PRO A 131 3.63 1.58 -8.35
CA PRO A 131 2.65 1.77 -9.42
C PRO A 131 2.30 0.44 -10.09
N LEU A 132 1.76 -0.52 -9.32
CA LEU A 132 1.39 -1.82 -9.87
C LEU A 132 0.12 -1.75 -10.73
N ARG A 133 -0.59 -0.61 -10.66
CA ARG A 133 -1.74 -0.28 -11.50
C ARG A 133 -2.71 -1.46 -11.63
N ALA A 134 -3.56 -1.65 -10.62
CA ALA A 134 -4.43 -2.81 -10.49
C ALA A 134 -5.33 -3.05 -11.70
N VAL A 135 -5.70 -2.00 -12.45
CA VAL A 135 -6.55 -2.17 -13.62
C VAL A 135 -5.82 -2.95 -14.71
N GLU A 136 -4.55 -2.58 -14.93
CA GLU A 136 -3.75 -3.17 -16.00
C GLU A 136 -3.10 -4.46 -15.52
N LEU A 137 -3.02 -4.64 -14.20
CA LEU A 137 -2.52 -5.88 -13.62
C LEU A 137 -3.58 -6.96 -13.79
N ALA A 138 -4.86 -6.57 -13.81
CA ALA A 138 -5.95 -7.51 -13.96
C ALA A 138 -6.08 -7.94 -15.43
N MET A 139 -5.81 -7.01 -16.34
CA MET A 139 -5.86 -7.30 -17.77
C MET A 139 -4.74 -8.26 -18.15
N ILE A 140 -3.59 -8.15 -17.48
CA ILE A 140 -2.44 -8.98 -17.78
C ILE A 140 -2.68 -10.42 -17.34
N MET A 141 -3.17 -10.63 -16.11
CA MET A 141 -3.54 -11.96 -15.65
C MET A 141 -4.64 -12.56 -16.53
N ASP A 142 -5.42 -11.71 -17.21
CA ASP A 142 -6.47 -12.20 -18.10
C ASP A 142 -5.90 -12.57 -19.47
N ARG A 143 -4.71 -12.07 -19.82
CA ARG A 143 -4.04 -12.43 -21.06
C ARG A 143 -3.09 -13.61 -20.88
N LEU A 144 -2.77 -14.00 -19.64
CA LEU A 144 -1.89 -15.14 -19.39
C LEU A 144 -2.62 -16.29 -18.71
N TYR A 145 -3.77 -16.03 -18.05
CA TYR A 145 -4.47 -17.07 -17.32
C TYR A 145 -5.97 -17.03 -17.55
N GLY A 146 -6.53 -15.82 -17.72
CA GLY A 146 -7.96 -15.66 -17.91
C GLY A 146 -8.75 -16.01 -16.65
N GLY A 147 -10.07 -15.88 -16.72
CA GLY A 147 -10.96 -16.23 -15.62
C GLY A 147 -10.87 -15.29 -14.43
N VAL A 148 -10.24 -14.12 -14.59
CA VAL A 148 -10.08 -13.17 -13.50
C VAL A 148 -11.44 -12.58 -13.14
N CYS A 149 -11.69 -12.38 -11.84
CA CYS A 149 -12.92 -11.75 -11.38
C CYS A 149 -12.64 -10.49 -10.57
N TYR A 150 -11.50 -10.44 -9.87
CA TYR A 150 -11.15 -9.32 -9.02
C TYR A 150 -9.64 -9.19 -8.89
N ALA A 151 -9.16 -7.95 -8.71
CA ALA A 151 -7.76 -7.67 -8.48
C ALA A 151 -7.61 -6.32 -7.79
N GLY A 152 -6.47 -6.10 -7.12
CA GLY A 152 -6.21 -4.83 -6.46
C GLY A 152 -5.19 -4.96 -5.35
N ILE A 153 -5.00 -3.88 -4.59
CA ILE A 153 -4.15 -3.90 -3.42
C ILE A 153 -5.02 -4.33 -2.25
N ASP A 154 -4.50 -5.17 -1.35
CA ASP A 154 -5.23 -5.54 -0.15
C ASP A 154 -5.65 -4.25 0.58
N THR A 155 -6.94 -3.91 0.51
CA THR A 155 -7.43 -2.66 1.07
C THR A 155 -8.90 -2.76 1.48
N ASP A 156 -9.24 -2.04 2.56
CA ASP A 156 -10.61 -1.83 3.01
C ASP A 156 -10.64 -0.50 3.76
N PRO A 157 -11.63 0.35 3.52
CA PRO A 157 -11.75 1.67 4.10
C PRO A 157 -12.20 1.60 5.57
N GLU A 158 -12.36 0.39 6.09
CA GLU A 158 -12.88 0.20 7.44
C GLU A 158 -11.81 0.46 8.50
N LEU A 159 -10.59 -0.07 8.32
CA LEU A 159 -9.58 0.07 9.36
C LEU A 159 -8.13 -0.15 8.88
N LYS A 160 -7.89 -0.33 7.57
CA LYS A 160 -6.53 -0.60 7.12
C LYS A 160 -6.11 0.13 5.85
N TYR A 161 -7.05 0.45 4.94
CA TYR A 161 -6.72 1.05 3.66
C TYR A 161 -5.67 0.19 2.93
N PRO A 162 -4.99 0.64 1.85
CA PRO A 162 -4.17 -0.26 1.05
C PRO A 162 -2.86 -0.61 1.73
N LYS A 163 -2.42 -1.86 1.53
CA LYS A 163 -1.14 -2.35 2.02
C LYS A 163 -0.06 -2.12 0.96
N GLY A 164 1.11 -2.73 1.17
CA GLY A 164 2.25 -2.59 0.27
C GLY A 164 2.31 -3.75 -0.71
N ALA A 165 1.31 -4.64 -0.69
CA ALA A 165 1.28 -5.84 -1.50
C ALA A 165 -0.11 -6.06 -2.10
N GLY A 166 -0.15 -6.69 -3.27
CA GLY A 166 -1.38 -6.86 -4.03
C GLY A 166 -1.94 -8.27 -3.94
N ARG A 167 -3.14 -8.44 -4.50
CA ARG A 167 -3.81 -9.74 -4.57
C ARG A 167 -4.65 -9.79 -5.84
N VAL A 168 -4.88 -11.00 -6.35
CA VAL A 168 -5.71 -11.21 -7.54
C VAL A 168 -6.58 -12.43 -7.29
N ALA A 169 -7.78 -12.45 -7.88
CA ALA A 169 -8.73 -13.54 -7.67
C ALA A 169 -9.38 -13.95 -8.99
N PHE A 170 -9.86 -15.20 -9.01
CA PHE A 170 -10.43 -15.80 -10.19
C PHE A 170 -11.75 -16.46 -9.87
N SER A 171 -12.63 -16.56 -10.88
CA SER A 171 -13.92 -17.23 -10.72
C SER A 171 -13.78 -18.73 -10.92
N ASN A 172 -12.57 -19.22 -11.18
CA ASN A 172 -12.31 -20.63 -11.40
C ASN A 172 -11.10 -21.08 -10.58
N GLN A 173 -11.16 -22.28 -10.01
CA GLN A 173 -10.06 -22.85 -9.24
C GLN A 173 -8.92 -23.31 -10.15
N GLN A 174 -9.14 -23.28 -11.47
CA GLN A 174 -8.13 -23.69 -12.42
C GLN A 174 -7.17 -22.53 -12.70
N SER A 175 -7.71 -21.31 -12.81
CA SER A 175 -6.88 -20.13 -13.01
C SER A 175 -6.19 -19.76 -11.70
N TYR A 176 -6.78 -20.14 -10.57
CA TYR A 176 -6.16 -19.94 -9.28
C TYR A 176 -4.87 -20.74 -9.18
N ILE A 177 -4.91 -22.03 -9.50
CA ILE A 177 -3.71 -22.87 -9.41
C ILE A 177 -2.73 -22.56 -10.54
N ALA A 178 -3.18 -21.80 -11.54
CA ALA A 178 -2.31 -21.35 -12.61
C ALA A 178 -1.62 -20.03 -12.24
N ALA A 179 -2.13 -19.33 -11.23
CA ALA A 179 -1.55 -18.07 -10.78
C ALA A 179 -0.57 -18.26 -9.62
N ILE A 180 -0.55 -19.46 -9.01
CA ILE A 180 0.41 -19.82 -7.99
C ILE A 180 1.22 -21.04 -8.43
N SER A 181 1.29 -21.27 -9.74
CA SER A 181 1.99 -22.42 -10.32
C SER A 181 3.50 -22.22 -10.31
N ALA A 182 3.93 -20.96 -10.18
CA ALA A 182 5.33 -20.61 -10.22
C ALA A 182 5.57 -19.33 -9.42
N ARG A 183 6.72 -19.24 -8.73
CA ARG A 183 7.04 -18.11 -7.89
C ARG A 183 7.01 -16.79 -8.65
N PHE A 184 7.35 -16.82 -9.94
CA PHE A 184 7.35 -15.62 -10.77
C PHE A 184 6.44 -15.82 -11.97
N VAL A 185 5.31 -15.10 -11.98
CA VAL A 185 4.38 -15.12 -13.10
C VAL A 185 4.83 -14.16 -14.18
N GLN A 186 4.43 -14.41 -15.43
CA GLN A 186 4.68 -13.50 -16.52
C GLN A 186 3.60 -12.42 -16.55
N LEU A 187 4.03 -11.18 -16.79
CA LEU A 187 3.12 -10.03 -16.82
C LEU A 187 3.18 -9.37 -18.19
N GLN A 188 3.32 -10.17 -19.24
CA GLN A 188 3.54 -9.66 -20.59
C GLN A 188 2.24 -9.24 -21.25
N HIS A 189 2.31 -8.22 -22.10
CA HIS A 189 1.15 -7.70 -22.81
C HIS A 189 1.48 -7.42 -24.28
N GLY A 190 2.59 -7.97 -24.77
CA GLY A 190 3.06 -7.80 -26.13
C GLY A 190 3.89 -6.53 -26.31
N GLU A 191 3.84 -5.60 -25.35
CA GLU A 191 4.59 -4.35 -25.38
C GLU A 191 5.13 -4.01 -23.99
N ILE A 192 4.86 -4.86 -23.00
CA ILE A 192 5.21 -4.63 -21.61
C ILE A 192 5.68 -5.94 -20.97
N ASP A 193 6.52 -5.84 -19.94
CA ASP A 193 6.97 -6.99 -19.17
C ASP A 193 7.21 -6.59 -17.72
N LYS A 194 6.72 -7.42 -16.78
CA LYS A 194 6.90 -7.26 -15.35
C LYS A 194 7.03 -8.66 -14.73
N ARG A 195 7.41 -8.72 -13.45
CA ARG A 195 7.48 -9.97 -12.69
C ARG A 195 7.22 -9.66 -11.22
N VAL A 196 6.67 -10.63 -10.49
CA VAL A 196 6.40 -10.46 -9.07
C VAL A 196 6.38 -11.81 -8.37
N GLU A 197 6.68 -11.84 -7.07
CA GLU A 197 6.68 -13.07 -6.29
C GLU A 197 5.27 -13.41 -5.83
N VAL A 198 4.79 -14.60 -6.17
CA VAL A 198 3.43 -15.02 -5.84
C VAL A 198 3.39 -15.97 -4.65
N LYS A 199 2.22 -16.05 -4.00
CA LYS A 199 1.95 -17.08 -3.00
C LYS A 199 0.45 -17.23 -2.83
N PRO A 200 -0.02 -18.37 -2.29
CA PRO A 200 -1.43 -18.60 -2.01
C PRO A 200 -1.94 -17.52 -1.07
N TYR A 201 -3.19 -17.07 -1.26
CA TYR A 201 -3.76 -16.05 -0.39
C TYR A 201 -4.34 -16.68 0.87
N VAL A 202 -4.65 -15.84 1.86
CA VAL A 202 -5.02 -16.29 3.19
C VAL A 202 -5.94 -15.26 3.84
N LEU A 203 -6.76 -15.71 4.81
CA LEU A 203 -7.68 -14.85 5.53
C LEU A 203 -7.82 -15.33 6.98
N SER A 1 -9.81 33.68 -17.96
CA SER A 1 -8.87 32.77 -17.29
C SER A 1 -7.45 33.29 -17.40
N HIS A 2 -6.58 32.87 -16.47
CA HIS A 2 -5.18 33.27 -16.45
C HIS A 2 -4.29 32.15 -15.91
N GLN A 3 -4.82 30.93 -15.83
CA GLN A 3 -4.11 29.76 -15.34
C GLN A 3 -4.43 28.54 -16.19
N ASN A 4 -3.68 27.46 -15.99
CA ASN A 4 -3.87 26.22 -16.73
C ASN A 4 -3.64 25.03 -15.80
N GLY A 5 -4.20 23.87 -16.15
CA GLY A 5 -4.11 22.65 -15.35
C GLY A 5 -5.05 22.70 -14.15
N GLU A 6 -5.23 21.54 -13.50
CA GLU A 6 -6.09 21.41 -12.35
C GLU A 6 -5.61 20.24 -11.48
N ARG A 7 -5.92 20.28 -10.17
CA ARG A 7 -5.54 19.23 -9.24
C ARG A 7 -6.70 18.94 -8.29
N VAL A 8 -7.16 17.68 -8.30
CA VAL A 8 -8.20 17.19 -7.41
C VAL A 8 -7.94 15.71 -7.17
N GLU A 9 -7.88 15.29 -5.89
CA GLU A 9 -7.66 13.90 -5.54
C GLU A 9 -8.15 13.63 -4.11
N ARG A 10 -8.19 12.34 -3.74
CA ARG A 10 -8.67 11.89 -2.44
C ARG A 10 -7.64 10.96 -1.81
N TYR A 11 -7.87 10.53 -0.57
CA TYR A 11 -6.90 9.72 0.17
C TYR A 11 -7.57 8.52 0.83
N SER A 12 -6.82 7.42 0.95
CA SER A 12 -7.32 6.17 1.53
C SER A 12 -7.13 6.14 3.04
N ARG A 13 -7.06 7.30 3.70
CA ARG A 13 -6.76 7.40 5.12
C ARG A 13 -5.47 6.65 5.44
N LYS A 14 -4.58 6.56 4.44
CA LYS A 14 -3.37 5.75 4.50
C LYS A 14 -2.19 6.55 3.95
N VAL A 15 -1.06 6.43 4.64
CA VAL A 15 0.19 7.03 4.20
C VAL A 15 1.35 6.19 4.73
N PHE A 16 2.36 5.94 3.90
CA PHE A 16 3.54 5.19 4.30
C PHE A 16 4.54 6.14 4.93
N VAL A 17 5.25 5.69 5.96
CA VAL A 17 6.28 6.46 6.64
C VAL A 17 7.56 5.63 6.72
N GLY A 18 8.35 5.69 5.64
CA GLY A 18 9.58 4.92 5.55
C GLY A 18 10.73 5.60 6.29
N GLY A 19 11.81 4.83 6.51
CA GLY A 19 13.00 5.34 7.15
C GLY A 19 12.83 5.57 8.65
N LEU A 20 11.72 5.11 9.22
CA LEU A 20 11.49 5.15 10.66
C LEU A 20 12.73 4.55 11.35
N PRO A 21 13.22 5.14 12.44
CA PRO A 21 14.35 4.61 13.16
C PRO A 21 13.98 3.26 13.79
N PRO A 22 14.86 2.25 13.70
CA PRO A 22 14.62 0.91 14.25
C PRO A 22 14.42 0.84 15.76
N ASP A 23 14.18 1.96 16.44
CA ASP A 23 14.04 1.97 17.89
C ASP A 23 12.93 2.94 18.34
N ILE A 24 11.87 3.10 17.53
CA ILE A 24 10.73 3.93 17.90
C ILE A 24 9.48 3.06 18.02
N ASP A 25 8.52 3.53 18.81
CA ASP A 25 7.27 2.82 19.04
C ASP A 25 6.08 3.68 18.60
N GLU A 26 4.86 3.14 18.79
CA GLU A 26 3.63 3.76 18.36
C GLU A 26 3.48 5.20 18.86
N ASP A 27 4.03 5.53 20.03
CA ASP A 27 3.81 6.84 20.65
C ASP A 27 4.68 7.94 20.02
N GLU A 28 5.89 7.59 19.57
CA GLU A 28 6.84 8.60 19.10
C GLU A 28 6.47 9.04 17.68
N ILE A 29 5.78 8.20 16.93
CA ILE A 29 5.28 8.55 15.60
C ILE A 29 4.00 9.36 15.77
N THR A 30 3.16 8.95 16.71
CA THR A 30 1.93 9.64 17.03
C THR A 30 2.25 11.00 17.66
N ALA A 31 3.53 11.25 17.97
CA ALA A 31 3.98 12.56 18.43
C ALA A 31 4.72 13.33 17.34
N SER A 32 5.23 12.65 16.29
CA SER A 32 5.94 13.31 15.21
C SER A 32 4.99 14.06 14.26
N PHE A 33 3.74 13.63 14.15
CA PHE A 33 2.79 14.25 13.24
C PHE A 33 1.53 14.77 13.95
N ARG A 34 1.59 14.92 15.28
CA ARG A 34 0.41 15.27 16.08
C ARG A 34 -0.07 16.70 15.87
N ARG A 35 0.77 17.56 15.29
CA ARG A 35 0.41 18.96 15.05
C ARG A 35 -0.43 19.11 13.80
N PHE A 36 -0.79 17.99 13.16
CA PHE A 36 -1.58 17.99 11.94
C PHE A 36 -2.93 17.32 12.15
N GLY A 37 -3.41 17.30 13.39
CA GLY A 37 -4.65 16.64 13.76
C GLY A 37 -4.38 15.26 14.38
N PRO A 38 -5.42 14.58 14.88
CA PRO A 38 -5.29 13.29 15.53
C PRO A 38 -4.93 12.22 14.52
N LEU A 39 -4.23 11.19 15.01
CA LEU A 39 -3.63 10.18 14.15
C LEU A 39 -3.30 8.90 14.91
N ILE A 40 -3.10 7.82 14.14
CA ILE A 40 -2.65 6.54 14.66
C ILE A 40 -1.64 5.93 13.69
N VAL A 41 -0.85 4.97 14.16
CA VAL A 41 0.15 4.32 13.32
C VAL A 41 -0.04 2.79 13.37
N ASP A 42 0.35 2.11 12.31
CA ASP A 42 0.10 0.69 12.17
C ASP A 42 1.22 -0.03 11.43
N TRP A 43 1.26 -1.34 11.62
CA TRP A 43 2.12 -2.24 10.86
C TRP A 43 1.44 -3.62 10.92
N PRO A 44 1.72 -4.55 10.00
CA PRO A 44 0.96 -5.79 9.85
C PRO A 44 1.32 -6.77 10.97
N HIS A 45 2.33 -6.43 11.77
CA HIS A 45 2.83 -7.25 12.87
C HIS A 45 2.40 -6.69 14.22
N LYS A 46 1.38 -5.81 14.23
CA LYS A 46 0.87 -5.16 15.44
C LYS A 46 0.57 -6.16 16.55
N ALA A 47 0.61 -5.68 17.79
CA ALA A 47 0.42 -6.50 18.98
C ALA A 47 -0.49 -5.82 19.99
N GLU A 48 -0.91 -6.56 21.02
CA GLU A 48 -1.78 -6.07 22.07
C GLU A 48 -1.34 -6.64 23.42
N SER A 49 -1.58 -5.90 24.51
CA SER A 49 -1.17 -6.27 25.86
C SER A 49 0.34 -6.54 25.96
N LYS A 50 1.12 -6.04 24.98
CA LYS A 50 2.56 -6.20 24.92
C LYS A 50 3.20 -4.91 24.38
N SER A 51 4.52 -4.82 24.43
CA SER A 51 5.24 -3.66 23.93
C SER A 51 5.13 -3.57 22.42
N TYR A 52 5.36 -2.38 21.86
CA TYR A 52 5.24 -2.14 20.43
C TYR A 52 6.60 -2.20 19.75
N PHE A 53 6.65 -2.76 18.53
CA PHE A 53 7.87 -2.80 17.74
C PHE A 53 7.52 -3.00 16.26
N PRO A 54 7.83 -2.02 15.40
CA PRO A 54 7.60 -2.10 13.97
C PRO A 54 8.70 -2.91 13.29
N PRO A 55 8.43 -3.46 12.09
CA PRO A 55 9.41 -4.19 11.31
C PRO A 55 10.52 -3.26 10.83
N LYS A 56 11.78 -3.70 10.99
CA LYS A 56 12.99 -2.95 10.66
C LYS A 56 12.87 -1.47 11.03
N GLY A 57 12.45 -0.65 10.09
CA GLY A 57 12.43 0.79 10.24
C GLY A 57 11.43 1.40 9.27
N TYR A 58 10.27 0.76 9.10
CA TYR A 58 9.21 1.30 8.27
C TYR A 58 7.85 1.04 8.89
N ALA A 59 6.91 1.97 8.71
CA ALA A 59 5.57 1.88 9.26
C ALA A 59 4.59 2.67 8.39
N PHE A 60 3.32 2.73 8.78
CA PHE A 60 2.30 3.44 8.02
C PHE A 60 1.30 4.10 8.97
N LEU A 61 0.78 5.28 8.62
CA LEU A 61 -0.18 5.97 9.46
C LEU A 61 -1.60 5.72 8.96
N LEU A 62 -2.51 5.64 9.93
CA LEU A 62 -3.94 5.56 9.68
C LEU A 62 -4.55 6.87 10.17
N PHE A 63 -5.58 7.36 9.47
CA PHE A 63 -6.17 8.65 9.78
C PHE A 63 -7.70 8.58 9.74
N GLN A 64 -8.35 9.66 10.16
CA GLN A 64 -9.80 9.72 10.23
C GLN A 64 -10.34 10.65 9.14
N ASP A 65 -9.50 11.60 8.71
CA ASP A 65 -9.87 12.56 7.70
C ASP A 65 -8.75 12.72 6.68
N GLU A 66 -9.10 13.14 5.46
CA GLU A 66 -8.13 13.29 4.39
C GLU A 66 -7.43 14.64 4.45
N SER A 67 -7.94 15.56 5.29
CA SER A 67 -7.36 16.88 5.44
C SER A 67 -6.17 16.85 6.38
N SER A 68 -6.06 15.81 7.22
CA SER A 68 -4.97 15.69 8.17
C SER A 68 -3.69 15.26 7.46
N VAL A 69 -3.79 14.29 6.55
CA VAL A 69 -2.65 13.82 5.80
C VAL A 69 -2.28 14.84 4.72
N GLN A 70 -3.22 15.71 4.38
CA GLN A 70 -2.96 16.79 3.44
C GLN A 70 -2.18 17.89 4.13
N ALA A 71 -2.36 18.05 5.46
CA ALA A 71 -1.69 19.10 6.20
C ALA A 71 -0.21 18.77 6.43
N LEU A 72 0.14 17.54 6.83
CA LEU A 72 1.55 17.26 7.07
C LEU A 72 2.30 17.16 5.75
N ILE A 73 1.64 16.74 4.66
CA ILE A 73 2.28 16.63 3.36
C ILE A 73 2.40 18.02 2.70
N ASP A 74 1.65 19.00 3.19
CA ASP A 74 1.78 20.38 2.71
C ASP A 74 2.78 21.15 3.57
N ALA A 75 3.16 20.61 4.74
CA ALA A 75 4.10 21.27 5.63
C ALA A 75 5.42 20.51 5.77
N CYS A 76 5.59 19.39 5.07
CA CYS A 76 6.80 18.59 5.12
C CYS A 76 7.75 18.94 3.97
N ILE A 77 8.86 18.21 3.89
CA ILE A 77 9.90 18.39 2.89
C ILE A 77 9.46 17.69 1.61
N GLU A 78 9.98 18.12 0.46
CA GLU A 78 9.66 17.50 -0.81
C GLU A 78 10.91 17.33 -1.66
N GLU A 79 10.97 16.24 -2.43
CA GLU A 79 12.06 16.02 -3.38
C GLU A 79 11.50 15.36 -4.65
N ASP A 80 12.37 15.16 -5.65
CA ASP A 80 11.99 14.74 -6.99
C ASP A 80 11.20 13.43 -7.08
N GLY A 81 10.95 12.73 -5.97
CA GLY A 81 10.18 11.50 -5.99
C GLY A 81 9.56 11.11 -4.66
N LYS A 82 9.75 11.89 -3.58
CA LYS A 82 9.26 11.53 -2.26
C LYS A 82 9.26 12.72 -1.31
N LEU A 83 8.70 12.53 -0.11
CA LEU A 83 8.58 13.56 0.91
C LEU A 83 9.37 13.15 2.15
N TYR A 84 9.69 14.11 3.03
CA TYR A 84 10.39 13.82 4.28
C TYR A 84 9.93 14.72 5.42
N LEU A 85 10.15 14.27 6.66
CA LEU A 85 9.98 15.11 7.84
C LEU A 85 11.30 15.06 8.62
N CYS A 86 11.67 16.16 9.26
CA CYS A 86 12.94 16.22 9.99
C CYS A 86 12.71 16.02 11.49
N VAL A 87 13.31 14.96 12.04
CA VAL A 87 13.21 14.63 13.45
C VAL A 87 14.50 13.96 13.94
N SER A 88 14.72 13.98 15.25
CA SER A 88 15.82 13.26 15.87
C SER A 88 15.36 11.87 16.27
N SER A 89 16.29 10.93 16.47
CA SER A 89 15.94 9.57 16.81
C SER A 89 17.01 8.89 17.67
N PRO A 90 16.67 7.77 18.32
CA PRO A 90 17.63 6.94 19.02
C PRO A 90 18.64 6.28 18.09
N THR A 91 18.41 6.35 16.77
CA THR A 91 19.26 5.68 15.78
C THR A 91 20.33 6.64 15.28
N ILE A 92 19.95 7.87 14.95
CA ILE A 92 20.83 8.86 14.34
C ILE A 92 20.64 10.20 15.02
N LYS A 93 21.63 11.10 14.92
CA LYS A 93 21.50 12.44 15.48
C LYS A 93 20.35 13.17 14.79
N ASP A 94 20.03 12.76 13.56
CA ASP A 94 18.89 13.27 12.80
C ASP A 94 18.49 12.23 11.75
N LYS A 95 17.19 12.06 11.53
CA LYS A 95 16.68 11.13 10.54
C LYS A 95 15.62 11.82 9.70
N PRO A 96 15.87 11.99 8.39
CA PRO A 96 14.86 12.44 7.47
C PRO A 96 13.92 11.27 7.23
N VAL A 97 12.79 11.23 7.95
CA VAL A 97 11.84 10.14 7.81
C VAL A 97 11.02 10.38 6.55
N GLN A 98 10.87 9.34 5.73
CA GLN A 98 10.25 9.46 4.42
C GLN A 98 8.73 9.33 4.54
N ILE A 99 8.00 9.94 3.60
CA ILE A 99 6.54 9.88 3.55
C ILE A 99 6.07 9.65 2.10
N ARG A 100 5.00 8.86 1.94
CA ARG A 100 4.31 8.74 0.66
C ARG A 100 2.85 8.34 0.89
N PRO A 101 1.91 9.23 0.57
CA PRO A 101 0.48 9.00 0.72
C PRO A 101 -0.09 8.04 -0.32
N TRP A 102 -1.36 7.65 -0.17
CA TRP A 102 -2.07 6.84 -1.15
C TRP A 102 -3.32 7.57 -1.62
N ASN A 103 -3.62 7.48 -2.92
CA ASN A 103 -4.77 8.14 -3.52
C ASN A 103 -5.63 7.14 -4.27
N LEU A 104 -6.83 7.59 -4.66
CA LEU A 104 -7.86 6.73 -5.20
C LEU A 104 -7.97 6.91 -6.71
N SER A 105 -7.35 6.00 -7.46
CA SER A 105 -7.43 6.02 -8.92
C SER A 105 -7.14 4.63 -9.50
N ASP A 106 -6.27 3.86 -8.85
CA ASP A 106 -5.93 2.50 -9.30
C ASP A 106 -5.83 1.53 -8.12
N SER A 107 -6.53 1.81 -7.01
CA SER A 107 -6.46 0.99 -5.81
C SER A 107 -7.14 -0.37 -6.02
N ASP A 108 -8.12 -0.45 -6.92
CA ASP A 108 -8.85 -1.67 -7.19
C ASP A 108 -9.40 -1.69 -8.61
N PHE A 109 -9.72 -2.89 -9.11
CA PHE A 109 -10.30 -3.05 -10.44
C PHE A 109 -11.13 -4.33 -10.50
N VAL A 110 -12.00 -4.43 -11.52
CA VAL A 110 -12.93 -5.55 -11.64
C VAL A 110 -13.32 -5.77 -13.10
N MET A 111 -13.56 -7.03 -13.46
CA MET A 111 -13.88 -7.41 -14.84
C MET A 111 -14.95 -8.49 -14.92
N ASP A 112 -15.79 -8.65 -13.89
CA ASP A 112 -16.77 -9.73 -13.85
C ASP A 112 -18.06 -9.34 -13.12
N GLY A 113 -18.27 -8.05 -12.86
CA GLY A 113 -19.48 -7.60 -12.19
C GLY A 113 -19.41 -7.73 -10.68
N SER A 114 -18.19 -7.76 -10.12
CA SER A 114 -17.99 -7.83 -8.67
C SER A 114 -18.67 -9.04 -8.03
N GLN A 115 -18.55 -10.21 -8.66
CA GLN A 115 -19.12 -11.44 -8.10
C GLN A 115 -18.40 -11.80 -6.80
N PRO A 116 -19.02 -12.62 -5.94
CA PRO A 116 -18.46 -13.03 -4.66
C PRO A 116 -17.06 -13.62 -4.80
N LEU A 117 -16.22 -13.40 -3.78
CA LEU A 117 -14.83 -13.84 -3.78
C LEU A 117 -14.59 -14.83 -2.65
N ASP A 118 -13.49 -15.59 -2.73
CA ASP A 118 -13.13 -16.56 -1.71
C ASP A 118 -11.61 -16.71 -1.65
N PRO A 119 -11.02 -16.83 -0.44
CA PRO A 119 -9.58 -16.98 -0.26
C PRO A 119 -8.99 -18.16 -1.02
N ARG A 120 -9.80 -19.17 -1.37
CA ARG A 120 -9.32 -20.35 -2.09
C ARG A 120 -9.28 -20.08 -3.59
N LYS A 121 -9.73 -18.89 -4.01
CA LYS A 121 -9.65 -18.48 -5.41
C LYS A 121 -8.95 -17.13 -5.53
N THR A 122 -8.13 -16.77 -4.55
CA THR A 122 -7.45 -15.47 -4.51
C THR A 122 -5.95 -15.65 -4.32
N ILE A 123 -5.17 -14.76 -4.93
CA ILE A 123 -3.71 -14.82 -4.88
C ILE A 123 -3.13 -13.52 -4.32
N PHE A 124 -1.99 -13.61 -3.63
CA PHE A 124 -1.23 -12.45 -3.19
C PHE A 124 0.06 -12.39 -4.00
N VAL A 125 0.51 -11.18 -4.33
CA VAL A 125 1.77 -10.98 -5.04
C VAL A 125 2.52 -9.79 -4.47
N GLY A 126 3.83 -9.95 -4.29
CA GLY A 126 4.66 -8.91 -3.68
C GLY A 126 6.06 -8.87 -4.29
N GLY A 127 6.83 -7.85 -3.93
CA GLY A 127 8.15 -7.63 -4.52
C GLY A 127 8.05 -7.01 -5.91
N VAL A 128 6.84 -6.56 -6.28
CA VAL A 128 6.58 -5.97 -7.58
C VAL A 128 7.32 -4.64 -7.72
N PRO A 129 7.79 -4.28 -8.93
CA PRO A 129 8.39 -2.98 -9.22
C PRO A 129 7.49 -1.81 -8.82
N ARG A 130 8.04 -0.59 -8.88
CA ARG A 130 7.33 0.60 -8.46
C ARG A 130 5.98 0.78 -9.18
N PRO A 131 5.91 0.65 -10.51
CA PRO A 131 4.64 0.68 -11.22
C PRO A 131 3.89 -0.65 -11.03
N LEU A 132 2.58 -0.57 -10.76
CA LEU A 132 1.76 -1.75 -10.56
C LEU A 132 0.34 -1.55 -11.10
N ARG A 133 -0.45 -0.70 -10.44
CA ARG A 133 -1.87 -0.43 -10.72
C ARG A 133 -2.74 -1.69 -10.67
N ALA A 134 -3.89 -1.59 -9.99
CA ALA A 134 -4.80 -2.73 -9.93
C ALA A 134 -5.44 -2.96 -11.31
N VAL A 135 -5.52 -1.90 -12.12
CA VAL A 135 -6.09 -1.99 -13.45
C VAL A 135 -5.17 -2.79 -14.37
N GLU A 136 -3.87 -2.48 -14.34
CA GLU A 136 -2.91 -3.10 -15.24
C GLU A 136 -2.49 -4.47 -14.72
N LEU A 137 -2.59 -4.68 -13.40
CA LEU A 137 -2.27 -5.97 -12.81
C LEU A 137 -3.35 -6.99 -13.16
N ALA A 138 -4.60 -6.53 -13.32
CA ALA A 138 -5.70 -7.43 -13.63
C ALA A 138 -5.71 -7.82 -15.10
N MET A 139 -5.32 -6.89 -15.99
CA MET A 139 -5.30 -7.17 -17.41
C MET A 139 -4.21 -8.19 -17.75
N ILE A 140 -3.08 -8.12 -17.05
CA ILE A 140 -1.98 -9.05 -17.29
C ILE A 140 -2.34 -10.44 -16.74
N MET A 141 -3.06 -10.50 -15.62
CA MET A 141 -3.46 -11.77 -15.05
C MET A 141 -4.58 -12.40 -15.88
N ASP A 142 -5.22 -11.62 -16.76
CA ASP A 142 -6.23 -12.15 -17.64
C ASP A 142 -5.64 -12.52 -19.01
N ARG A 143 -4.43 -12.03 -19.30
CA ARG A 143 -3.72 -12.36 -20.53
C ARG A 143 -2.87 -13.62 -20.36
N LEU A 144 -2.58 -14.02 -19.12
CA LEU A 144 -1.80 -15.22 -18.85
C LEU A 144 -2.62 -16.24 -18.06
N TYR A 145 -3.63 -15.78 -17.32
CA TYR A 145 -4.43 -16.65 -16.46
C TYR A 145 -5.90 -16.26 -16.54
N GLY A 146 -6.40 -16.04 -17.77
CA GLY A 146 -7.75 -15.60 -18.04
C GLY A 146 -8.78 -16.29 -17.14
N GLY A 147 -9.70 -15.49 -16.59
CA GLY A 147 -10.70 -15.96 -15.64
C GLY A 147 -10.77 -15.05 -14.41
N VAL A 148 -10.05 -13.94 -14.43
CA VAL A 148 -10.01 -12.99 -13.32
C VAL A 148 -11.38 -12.33 -13.12
N CYS A 149 -11.72 -12.00 -11.87
CA CYS A 149 -12.96 -11.30 -11.57
C CYS A 149 -12.72 -10.01 -10.80
N TYR A 150 -11.65 -9.93 -10.01
CA TYR A 150 -11.34 -8.73 -9.23
C TYR A 150 -9.85 -8.62 -8.95
N ALA A 151 -9.37 -7.40 -8.74
CA ALA A 151 -7.98 -7.15 -8.37
C ALA A 151 -7.87 -5.89 -7.53
N GLY A 152 -6.77 -5.77 -6.76
CA GLY A 152 -6.54 -4.59 -5.95
C GLY A 152 -5.20 -4.66 -5.23
N ILE A 153 -4.85 -3.60 -4.50
CA ILE A 153 -3.65 -3.57 -3.69
C ILE A 153 -4.04 -3.81 -2.25
N ASP A 154 -4.02 -5.09 -1.83
CA ASP A 154 -4.57 -5.55 -0.56
C ASP A 154 -6.03 -5.14 -0.27
N THR A 155 -6.33 -3.84 -0.25
CA THR A 155 -7.70 -3.33 -0.07
C THR A 155 -8.46 -4.03 1.06
N ASP A 156 -8.06 -3.76 2.30
CA ASP A 156 -8.69 -4.35 3.47
C ASP A 156 -10.02 -3.65 3.76
N PRO A 157 -11.11 -4.41 3.90
CA PRO A 157 -12.46 -3.89 4.05
C PRO A 157 -12.74 -3.21 5.40
N GLU A 158 -11.81 -3.26 6.37
CA GLU A 158 -12.08 -2.67 7.67
C GLU A 158 -12.04 -1.14 7.61
N LEU A 159 -11.27 -0.59 6.68
CA LEU A 159 -11.16 0.85 6.46
C LEU A 159 -10.97 1.16 4.97
N LYS A 160 -11.12 0.16 4.10
CA LYS A 160 -10.96 0.30 2.66
C LYS A 160 -9.62 0.93 2.32
N TYR A 161 -8.54 0.37 2.90
CA TYR A 161 -7.19 0.87 2.73
C TYR A 161 -6.24 -0.27 2.36
N PRO A 162 -5.14 0.01 1.65
CA PRO A 162 -4.19 -1.01 1.26
C PRO A 162 -3.15 -1.29 2.34
N LYS A 163 -2.80 -2.57 2.51
CA LYS A 163 -1.67 -2.99 3.32
C LYS A 163 -0.48 -3.26 2.40
N GLY A 164 -0.46 -2.59 1.24
CA GLY A 164 0.58 -2.76 0.25
C GLY A 164 0.48 -4.11 -0.45
N ALA A 165 1.28 -4.29 -1.50
CA ALA A 165 1.31 -5.49 -2.32
C ALA A 165 -0.02 -5.79 -3.02
N GLY A 166 0.07 -6.50 -4.15
CA GLY A 166 -1.09 -6.78 -4.98
C GLY A 166 -1.81 -8.05 -4.57
N ARG A 167 -3.07 -8.16 -5.00
CA ARG A 167 -3.87 -9.36 -4.84
C ARG A 167 -4.84 -9.43 -6.02
N VAL A 168 -5.21 -10.64 -6.42
CA VAL A 168 -6.12 -10.85 -7.53
C VAL A 168 -7.04 -12.02 -7.20
N ALA A 169 -8.27 -12.00 -7.72
CA ALA A 169 -9.22 -13.07 -7.48
C ALA A 169 -9.76 -13.59 -8.81
N PHE A 170 -10.09 -14.87 -8.86
CA PHE A 170 -10.53 -15.54 -10.07
C PHE A 170 -11.90 -16.17 -9.87
N SER A 171 -12.65 -16.31 -10.97
CA SER A 171 -13.95 -16.96 -10.95
C SER A 171 -13.84 -18.47 -11.16
N ASN A 172 -12.62 -18.98 -11.35
CA ASN A 172 -12.39 -20.39 -11.62
C ASN A 172 -11.31 -20.96 -10.72
N GLN A 173 -11.47 -22.22 -10.31
CA GLN A 173 -10.49 -22.91 -9.48
C GLN A 173 -9.26 -23.29 -10.30
N GLN A 174 -9.40 -23.24 -11.64
CA GLN A 174 -8.30 -23.60 -12.53
C GLN A 174 -7.40 -22.40 -12.75
N SER A 175 -7.99 -21.21 -12.85
CA SER A 175 -7.23 -19.97 -13.04
C SER A 175 -6.46 -19.67 -11.75
N TYR A 176 -7.02 -20.09 -10.61
CA TYR A 176 -6.36 -19.92 -9.32
C TYR A 176 -5.10 -20.76 -9.23
N ILE A 177 -5.18 -22.07 -9.48
CA ILE A 177 -4.03 -22.95 -9.36
C ILE A 177 -3.00 -22.69 -10.45
N ALA A 178 -3.36 -21.92 -11.48
CA ALA A 178 -2.42 -21.54 -12.53
C ALA A 178 -1.66 -20.26 -12.16
N ALA A 179 -2.26 -19.40 -11.34
CA ALA A 179 -1.63 -18.13 -10.96
C ALA A 179 -0.66 -18.32 -9.80
N ILE A 180 -0.84 -19.36 -8.98
CA ILE A 180 0.07 -19.70 -7.89
C ILE A 180 0.86 -20.97 -8.23
N SER A 181 1.05 -21.23 -9.54
CA SER A 181 1.71 -22.43 -10.02
C SER A 181 3.24 -22.34 -9.89
N ALA A 182 3.77 -21.14 -9.67
CA ALA A 182 5.21 -20.94 -9.53
C ALA A 182 5.47 -19.67 -8.71
N ARG A 183 6.52 -19.67 -7.90
CA ARG A 183 6.85 -18.55 -7.03
C ARG A 183 7.04 -17.26 -7.83
N PHE A 184 7.55 -17.36 -9.05
CA PHE A 184 7.72 -16.20 -9.92
C PHE A 184 7.01 -16.45 -11.24
N VAL A 185 5.94 -15.68 -11.48
CA VAL A 185 5.17 -15.76 -12.71
C VAL A 185 5.59 -14.67 -13.68
N GLN A 186 5.30 -14.85 -14.97
CA GLN A 186 5.59 -13.84 -15.97
C GLN A 186 4.49 -12.79 -15.98
N LEU A 187 4.88 -11.54 -16.20
CA LEU A 187 3.93 -10.45 -16.38
C LEU A 187 4.34 -9.70 -17.63
N GLN A 188 3.59 -9.93 -18.71
CA GLN A 188 3.86 -9.35 -20.01
C GLN A 188 2.57 -8.83 -20.63
N HIS A 189 2.68 -7.74 -21.40
CA HIS A 189 1.54 -7.15 -22.09
C HIS A 189 1.97 -6.54 -23.42
N GLY A 190 3.22 -6.79 -23.81
CA GLY A 190 3.83 -6.20 -24.99
C GLY A 190 5.33 -6.52 -24.97
N GLU A 191 6.15 -5.53 -25.35
CA GLU A 191 7.60 -5.68 -25.37
C GLU A 191 8.21 -5.55 -23.97
N ILE A 192 7.37 -5.41 -22.94
CA ILE A 192 7.82 -5.23 -21.56
C ILE A 192 7.63 -6.53 -20.77
N ASP A 193 8.65 -6.89 -19.98
CA ASP A 193 8.60 -8.06 -19.14
C ASP A 193 8.84 -7.69 -17.67
N LYS A 194 8.08 -8.33 -16.76
CA LYS A 194 8.15 -8.10 -15.33
C LYS A 194 7.93 -9.42 -14.58
N ARG A 195 8.34 -9.47 -13.30
CA ARG A 195 8.16 -10.64 -12.45
C ARG A 195 7.66 -10.20 -11.08
N VAL A 196 7.07 -11.14 -10.33
CA VAL A 196 6.61 -10.87 -8.98
C VAL A 196 6.59 -12.16 -8.17
N GLU A 197 6.77 -12.07 -6.85
CA GLU A 197 6.66 -13.25 -5.99
C GLU A 197 5.18 -13.51 -5.74
N VAL A 198 4.77 -14.79 -5.77
CA VAL A 198 3.37 -15.14 -5.55
C VAL A 198 3.20 -16.10 -4.38
N LYS A 199 2.02 -16.05 -3.76
CA LYS A 199 1.62 -17.04 -2.77
C LYS A 199 0.10 -17.05 -2.62
N PRO A 200 -0.48 -18.14 -2.11
CA PRO A 200 -1.90 -18.25 -1.88
C PRO A 200 -2.39 -17.13 -0.97
N TYR A 201 -3.57 -16.57 -1.25
CA TYR A 201 -4.09 -15.51 -0.40
C TYR A 201 -4.60 -16.08 0.92
N VAL A 202 -4.47 -15.30 1.99
CA VAL A 202 -4.78 -15.76 3.34
C VAL A 202 -5.05 -14.56 4.24
N LEU A 203 -5.63 -14.81 5.43
CA LEU A 203 -6.04 -13.78 6.38
C LEU A 203 -6.90 -12.72 5.70
N SER A 1 -13.25 22.12 -25.75
CA SER A 1 -13.49 21.68 -24.37
C SER A 1 -12.71 22.54 -23.39
N HIS A 2 -13.15 22.58 -22.13
CA HIS A 2 -12.51 23.37 -21.08
C HIS A 2 -12.70 22.70 -19.71
N GLN A 3 -11.92 23.14 -18.73
CA GLN A 3 -11.97 22.60 -17.37
C GLN A 3 -11.86 23.73 -16.36
N ASN A 4 -12.16 23.43 -15.09
CA ASN A 4 -12.11 24.40 -14.00
C ASN A 4 -10.94 24.07 -13.06
N GLY A 5 -10.52 25.05 -12.26
CA GLY A 5 -9.42 24.87 -11.33
C GLY A 5 -9.77 23.90 -10.21
N GLU A 6 -8.74 23.35 -9.54
CA GLU A 6 -8.91 22.40 -8.46
C GLU A 6 -7.74 22.52 -7.48
N ARG A 7 -7.97 22.13 -6.22
CA ARG A 7 -6.97 22.19 -5.16
C ARG A 7 -6.98 20.89 -4.35
N VAL A 8 -5.89 20.66 -3.60
CA VAL A 8 -5.64 19.48 -2.77
C VAL A 8 -5.86 18.16 -3.51
N GLU A 9 -5.67 17.05 -2.80
CA GLU A 9 -5.83 15.72 -3.36
C GLU A 9 -6.63 14.81 -2.43
N ARG A 10 -7.14 13.71 -3.00
CA ARG A 10 -7.90 12.69 -2.30
C ARG A 10 -6.94 11.67 -1.67
N TYR A 11 -7.34 11.07 -0.55
CA TYR A 11 -6.50 10.15 0.19
C TYR A 11 -7.33 9.07 0.87
N SER A 12 -6.68 7.93 1.15
CA SER A 12 -7.33 6.78 1.79
C SER A 12 -7.20 6.86 3.31
N ARG A 13 -6.98 8.06 3.86
CA ARG A 13 -6.75 8.27 5.28
C ARG A 13 -5.60 7.40 5.80
N LYS A 14 -4.72 6.95 4.89
CA LYS A 14 -3.58 6.12 5.22
C LYS A 14 -2.36 6.62 4.46
N VAL A 15 -1.23 6.68 5.17
CA VAL A 15 0.03 7.11 4.59
C VAL A 15 1.17 6.28 5.18
N PHE A 16 2.11 5.85 4.33
CA PHE A 16 3.25 5.09 4.78
C PHE A 16 4.30 6.04 5.35
N VAL A 17 4.94 5.62 6.45
CA VAL A 17 6.02 6.39 7.06
C VAL A 17 7.28 5.53 7.06
N GLY A 18 8.11 5.76 6.04
CA GLY A 18 9.34 5.01 5.85
C GLY A 18 10.55 5.73 6.41
N GLY A 19 11.74 5.19 6.11
CA GLY A 19 12.98 5.83 6.52
C GLY A 19 13.07 5.97 8.03
N LEU A 20 12.50 5.04 8.80
CA LEU A 20 12.58 5.09 10.25
C LEU A 20 13.65 4.13 10.77
N PRO A 21 14.48 4.59 11.72
CA PRO A 21 15.58 3.84 12.33
C PRO A 21 15.11 2.63 13.14
N PRO A 22 16.05 1.78 13.59
CA PRO A 22 15.82 0.55 14.33
C PRO A 22 15.09 0.68 15.67
N ASP A 23 14.55 1.85 15.99
CA ASP A 23 13.84 2.08 17.23
C ASP A 23 12.59 2.92 16.95
N ILE A 24 12.53 4.15 17.47
CA ILE A 24 11.48 5.11 17.15
C ILE A 24 10.10 4.46 17.15
N ASP A 25 9.63 4.05 18.34
CA ASP A 25 8.39 3.32 18.51
C ASP A 25 7.14 4.18 18.25
N GLU A 26 5.97 3.55 18.48
CA GLU A 26 4.65 4.11 18.23
C GLU A 26 4.49 5.54 18.76
N ASP A 27 5.15 5.88 19.87
CA ASP A 27 4.95 7.16 20.52
C ASP A 27 5.74 8.27 19.84
N GLU A 28 6.88 7.93 19.22
CA GLU A 28 7.73 8.93 18.60
C GLU A 28 7.18 9.34 17.24
N ILE A 29 6.49 8.43 16.54
CA ILE A 29 5.89 8.75 15.25
C ILE A 29 4.66 9.62 15.49
N THR A 30 3.89 9.27 16.53
CA THR A 30 2.70 10.03 16.88
C THR A 30 3.11 11.43 17.33
N ALA A 31 4.36 11.61 17.76
CA ALA A 31 4.86 12.92 18.15
C ALA A 31 5.49 13.68 16.96
N SER A 32 5.85 12.97 15.87
CA SER A 32 6.43 13.62 14.71
C SER A 32 5.39 14.30 13.84
N PHE A 33 4.14 13.84 13.87
CA PHE A 33 3.09 14.39 13.01
C PHE A 33 1.89 14.94 13.78
N ARG A 34 2.05 15.22 15.08
CA ARG A 34 0.95 15.71 15.91
C ARG A 34 0.58 17.15 15.57
N ARG A 35 1.49 17.91 14.94
CA ARG A 35 1.23 19.30 14.59
C ARG A 35 0.29 19.43 13.39
N PHE A 36 -0.06 18.31 12.77
CA PHE A 36 -0.95 18.28 11.62
C PHE A 36 -2.31 17.69 12.01
N GLY A 37 -2.62 17.73 13.32
CA GLY A 37 -3.83 17.14 13.85
C GLY A 37 -3.57 15.74 14.39
N PRO A 38 -4.50 15.19 15.19
CA PRO A 38 -4.36 13.87 15.78
C PRO A 38 -4.13 12.78 14.73
N LEU A 39 -3.27 11.81 15.06
CA LEU A 39 -2.99 10.69 14.18
C LEU A 39 -2.59 9.46 14.99
N ILE A 40 -2.55 8.30 14.33
CA ILE A 40 -2.12 7.06 14.96
C ILE A 40 -1.16 6.35 14.01
N VAL A 41 -0.40 5.38 14.51
CA VAL A 41 0.48 4.58 13.67
C VAL A 41 0.18 3.09 13.90
N ASP A 42 0.40 2.27 12.87
CA ASP A 42 -0.04 0.88 12.89
C ASP A 42 0.84 -0.02 12.02
N TRP A 43 0.68 -1.33 12.22
CA TRP A 43 1.24 -2.35 11.35
C TRP A 43 0.25 -3.52 11.36
N PRO A 44 0.29 -4.43 10.36
CA PRO A 44 -0.73 -5.44 10.13
C PRO A 44 -0.79 -6.45 11.29
N HIS A 45 0.28 -6.51 12.09
CA HIS A 45 0.41 -7.43 13.21
C HIS A 45 0.55 -6.69 14.53
N LYS A 46 0.11 -5.42 14.58
CA LYS A 46 0.06 -4.64 15.80
C LYS A 46 -0.82 -5.36 16.81
N ALA A 47 -0.22 -5.79 17.93
CA ALA A 47 -0.92 -6.49 18.99
C ALA A 47 -0.19 -6.29 20.32
N GLU A 48 -0.84 -6.64 21.44
CA GLU A 48 -0.25 -6.51 22.75
C GLU A 48 0.78 -7.61 23.00
N SER A 49 0.85 -8.59 22.11
CA SER A 49 1.82 -9.68 22.18
C SER A 49 3.14 -9.29 21.52
N LYS A 50 3.18 -8.09 20.90
CA LYS A 50 4.37 -7.56 20.25
C LYS A 50 4.67 -6.14 20.75
N SER A 51 3.95 -5.71 21.79
CA SER A 51 4.09 -4.38 22.37
C SER A 51 3.88 -3.27 21.33
N TYR A 52 4.17 -2.03 21.72
CA TYR A 52 4.03 -0.86 20.86
C TYR A 52 5.29 -0.62 20.03
N PHE A 53 6.09 -1.68 19.83
CA PHE A 53 7.37 -1.60 19.13
C PHE A 53 7.21 -2.13 17.70
N PRO A 54 7.52 -1.31 16.68
CA PRO A 54 7.50 -1.68 15.28
C PRO A 54 8.46 -2.84 14.97
N PRO A 55 8.30 -3.50 13.81
CA PRO A 55 9.20 -4.54 13.36
C PRO A 55 10.62 -4.02 13.16
N LYS A 56 10.77 -2.71 12.94
CA LYS A 56 12.07 -2.03 12.93
C LYS A 56 11.84 -0.57 13.31
N GLY A 57 10.91 0.09 12.61
CA GLY A 57 10.57 1.47 12.89
C GLY A 57 9.58 1.99 11.85
N TYR A 58 9.75 1.60 10.57
CA TYR A 58 8.86 2.05 9.51
C TYR A 58 7.48 1.40 9.68
N ALA A 59 6.43 2.19 9.44
CA ALA A 59 5.06 1.83 9.74
C ALA A 59 4.09 2.65 8.87
N PHE A 60 2.81 2.71 9.26
CA PHE A 60 1.79 3.41 8.49
C PHE A 60 0.89 4.21 9.41
N LEU A 61 0.49 5.42 9.00
CA LEU A 61 -0.34 6.28 9.84
C LEU A 61 -1.82 6.16 9.50
N LEU A 62 -2.64 6.37 10.53
CA LEU A 62 -4.09 6.45 10.40
C LEU A 62 -4.49 7.90 10.60
N PHE A 63 -5.46 8.37 9.82
CA PHE A 63 -5.94 9.73 9.91
C PHE A 63 -7.47 9.76 9.86
N GLN A 64 -8.04 10.95 10.13
CA GLN A 64 -9.48 11.11 10.22
C GLN A 64 -10.00 11.95 9.05
N ASP A 65 -9.12 12.81 8.52
CA ASP A 65 -9.47 13.69 7.42
C ASP A 65 -8.35 13.74 6.40
N GLU A 66 -8.68 14.08 5.15
CA GLU A 66 -7.70 14.12 4.08
C GLU A 66 -6.89 15.42 4.16
N SER A 67 -7.41 16.42 4.87
CA SER A 67 -6.75 17.72 4.98
C SER A 67 -5.60 17.67 5.98
N SER A 68 -5.58 16.66 6.86
CA SER A 68 -4.53 16.52 7.86
C SER A 68 -3.25 16.01 7.22
N VAL A 69 -3.36 14.97 6.40
CA VAL A 69 -2.22 14.40 5.70
C VAL A 69 -1.84 15.30 4.52
N GLN A 70 -2.75 16.18 4.11
CA GLN A 70 -2.45 17.13 3.06
C GLN A 70 -1.54 18.23 3.62
N ALA A 71 -1.69 18.58 4.90
CA ALA A 71 -0.88 19.60 5.52
C ALA A 71 0.53 19.08 5.82
N LEU A 72 0.68 17.81 6.20
CA LEU A 72 2.01 17.28 6.48
C LEU A 72 2.78 17.01 5.19
N ILE A 73 2.06 16.82 4.07
CA ILE A 73 2.69 16.63 2.78
C ILE A 73 2.97 17.97 2.08
N ASP A 74 2.32 19.06 2.53
CA ASP A 74 2.51 20.37 1.94
C ASP A 74 3.39 21.27 2.80
N ALA A 75 3.77 20.82 4.00
CA ALA A 75 4.58 21.62 4.92
C ALA A 75 5.88 20.91 5.32
N CYS A 76 6.21 19.79 4.66
CA CYS A 76 7.43 19.04 4.96
C CYS A 76 8.30 18.92 3.70
N ILE A 77 9.42 18.19 3.82
CA ILE A 77 10.44 18.12 2.80
C ILE A 77 9.99 17.21 1.66
N GLU A 78 10.64 17.33 0.50
CA GLU A 78 10.34 16.49 -0.64
C GLU A 78 11.63 15.98 -1.29
N GLU A 79 11.51 14.92 -2.10
CA GLU A 79 12.65 14.33 -2.78
C GLU A 79 12.28 13.93 -4.21
N ASP A 80 12.23 14.93 -5.09
CA ASP A 80 11.98 14.78 -6.53
C ASP A 80 10.69 14.03 -6.89
N GLY A 81 9.81 13.76 -5.92
CA GLY A 81 8.54 13.10 -6.18
C GLY A 81 7.97 12.39 -4.96
N LYS A 82 8.75 12.27 -3.88
CA LYS A 82 8.29 11.66 -2.64
C LYS A 82 8.49 12.64 -1.50
N LEU A 83 8.07 12.30 -0.28
CA LEU A 83 8.08 13.23 0.84
C LEU A 83 9.02 12.80 1.96
N TYR A 84 9.38 13.79 2.80
CA TYR A 84 10.26 13.60 3.95
C TYR A 84 9.81 14.56 5.06
N LEU A 85 10.23 14.29 6.30
CA LEU A 85 10.10 15.24 7.41
C LEU A 85 11.36 15.12 8.26
N CYS A 86 11.88 16.23 8.79
CA CYS A 86 13.09 16.20 9.57
C CYS A 86 12.78 16.03 11.06
N VAL A 87 13.42 15.05 11.70
CA VAL A 87 13.25 14.76 13.12
C VAL A 87 14.56 14.25 13.72
N SER A 88 14.61 14.10 15.05
CA SER A 88 15.76 13.57 15.75
C SER A 88 15.88 12.06 15.51
N SER A 89 16.98 11.45 15.96
CA SER A 89 17.21 10.04 15.73
C SER A 89 17.82 9.35 16.96
N PRO A 90 17.33 8.16 17.31
CA PRO A 90 17.88 7.33 18.36
C PRO A 90 19.11 6.53 17.89
N THR A 91 19.45 6.57 16.60
CA THR A 91 20.59 5.80 16.09
C THR A 91 21.60 6.67 15.36
N ILE A 92 21.18 7.83 14.82
CA ILE A 92 22.05 8.80 14.16
C ILE A 92 21.87 10.15 14.87
N LYS A 93 22.50 11.21 14.37
CA LYS A 93 22.32 12.55 14.93
C LYS A 93 21.01 13.18 14.46
N ASP A 94 20.46 12.70 13.34
CA ASP A 94 19.20 13.19 12.78
C ASP A 94 18.60 12.14 11.85
N LYS A 95 17.33 12.30 11.47
CA LYS A 95 16.67 11.38 10.55
C LYS A 95 15.59 12.09 9.75
N PRO A 96 15.70 12.12 8.42
CA PRO A 96 14.62 12.54 7.56
C PRO A 96 13.66 11.35 7.38
N VAL A 97 12.53 11.37 8.10
CA VAL A 97 11.54 10.30 8.01
C VAL A 97 10.80 10.44 6.68
N GLN A 98 10.62 9.32 5.98
CA GLN A 98 10.10 9.31 4.62
C GLN A 98 8.57 9.12 4.62
N ILE A 99 7.88 9.66 3.61
CA ILE A 99 6.43 9.62 3.55
C ILE A 99 5.93 9.27 2.15
N ARG A 100 4.86 8.46 2.08
CA ARG A 100 4.18 8.14 0.83
C ARG A 100 2.69 7.88 1.09
N PRO A 101 1.79 8.79 0.68
CA PRO A 101 0.34 8.64 0.84
C PRO A 101 -0.23 7.65 -0.18
N TRP A 102 -1.47 7.20 0.07
CA TRP A 102 -2.19 6.35 -0.90
C TRP A 102 -3.31 7.14 -1.58
N ASN A 103 -3.41 6.99 -2.90
CA ASN A 103 -4.36 7.72 -3.73
C ASN A 103 -5.58 6.89 -4.10
N LEU A 104 -6.68 7.58 -4.41
CA LEU A 104 -7.94 6.95 -4.76
C LEU A 104 -8.14 7.03 -6.27
N SER A 105 -7.69 5.99 -6.99
CA SER A 105 -7.85 5.94 -8.43
C SER A 105 -7.81 4.50 -8.96
N ASP A 106 -7.03 3.61 -8.32
CA ASP A 106 -6.88 2.23 -8.80
C ASP A 106 -6.82 1.21 -7.66
N SER A 107 -7.52 1.48 -6.55
CA SER A 107 -7.51 0.60 -5.40
C SER A 107 -8.27 -0.72 -5.66
N ASP A 108 -9.13 -0.74 -6.69
CA ASP A 108 -9.94 -1.90 -7.02
C ASP A 108 -10.29 -1.90 -8.51
N PHE A 109 -10.63 -3.07 -9.04
CA PHE A 109 -11.05 -3.22 -10.42
C PHE A 109 -11.97 -4.42 -10.58
N VAL A 110 -12.85 -4.40 -11.57
CA VAL A 110 -13.80 -5.48 -11.82
C VAL A 110 -13.75 -5.89 -13.28
N MET A 111 -13.85 -7.19 -13.55
CA MET A 111 -13.76 -7.71 -14.91
C MET A 111 -14.94 -8.62 -15.23
N ASP A 112 -15.81 -8.88 -14.25
CA ASP A 112 -16.95 -9.77 -14.45
C ASP A 112 -18.01 -9.47 -13.38
N GLY A 113 -17.63 -9.60 -12.11
CA GLY A 113 -18.48 -9.28 -10.98
C GLY A 113 -19.76 -10.13 -10.89
N SER A 114 -19.90 -11.15 -11.73
CA SER A 114 -21.13 -11.95 -11.77
C SER A 114 -21.09 -13.12 -10.80
N GLN A 115 -19.91 -13.44 -10.23
CA GLN A 115 -19.81 -14.51 -9.26
C GLN A 115 -18.95 -14.10 -8.06
N PRO A 116 -19.23 -14.67 -6.88
CA PRO A 116 -18.53 -14.35 -5.64
C PRO A 116 -17.10 -14.88 -5.64
N LEU A 117 -16.31 -14.43 -4.66
CA LEU A 117 -14.89 -14.77 -4.56
C LEU A 117 -14.65 -15.75 -3.41
N ASP A 118 -13.50 -16.44 -3.44
CA ASP A 118 -13.15 -17.39 -2.39
C ASP A 118 -11.62 -17.48 -2.28
N PRO A 119 -11.05 -17.62 -1.07
CA PRO A 119 -9.62 -17.68 -0.87
C PRO A 119 -8.93 -18.82 -1.63
N ARG A 120 -9.69 -19.85 -2.00
CA ARG A 120 -9.17 -21.00 -2.74
C ARG A 120 -9.12 -20.71 -4.24
N LYS A 121 -9.61 -19.53 -4.64
CA LYS A 121 -9.57 -19.09 -6.03
C LYS A 121 -8.94 -17.69 -6.15
N THR A 122 -8.21 -17.26 -5.12
CA THR A 122 -7.63 -15.93 -5.10
C THR A 122 -6.13 -16.00 -4.81
N ILE A 123 -5.36 -15.15 -5.49
CA ILE A 123 -3.90 -15.12 -5.37
C ILE A 123 -3.45 -13.86 -4.65
N PHE A 124 -2.33 -13.93 -3.93
CA PHE A 124 -1.72 -12.77 -3.31
C PHE A 124 -0.40 -12.46 -4.00
N VAL A 125 -0.07 -11.18 -4.14
CA VAL A 125 1.12 -10.74 -4.84
C VAL A 125 1.81 -9.63 -4.04
N GLY A 126 3.13 -9.74 -3.86
CA GLY A 126 3.88 -8.75 -3.10
C GLY A 126 5.37 -8.78 -3.43
N GLY A 127 6.14 -7.91 -2.78
CA GLY A 127 7.56 -7.74 -3.08
C GLY A 127 7.75 -6.89 -4.33
N VAL A 128 6.67 -6.26 -4.79
CA VAL A 128 6.68 -5.42 -5.98
C VAL A 128 7.50 -4.15 -5.71
N PRO A 129 8.21 -3.61 -6.71
CA PRO A 129 9.04 -2.43 -6.55
C PRO A 129 8.31 -1.24 -5.95
N ARG A 130 7.22 -0.77 -6.59
CA ARG A 130 6.45 0.37 -6.10
C ARG A 130 4.98 0.29 -6.52
N PRO A 131 4.64 0.43 -7.82
CA PRO A 131 3.26 0.44 -8.27
C PRO A 131 2.66 -0.96 -8.36
N LEU A 132 1.32 -1.04 -8.43
CA LEU A 132 0.61 -2.29 -8.65
C LEU A 132 -0.51 -2.06 -9.65
N ARG A 133 -1.33 -1.02 -9.41
CA ARG A 133 -2.50 -0.62 -10.19
C ARG A 133 -3.43 -1.80 -10.50
N ALA A 134 -4.54 -1.90 -9.78
CA ALA A 134 -5.46 -3.03 -9.91
C ALA A 134 -5.98 -3.20 -11.34
N VAL A 135 -5.99 -2.13 -12.14
CA VAL A 135 -6.47 -2.19 -13.51
C VAL A 135 -5.53 -3.02 -14.38
N GLU A 136 -4.23 -2.69 -14.35
CA GLU A 136 -3.27 -3.35 -15.21
C GLU A 136 -2.79 -4.66 -14.59
N LEU A 137 -2.92 -4.80 -13.27
CA LEU A 137 -2.58 -6.03 -12.59
C LEU A 137 -3.59 -7.11 -12.99
N ALA A 138 -4.84 -6.71 -13.24
CA ALA A 138 -5.89 -7.65 -13.60
C ALA A 138 -5.79 -8.05 -15.07
N MET A 139 -5.39 -7.12 -15.94
CA MET A 139 -5.30 -7.41 -17.37
C MET A 139 -4.15 -8.36 -17.64
N ILE A 140 -3.04 -8.21 -16.91
CA ILE A 140 -1.89 -9.10 -17.07
C ILE A 140 -2.25 -10.48 -16.53
N MET A 141 -3.08 -10.56 -15.49
CA MET A 141 -3.52 -11.83 -14.95
C MET A 141 -4.62 -12.44 -15.82
N ASP A 142 -5.15 -11.68 -16.80
CA ASP A 142 -6.17 -12.21 -17.70
C ASP A 142 -5.64 -12.41 -19.12
N ARG A 143 -4.38 -12.05 -19.38
CA ARG A 143 -3.76 -12.30 -20.68
C ARG A 143 -2.71 -13.42 -20.59
N LEU A 144 -2.26 -13.75 -19.37
CA LEU A 144 -1.33 -14.88 -19.18
C LEU A 144 -2.01 -15.98 -18.37
N TYR A 145 -3.10 -15.66 -17.67
CA TYR A 145 -3.80 -16.60 -16.82
C TYR A 145 -5.31 -16.37 -16.91
N GLY A 146 -5.80 -16.12 -18.13
CA GLY A 146 -7.18 -15.76 -18.41
C GLY A 146 -8.20 -16.56 -17.59
N GLY A 147 -9.19 -15.84 -17.04
CA GLY A 147 -10.21 -16.42 -16.19
C GLY A 147 -10.52 -15.54 -14.98
N VAL A 148 -10.08 -14.28 -14.99
CA VAL A 148 -10.24 -13.37 -13.86
C VAL A 148 -11.69 -12.88 -13.74
N CYS A 149 -12.13 -12.61 -12.50
CA CYS A 149 -13.45 -12.06 -12.25
C CYS A 149 -13.35 -10.77 -11.43
N TYR A 150 -12.30 -10.63 -10.62
CA TYR A 150 -12.09 -9.45 -9.81
C TYR A 150 -10.61 -9.26 -9.48
N ALA A 151 -10.24 -8.02 -9.17
CA ALA A 151 -8.88 -7.68 -8.78
C ALA A 151 -8.88 -6.42 -7.91
N GLY A 152 -7.83 -6.24 -7.11
CA GLY A 152 -7.72 -5.06 -6.27
C GLY A 152 -6.47 -5.11 -5.40
N ILE A 153 -6.30 -4.08 -4.57
CA ILE A 153 -5.19 -4.03 -3.64
C ILE A 153 -5.70 -4.55 -2.30
N ASP A 154 -4.84 -5.27 -1.56
CA ASP A 154 -5.19 -5.76 -0.25
C ASP A 154 -5.51 -4.58 0.65
N THR A 155 -6.72 -4.58 1.22
CA THR A 155 -7.20 -3.47 2.03
C THR A 155 -8.00 -3.98 3.23
N ASP A 156 -8.19 -3.09 4.21
CA ASP A 156 -8.97 -3.38 5.41
C ASP A 156 -9.94 -2.23 5.65
N PRO A 157 -11.24 -2.55 5.83
CA PRO A 157 -12.30 -1.58 6.00
C PRO A 157 -12.40 -1.03 7.42
N GLU A 158 -11.62 -1.57 8.38
CA GLU A 158 -11.76 -1.18 9.77
C GLU A 158 -10.82 -0.03 10.14
N LEU A 159 -9.52 -0.23 9.96
CA LEU A 159 -8.55 0.82 10.28
C LEU A 159 -7.18 0.64 9.61
N LYS A 160 -6.94 -0.46 8.89
CA LYS A 160 -5.60 -0.70 8.36
C LYS A 160 -5.46 -0.24 6.89
N TYR A 161 -6.57 0.00 6.20
CA TYR A 161 -6.55 0.50 4.82
C TYR A 161 -5.62 -0.40 3.96
N PRO A 162 -4.89 0.08 2.93
CA PRO A 162 -4.15 -0.82 2.06
C PRO A 162 -2.93 -1.43 2.75
N LYS A 163 -2.56 -2.64 2.33
CA LYS A 163 -1.43 -3.37 2.87
C LYS A 163 -0.24 -3.39 1.90
N GLY A 164 -0.28 -2.55 0.87
CA GLY A 164 0.84 -2.39 -0.06
C GLY A 164 1.08 -3.63 -0.94
N ALA A 165 0.13 -4.55 -0.99
CA ALA A 165 0.24 -5.78 -1.76
C ALA A 165 -1.02 -6.01 -2.59
N GLY A 166 -0.90 -6.75 -3.68
CA GLY A 166 -2.01 -6.95 -4.60
C GLY A 166 -2.68 -8.31 -4.42
N ARG A 167 -3.90 -8.44 -4.94
CA ARG A 167 -4.65 -9.69 -4.93
C ARG A 167 -5.57 -9.74 -6.13
N VAL A 168 -5.79 -10.94 -6.67
CA VAL A 168 -6.63 -11.14 -7.86
C VAL A 168 -7.43 -12.43 -7.68
N ALA A 169 -8.67 -12.47 -8.19
CA ALA A 169 -9.55 -13.61 -8.02
C ALA A 169 -10.01 -14.13 -9.38
N PHE A 170 -10.13 -15.46 -9.50
CA PHE A 170 -10.48 -16.11 -10.74
C PHE A 170 -11.78 -16.90 -10.62
N SER A 171 -12.43 -17.13 -11.76
CA SER A 171 -13.66 -17.90 -11.82
C SER A 171 -13.39 -19.40 -11.90
N ASN A 172 -12.11 -19.81 -12.03
CA ASN A 172 -11.76 -21.19 -12.28
C ASN A 172 -10.69 -21.68 -11.31
N GLN A 173 -10.75 -22.98 -10.98
CA GLN A 173 -9.71 -23.63 -10.18
C GLN A 173 -8.46 -23.86 -11.01
N GLN A 174 -8.60 -23.76 -12.34
CA GLN A 174 -7.48 -23.97 -13.26
C GLN A 174 -6.69 -22.68 -13.41
N SER A 175 -7.39 -21.53 -13.44
CA SER A 175 -6.73 -20.24 -13.55
C SER A 175 -6.06 -19.90 -12.24
N TYR A 176 -6.59 -20.41 -11.13
CA TYR A 176 -6.02 -20.20 -9.81
C TYR A 176 -4.67 -20.89 -9.69
N ILE A 177 -4.61 -22.21 -9.97
CA ILE A 177 -3.38 -22.97 -9.83
C ILE A 177 -2.37 -22.57 -10.90
N ALA A 178 -2.81 -21.87 -11.95
CA ALA A 178 -1.91 -21.39 -12.98
C ALA A 178 -1.25 -20.07 -12.57
N ALA A 179 -1.92 -19.27 -11.73
CA ALA A 179 -1.38 -17.99 -11.30
C ALA A 179 -0.41 -18.15 -10.13
N ILE A 180 -0.57 -19.20 -9.32
CA ILE A 180 0.35 -19.53 -8.24
C ILE A 180 1.22 -20.73 -8.62
N SER A 181 1.47 -20.90 -9.93
CA SER A 181 2.21 -22.03 -10.45
C SER A 181 3.73 -21.86 -10.27
N ALA A 182 4.16 -20.66 -9.88
CA ALA A 182 5.57 -20.38 -9.65
C ALA A 182 5.70 -19.17 -8.73
N ARG A 183 6.72 -19.16 -7.87
CA ARG A 183 6.96 -18.07 -6.93
C ARG A 183 7.15 -16.75 -7.67
N PHE A 184 7.70 -16.81 -8.89
CA PHE A 184 7.86 -15.63 -9.72
C PHE A 184 7.15 -15.84 -11.05
N VAL A 185 6.17 -14.98 -11.33
CA VAL A 185 5.42 -15.03 -12.58
C VAL A 185 5.82 -13.88 -13.48
N GLN A 186 5.62 -14.02 -14.78
CA GLN A 186 5.94 -12.97 -15.74
C GLN A 186 4.82 -11.94 -15.77
N LEU A 187 5.19 -10.68 -15.95
CA LEU A 187 4.25 -9.60 -16.14
C LEU A 187 4.71 -8.78 -17.33
N GLN A 188 4.01 -8.95 -18.45
CA GLN A 188 4.32 -8.29 -19.70
C GLN A 188 3.06 -7.70 -20.32
N HIS A 189 3.21 -6.58 -21.02
CA HIS A 189 2.11 -5.92 -21.69
C HIS A 189 2.59 -5.29 -23.01
N GLY A 190 3.81 -5.66 -23.42
CA GLY A 190 4.48 -5.12 -24.59
C GLY A 190 5.93 -5.58 -24.60
N GLU A 191 6.84 -4.68 -24.98
CA GLU A 191 8.27 -4.98 -25.01
C GLU A 191 8.91 -4.86 -23.62
N ILE A 192 8.08 -4.83 -22.57
CA ILE A 192 8.55 -4.65 -21.19
C ILE A 192 8.21 -5.89 -20.35
N ASP A 193 9.14 -6.26 -19.46
CA ASP A 193 8.94 -7.38 -18.56
C ASP A 193 9.23 -6.99 -17.10
N LYS A 194 8.49 -7.60 -16.18
CA LYS A 194 8.66 -7.44 -14.74
C LYS A 194 8.37 -8.76 -14.04
N ARG A 195 8.79 -8.88 -12.78
CA ARG A 195 8.56 -10.06 -11.96
C ARG A 195 8.15 -9.66 -10.56
N VAL A 196 7.41 -10.52 -9.87
CA VAL A 196 6.93 -10.27 -8.52
C VAL A 196 6.70 -11.60 -7.81
N GLU A 197 6.70 -11.60 -6.47
CA GLU A 197 6.53 -12.83 -5.70
C GLU A 197 5.05 -13.13 -5.51
N VAL A 198 4.68 -14.42 -5.63
CA VAL A 198 3.30 -14.84 -5.46
C VAL A 198 3.17 -15.87 -4.35
N LYS A 199 1.95 -16.03 -3.83
CA LYS A 199 1.62 -17.10 -2.89
C LYS A 199 0.10 -17.30 -2.87
N PRO A 200 -0.37 -18.46 -2.41
CA PRO A 200 -1.78 -18.71 -2.17
C PRO A 200 -2.28 -17.66 -1.18
N TYR A 201 -3.40 -17.01 -1.47
CA TYR A 201 -3.84 -15.91 -0.62
C TYR A 201 -4.39 -16.42 0.71
N VAL A 202 -3.65 -16.12 1.79
CA VAL A 202 -4.02 -16.40 3.17
C VAL A 202 -4.56 -17.82 3.36
N LEU A 203 -4.00 -18.77 2.60
CA LEU A 203 -4.43 -20.17 2.62
C LEU A 203 -3.22 -21.08 2.82
N SER A 1 -0.34 36.52 -13.73
CA SER A 1 -0.76 35.65 -14.84
C SER A 1 -2.11 35.02 -14.55
N HIS A 2 -2.73 34.42 -15.57
CA HIS A 2 -4.03 33.77 -15.45
C HIS A 2 -4.12 32.58 -16.42
N GLN A 3 -5.06 31.66 -16.17
CA GLN A 3 -5.25 30.49 -17.00
C GLN A 3 -6.71 30.06 -17.01
N ASN A 4 -7.10 29.23 -17.99
CA ASN A 4 -8.46 28.77 -18.17
C ASN A 4 -8.67 27.40 -17.51
N GLY A 5 -8.05 27.17 -16.35
CA GLY A 5 -8.16 25.90 -15.65
C GLY A 5 -7.73 26.04 -14.19
N GLU A 6 -7.77 24.92 -13.46
CA GLU A 6 -7.40 24.87 -12.05
C GLU A 6 -6.86 23.48 -11.68
N ARG A 7 -6.26 23.37 -10.49
CA ARG A 7 -5.71 22.11 -10.01
C ARG A 7 -5.82 22.04 -8.49
N VAL A 8 -6.00 20.83 -7.96
CA VAL A 8 -6.09 20.59 -6.52
C VAL A 8 -5.53 19.19 -6.21
N GLU A 9 -5.06 18.99 -4.97
CA GLU A 9 -4.48 17.72 -4.56
C GLU A 9 -5.55 16.79 -4.00
N ARG A 10 -5.23 15.49 -3.93
CA ARG A 10 -6.14 14.47 -3.42
C ARG A 10 -5.35 13.33 -2.79
N TYR A 11 -5.91 12.74 -1.72
CA TYR A 11 -5.20 11.74 -0.93
C TYR A 11 -6.19 10.81 -0.24
N SER A 12 -5.73 9.61 0.12
CA SER A 12 -6.56 8.62 0.77
C SER A 12 -6.40 8.72 2.30
N ARG A 13 -7.10 7.85 3.02
CA ARG A 13 -7.09 7.82 4.48
C ARG A 13 -6.00 6.88 5.01
N LYS A 14 -4.94 6.70 4.22
CA LYS A 14 -3.84 5.80 4.53
C LYS A 14 -2.51 6.35 3.98
N VAL A 15 -1.43 6.16 4.75
CA VAL A 15 -0.10 6.60 4.33
C VAL A 15 0.98 5.69 4.90
N PHE A 16 2.08 5.53 4.16
CA PHE A 16 3.26 4.84 4.66
C PHE A 16 4.29 5.87 5.10
N VAL A 17 5.03 5.58 6.18
CA VAL A 17 6.09 6.46 6.64
C VAL A 17 7.36 5.62 6.80
N GLY A 18 8.28 5.77 5.84
CA GLY A 18 9.55 5.07 5.84
C GLY A 18 10.62 5.92 6.49
N GLY A 19 11.89 5.55 6.28
CA GLY A 19 13.01 6.33 6.75
C GLY A 19 13.02 6.48 8.28
N LEU A 20 12.21 5.69 9.00
CA LEU A 20 12.22 5.77 10.46
C LEU A 20 13.43 4.98 11.00
N PRO A 21 14.00 5.45 12.11
CA PRO A 21 15.12 4.82 12.77
C PRO A 21 14.65 3.61 13.56
N PRO A 22 15.58 2.70 13.92
CA PRO A 22 15.27 1.49 14.66
C PRO A 22 14.72 1.75 16.06
N ASP A 23 14.79 3.00 16.53
CA ASP A 23 14.37 3.34 17.89
C ASP A 23 12.94 3.86 17.94
N ILE A 24 12.52 4.68 16.96
CA ILE A 24 11.16 5.21 16.93
C ILE A 24 10.10 4.11 16.99
N ASP A 25 9.00 4.43 17.66
CA ASP A 25 7.87 3.54 17.88
C ASP A 25 6.58 4.35 17.89
N GLU A 26 5.47 3.71 18.26
CA GLU A 26 4.14 4.33 18.26
C GLU A 26 4.12 5.68 18.99
N ASP A 27 5.01 5.89 19.96
CA ASP A 27 5.01 7.13 20.72
C ASP A 27 5.64 8.28 19.92
N GLU A 28 6.77 8.00 19.28
CA GLU A 28 7.54 9.03 18.59
C GLU A 28 6.91 9.37 17.24
N ILE A 29 6.18 8.44 16.63
CA ILE A 29 5.50 8.71 15.37
C ILE A 29 4.29 9.59 15.62
N THR A 30 3.49 9.21 16.63
CA THR A 30 2.31 9.98 17.01
C THR A 30 2.72 11.33 17.59
N ALA A 31 4.01 11.51 17.92
CA ALA A 31 4.52 12.80 18.35
C ALA A 31 5.19 13.58 17.22
N SER A 32 5.50 12.94 16.09
CA SER A 32 6.13 13.63 14.97
C SER A 32 5.11 14.37 14.10
N PHE A 33 3.87 13.87 14.04
CA PHE A 33 2.86 14.46 13.17
C PHE A 33 1.65 15.00 13.94
N ARG A 34 1.77 15.15 15.27
CA ARG A 34 0.67 15.62 16.11
C ARG A 34 0.30 17.07 15.80
N ARG A 35 1.22 17.83 15.18
CA ARG A 35 0.98 19.22 14.84
C ARG A 35 0.03 19.37 13.66
N PHE A 36 -0.36 18.25 13.05
CA PHE A 36 -1.26 18.25 11.90
C PHE A 36 -2.62 17.63 12.27
N GLY A 37 -2.93 17.58 13.57
CA GLY A 37 -4.17 16.99 14.05
C GLY A 37 -3.91 15.62 14.68
N PRO A 38 -4.95 14.99 15.24
CA PRO A 38 -4.85 13.69 15.89
C PRO A 38 -4.60 12.60 14.86
N LEU A 39 -3.98 11.50 15.32
CA LEU A 39 -3.49 10.45 14.44
C LEU A 39 -3.17 9.17 15.20
N ILE A 40 -3.07 8.07 14.45
CA ILE A 40 -2.65 6.79 14.97
C ILE A 40 -1.75 6.09 13.95
N VAL A 41 -1.07 5.02 14.37
CA VAL A 41 -0.13 4.29 13.52
C VAL A 41 -0.37 2.79 13.68
N ASP A 42 -0.01 2.00 12.67
CA ASP A 42 -0.26 0.58 12.65
C ASP A 42 0.79 -0.19 11.86
N TRP A 43 0.82 -1.51 12.05
CA TRP A 43 1.65 -2.42 11.27
C TRP A 43 1.02 -3.81 11.44
N PRO A 44 1.33 -4.80 10.59
CA PRO A 44 0.59 -6.06 10.56
C PRO A 44 0.98 -6.93 11.75
N HIS A 45 2.10 -6.60 12.40
CA HIS A 45 2.61 -7.32 13.57
C HIS A 45 2.06 -6.72 14.86
N LYS A 46 1.21 -5.69 14.76
CA LYS A 46 0.67 -4.98 15.92
C LYS A 46 -0.17 -5.92 16.78
N ALA A 47 -0.18 -5.66 18.09
CA ALA A 47 -0.90 -6.45 19.07
C ALA A 47 -1.34 -5.57 20.23
N GLU A 48 -2.04 -6.16 21.21
CA GLU A 48 -2.47 -5.46 22.41
C GLU A 48 -1.30 -5.26 23.39
N SER A 49 -0.08 -5.61 22.95
CA SER A 49 1.12 -5.48 23.75
C SER A 49 1.54 -4.01 23.88
N LYS A 50 2.45 -3.73 24.82
CA LYS A 50 2.92 -2.38 25.12
C LYS A 50 4.45 -2.34 25.11
N SER A 51 5.09 -3.34 24.50
CA SER A 51 6.54 -3.43 24.44
C SER A 51 7.14 -2.51 23.37
N TYR A 52 6.29 -1.85 22.57
CA TYR A 52 6.71 -0.93 21.52
C TYR A 52 7.77 -1.53 20.59
N PHE A 53 8.53 -0.65 19.92
CA PHE A 53 9.60 -0.99 18.99
C PHE A 53 9.15 -1.93 17.86
N PRO A 54 8.63 -1.35 16.77
CA PRO A 54 8.31 -2.05 15.53
C PRO A 54 9.55 -2.72 14.94
N PRO A 55 9.40 -3.54 13.90
CA PRO A 55 10.50 -4.28 13.28
C PRO A 55 11.73 -3.43 13.00
N LYS A 56 11.55 -2.17 12.57
CA LYS A 56 12.64 -1.22 12.41
C LYS A 56 12.12 0.22 12.49
N GLY A 57 10.96 0.40 13.12
CA GLY A 57 10.34 1.70 13.33
C GLY A 57 9.41 2.11 12.19
N TYR A 58 9.73 1.78 10.93
CA TYR A 58 8.87 2.17 9.81
C TYR A 58 7.51 1.51 9.92
N ALA A 59 6.47 2.29 9.61
CA ALA A 59 5.08 1.92 9.85
C ALA A 59 4.13 2.68 8.92
N PHE A 60 2.83 2.58 9.17
CA PHE A 60 1.80 3.19 8.34
C PHE A 60 0.83 3.98 9.23
N LEU A 61 0.55 5.24 8.90
CA LEU A 61 -0.37 6.05 9.69
C LEU A 61 -1.81 5.84 9.26
N LEU A 62 -2.68 5.86 10.27
CA LEU A 62 -4.11 5.74 10.11
C LEU A 62 -4.73 7.07 10.57
N PHE A 63 -5.71 7.56 9.83
CA PHE A 63 -6.37 8.82 10.12
C PHE A 63 -7.74 8.85 9.44
N GLN A 64 -8.60 9.80 9.82
CA GLN A 64 -9.95 9.86 9.31
C GLN A 64 -10.27 11.20 8.64
N ASP A 65 -9.50 12.24 8.95
CA ASP A 65 -9.84 13.59 8.55
C ASP A 65 -9.50 13.89 7.09
N GLU A 66 -8.69 13.05 6.45
CA GLU A 66 -8.30 13.23 5.06
C GLU A 66 -7.69 14.62 4.78
N SER A 67 -7.33 15.35 5.84
CA SER A 67 -6.75 16.68 5.72
C SER A 67 -5.46 16.79 6.52
N SER A 68 -5.17 15.80 7.37
CA SER A 68 -3.94 15.78 8.15
C SER A 68 -2.77 15.52 7.21
N VAL A 69 -2.99 14.70 6.17
CA VAL A 69 -1.97 14.43 5.17
C VAL A 69 -1.72 15.64 4.29
N GLN A 70 -2.72 16.52 4.13
CA GLN A 70 -2.57 17.68 3.28
C GLN A 70 -1.62 18.67 3.93
N ALA A 71 -1.72 18.85 5.25
CA ALA A 71 -0.86 19.79 5.96
C ALA A 71 0.54 19.22 6.19
N LEU A 72 0.70 17.91 6.38
CA LEU A 72 2.02 17.35 6.64
C LEU A 72 2.80 17.13 5.34
N ILE A 73 2.14 17.22 4.19
CA ILE A 73 2.80 17.07 2.90
C ILE A 73 3.06 18.44 2.26
N ASP A 74 2.32 19.48 2.69
CA ASP A 74 2.48 20.82 2.13
C ASP A 74 3.31 21.72 3.05
N ALA A 75 3.58 21.28 4.29
CA ALA A 75 4.36 22.07 5.24
C ALA A 75 5.65 21.35 5.65
N CYS A 76 5.96 20.21 5.02
CA CYS A 76 7.17 19.47 5.28
C CYS A 76 7.99 19.36 4.00
N ILE A 77 8.92 18.40 3.93
CA ILE A 77 9.87 18.29 2.83
C ILE A 77 9.20 17.66 1.63
N GLU A 78 9.59 18.08 0.44
CA GLU A 78 9.10 17.50 -0.80
C GLU A 78 10.25 17.39 -1.80
N GLU A 79 10.34 16.26 -2.50
CA GLU A 79 11.36 16.06 -3.51
C GLU A 79 10.90 15.08 -4.59
N ASP A 80 11.81 14.76 -5.52
CA ASP A 80 11.51 13.89 -6.64
C ASP A 80 11.09 12.50 -6.18
N GLY A 81 9.79 12.23 -6.35
CA GLY A 81 9.23 10.90 -6.13
C GLY A 81 8.97 10.55 -4.66
N LYS A 82 9.33 11.41 -3.72
CA LYS A 82 9.14 11.11 -2.31
C LYS A 82 9.07 12.39 -1.45
N LEU A 83 8.63 12.23 -0.20
CA LEU A 83 8.39 13.33 0.72
C LEU A 83 9.09 13.03 2.05
N TYR A 84 9.34 14.05 2.88
CA TYR A 84 9.96 13.82 4.18
C TYR A 84 9.51 14.78 5.28
N LEU A 85 9.93 14.44 6.51
CA LEU A 85 9.80 15.31 7.67
C LEU A 85 11.01 15.05 8.58
N CYS A 86 11.47 16.08 9.31
CA CYS A 86 12.63 15.96 10.18
C CYS A 86 12.25 15.42 11.56
N VAL A 87 13.08 14.51 12.09
CA VAL A 87 12.97 13.96 13.43
C VAL A 87 14.32 13.36 13.81
N SER A 88 14.68 13.37 15.10
CA SER A 88 15.98 12.89 15.55
C SER A 88 15.83 11.76 16.56
N SER A 89 16.75 10.79 16.51
CA SER A 89 16.70 9.60 17.34
C SER A 89 18.11 9.03 17.58
N PRO A 90 18.26 8.09 18.53
CA PRO A 90 19.53 7.47 18.95
C PRO A 90 20.33 6.72 17.86
N THR A 91 20.18 7.05 16.57
CA THR A 91 20.92 6.39 15.50
C THR A 91 21.80 7.41 14.78
N ILE A 92 21.38 8.67 14.79
CA ILE A 92 21.98 9.75 14.02
C ILE A 92 21.48 11.10 14.52
N LYS A 93 22.16 12.18 14.09
CA LYS A 93 21.69 13.53 14.33
C LYS A 93 20.69 13.87 13.22
N ASP A 94 19.39 13.79 13.54
CA ASP A 94 18.28 13.95 12.61
C ASP A 94 18.26 12.90 11.49
N LYS A 95 17.05 12.50 11.09
CA LYS A 95 16.81 11.56 10.00
C LYS A 95 15.44 11.84 9.39
N PRO A 96 15.39 12.25 8.12
CA PRO A 96 14.16 12.44 7.36
C PRO A 96 13.29 11.19 7.33
N VAL A 97 12.02 11.32 7.74
CA VAL A 97 11.01 10.27 7.57
C VAL A 97 10.65 10.24 6.10
N GLN A 98 10.45 9.06 5.50
CA GLN A 98 10.14 8.99 4.07
C GLN A 98 8.63 8.78 3.88
N ILE A 99 7.88 9.88 3.93
CA ILE A 99 6.43 9.87 3.73
C ILE A 99 6.04 9.57 2.28
N ARG A 100 4.98 8.77 2.11
CA ARG A 100 4.40 8.52 0.79
C ARG A 100 2.93 8.11 0.96
N PRO A 101 1.97 9.01 0.63
CA PRO A 101 0.55 8.76 0.75
C PRO A 101 0.02 7.89 -0.38
N TRP A 102 -1.19 7.35 -0.20
CA TRP A 102 -1.85 6.58 -1.25
C TRP A 102 -2.61 7.53 -2.18
N ASN A 103 -2.66 7.19 -3.46
CA ASN A 103 -3.28 8.02 -4.49
C ASN A 103 -4.63 7.44 -4.92
N LEU A 104 -5.53 8.32 -5.37
CA LEU A 104 -6.89 7.97 -5.73
C LEU A 104 -6.99 7.57 -7.22
N SER A 105 -5.98 6.90 -7.74
CA SER A 105 -5.95 6.53 -9.15
C SER A 105 -6.33 5.07 -9.34
N ASP A 106 -6.02 4.21 -8.35
CA ASP A 106 -6.43 2.82 -8.37
C ASP A 106 -6.37 2.26 -6.96
N SER A 107 -7.31 1.37 -6.65
CA SER A 107 -7.34 0.66 -5.38
C SER A 107 -8.03 -0.69 -5.55
N ASP A 108 -8.99 -0.79 -6.49
CA ASP A 108 -9.67 -2.02 -6.83
C ASP A 108 -10.16 -1.95 -8.28
N PHE A 109 -10.33 -3.10 -8.92
CA PHE A 109 -10.79 -3.16 -10.30
C PHE A 109 -11.44 -4.52 -10.61
N VAL A 110 -12.31 -4.55 -11.61
CA VAL A 110 -12.98 -5.80 -11.99
C VAL A 110 -13.37 -5.73 -13.47
N MET A 111 -13.38 -6.88 -14.16
CA MET A 111 -13.69 -6.92 -15.59
C MET A 111 -15.05 -7.56 -15.87
N ASP A 112 -15.90 -7.74 -14.85
CA ASP A 112 -17.19 -8.38 -15.05
C ASP A 112 -18.14 -8.04 -13.91
N GLY A 113 -17.67 -8.16 -12.66
CA GLY A 113 -18.45 -7.82 -11.48
C GLY A 113 -19.59 -8.78 -11.20
N SER A 114 -19.69 -9.89 -11.95
CA SER A 114 -20.79 -10.83 -11.79
C SER A 114 -20.35 -12.31 -11.85
N GLN A 115 -19.07 -12.59 -12.10
CA GLN A 115 -18.59 -13.97 -12.09
C GLN A 115 -18.50 -14.50 -10.66
N PRO A 116 -18.59 -15.82 -10.46
CA PRO A 116 -18.38 -16.44 -9.17
C PRO A 116 -17.05 -16.02 -8.58
N LEU A 117 -17.00 -15.79 -7.25
CA LEU A 117 -15.81 -15.29 -6.61
C LEU A 117 -15.74 -15.79 -5.16
N ASP A 118 -14.55 -16.25 -4.74
CA ASP A 118 -14.34 -16.77 -3.41
C ASP A 118 -12.90 -16.50 -2.97
N PRO A 119 -12.63 -16.43 -1.64
CA PRO A 119 -11.29 -16.18 -1.11
C PRO A 119 -10.33 -17.32 -1.43
N ARG A 120 -10.88 -18.51 -1.73
CA ARG A 120 -10.10 -19.70 -2.03
C ARG A 120 -9.71 -19.77 -3.50
N LYS A 121 -10.05 -18.72 -4.26
CA LYS A 121 -9.67 -18.60 -5.67
C LYS A 121 -8.82 -17.33 -5.86
N THR A 122 -8.18 -16.87 -4.78
CA THR A 122 -7.47 -15.60 -4.80
C THR A 122 -5.97 -15.79 -4.54
N ILE A 123 -5.16 -14.94 -5.18
CA ILE A 123 -3.71 -15.01 -5.09
C ILE A 123 -3.17 -13.71 -4.51
N PHE A 124 -2.05 -13.79 -3.77
CA PHE A 124 -1.38 -12.60 -3.25
C PHE A 124 -0.13 -12.38 -4.07
N VAL A 125 0.13 -11.11 -4.44
CA VAL A 125 1.23 -10.75 -5.32
C VAL A 125 2.00 -9.60 -4.69
N GLY A 126 3.25 -9.85 -4.30
CA GLY A 126 4.05 -8.86 -3.59
C GLY A 126 5.52 -8.87 -4.02
N GLY A 127 6.31 -8.01 -3.40
CA GLY A 127 7.71 -7.82 -3.80
C GLY A 127 7.83 -6.76 -4.89
N VAL A 128 6.76 -6.00 -5.10
CA VAL A 128 6.72 -4.94 -6.09
C VAL A 128 7.60 -3.78 -5.63
N PRO A 129 8.14 -2.97 -6.56
CA PRO A 129 8.98 -1.84 -6.22
C PRO A 129 8.19 -0.78 -5.44
N ARG A 130 7.23 -0.11 -6.11
CA ARG A 130 6.32 0.83 -5.46
C ARG A 130 4.95 0.79 -6.15
N PRO A 131 4.83 1.08 -7.45
CA PRO A 131 3.59 0.95 -8.18
C PRO A 131 3.34 -0.49 -8.59
N LEU A 132 2.07 -0.80 -8.93
CA LEU A 132 1.68 -2.09 -9.48
C LEU A 132 0.36 -1.99 -10.23
N ARG A 133 -0.49 -1.02 -9.82
CA ARG A 133 -1.78 -0.67 -10.39
C ARG A 133 -2.76 -1.84 -10.54
N ALA A 134 -3.86 -1.79 -9.79
CA ALA A 134 -4.85 -2.86 -9.79
C ALA A 134 -5.48 -3.09 -11.17
N VAL A 135 -5.56 -2.04 -12.00
CA VAL A 135 -6.20 -2.13 -13.30
C VAL A 135 -5.36 -2.98 -14.26
N GLU A 136 -4.06 -2.68 -14.36
CA GLU A 136 -3.20 -3.35 -15.31
C GLU A 136 -2.76 -4.71 -14.78
N LEU A 137 -2.80 -4.91 -13.46
CA LEU A 137 -2.48 -6.20 -12.87
C LEU A 137 -3.59 -7.20 -13.22
N ALA A 138 -4.83 -6.72 -13.31
CA ALA A 138 -5.97 -7.57 -13.58
C ALA A 138 -6.05 -7.95 -15.06
N MET A 139 -5.67 -7.03 -15.95
CA MET A 139 -5.71 -7.30 -17.38
C MET A 139 -4.67 -8.35 -17.75
N ILE A 140 -3.51 -8.31 -17.08
CA ILE A 140 -2.43 -9.26 -17.33
C ILE A 140 -2.84 -10.64 -16.84
N MET A 141 -3.61 -10.74 -15.75
CA MET A 141 -4.09 -12.03 -15.28
C MET A 141 -5.21 -12.57 -16.17
N ASP A 142 -5.82 -11.71 -16.99
CA ASP A 142 -6.83 -12.16 -17.94
C ASP A 142 -6.22 -12.54 -19.29
N ARG A 143 -4.98 -12.11 -19.58
CA ARG A 143 -4.33 -12.43 -20.86
C ARG A 143 -3.32 -13.57 -20.73
N LEU A 144 -2.71 -13.76 -19.55
CA LEU A 144 -1.71 -14.80 -19.36
C LEU A 144 -2.30 -16.04 -18.69
N TYR A 145 -3.55 -15.95 -18.21
CA TYR A 145 -4.19 -17.08 -17.55
C TYR A 145 -5.66 -17.15 -17.90
N GLY A 146 -6.36 -16.02 -17.88
CA GLY A 146 -7.76 -15.93 -18.21
C GLY A 146 -8.64 -16.59 -17.15
N GLY A 147 -9.93 -16.26 -17.16
CA GLY A 147 -10.90 -16.86 -16.25
C GLY A 147 -10.93 -16.09 -14.94
N VAL A 148 -10.31 -14.90 -14.96
CA VAL A 148 -10.20 -14.02 -13.82
C VAL A 148 -11.42 -13.10 -13.79
N CYS A 149 -11.66 -12.43 -12.65
CA CYS A 149 -12.78 -11.50 -12.54
C CYS A 149 -12.39 -10.26 -11.75
N TYR A 150 -12.02 -10.44 -10.49
CA TYR A 150 -11.78 -9.33 -9.57
C TYR A 150 -10.31 -9.14 -9.26
N ALA A 151 -9.92 -7.89 -8.97
CA ALA A 151 -8.57 -7.55 -8.58
C ALA A 151 -8.57 -6.31 -7.70
N GLY A 152 -7.47 -6.07 -7.00
CA GLY A 152 -7.32 -4.88 -6.19
C GLY A 152 -6.02 -4.90 -5.39
N ILE A 153 -5.81 -3.86 -4.61
CA ILE A 153 -4.64 -3.78 -3.74
C ILE A 153 -5.04 -4.35 -2.38
N ASP A 154 -4.15 -5.15 -1.78
CA ASP A 154 -4.42 -5.73 -0.48
C ASP A 154 -4.65 -4.60 0.53
N THR A 155 -5.86 -4.59 1.10
CA THR A 155 -6.26 -3.58 2.07
C THR A 155 -7.15 -4.25 3.11
N ASP A 156 -7.19 -3.69 4.33
CA ASP A 156 -8.08 -4.17 5.37
C ASP A 156 -9.07 -3.06 5.73
N PRO A 157 -10.37 -3.37 5.77
CA PRO A 157 -11.43 -2.42 6.03
C PRO A 157 -11.58 -2.10 7.52
N GLU A 158 -10.91 -2.86 8.40
CA GLU A 158 -10.98 -2.65 9.83
C GLU A 158 -9.75 -1.91 10.36
N LEU A 159 -8.73 -1.75 9.51
CA LEU A 159 -7.56 -0.92 9.79
C LEU A 159 -7.48 0.21 8.78
N LYS A 160 -8.39 0.23 7.79
CA LYS A 160 -8.45 1.25 6.75
C LYS A 160 -7.10 1.51 6.10
N TYR A 161 -6.29 0.46 5.92
CA TYR A 161 -4.93 0.63 5.40
C TYR A 161 -4.55 -0.48 4.40
N PRO A 162 -3.50 -0.25 3.59
CA PRO A 162 -3.06 -1.17 2.56
C PRO A 162 -2.01 -2.14 3.10
N LYS A 163 -1.52 -3.03 2.22
CA LYS A 163 -0.46 -3.96 2.53
C LYS A 163 0.75 -3.79 1.60
N GLY A 164 0.73 -2.74 0.76
CA GLY A 164 1.84 -2.43 -0.13
C GLY A 164 2.01 -3.46 -1.25
N ALA A 165 0.99 -4.32 -1.45
CA ALA A 165 1.05 -5.40 -2.42
C ALA A 165 -0.34 -5.65 -3.01
N GLY A 166 -0.40 -6.37 -4.13
CA GLY A 166 -1.65 -6.59 -4.85
C GLY A 166 -2.23 -7.98 -4.62
N ARG A 167 -3.51 -8.14 -4.99
CA ARG A 167 -4.20 -9.42 -4.91
C ARG A 167 -5.18 -9.52 -6.08
N VAL A 168 -5.38 -10.72 -6.61
CA VAL A 168 -6.26 -10.95 -7.74
C VAL A 168 -7.06 -12.22 -7.50
N ALA A 169 -8.31 -12.26 -8.00
CA ALA A 169 -9.18 -13.40 -7.78
C ALA A 169 -9.82 -13.86 -9.07
N PHE A 170 -10.01 -15.18 -9.19
CA PHE A 170 -10.53 -15.80 -10.40
C PHE A 170 -11.82 -16.54 -10.10
N SER A 171 -12.61 -16.84 -11.15
CA SER A 171 -13.85 -17.57 -11.01
C SER A 171 -13.67 -19.06 -11.32
N ASN A 172 -12.42 -19.50 -11.51
CA ASN A 172 -12.12 -20.88 -11.83
C ASN A 172 -11.01 -21.41 -10.92
N GLN A 173 -11.13 -22.66 -10.49
CA GLN A 173 -10.15 -23.30 -9.63
C GLN A 173 -8.90 -23.67 -10.44
N GLN A 174 -9.05 -23.74 -11.76
CA GLN A 174 -7.94 -24.10 -12.64
C GLN A 174 -7.04 -22.89 -12.89
N SER A 175 -7.63 -21.71 -13.03
CA SER A 175 -6.86 -20.50 -13.26
C SER A 175 -6.20 -20.04 -11.96
N TYR A 176 -6.78 -20.43 -10.82
CA TYR A 176 -6.20 -20.12 -9.52
C TYR A 176 -4.91 -20.90 -9.34
N ILE A 177 -4.92 -22.21 -9.58
CA ILE A 177 -3.73 -23.03 -9.40
C ILE A 177 -2.72 -22.78 -10.52
N ALA A 178 -3.13 -22.08 -11.58
CA ALA A 178 -2.23 -21.69 -12.65
C ALA A 178 -1.54 -20.36 -12.33
N ALA A 179 -2.11 -19.56 -11.43
CA ALA A 179 -1.55 -18.27 -11.06
C ALA A 179 -0.54 -18.40 -9.92
N ILE A 180 -0.70 -19.41 -9.06
CA ILE A 180 0.24 -19.71 -7.98
C ILE A 180 1.08 -20.94 -8.33
N SER A 181 1.30 -21.17 -9.62
CA SER A 181 2.00 -22.33 -10.13
C SER A 181 3.50 -22.22 -9.91
N ALA A 182 3.99 -21.01 -9.65
CA ALA A 182 5.41 -20.75 -9.51
C ALA A 182 5.61 -19.49 -8.66
N ARG A 183 6.67 -19.44 -7.85
CA ARG A 183 6.95 -18.32 -6.98
C ARG A 183 7.14 -17.03 -7.78
N PHE A 184 7.65 -17.15 -9.01
CA PHE A 184 7.83 -16.01 -9.89
C PHE A 184 7.07 -16.26 -11.19
N VAL A 185 6.14 -15.35 -11.51
CA VAL A 185 5.34 -15.43 -12.72
C VAL A 185 5.71 -14.30 -13.67
N GLN A 186 5.37 -14.47 -14.95
CA GLN A 186 5.63 -13.45 -15.95
C GLN A 186 4.47 -12.45 -16.00
N LEU A 187 4.81 -11.19 -16.25
CA LEU A 187 3.84 -10.14 -16.44
C LEU A 187 4.24 -9.36 -17.67
N GLN A 188 3.52 -9.62 -18.76
CA GLN A 188 3.79 -9.03 -20.06
C GLN A 188 2.50 -8.46 -20.65
N HIS A 189 2.63 -7.40 -21.46
CA HIS A 189 1.50 -6.76 -22.10
C HIS A 189 1.90 -6.20 -23.46
N GLY A 190 3.00 -6.74 -24.01
CA GLY A 190 3.61 -6.26 -25.23
C GLY A 190 4.60 -5.15 -24.90
N GLU A 191 5.83 -5.27 -25.43
CA GLU A 191 6.94 -4.35 -25.16
C GLU A 191 7.21 -4.14 -23.67
N ILE A 192 6.69 -5.04 -22.81
CA ILE A 192 6.85 -4.96 -21.36
C ILE A 192 7.09 -6.35 -20.79
N ASP A 193 7.90 -6.43 -19.72
CA ASP A 193 8.19 -7.69 -19.05
C ASP A 193 8.61 -7.42 -17.60
N LYS A 194 7.98 -8.12 -16.65
CA LYS A 194 8.27 -7.99 -15.23
C LYS A 194 8.05 -9.31 -14.50
N ARG A 195 8.62 -9.43 -13.29
CA ARG A 195 8.45 -10.58 -12.41
C ARG A 195 8.02 -10.11 -11.04
N VAL A 196 7.35 -10.98 -10.27
CA VAL A 196 6.87 -10.66 -8.94
C VAL A 196 6.69 -11.95 -8.14
N GLU A 197 6.73 -11.86 -6.81
CA GLU A 197 6.59 -13.02 -5.95
C GLU A 197 5.12 -13.33 -5.69
N VAL A 198 4.76 -14.62 -5.72
CA VAL A 198 3.38 -15.03 -5.48
C VAL A 198 3.27 -16.06 -4.35
N LYS A 199 2.06 -16.17 -3.77
CA LYS A 199 1.73 -17.24 -2.85
C LYS A 199 0.21 -17.36 -2.76
N PRO A 200 -0.30 -18.49 -2.27
CA PRO A 200 -1.72 -18.68 -2.02
C PRO A 200 -2.19 -17.60 -1.05
N TYR A 201 -3.31 -16.93 -1.35
CA TYR A 201 -3.75 -15.85 -0.48
C TYR A 201 -4.44 -16.39 0.77
N VAL A 202 -4.66 -15.52 1.75
CA VAL A 202 -5.15 -15.88 3.07
C VAL A 202 -6.48 -15.21 3.38
N LEU A 203 -7.20 -15.72 4.38
CA LEU A 203 -8.49 -15.20 4.80
C LEU A 203 -8.62 -15.37 6.31
N SER A 1 9.06 32.19 -13.22
CA SER A 1 7.64 32.36 -13.60
C SER A 1 7.10 33.71 -13.15
N HIS A 2 5.99 34.15 -13.75
CA HIS A 2 5.37 35.43 -13.44
C HIS A 2 3.86 35.28 -13.21
N GLN A 3 3.37 34.04 -13.18
CA GLN A 3 1.95 33.76 -12.99
C GLN A 3 1.79 32.43 -12.23
N ASN A 4 0.69 32.30 -11.49
CA ASN A 4 0.39 31.10 -10.70
C ASN A 4 -1.11 30.81 -10.74
N GLY A 5 -1.50 29.65 -10.18
CA GLY A 5 -2.89 29.24 -10.14
C GLY A 5 -3.17 28.18 -9.06
N GLU A 6 -2.15 27.85 -8.25
CA GLU A 6 -2.21 26.83 -7.21
C GLU A 6 -2.51 25.43 -7.78
N ARG A 7 -2.22 24.39 -7.00
CA ARG A 7 -2.46 23.00 -7.37
C ARG A 7 -2.87 22.19 -6.15
N VAL A 8 -3.74 21.21 -6.36
CA VAL A 8 -4.24 20.33 -5.30
C VAL A 8 -4.30 18.90 -5.81
N GLU A 9 -4.19 17.93 -4.91
CA GLU A 9 -4.26 16.51 -5.24
C GLU A 9 -5.03 15.78 -4.15
N ARG A 10 -5.72 14.68 -4.52
CA ARG A 10 -6.53 13.92 -3.58
C ARG A 10 -5.73 12.77 -2.96
N TYR A 11 -6.11 12.42 -1.73
CA TYR A 11 -5.39 11.42 -0.93
C TYR A 11 -6.33 10.77 0.08
N SER A 12 -5.90 9.65 0.64
CA SER A 12 -6.69 8.91 1.62
C SER A 12 -6.26 9.29 3.04
N ARG A 13 -7.09 8.92 4.01
CA ARG A 13 -6.77 9.09 5.43
C ARG A 13 -5.82 7.96 5.87
N LYS A 14 -5.29 7.22 4.90
CA LYS A 14 -4.31 6.16 5.14
C LYS A 14 -3.07 6.47 4.31
N VAL A 15 -1.90 6.23 4.90
CA VAL A 15 -0.63 6.61 4.30
C VAL A 15 0.51 5.74 4.82
N PHE A 16 1.55 5.55 4.00
CA PHE A 16 2.74 4.83 4.42
C PHE A 16 3.81 5.83 4.85
N VAL A 17 4.56 5.49 5.90
CA VAL A 17 5.69 6.28 6.35
C VAL A 17 6.87 5.35 6.57
N GLY A 18 8.03 5.71 6.01
CA GLY A 18 9.20 4.85 6.04
C GLY A 18 10.42 5.58 6.59
N GLY A 19 11.32 4.81 7.21
CA GLY A 19 12.58 5.32 7.71
C GLY A 19 12.51 5.75 9.17
N LEU A 20 11.51 5.27 9.93
CA LEU A 20 11.43 5.57 11.35
C LEU A 20 12.38 4.63 12.11
N PRO A 21 12.87 5.04 13.29
CA PRO A 21 13.82 4.25 14.07
C PRO A 21 13.14 3.14 14.87
N PRO A 22 13.80 1.98 15.01
CA PRO A 22 13.35 0.88 15.84
C PRO A 22 13.67 1.12 17.31
N ASP A 23 14.39 2.21 17.62
CA ASP A 23 14.83 2.50 18.98
C ASP A 23 13.68 2.97 19.86
N ILE A 24 12.49 3.19 19.27
CA ILE A 24 11.34 3.71 19.99
C ILE A 24 10.07 3.01 19.49
N ASP A 25 8.90 3.52 19.89
CA ASP A 25 7.62 2.94 19.54
C ASP A 25 6.64 4.00 19.04
N GLU A 26 5.37 3.60 18.87
CA GLU A 26 4.29 4.42 18.37
C GLU A 26 4.22 5.79 19.04
N ASP A 27 4.65 5.91 20.29
CA ASP A 27 4.55 7.18 21.02
C ASP A 27 5.46 8.26 20.43
N GLU A 28 6.63 7.87 19.92
CA GLU A 28 7.62 8.84 19.47
C GLU A 28 7.25 9.34 18.07
N ILE A 29 6.79 8.45 17.19
CA ILE A 29 6.43 8.84 15.84
C ILE A 29 5.09 9.56 15.83
N THR A 30 4.23 9.31 16.83
CA THR A 30 2.99 10.07 16.95
C THR A 30 3.34 11.49 17.36
N ALA A 31 4.43 11.67 18.12
CA ALA A 31 4.89 13.00 18.50
C ALA A 31 5.59 13.69 17.31
N SER A 32 5.99 12.91 16.29
CA SER A 32 6.63 13.47 15.11
C SER A 32 5.63 13.93 14.05
N PHE A 33 4.40 13.39 14.03
CA PHE A 33 3.42 13.73 13.00
C PHE A 33 2.16 14.39 13.54
N ARG A 34 1.86 14.27 14.84
CA ARG A 34 0.60 14.80 15.39
C ARG A 34 0.55 16.32 15.38
N ARG A 35 1.67 16.98 15.06
CA ARG A 35 1.74 18.44 14.96
C ARG A 35 0.92 18.95 13.78
N PHE A 36 0.39 18.05 12.95
CA PHE A 36 -0.43 18.42 11.79
C PHE A 36 -1.89 17.99 11.98
N GLY A 37 -2.20 17.34 13.10
CA GLY A 37 -3.55 16.89 13.41
C GLY A 37 -3.53 15.58 14.17
N PRO A 38 -4.66 15.18 14.77
CA PRO A 38 -4.76 13.94 15.53
C PRO A 38 -4.65 12.75 14.59
N LEU A 39 -3.91 11.73 15.02
CA LEU A 39 -3.60 10.58 14.19
C LEU A 39 -3.16 9.37 15.01
N ILE A 40 -2.98 8.24 14.32
CA ILE A 40 -2.53 7.00 14.94
C ILE A 40 -1.69 6.23 13.92
N VAL A 41 -1.08 5.11 14.34
CA VAL A 41 -0.22 4.32 13.49
C VAL A 41 -0.59 2.83 13.55
N ASP A 42 -0.18 2.08 12.53
CA ASP A 42 -0.42 0.64 12.49
C ASP A 42 0.68 -0.05 11.69
N TRP A 43 0.82 -1.36 11.91
CA TRP A 43 1.66 -2.22 11.09
C TRP A 43 1.17 -3.66 11.30
N PRO A 44 1.47 -4.61 10.40
CA PRO A 44 0.87 -5.94 10.40
C PRO A 44 1.51 -6.78 11.51
N HIS A 45 2.60 -6.26 12.11
CA HIS A 45 3.37 -6.93 13.15
C HIS A 45 3.03 -6.40 14.55
N LYS A 46 1.96 -5.60 14.67
CA LYS A 46 1.55 -4.97 15.92
C LYS A 46 1.40 -5.96 17.08
N ALA A 47 1.46 -5.44 18.30
CA ALA A 47 1.36 -6.23 19.52
C ALA A 47 0.45 -5.52 20.54
N GLU A 48 0.09 -6.23 21.60
CA GLU A 48 -0.80 -5.71 22.64
C GLU A 48 -0.17 -5.88 24.03
N SER A 49 1.13 -6.16 24.09
CA SER A 49 1.85 -6.39 25.33
C SER A 49 2.21 -5.08 26.03
N LYS A 50 1.31 -4.09 25.96
CA LYS A 50 1.52 -2.76 26.51
C LYS A 50 2.78 -2.08 25.97
N SER A 51 3.28 -2.59 24.84
CA SER A 51 4.47 -2.07 24.16
C SER A 51 4.37 -2.39 22.67
N TYR A 52 5.15 -1.69 21.84
CA TYR A 52 5.10 -1.87 20.40
C TYR A 52 6.52 -1.86 19.82
N PHE A 53 6.70 -2.49 18.65
CA PHE A 53 7.98 -2.56 17.99
C PHE A 53 7.76 -2.80 16.49
N PRO A 54 8.34 -1.95 15.64
CA PRO A 54 8.25 -2.08 14.19
C PRO A 54 9.14 -3.23 13.69
N PRO A 55 8.88 -3.75 12.49
CA PRO A 55 9.63 -4.86 11.92
C PRO A 55 11.08 -4.47 11.61
N LYS A 56 11.33 -3.19 11.32
CA LYS A 56 12.67 -2.67 11.09
C LYS A 56 12.67 -1.16 11.27
N GLY A 57 11.80 -0.46 10.54
CA GLY A 57 11.77 0.99 10.60
C GLY A 57 10.75 1.60 9.63
N TYR A 58 9.61 0.95 9.42
CA TYR A 58 8.58 1.47 8.55
C TYR A 58 7.20 1.13 9.13
N ALA A 59 6.22 2.01 8.90
CA ALA A 59 4.88 1.87 9.45
C ALA A 59 3.85 2.58 8.57
N PHE A 60 2.58 2.57 8.98
CA PHE A 60 1.51 3.17 8.20
C PHE A 60 0.63 4.02 9.11
N LEU A 61 0.38 5.27 8.72
CA LEU A 61 -0.40 6.19 9.54
C LEU A 61 -1.89 6.14 9.19
N LEU A 62 -2.70 6.32 10.24
CA LEU A 62 -4.14 6.40 10.12
C LEU A 62 -4.54 7.81 10.54
N PHE A 63 -5.45 8.42 9.77
CA PHE A 63 -5.88 9.80 9.99
C PHE A 63 -7.40 9.89 10.05
N GLN A 64 -7.91 11.11 10.29
CA GLN A 64 -9.33 11.36 10.42
C GLN A 64 -9.81 12.27 9.30
N ASP A 65 -8.94 13.17 8.84
CA ASP A 65 -9.27 14.11 7.80
C ASP A 65 -8.20 14.13 6.70
N GLU A 66 -8.61 14.54 5.49
CA GLU A 66 -7.71 14.61 4.35
C GLU A 66 -6.90 15.91 4.39
N SER A 67 -7.31 16.86 5.22
CA SER A 67 -6.60 18.13 5.37
C SER A 67 -5.37 17.96 6.28
N SER A 68 -5.31 16.86 7.02
CA SER A 68 -4.19 16.61 7.92
C SER A 68 -2.97 16.09 7.18
N VAL A 69 -3.18 15.21 6.18
CA VAL A 69 -2.10 14.73 5.35
C VAL A 69 -1.65 15.86 4.42
N GLN A 70 -2.51 16.87 4.23
CA GLN A 70 -2.21 17.97 3.34
C GLN A 70 -1.28 18.97 4.03
N ALA A 71 -1.41 19.13 5.35
CA ALA A 71 -0.56 20.04 6.08
C ALA A 71 0.83 19.44 6.31
N LEU A 72 0.91 18.12 6.51
CA LEU A 72 2.20 17.49 6.77
C LEU A 72 2.98 17.28 5.48
N ILE A 73 2.31 17.29 4.31
CA ILE A 73 2.98 17.14 3.03
C ILE A 73 3.33 18.50 2.42
N ASP A 74 2.66 19.58 2.86
CA ASP A 74 2.90 20.92 2.33
C ASP A 74 3.89 21.71 3.20
N ALA A 75 4.14 21.23 4.42
CA ALA A 75 5.06 21.88 5.36
C ALA A 75 6.32 21.04 5.57
N CYS A 76 6.68 20.21 4.60
CA CYS A 76 7.81 19.30 4.71
C CYS A 76 8.74 19.41 3.50
N ILE A 77 9.74 18.52 3.45
CA ILE A 77 10.74 18.46 2.40
C ILE A 77 10.18 17.60 1.27
N GLU A 78 10.66 17.80 0.04
CA GLU A 78 10.23 17.00 -1.09
C GLU A 78 11.46 16.46 -1.84
N GLU A 79 11.29 15.33 -2.51
CA GLU A 79 12.38 14.69 -3.24
C GLU A 79 11.88 14.13 -4.58
N ASP A 80 11.49 15.04 -5.47
CA ASP A 80 11.13 14.77 -6.87
C ASP A 80 10.07 13.68 -7.07
N GLY A 81 9.36 13.27 -6.02
CA GLY A 81 8.32 12.25 -6.14
C GLY A 81 7.92 11.67 -4.79
N LYS A 82 8.72 11.90 -3.75
CA LYS A 82 8.38 11.46 -2.39
C LYS A 82 8.56 12.62 -1.42
N LEU A 83 8.11 12.45 -0.18
CA LEU A 83 8.21 13.50 0.83
C LEU A 83 9.23 13.11 1.90
N TYR A 84 9.69 14.11 2.67
CA TYR A 84 10.64 13.91 3.76
C TYR A 84 10.28 14.85 4.91
N LEU A 85 10.31 14.38 6.16
CA LEU A 85 10.07 15.22 7.33
C LEU A 85 11.26 15.09 8.28
N CYS A 86 11.79 16.21 8.77
CA CYS A 86 12.97 16.20 9.61
C CYS A 86 12.64 15.87 11.07
N VAL A 87 13.42 14.92 11.63
CA VAL A 87 13.30 14.46 13.01
C VAL A 87 14.68 13.95 13.46
N SER A 88 14.84 13.59 14.73
CA SER A 88 16.10 13.06 15.22
C SER A 88 15.90 12.01 16.32
N SER A 89 16.61 10.89 16.17
CA SER A 89 16.59 9.73 17.06
C SER A 89 17.88 8.94 16.84
N PRO A 90 18.17 7.91 17.65
CA PRO A 90 19.44 7.20 17.63
C PRO A 90 19.89 6.66 16.26
N THR A 91 18.97 6.11 15.46
CA THR A 91 19.32 5.60 14.12
C THR A 91 19.12 6.67 13.06
N ILE A 92 18.44 7.77 13.42
CA ILE A 92 18.03 8.79 12.48
C ILE A 92 19.14 9.82 12.30
N LYS A 93 19.86 10.16 13.38
CA LYS A 93 20.98 11.09 13.31
C LYS A 93 20.63 12.35 12.50
N ASP A 94 19.49 12.97 12.84
CA ASP A 94 18.98 14.17 12.20
C ASP A 94 18.58 14.01 10.73
N LYS A 95 18.38 12.78 10.24
CA LYS A 95 17.89 12.57 8.88
C LYS A 95 16.36 12.71 8.85
N PRO A 96 15.79 13.06 7.70
CA PRO A 96 14.35 13.07 7.52
C PRO A 96 13.78 11.67 7.30
N VAL A 97 12.45 11.52 7.50
CA VAL A 97 11.75 10.26 7.24
C VAL A 97 10.77 10.47 6.09
N GLN A 98 10.47 9.42 5.33
CA GLN A 98 9.73 9.53 4.09
C GLN A 98 8.24 9.22 4.25
N ILE A 99 7.41 9.86 3.42
CA ILE A 99 5.96 9.70 3.42
C ILE A 99 5.44 9.47 1.98
N ARG A 100 4.37 8.68 1.86
CA ARG A 100 3.69 8.49 0.58
C ARG A 100 2.25 8.00 0.81
N PRO A 101 1.25 8.90 0.71
CA PRO A 101 -0.17 8.57 0.87
C PRO A 101 -0.70 7.57 -0.16
N TRP A 102 -1.94 7.11 0.07
CA TRP A 102 -2.63 6.23 -0.86
C TRP A 102 -3.54 7.03 -1.80
N ASN A 103 -3.90 6.45 -2.94
CA ASN A 103 -4.69 7.12 -3.96
C ASN A 103 -6.16 6.69 -3.93
N LEU A 104 -7.03 7.53 -4.48
CA LEU A 104 -8.47 7.29 -4.52
C LEU A 104 -8.95 6.94 -5.94
N SER A 105 -8.15 6.20 -6.72
CA SER A 105 -8.53 5.94 -8.10
C SER A 105 -8.31 4.50 -8.58
N ASP A 106 -7.40 3.74 -7.98
CA ASP A 106 -7.05 2.41 -8.48
C ASP A 106 -6.93 1.35 -7.37
N SER A 107 -7.77 1.43 -6.35
CA SER A 107 -7.73 0.46 -5.26
C SER A 107 -8.31 -0.90 -5.67
N ASP A 108 -9.17 -0.93 -6.69
CA ASP A 108 -9.80 -2.16 -7.15
C ASP A 108 -10.23 -2.07 -8.61
N PHE A 109 -10.47 -3.22 -9.24
CA PHE A 109 -10.91 -3.28 -10.63
C PHE A 109 -11.66 -4.60 -10.89
N VAL A 110 -12.56 -4.61 -11.86
CA VAL A 110 -13.31 -5.83 -12.21
C VAL A 110 -13.48 -5.97 -13.72
N MET A 111 -13.69 -7.23 -14.14
CA MET A 111 -13.90 -7.57 -15.54
C MET A 111 -15.03 -8.60 -15.63
N ASP A 112 -15.93 -8.57 -14.65
CA ASP A 112 -16.99 -9.55 -14.52
C ASP A 112 -18.15 -8.93 -13.75
N GLY A 113 -19.28 -9.64 -13.68
CA GLY A 113 -20.46 -9.20 -12.93
C GLY A 113 -20.26 -9.33 -11.41
N SER A 114 -19.01 -9.29 -10.95
CA SER A 114 -18.70 -9.41 -9.53
C SER A 114 -19.26 -10.68 -8.90
N GLN A 115 -19.08 -11.82 -9.57
CA GLN A 115 -19.53 -13.10 -9.04
C GLN A 115 -18.82 -13.41 -7.72
N PRO A 116 -19.41 -14.28 -6.89
CA PRO A 116 -18.85 -14.65 -5.58
C PRO A 116 -17.41 -15.12 -5.68
N LEU A 117 -16.64 -14.86 -4.61
CA LEU A 117 -15.22 -15.21 -4.53
C LEU A 117 -14.98 -16.20 -3.41
N ASP A 118 -13.82 -16.87 -3.43
CA ASP A 118 -13.47 -17.84 -2.39
C ASP A 118 -11.95 -17.85 -2.18
N PRO A 119 -11.47 -17.99 -0.94
CA PRO A 119 -10.05 -18.01 -0.62
C PRO A 119 -9.26 -19.11 -1.34
N ARG A 120 -9.94 -20.18 -1.79
CA ARG A 120 -9.28 -21.28 -2.49
C ARG A 120 -9.24 -21.02 -4.00
N LYS A 121 -9.68 -19.83 -4.42
CA LYS A 121 -9.60 -19.41 -5.81
C LYS A 121 -8.98 -18.02 -5.94
N THR A 122 -8.27 -17.58 -4.88
CA THR A 122 -7.70 -16.24 -4.85
C THR A 122 -6.21 -16.31 -4.51
N ILE A 123 -5.41 -15.43 -5.13
CA ILE A 123 -3.96 -15.44 -5.02
C ILE A 123 -3.47 -14.15 -4.37
N PHE A 124 -2.34 -14.24 -3.64
CA PHE A 124 -1.67 -13.06 -3.10
C PHE A 124 -0.40 -12.80 -3.89
N VAL A 125 -0.07 -11.52 -4.08
CA VAL A 125 1.08 -11.10 -4.86
C VAL A 125 1.84 -10.03 -4.09
N GLY A 126 3.13 -10.27 -3.81
CA GLY A 126 3.92 -9.35 -3.00
C GLY A 126 5.26 -9.02 -3.65
N GLY A 127 5.79 -7.84 -3.32
CA GLY A 127 6.96 -7.28 -3.97
C GLY A 127 6.54 -6.35 -5.10
N VAL A 128 5.50 -5.55 -4.86
CA VAL A 128 4.92 -4.69 -5.89
C VAL A 128 5.00 -3.20 -5.52
N PRO A 129 6.19 -2.66 -5.20
CA PRO A 129 6.34 -1.28 -4.80
C PRO A 129 6.15 -0.32 -5.99
N ARG A 130 6.13 -0.83 -7.23
CA ARG A 130 5.96 -0.03 -8.42
C ARG A 130 5.04 -0.65 -9.48
N PRO A 131 5.04 -1.97 -9.73
CA PRO A 131 4.23 -2.58 -10.77
C PRO A 131 2.79 -2.86 -10.32
N LEU A 132 2.31 -2.15 -9.29
CA LEU A 132 0.97 -2.35 -8.75
C LEU A 132 -0.10 -1.63 -9.59
N ARG A 133 -1.07 -0.99 -8.93
CA ARG A 133 -2.26 -0.38 -9.52
C ARG A 133 -3.21 -1.46 -10.02
N ALA A 134 -4.47 -1.40 -9.58
CA ALA A 134 -5.44 -2.44 -9.88
C ALA A 134 -5.75 -2.54 -11.38
N VAL A 135 -5.62 -1.43 -12.12
CA VAL A 135 -5.90 -1.42 -13.54
C VAL A 135 -4.85 -2.22 -14.30
N GLU A 136 -3.57 -1.97 -14.01
CA GLU A 136 -2.49 -2.61 -14.73
C GLU A 136 -2.30 -4.05 -14.25
N LEU A 137 -2.60 -4.29 -12.97
CA LEU A 137 -2.46 -5.61 -12.37
C LEU A 137 -3.55 -6.54 -12.88
N ALA A 138 -4.75 -6.01 -13.13
CA ALA A 138 -5.87 -6.84 -13.56
C ALA A 138 -5.73 -7.25 -15.02
N MET A 139 -5.21 -6.36 -15.88
CA MET A 139 -5.09 -6.64 -17.29
C MET A 139 -4.03 -7.71 -17.53
N ILE A 140 -2.91 -7.64 -16.80
CA ILE A 140 -1.84 -8.62 -16.95
C ILE A 140 -2.32 -9.99 -16.51
N MET A 141 -3.14 -10.06 -15.46
CA MET A 141 -3.64 -11.33 -14.95
C MET A 141 -4.68 -11.93 -15.89
N ASP A 142 -5.29 -11.12 -16.78
CA ASP A 142 -6.25 -11.64 -17.73
C ASP A 142 -5.59 -12.01 -19.07
N ARG A 143 -4.35 -11.58 -19.31
CA ARG A 143 -3.64 -11.94 -20.53
C ARG A 143 -2.77 -13.19 -20.33
N LEU A 144 -2.43 -13.53 -19.09
CA LEU A 144 -1.62 -14.71 -18.80
C LEU A 144 -2.40 -15.76 -18.01
N TYR A 145 -3.49 -15.35 -17.36
CA TYR A 145 -4.30 -16.24 -16.54
C TYR A 145 -5.78 -15.92 -16.74
N GLY A 146 -6.16 -15.71 -18.00
CA GLY A 146 -7.51 -15.32 -18.38
C GLY A 146 -8.58 -16.11 -17.62
N GLY A 147 -9.62 -15.41 -17.18
CA GLY A 147 -10.68 -15.98 -16.35
C GLY A 147 -10.84 -15.18 -15.06
N VAL A 148 -10.18 -14.01 -14.97
CA VAL A 148 -10.26 -13.15 -13.80
C VAL A 148 -11.65 -12.52 -13.69
N CYS A 149 -12.14 -12.33 -12.46
CA CYS A 149 -13.41 -11.65 -12.24
C CYS A 149 -13.22 -10.41 -11.36
N TYR A 150 -12.25 -10.44 -10.44
CA TYR A 150 -11.98 -9.31 -9.57
C TYR A 150 -10.48 -9.25 -9.27
N ALA A 151 -9.94 -8.03 -9.22
CA ALA A 151 -8.55 -7.79 -8.90
C ALA A 151 -8.42 -6.46 -8.18
N GLY A 152 -7.33 -6.27 -7.42
CA GLY A 152 -7.11 -5.03 -6.73
C GLY A 152 -5.94 -5.10 -5.76
N ILE A 153 -5.84 -4.09 -4.91
CA ILE A 153 -4.80 -4.02 -3.91
C ILE A 153 -5.36 -4.54 -2.59
N ASP A 154 -4.54 -5.29 -1.86
CA ASP A 154 -4.92 -5.82 -0.56
C ASP A 154 -5.29 -4.69 0.39
N THR A 155 -6.52 -4.72 0.91
CA THR A 155 -6.98 -3.76 1.91
C THR A 155 -8.11 -4.38 2.73
N ASP A 156 -8.22 -3.99 4.00
CA ASP A 156 -9.22 -4.52 4.91
C ASP A 156 -10.14 -3.41 5.40
N PRO A 157 -11.44 -3.68 5.50
CA PRO A 157 -12.46 -2.70 5.88
C PRO A 157 -12.47 -2.43 7.39
N GLU A 158 -11.72 -3.21 8.19
CA GLU A 158 -11.70 -3.02 9.63
C GLU A 158 -10.96 -1.72 10.00
N LEU A 159 -10.10 -1.24 9.10
CA LEU A 159 -9.39 0.02 9.25
C LEU A 159 -9.32 0.75 7.91
N LYS A 160 -9.99 0.22 6.88
CA LYS A 160 -10.04 0.76 5.53
C LYS A 160 -8.65 1.11 4.99
N TYR A 161 -7.66 0.25 5.26
CA TYR A 161 -6.28 0.52 4.87
C TYR A 161 -5.70 -0.60 4.02
N PRO A 162 -4.93 -0.28 2.98
CA PRO A 162 -4.27 -1.27 2.15
C PRO A 162 -3.01 -1.80 2.83
N LYS A 163 -2.48 -2.92 2.29
CA LYS A 163 -1.27 -3.54 2.81
C LYS A 163 -0.15 -3.60 1.77
N GLY A 164 -0.18 -2.72 0.77
CA GLY A 164 0.92 -2.54 -0.16
C GLY A 164 1.19 -3.76 -1.05
N ALA A 165 0.25 -4.70 -1.11
CA ALA A 165 0.40 -5.91 -1.88
C ALA A 165 -0.82 -6.14 -2.77
N GLY A 166 -0.68 -6.99 -3.80
CA GLY A 166 -1.75 -7.24 -4.74
C GLY A 166 -2.49 -8.54 -4.45
N ARG A 167 -3.71 -8.64 -4.97
CA ARG A 167 -4.51 -9.87 -4.88
C ARG A 167 -5.48 -9.89 -6.05
N VAL A 168 -5.82 -11.08 -6.54
CA VAL A 168 -6.74 -11.24 -7.66
C VAL A 168 -7.47 -12.56 -7.53
N ALA A 169 -8.72 -12.60 -8.00
CA ALA A 169 -9.56 -13.78 -7.90
C ALA A 169 -10.10 -14.16 -9.28
N PHE A 170 -10.28 -15.45 -9.50
CA PHE A 170 -10.67 -16.00 -10.79
C PHE A 170 -12.01 -16.73 -10.70
N SER A 171 -12.71 -16.81 -11.84
CA SER A 171 -13.92 -17.62 -11.94
C SER A 171 -13.57 -19.08 -12.21
N ASN A 172 -12.27 -19.39 -12.27
CA ASN A 172 -11.78 -20.73 -12.56
C ASN A 172 -10.65 -21.09 -11.61
N GLN A 173 -10.73 -22.27 -10.99
CA GLN A 173 -9.68 -22.75 -10.10
C GLN A 173 -8.45 -23.17 -10.90
N GLN A 174 -8.61 -23.28 -12.23
CA GLN A 174 -7.52 -23.67 -13.11
C GLN A 174 -6.57 -22.49 -13.30
N SER A 175 -7.11 -21.27 -13.41
CA SER A 175 -6.31 -20.07 -13.55
C SER A 175 -5.66 -19.72 -12.22
N TYR A 176 -6.34 -20.07 -11.11
CA TYR A 176 -5.79 -19.85 -9.79
C TYR A 176 -4.53 -20.69 -9.59
N ILE A 177 -4.60 -22.01 -9.84
CA ILE A 177 -3.46 -22.89 -9.61
C ILE A 177 -2.37 -22.64 -10.65
N ALA A 178 -2.68 -21.94 -11.75
CA ALA A 178 -1.70 -21.59 -12.74
C ALA A 178 -0.94 -20.33 -12.33
N ALA A 179 -1.54 -19.51 -11.45
CA ALA A 179 -0.93 -18.26 -11.01
C ALA A 179 -0.10 -18.42 -9.72
N ILE A 180 -0.15 -19.58 -9.05
CA ILE A 180 0.61 -19.82 -7.83
C ILE A 180 1.48 -21.07 -7.95
N SER A 181 2.09 -21.28 -9.12
CA SER A 181 2.92 -22.46 -9.36
C SER A 181 4.29 -22.14 -9.97
N ALA A 182 4.62 -20.86 -10.13
CA ALA A 182 5.90 -20.46 -10.73
C ALA A 182 6.65 -19.43 -9.89
N ARG A 183 6.20 -19.19 -8.65
CA ARG A 183 6.78 -18.21 -7.74
C ARG A 183 7.07 -16.86 -8.40
N PHE A 184 8.27 -16.70 -8.96
CA PHE A 184 8.66 -15.44 -9.62
C PHE A 184 8.14 -15.45 -11.05
N VAL A 185 6.92 -14.93 -11.22
CA VAL A 185 6.26 -14.86 -12.52
C VAL A 185 6.75 -13.66 -13.31
N GLN A 186 6.94 -13.83 -14.62
CA GLN A 186 7.51 -12.82 -15.51
C GLN A 186 6.51 -11.74 -15.90
N LEU A 187 5.22 -11.99 -15.61
CA LEU A 187 4.11 -11.12 -15.99
C LEU A 187 4.07 -10.86 -17.50
N GLN A 188 4.94 -9.98 -18.00
CA GLN A 188 5.02 -9.55 -19.39
C GLN A 188 3.73 -8.91 -19.93
N HIS A 189 3.89 -7.76 -20.58
CA HIS A 189 2.78 -7.02 -21.16
C HIS A 189 3.34 -6.05 -22.20
N GLY A 190 2.81 -6.05 -23.42
CA GLY A 190 3.34 -5.17 -24.45
C GLY A 190 4.83 -5.48 -24.69
N GLU A 191 5.19 -6.76 -24.58
CA GLU A 191 6.56 -7.25 -24.70
C GLU A 191 7.50 -6.74 -23.60
N ILE A 192 6.96 -6.24 -22.49
CA ILE A 192 7.76 -5.86 -21.33
C ILE A 192 8.02 -7.09 -20.47
N ASP A 193 8.79 -6.95 -19.39
CA ASP A 193 9.04 -8.04 -18.46
C ASP A 193 9.15 -7.49 -17.03
N LYS A 194 8.57 -8.22 -16.07
CA LYS A 194 8.58 -7.83 -14.66
C LYS A 194 8.74 -9.09 -13.82
N ARG A 195 8.89 -8.94 -12.51
CA ARG A 195 8.91 -10.10 -11.64
C ARG A 195 8.29 -9.79 -10.28
N VAL A 196 7.60 -10.76 -9.71
CA VAL A 196 6.97 -10.62 -8.41
C VAL A 196 6.73 -12.00 -7.81
N GLU A 197 6.66 -12.09 -6.48
CA GLU A 197 6.46 -13.36 -5.79
C GLU A 197 4.97 -13.60 -5.54
N VAL A 198 4.55 -14.86 -5.62
CA VAL A 198 3.16 -15.24 -5.41
C VAL A 198 3.03 -16.33 -4.37
N LYS A 199 1.83 -16.43 -3.77
CA LYS A 199 1.52 -17.51 -2.84
C LYS A 199 0.00 -17.64 -2.73
N PRO A 200 -0.50 -18.78 -2.22
CA PRO A 200 -1.90 -18.95 -1.94
C PRO A 200 -2.36 -17.85 -0.97
N TYR A 201 -3.49 -17.21 -1.25
CA TYR A 201 -3.95 -16.14 -0.38
C TYR A 201 -4.53 -16.68 0.92
N VAL A 202 -4.72 -15.80 1.90
CA VAL A 202 -5.09 -16.16 3.26
C VAL A 202 -6.43 -15.54 3.65
N LEU A 203 -7.03 -16.06 4.72
CA LEU A 203 -8.31 -15.58 5.24
C LEU A 203 -8.31 -15.69 6.76
N SER A 1 -0.06 35.60 -10.35
CA SER A 1 1.19 35.17 -11.01
C SER A 1 1.38 33.66 -10.84
N HIS A 2 2.19 33.06 -11.72
CA HIS A 2 2.44 31.62 -11.76
C HIS A 2 1.15 30.80 -11.93
N GLN A 3 1.28 29.47 -12.01
CA GLN A 3 0.15 28.57 -12.20
C GLN A 3 0.36 27.27 -11.44
N ASN A 4 -0.70 26.49 -11.27
CA ASN A 4 -0.67 25.23 -10.54
C ASN A 4 -0.79 24.04 -11.50
N GLY A 5 -0.52 24.27 -12.80
CA GLY A 5 -0.61 23.23 -13.82
C GLY A 5 -2.06 22.95 -14.21
N GLU A 6 -3.00 23.73 -13.67
CA GLU A 6 -4.44 23.59 -13.91
C GLU A 6 -4.96 22.18 -13.65
N ARG A 7 -4.24 21.39 -12.86
CA ARG A 7 -4.62 20.04 -12.50
C ARG A 7 -4.17 19.73 -11.07
N VAL A 8 -4.97 18.94 -10.35
CA VAL A 8 -4.71 18.61 -8.95
C VAL A 8 -5.17 17.18 -8.66
N GLU A 9 -4.67 16.58 -7.57
CA GLU A 9 -5.02 15.24 -7.17
C GLU A 9 -5.33 15.22 -5.67
N ARG A 10 -6.16 14.28 -5.22
CA ARG A 10 -6.59 14.22 -3.83
C ARG A 10 -6.14 12.90 -3.20
N TYR A 11 -5.97 12.91 -1.87
CA TYR A 11 -5.45 11.78 -1.14
C TYR A 11 -6.46 11.24 -0.14
N SER A 12 -6.02 10.29 0.67
CA SER A 12 -6.81 9.72 1.75
C SER A 12 -6.04 9.88 3.06
N ARG A 13 -6.74 9.68 4.18
CA ARG A 13 -6.18 9.83 5.52
C ARG A 13 -5.33 8.63 5.92
N LYS A 14 -4.59 8.08 4.96
CA LYS A 14 -3.72 6.93 5.16
C LYS A 14 -2.40 7.12 4.41
N VAL A 15 -1.28 6.80 5.08
CA VAL A 15 0.05 6.91 4.49
C VAL A 15 0.96 5.82 5.01
N PHE A 16 2.04 5.52 4.28
CA PHE A 16 3.11 4.66 4.78
C PHE A 16 4.16 5.58 5.41
N VAL A 17 4.72 5.15 6.54
CA VAL A 17 5.78 5.90 7.21
C VAL A 17 6.95 4.95 7.44
N GLY A 18 8.14 5.33 6.98
CA GLY A 18 9.27 4.41 6.94
C GLY A 18 10.47 4.85 7.78
N GLY A 19 11.17 3.83 8.28
CA GLY A 19 12.47 3.95 8.94
C GLY A 19 12.42 4.60 10.31
N LEU A 20 12.64 3.79 11.36
CA LEU A 20 12.77 4.27 12.73
C LEU A 20 13.86 3.43 13.42
N PRO A 21 14.62 4.05 14.32
CA PRO A 21 15.64 3.37 15.11
C PRO A 21 15.00 2.55 16.23
N PRO A 22 15.79 1.75 16.95
CA PRO A 22 15.33 0.98 18.10
C PRO A 22 14.68 1.85 19.18
N ASP A 23 14.11 1.17 20.19
CA ASP A 23 13.40 1.83 21.28
C ASP A 23 12.19 2.63 20.81
N ILE A 24 12.35 3.93 20.52
CA ILE A 24 11.24 4.79 20.13
C ILE A 24 10.48 4.25 18.93
N ASP A 25 9.16 4.22 19.07
CA ASP A 25 8.23 3.81 18.03
C ASP A 25 6.82 4.15 18.49
N GLU A 26 5.89 4.33 17.54
CA GLU A 26 4.50 4.67 17.75
C GLU A 26 4.29 6.03 18.43
N ASP A 27 4.94 6.29 19.56
CA ASP A 27 4.75 7.54 20.29
C ASP A 27 5.57 8.66 19.69
N GLU A 28 6.77 8.36 19.17
CA GLU A 28 7.67 9.38 18.67
C GLU A 28 7.20 9.90 17.31
N ILE A 29 6.50 9.06 16.53
CA ILE A 29 5.90 9.51 15.28
C ILE A 29 4.56 10.19 15.56
N THR A 30 3.89 9.82 16.66
CA THR A 30 2.66 10.51 17.04
C THR A 30 3.01 11.89 17.59
N ALA A 31 4.30 12.15 17.87
CA ALA A 31 4.77 13.46 18.28
C ALA A 31 5.41 14.22 17.11
N SER A 32 5.83 13.53 16.05
CA SER A 32 6.45 14.18 14.89
C SER A 32 5.41 14.86 14.01
N PHE A 33 4.22 14.27 13.89
CA PHE A 33 3.18 14.80 13.02
C PHE A 33 2.06 15.48 13.82
N ARG A 34 2.25 15.64 15.14
CA ARG A 34 1.27 16.28 16.00
C ARG A 34 1.10 17.76 15.64
N ARG A 35 2.08 18.31 14.91
CA ARG A 35 2.04 19.69 14.43
C ARG A 35 0.97 19.86 13.34
N PHE A 36 0.45 18.73 12.84
CA PHE A 36 -0.59 18.73 11.83
C PHE A 36 -1.89 18.19 12.42
N GLY A 37 -1.98 18.14 13.75
CA GLY A 37 -3.10 17.57 14.46
C GLY A 37 -2.78 16.14 14.90
N PRO A 38 -3.55 15.59 15.85
CA PRO A 38 -3.34 14.24 16.37
C PRO A 38 -3.37 13.18 15.28
N LEU A 39 -2.61 12.10 15.47
CA LEU A 39 -2.56 11.01 14.50
C LEU A 39 -2.32 9.68 15.21
N ILE A 40 -2.47 8.58 14.46
CA ILE A 40 -2.30 7.23 14.98
C ILE A 40 -1.53 6.38 13.98
N VAL A 41 -1.20 5.14 14.35
CA VAL A 41 -0.38 4.27 13.51
C VAL A 41 -0.70 2.80 13.78
N ASP A 42 -0.43 1.93 12.80
CA ASP A 42 -0.61 0.49 12.98
C ASP A 42 0.29 -0.29 12.01
N TRP A 43 0.33 -1.62 12.20
CA TRP A 43 1.03 -2.53 11.32
C TRP A 43 0.44 -3.93 11.54
N PRO A 44 0.63 -4.92 10.66
CA PRO A 44 -0.09 -6.19 10.78
C PRO A 44 0.44 -6.99 11.98
N HIS A 45 1.62 -6.62 12.48
CA HIS A 45 2.27 -7.28 13.61
C HIS A 45 1.82 -6.66 14.94
N LYS A 46 0.93 -5.67 14.89
CA LYS A 46 0.48 -4.93 16.06
C LYS A 46 -0.26 -5.84 17.04
N ALA A 47 -0.90 -6.89 16.53
CA ALA A 47 -1.64 -7.87 17.32
C ALA A 47 -2.61 -7.21 18.30
N GLU A 48 -3.11 -6.00 17.98
CA GLU A 48 -3.98 -5.24 18.85
C GLU A 48 -3.41 -5.06 20.25
N SER A 49 -2.08 -5.14 20.37
CA SER A 49 -1.38 -5.05 21.64
C SER A 49 -0.74 -3.67 21.82
N LYS A 50 -0.33 -3.36 23.05
CA LYS A 50 0.29 -2.09 23.40
C LYS A 50 1.80 -2.12 23.16
N SER A 51 2.30 -3.23 22.58
CA SER A 51 3.72 -3.42 22.32
C SER A 51 4.29 -2.34 21.40
N TYR A 52 5.61 -2.21 21.37
CA TYR A 52 6.30 -1.18 20.60
C TYR A 52 7.36 -1.78 19.69
N PHE A 53 7.84 -0.96 18.76
CA PHE A 53 8.87 -1.25 17.77
C PHE A 53 8.55 -2.47 16.89
N PRO A 54 8.11 -2.24 15.64
CA PRO A 54 7.87 -3.29 14.67
C PRO A 54 9.21 -3.88 14.21
N PRO A 55 9.19 -5.02 13.50
CA PRO A 55 10.37 -5.78 13.12
C PRO A 55 11.55 -4.98 12.55
N LYS A 56 11.31 -3.80 11.95
CA LYS A 56 12.40 -2.98 11.43
C LYS A 56 12.06 -1.48 11.44
N GLY A 57 11.10 -1.08 12.28
CA GLY A 57 10.80 0.33 12.48
C GLY A 57 9.93 0.99 11.40
N TYR A 58 9.47 0.26 10.38
CA TYR A 58 8.54 0.84 9.41
C TYR A 58 7.11 0.63 9.91
N ALA A 59 6.19 1.53 9.53
CA ALA A 59 4.81 1.47 10.00
C ALA A 59 3.87 2.13 8.99
N PHE A 60 2.57 2.22 9.34
CA PHE A 60 1.57 2.80 8.45
C PHE A 60 0.75 3.78 9.28
N LEU A 61 0.78 5.05 8.89
CA LEU A 61 0.27 6.14 9.70
C LEU A 61 -1.13 6.57 9.24
N LEU A 62 -1.99 6.85 10.22
CA LEU A 62 -3.40 7.12 10.00
C LEU A 62 -3.77 8.52 10.49
N PHE A 63 -4.82 9.10 9.88
CA PHE A 63 -5.33 10.42 10.22
C PHE A 63 -6.86 10.39 10.18
N GLN A 64 -7.51 11.55 10.38
CA GLN A 64 -8.97 11.64 10.46
C GLN A 64 -9.51 12.40 9.24
N ASP A 65 -8.70 13.28 8.67
CA ASP A 65 -9.10 14.09 7.54
C ASP A 65 -7.97 14.23 6.52
N GLU A 66 -8.32 14.63 5.29
CA GLU A 66 -7.33 14.81 4.23
C GLU A 66 -6.61 16.14 4.38
N SER A 67 -7.12 17.05 5.21
CA SER A 67 -6.48 18.35 5.42
C SER A 67 -5.24 18.20 6.29
N SER A 68 -5.17 17.12 7.08
CA SER A 68 -4.03 16.88 7.94
C SER A 68 -2.86 16.30 7.15
N VAL A 69 -3.14 15.39 6.23
CA VAL A 69 -2.10 14.84 5.37
C VAL A 69 -1.70 15.89 4.33
N GLN A 70 -2.55 16.88 4.10
CA GLN A 70 -2.26 17.94 3.14
C GLN A 70 -1.20 18.85 3.72
N ALA A 71 -1.25 19.13 5.01
CA ALA A 71 -0.27 19.98 5.66
C ALA A 71 1.07 19.26 5.84
N LEU A 72 1.07 17.94 6.06
CA LEU A 72 2.32 17.22 6.27
C LEU A 72 3.01 16.88 4.95
N ILE A 73 2.31 17.00 3.81
CA ILE A 73 2.90 16.76 2.50
C ILE A 73 3.34 18.08 1.88
N ASP A 74 2.77 19.21 2.34
CA ASP A 74 3.10 20.52 1.78
C ASP A 74 4.07 21.31 2.67
N ALA A 75 4.35 20.82 3.88
CA ALA A 75 5.26 21.50 4.81
C ALA A 75 6.45 20.62 5.19
N CYS A 76 6.63 19.49 4.50
CA CYS A 76 7.73 18.56 4.76
C CYS A 76 8.49 18.29 3.46
N ILE A 77 9.52 17.45 3.49
CA ILE A 77 10.43 17.31 2.37
C ILE A 77 9.83 16.40 1.29
N GLU A 78 10.40 16.48 0.08
CA GLU A 78 10.00 15.63 -1.01
C GLU A 78 11.20 15.23 -1.85
N GLU A 79 11.08 14.13 -2.60
CA GLU A 79 12.11 13.68 -3.51
C GLU A 79 11.48 13.00 -4.72
N ASP A 80 12.30 12.65 -5.72
CA ASP A 80 11.86 12.16 -7.02
C ASP A 80 11.11 10.82 -6.97
N GLY A 81 10.86 10.26 -5.78
CA GLY A 81 10.13 9.01 -5.67
C GLY A 81 9.29 8.89 -4.40
N LYS A 82 9.43 9.81 -3.44
CA LYS A 82 8.69 9.75 -2.18
C LYS A 82 8.79 11.06 -1.42
N LEU A 83 8.30 11.06 -0.17
CA LEU A 83 8.28 12.23 0.69
C LEU A 83 9.02 11.95 2.00
N TYR A 84 9.25 12.99 2.80
CA TYR A 84 9.97 12.87 4.05
C TYR A 84 9.52 13.90 5.07
N LEU A 85 9.89 13.68 6.34
CA LEU A 85 9.78 14.68 7.39
C LEU A 85 11.02 14.55 8.27
N CYS A 86 11.65 15.67 8.62
CA CYS A 86 12.82 15.66 9.49
C CYS A 86 12.40 15.48 10.94
N VAL A 87 13.17 14.70 11.70
CA VAL A 87 12.87 14.41 13.10
C VAL A 87 14.15 14.40 13.93
N SER A 88 14.01 14.50 15.25
CA SER A 88 15.13 14.44 16.18
C SER A 88 15.46 13.00 16.55
N SER A 89 14.87 12.04 15.83
CA SER A 89 15.06 10.63 16.09
C SER A 89 16.50 10.21 15.75
N PRO A 90 17.26 9.71 16.73
CA PRO A 90 18.63 9.28 16.54
C PRO A 90 18.68 7.89 15.91
N THR A 91 19.17 7.81 14.68
CA THR A 91 19.31 6.54 13.96
C THR A 91 20.79 6.36 13.68
N ILE A 92 21.56 6.23 14.77
CA ILE A 92 23.02 6.23 14.76
C ILE A 92 23.57 7.59 14.31
N LYS A 93 22.74 8.35 13.57
CA LYS A 93 22.93 9.73 13.18
C LYS A 93 21.52 10.28 12.90
N ASP A 94 21.34 11.61 12.92
CA ASP A 94 20.02 12.18 12.68
C ASP A 94 19.58 11.91 11.24
N LYS A 95 18.30 11.59 11.04
CA LYS A 95 17.76 11.33 9.72
C LYS A 95 16.27 11.67 9.64
N PRO A 96 15.75 11.93 8.44
CA PRO A 96 14.32 12.11 8.20
C PRO A 96 13.62 10.76 8.11
N VAL A 97 12.29 10.77 8.23
CA VAL A 97 11.47 9.56 8.08
C VAL A 97 10.72 9.65 6.76
N GLN A 98 10.41 8.50 6.15
CA GLN A 98 9.79 8.49 4.82
C GLN A 98 8.28 8.60 4.92
N ILE A 99 7.65 9.14 3.87
CA ILE A 99 6.21 9.30 3.79
C ILE A 99 5.72 8.92 2.38
N ARG A 100 4.54 8.29 2.31
CA ARG A 100 3.92 7.93 1.04
C ARG A 100 2.41 7.80 1.22
N PRO A 101 1.63 8.81 0.81
CA PRO A 101 0.18 8.79 0.89
C PRO A 101 -0.45 7.94 -0.22
N TRP A 102 -1.74 7.58 -0.05
CA TRP A 102 -2.50 6.92 -1.11
C TRP A 102 -3.34 7.96 -1.85
N ASN A 103 -3.59 7.73 -3.14
CA ASN A 103 -4.33 8.67 -3.97
C ASN A 103 -5.64 8.08 -4.47
N LEU A 104 -6.58 8.97 -4.80
CA LEU A 104 -7.92 8.60 -5.20
C LEU A 104 -8.00 8.54 -6.72
N SER A 105 -7.43 7.49 -7.31
CA SER A 105 -7.48 7.29 -8.75
C SER A 105 -7.68 5.81 -9.09
N ASP A 106 -7.00 4.91 -8.36
CA ASP A 106 -7.15 3.47 -8.57
C ASP A 106 -6.83 2.75 -7.27
N SER A 107 -7.65 1.76 -6.91
CA SER A 107 -7.44 0.97 -5.70
C SER A 107 -7.95 -0.46 -5.88
N ASP A 108 -9.00 -0.64 -6.70
CA ASP A 108 -9.59 -1.94 -6.96
C ASP A 108 -10.21 -1.94 -8.36
N PHE A 109 -10.43 -3.14 -8.92
CA PHE A 109 -11.03 -3.29 -10.24
C PHE A 109 -11.81 -4.60 -10.31
N VAL A 110 -12.77 -4.69 -11.23
CA VAL A 110 -13.58 -5.90 -11.37
C VAL A 110 -13.61 -6.33 -12.83
N MET A 111 -13.50 -7.64 -13.06
CA MET A 111 -13.40 -8.17 -14.42
C MET A 111 -14.74 -8.72 -14.93
N ASP A 112 -15.74 -8.84 -14.05
CA ASP A 112 -17.03 -9.41 -14.44
C ASP A 112 -18.13 -8.96 -13.46
N GLY A 113 -17.86 -9.08 -12.16
CA GLY A 113 -18.75 -8.61 -11.11
C GLY A 113 -20.02 -9.44 -10.92
N SER A 114 -20.15 -10.58 -11.63
CA SER A 114 -21.33 -11.43 -11.52
C SER A 114 -20.96 -12.89 -11.29
N GLN A 115 -19.69 -13.26 -11.49
CA GLN A 115 -19.22 -14.62 -11.26
C GLN A 115 -18.80 -14.80 -9.80
N PRO A 116 -18.74 -16.06 -9.32
CA PRO A 116 -18.41 -16.39 -7.95
C PRO A 116 -17.04 -15.84 -7.50
N LEU A 117 -16.84 -15.82 -6.18
CA LEU A 117 -15.61 -15.35 -5.56
C LEU A 117 -15.29 -16.26 -4.37
N ASP A 118 -14.05 -16.76 -4.31
CA ASP A 118 -13.65 -17.69 -3.25
C ASP A 118 -12.17 -17.52 -2.93
N PRO A 119 -11.80 -17.26 -1.67
CA PRO A 119 -10.41 -17.16 -1.24
C PRO A 119 -9.58 -18.39 -1.57
N ARG A 120 -10.22 -19.54 -1.82
CA ARG A 120 -9.52 -20.77 -2.19
C ARG A 120 -9.16 -20.77 -3.68
N LYS A 121 -9.58 -19.74 -4.41
CA LYS A 121 -9.20 -19.54 -5.80
C LYS A 121 -8.64 -18.12 -5.97
N THR A 122 -8.04 -17.60 -4.89
CA THR A 122 -7.48 -16.25 -4.88
C THR A 122 -5.99 -16.31 -4.56
N ILE A 123 -5.21 -15.41 -5.17
CA ILE A 123 -3.76 -15.38 -5.03
C ILE A 123 -3.32 -14.09 -4.34
N PHE A 124 -2.22 -14.13 -3.59
CA PHE A 124 -1.62 -12.95 -3.00
C PHE A 124 -0.34 -12.62 -3.73
N VAL A 125 -0.04 -11.33 -3.89
CA VAL A 125 1.11 -10.87 -4.65
C VAL A 125 1.79 -9.72 -3.92
N GLY A 126 3.08 -9.86 -3.64
CA GLY A 126 3.83 -8.83 -2.92
C GLY A 126 5.16 -8.50 -3.58
N GLY A 127 5.73 -7.35 -3.22
CA GLY A 127 6.92 -6.82 -3.88
C GLY A 127 6.52 -5.94 -5.06
N VAL A 128 5.25 -5.52 -5.10
CA VAL A 128 4.72 -4.72 -6.19
C VAL A 128 5.26 -3.29 -6.15
N PRO A 129 5.34 -2.63 -7.31
CA PRO A 129 5.71 -1.22 -7.41
C PRO A 129 4.53 -0.34 -7.02
N ARG A 130 4.75 0.98 -6.90
CA ARG A 130 3.69 1.90 -6.48
C ARG A 130 2.64 2.17 -7.56
N PRO A 131 3.02 2.47 -8.81
CA PRO A 131 2.09 2.70 -9.90
C PRO A 131 1.55 1.40 -10.51
N LEU A 132 1.39 0.34 -9.70
CA LEU A 132 0.96 -0.95 -10.23
C LEU A 132 -0.42 -0.89 -10.87
N ARG A 133 -1.30 -0.03 -10.33
CA ARG A 133 -2.68 0.21 -10.76
C ARG A 133 -3.54 -1.06 -10.84
N ALA A 134 -4.64 -1.08 -10.09
CA ALA A 134 -5.51 -2.24 -10.03
C ALA A 134 -6.15 -2.55 -11.39
N VAL A 135 -6.35 -1.52 -12.21
CA VAL A 135 -6.97 -1.69 -13.53
C VAL A 135 -6.05 -2.46 -14.46
N GLU A 136 -4.79 -2.06 -14.54
CA GLU A 136 -3.85 -2.65 -15.49
C GLU A 136 -3.27 -3.95 -14.94
N LEU A 137 -3.31 -4.15 -13.63
CA LEU A 137 -2.87 -5.40 -13.03
C LEU A 137 -3.89 -6.48 -13.35
N ALA A 138 -5.17 -6.11 -13.45
CA ALA A 138 -6.24 -7.06 -13.71
C ALA A 138 -6.23 -7.50 -15.17
N MET A 139 -5.93 -6.58 -16.09
CA MET A 139 -5.92 -6.88 -17.51
C MET A 139 -4.73 -7.79 -17.86
N ILE A 140 -3.61 -7.63 -17.17
CA ILE A 140 -2.43 -8.44 -17.42
C ILE A 140 -2.68 -9.88 -16.99
N MET A 141 -3.39 -10.08 -15.88
CA MET A 141 -3.73 -11.43 -15.42
C MET A 141 -4.77 -12.06 -16.35
N ASP A 142 -5.53 -11.25 -17.08
CA ASP A 142 -6.50 -11.76 -18.02
C ASP A 142 -5.88 -12.04 -19.39
N ARG A 143 -4.66 -11.54 -19.64
CA ARG A 143 -3.95 -11.79 -20.89
C ARG A 143 -2.92 -12.91 -20.75
N LEU A 144 -2.47 -13.23 -19.54
CA LEU A 144 -1.49 -14.30 -19.33
C LEU A 144 -2.11 -15.51 -18.66
N TYR A 145 -3.33 -15.41 -18.11
CA TYR A 145 -3.96 -16.53 -17.45
C TYR A 145 -5.46 -16.61 -17.74
N GLY A 146 -6.12 -15.46 -17.88
CA GLY A 146 -7.55 -15.42 -18.14
C GLY A 146 -8.35 -15.93 -16.94
N GLY A 147 -9.67 -15.97 -17.09
CA GLY A 147 -10.57 -16.48 -16.08
C GLY A 147 -10.65 -15.58 -14.84
N VAL A 148 -10.10 -14.36 -14.90
CA VAL A 148 -10.10 -13.45 -13.77
C VAL A 148 -11.51 -12.89 -13.56
N CYS A 149 -11.88 -12.62 -12.31
CA CYS A 149 -13.16 -12.00 -12.00
C CYS A 149 -12.99 -10.79 -11.08
N TYR A 150 -11.91 -10.74 -10.31
CA TYR A 150 -11.62 -9.60 -9.44
C TYR A 150 -10.12 -9.44 -9.25
N ALA A 151 -9.67 -8.19 -9.04
CA ALA A 151 -8.27 -7.89 -8.80
C ALA A 151 -8.13 -6.51 -8.16
N GLY A 152 -7.02 -6.28 -7.44
CA GLY A 152 -6.76 -4.99 -6.83
C GLY A 152 -5.78 -5.13 -5.67
N ILE A 153 -5.69 -4.08 -4.83
CA ILE A 153 -4.83 -4.10 -3.67
C ILE A 153 -5.71 -4.39 -2.46
N ASP A 154 -5.30 -5.35 -1.62
CA ASP A 154 -6.06 -5.68 -0.41
C ASP A 154 -6.21 -4.42 0.42
N THR A 155 -7.44 -3.95 0.58
CA THR A 155 -7.72 -2.67 1.22
C THR A 155 -9.00 -2.75 2.04
N ASP A 156 -9.13 -1.85 3.02
CA ASP A 156 -10.29 -1.77 3.89
C ASP A 156 -10.69 -0.30 4.04
N PRO A 157 -11.99 0.01 3.89
CA PRO A 157 -12.51 1.36 3.85
C PRO A 157 -12.71 2.01 5.21
N GLU A 158 -12.52 1.29 6.34
CA GLU A 158 -12.86 1.86 7.63
C GLU A 158 -11.65 2.13 8.53
N LEU A 159 -10.66 1.25 8.59
CA LEU A 159 -9.48 1.51 9.41
C LEU A 159 -8.26 0.68 9.06
N LYS A 160 -8.40 -0.41 8.30
CA LYS A 160 -7.24 -1.27 8.04
C LYS A 160 -6.47 -0.82 6.81
N TYR A 161 -7.13 -0.16 5.86
CA TYR A 161 -6.50 0.46 4.70
C TYR A 161 -5.68 -0.52 3.85
N PRO A 162 -5.01 -0.08 2.78
CA PRO A 162 -4.23 -0.94 1.91
C PRO A 162 -3.18 -1.74 2.67
N LYS A 163 -2.82 -2.90 2.12
CA LYS A 163 -1.86 -3.82 2.70
C LYS A 163 -0.52 -3.76 1.97
N GLY A 164 -0.39 -2.83 1.01
CA GLY A 164 0.84 -2.67 0.25
C GLY A 164 1.12 -3.87 -0.66
N ALA A 165 0.13 -4.76 -0.80
CA ALA A 165 0.27 -5.97 -1.59
C ALA A 165 -1.03 -6.26 -2.34
N GLY A 166 -0.90 -6.89 -3.52
CA GLY A 166 -2.02 -7.12 -4.41
C GLY A 166 -2.67 -8.49 -4.17
N ARG A 167 -3.87 -8.64 -4.75
CA ARG A 167 -4.60 -9.90 -4.74
C ARG A 167 -5.39 -10.01 -6.04
N VAL A 168 -5.62 -11.24 -6.49
CA VAL A 168 -6.39 -11.50 -7.70
C VAL A 168 -7.24 -12.75 -7.48
N ALA A 169 -8.46 -12.75 -8.00
CA ALA A 169 -9.38 -13.86 -7.84
C ALA A 169 -9.83 -14.35 -9.20
N PHE A 170 -10.04 -15.66 -9.31
CA PHE A 170 -10.41 -16.30 -10.56
C PHE A 170 -11.71 -17.08 -10.41
N SER A 171 -12.46 -17.22 -11.51
CA SER A 171 -13.69 -18.00 -11.52
C SER A 171 -13.39 -19.48 -11.75
N ASN A 172 -12.10 -19.84 -11.84
CA ASN A 172 -11.69 -21.22 -12.07
C ASN A 172 -10.50 -21.56 -11.19
N GLN A 173 -10.51 -22.77 -10.61
CA GLN A 173 -9.42 -23.22 -9.76
C GLN A 173 -8.20 -23.58 -10.61
N GLN A 174 -8.39 -23.72 -11.92
CA GLN A 174 -7.31 -24.05 -12.84
C GLN A 174 -6.47 -22.81 -13.09
N SER A 175 -7.11 -21.65 -13.21
CA SER A 175 -6.41 -20.40 -13.43
C SER A 175 -5.74 -19.95 -12.13
N TYR A 176 -6.30 -20.36 -10.99
CA TYR A 176 -5.71 -20.05 -9.70
C TYR A 176 -4.38 -20.80 -9.54
N ILE A 177 -4.35 -22.11 -9.79
CA ILE A 177 -3.13 -22.89 -9.63
C ILE A 177 -2.12 -22.58 -10.73
N ALA A 178 -2.56 -21.88 -11.78
CA ALA A 178 -1.66 -21.42 -12.82
C ALA A 178 -1.03 -20.08 -12.44
N ALA A 179 -1.67 -19.32 -11.55
CA ALA A 179 -1.16 -18.03 -11.12
C ALA A 179 -0.18 -18.16 -9.95
N ILE A 180 -0.26 -19.26 -9.20
CA ILE A 180 0.69 -19.55 -8.12
C ILE A 180 1.63 -20.68 -8.53
N SER A 181 1.83 -20.84 -9.85
CA SER A 181 2.62 -21.93 -10.40
C SER A 181 4.12 -21.64 -10.32
N ALA A 182 4.49 -20.41 -10.04
CA ALA A 182 5.89 -20.03 -9.90
C ALA A 182 6.02 -18.77 -9.04
N ARG A 183 7.07 -18.70 -8.23
CA ARG A 183 7.31 -17.56 -7.35
C ARG A 183 7.35 -16.25 -8.12
N PHE A 184 7.89 -16.28 -9.35
CA PHE A 184 7.94 -15.10 -10.21
C PHE A 184 7.09 -15.35 -11.46
N VAL A 185 5.92 -14.72 -11.51
CA VAL A 185 5.02 -14.82 -12.64
C VAL A 185 5.34 -13.75 -13.68
N GLN A 186 4.90 -13.96 -14.91
CA GLN A 186 5.12 -13.00 -15.98
C GLN A 186 4.03 -11.94 -15.96
N LEU A 187 4.44 -10.69 -16.20
CA LEU A 187 3.51 -9.60 -16.39
C LEU A 187 3.94 -8.83 -17.63
N GLN A 188 3.20 -9.04 -18.72
CA GLN A 188 3.51 -8.44 -20.01
C GLN A 188 2.24 -7.95 -20.69
N HIS A 189 2.38 -6.93 -21.54
CA HIS A 189 1.26 -6.36 -22.26
C HIS A 189 1.71 -5.89 -23.65
N GLY A 190 2.84 -6.42 -24.12
CA GLY A 190 3.50 -6.02 -25.35
C GLY A 190 4.43 -4.85 -25.08
N GLU A 191 5.68 -4.96 -25.56
CA GLU A 191 6.74 -3.97 -25.35
C GLU A 191 6.94 -3.62 -23.86
N ILE A 192 6.45 -4.47 -22.95
CA ILE A 192 6.54 -4.26 -21.51
C ILE A 192 6.81 -5.59 -20.82
N ASP A 193 7.53 -5.54 -19.69
CA ASP A 193 7.82 -6.72 -18.90
C ASP A 193 8.03 -6.33 -17.43
N LYS A 194 7.40 -7.09 -16.53
CA LYS A 194 7.48 -6.89 -15.09
C LYS A 194 7.43 -8.24 -14.39
N ARG A 195 7.87 -8.29 -13.12
CA ARG A 195 7.85 -9.51 -12.32
C ARG A 195 7.52 -9.17 -10.87
N VAL A 196 6.97 -10.13 -10.14
CA VAL A 196 6.60 -9.96 -8.73
C VAL A 196 6.52 -11.31 -8.04
N GLU A 197 6.62 -11.32 -6.70
CA GLU A 197 6.58 -12.54 -5.91
C GLU A 197 5.14 -12.96 -5.64
N VAL A 198 4.86 -14.26 -5.67
CA VAL A 198 3.52 -14.78 -5.41
C VAL A 198 3.52 -15.86 -4.33
N LYS A 199 2.33 -16.13 -3.77
CA LYS A 199 2.12 -17.25 -2.88
C LYS A 199 0.64 -17.60 -2.83
N PRO A 200 0.31 -18.84 -2.42
CA PRO A 200 -1.07 -19.23 -2.19
C PRO A 200 -1.65 -18.30 -1.12
N TYR A 201 -2.87 -17.79 -1.32
CA TYR A 201 -3.40 -16.83 -0.37
C TYR A 201 -3.91 -17.52 0.90
N VAL A 202 -4.24 -16.73 1.90
CA VAL A 202 -4.54 -17.21 3.25
C VAL A 202 -5.91 -16.73 3.72
N LEU A 203 -6.45 -17.37 4.76
CA LEU A 203 -7.75 -17.02 5.32
C LEU A 203 -7.69 -17.18 6.84
N SER A 1 11.95 26.87 -6.53
CA SER A 1 11.35 25.71 -7.21
C SER A 1 9.99 25.36 -6.59
N HIS A 2 9.16 24.64 -7.34
CA HIS A 2 7.82 24.26 -6.90
C HIS A 2 7.50 22.83 -7.32
N GLN A 3 6.49 22.23 -6.68
CA GLN A 3 6.08 20.87 -6.99
C GLN A 3 5.24 20.84 -8.26
N ASN A 4 5.14 19.65 -8.88
CA ASN A 4 4.35 19.47 -10.09
C ASN A 4 2.89 19.12 -9.76
N GLY A 5 2.59 18.95 -8.47
CA GLY A 5 1.24 18.64 -8.00
C GLY A 5 0.37 19.90 -7.96
N GLU A 6 -0.86 19.75 -7.45
CA GLU A 6 -1.80 20.85 -7.34
C GLU A 6 -2.50 20.82 -5.99
N ARG A 7 -3.18 21.92 -5.63
CA ARG A 7 -3.85 22.07 -4.36
C ARG A 7 -5.15 21.25 -4.30
N VAL A 8 -5.69 21.08 -3.10
CA VAL A 8 -6.90 20.31 -2.82
C VAL A 8 -6.90 18.92 -3.46
N GLU A 9 -5.72 18.34 -3.66
CA GLU A 9 -5.59 17.01 -4.23
C GLU A 9 -6.19 15.97 -3.26
N ARG A 10 -6.76 14.89 -3.80
CA ARG A 10 -7.39 13.87 -2.98
C ARG A 10 -6.40 12.84 -2.48
N TYR A 11 -6.71 12.20 -1.35
CA TYR A 11 -5.83 11.25 -0.70
C TYR A 11 -6.61 10.30 0.19
N SER A 12 -5.94 9.26 0.68
CA SER A 12 -6.54 8.28 1.57
C SER A 12 -6.24 8.65 3.03
N ARG A 13 -6.97 8.02 3.96
CA ARG A 13 -6.76 8.21 5.38
C ARG A 13 -5.66 7.29 5.91
N LYS A 14 -4.93 6.62 5.00
CA LYS A 14 -3.79 5.80 5.36
C LYS A 14 -2.58 6.18 4.51
N VAL A 15 -1.41 6.17 5.15
CA VAL A 15 -0.17 6.59 4.52
C VAL A 15 1.01 5.80 5.09
N PHE A 16 2.02 5.54 4.26
CA PHE A 16 3.22 4.83 4.70
C PHE A 16 4.24 5.81 5.29
N VAL A 17 4.97 5.37 6.32
CA VAL A 17 6.09 6.12 6.87
C VAL A 17 7.30 5.20 6.93
N GLY A 18 8.39 5.60 6.27
CA GLY A 18 9.59 4.78 6.18
C GLY A 18 10.74 5.34 6.99
N GLY A 19 11.83 4.58 7.03
CA GLY A 19 13.08 5.03 7.60
C GLY A 19 12.98 5.35 9.09
N LEU A 20 12.09 4.68 9.83
CA LEU A 20 12.10 4.80 11.28
C LEU A 20 13.37 4.14 11.80
N PRO A 21 14.00 4.70 12.83
CA PRO A 21 15.22 4.16 13.41
C PRO A 21 14.90 2.91 14.23
N PRO A 22 15.91 2.21 14.76
CA PRO A 22 15.76 0.98 15.53
C PRO A 22 14.83 1.10 16.73
N ASP A 23 14.40 2.32 17.06
CA ASP A 23 13.46 2.56 18.15
C ASP A 23 12.26 3.36 17.62
N ILE A 24 11.98 4.53 18.22
CA ILE A 24 10.84 5.37 17.86
C ILE A 24 9.48 4.71 18.12
N ASP A 25 9.42 3.38 18.11
CA ASP A 25 8.25 2.57 18.43
C ASP A 25 6.95 3.17 17.89
N GLU A 26 6.05 3.61 18.78
CA GLU A 26 4.74 4.12 18.43
C GLU A 26 4.52 5.49 19.07
N ASP A 27 5.28 5.83 20.11
CA ASP A 27 5.05 7.06 20.87
C ASP A 27 5.65 8.27 20.18
N GLU A 28 6.90 8.14 19.72
CA GLU A 28 7.64 9.26 19.16
C GLU A 28 7.03 9.69 17.84
N ILE A 29 6.49 8.76 17.05
CA ILE A 29 5.91 9.09 15.76
C ILE A 29 4.46 9.55 15.92
N THR A 30 3.74 9.07 16.92
CA THR A 30 2.38 9.55 17.18
C THR A 30 2.45 10.98 17.71
N ALA A 31 3.64 11.44 18.11
CA ALA A 31 3.84 12.81 18.54
C ALA A 31 4.57 13.67 17.48
N SER A 32 5.21 13.05 16.48
CA SER A 32 5.94 13.81 15.46
C SER A 32 5.02 14.34 14.36
N PHE A 33 4.00 13.57 13.97
CA PHE A 33 3.11 13.95 12.88
C PHE A 33 1.82 14.58 13.39
N ARG A 34 1.69 14.74 14.72
CA ARG A 34 0.47 15.23 15.33
C ARG A 34 0.33 16.75 15.22
N ARG A 35 1.35 17.42 14.69
CA ARG A 35 1.34 18.87 14.52
C ARG A 35 0.49 19.30 13.33
N PHE A 36 0.08 18.34 12.49
CA PHE A 36 -0.75 18.62 11.33
C PHE A 36 -2.18 18.11 11.56
N GLY A 37 -2.34 17.19 12.51
CA GLY A 37 -3.64 16.64 12.85
C GLY A 37 -3.47 15.31 13.59
N PRO A 38 -4.50 14.85 14.31
CA PRO A 38 -4.45 13.59 15.05
C PRO A 38 -4.16 12.40 14.14
N LEU A 39 -3.34 11.47 14.62
CA LEU A 39 -2.99 10.28 13.86
C LEU A 39 -2.66 9.10 14.78
N ILE A 40 -2.65 7.90 14.20
CA ILE A 40 -2.25 6.68 14.90
C ILE A 40 -1.31 5.90 13.97
N VAL A 41 -0.57 4.93 14.49
CA VAL A 41 0.32 4.11 13.68
C VAL A 41 0.06 2.63 13.93
N ASP A 42 0.21 1.81 12.89
CA ASP A 42 -0.06 0.39 12.96
C ASP A 42 0.85 -0.39 11.99
N TRP A 43 0.89 -1.71 12.17
CA TRP A 43 1.65 -2.61 11.31
C TRP A 43 0.92 -3.95 11.25
N PRO A 44 1.18 -4.79 10.24
CA PRO A 44 0.41 -6.00 9.94
C PRO A 44 0.63 -7.08 11.01
N HIS A 45 1.60 -6.87 11.92
CA HIS A 45 1.95 -7.84 12.94
C HIS A 45 1.36 -7.49 14.31
N LYS A 46 0.53 -6.44 14.40
CA LYS A 46 -0.03 -6.02 15.68
C LYS A 46 -1.05 -7.03 16.22
N ALA A 47 -1.29 -6.92 17.52
CA ALA A 47 -2.15 -7.80 18.28
C ALA A 47 -3.53 -7.17 18.52
N GLU A 48 -4.04 -6.43 17.54
CA GLU A 48 -5.27 -5.66 17.64
C GLU A 48 -5.18 -4.63 18.78
N SER A 49 -3.96 -4.40 19.27
CA SER A 49 -3.65 -3.46 20.33
C SER A 49 -2.19 -3.01 20.18
N LYS A 50 -1.74 -2.05 20.99
CA LYS A 50 -0.37 -1.57 20.92
C LYS A 50 0.61 -2.67 21.30
N SER A 51 1.83 -2.61 20.74
CA SER A 51 2.86 -3.59 21.00
C SER A 51 4.26 -2.96 20.89
N TYR A 52 4.33 -1.70 20.44
CA TYR A 52 5.57 -0.98 20.22
C TYR A 52 6.53 -1.70 19.27
N PHE A 53 7.67 -1.06 18.99
CA PHE A 53 8.75 -1.61 18.17
C PHE A 53 8.24 -2.28 16.88
N PRO A 54 7.89 -1.48 15.86
CA PRO A 54 7.39 -1.98 14.59
C PRO A 54 8.49 -2.70 13.81
N PRO A 55 8.12 -3.52 12.82
CA PRO A 55 9.05 -4.27 11.99
C PRO A 55 10.21 -3.43 11.47
N LYS A 56 11.43 -3.93 11.68
CA LYS A 56 12.71 -3.32 11.30
C LYS A 56 12.76 -1.82 11.62
N GLY A 57 12.22 -1.01 10.72
CA GLY A 57 12.29 0.45 10.83
C GLY A 57 11.31 1.11 9.89
N TYR A 58 10.13 0.51 9.66
CA TYR A 58 9.11 1.12 8.81
C TYR A 58 7.72 0.79 9.36
N ALA A 59 6.76 1.70 9.17
CA ALA A 59 5.41 1.56 9.69
C ALA A 59 4.40 2.28 8.80
N PHE A 60 3.13 2.30 9.20
CA PHE A 60 2.07 2.92 8.41
C PHE A 60 1.11 3.68 9.33
N LEU A 61 0.72 4.89 8.93
CA LEU A 61 -0.12 5.75 9.76
C LEU A 61 -1.57 5.77 9.30
N LEU A 62 -2.46 5.97 10.28
CA LEU A 62 -3.87 6.20 10.05
C LEU A 62 -4.16 7.65 10.42
N PHE A 63 -5.04 8.31 9.66
CA PHE A 63 -5.36 9.71 9.88
C PHE A 63 -6.86 9.92 9.93
N GLN A 64 -7.28 11.07 10.47
CA GLN A 64 -8.68 11.42 10.61
C GLN A 64 -9.13 12.38 9.51
N ASP A 65 -8.24 13.25 9.05
CA ASP A 65 -8.58 14.23 8.02
C ASP A 65 -7.83 13.97 6.72
N GLU A 66 -8.42 14.36 5.59
CA GLU A 66 -7.81 14.17 4.28
C GLU A 66 -6.93 15.35 3.91
N SER A 67 -7.02 16.45 4.66
CA SER A 67 -6.18 17.63 4.47
C SER A 67 -5.06 17.68 5.50
N SER A 68 -5.08 16.78 6.49
CA SER A 68 -4.00 16.72 7.48
C SER A 68 -2.76 16.13 6.82
N VAL A 69 -2.94 15.20 5.89
CA VAL A 69 -1.84 14.61 5.14
C VAL A 69 -1.31 15.63 4.13
N GLN A 70 -2.17 16.56 3.71
CA GLN A 70 -1.78 17.57 2.73
C GLN A 70 -0.93 18.65 3.39
N ALA A 71 -1.12 18.91 4.69
CA ALA A 71 -0.34 19.92 5.38
C ALA A 71 1.05 19.40 5.71
N LEU A 72 1.17 18.12 6.06
CA LEU A 72 2.48 17.55 6.36
C LEU A 72 3.28 17.30 5.09
N ILE A 73 2.60 17.24 3.94
CA ILE A 73 3.25 17.07 2.65
C ILE A 73 3.56 18.41 2.00
N ASP A 74 2.91 19.50 2.44
CA ASP A 74 3.12 20.82 1.85
C ASP A 74 4.05 21.71 2.69
N ALA A 75 4.38 21.28 3.93
CA ALA A 75 5.22 22.06 4.81
C ALA A 75 6.52 21.35 5.18
N CYS A 76 6.88 20.27 4.45
CA CYS A 76 8.05 19.46 4.78
C CYS A 76 8.91 19.20 3.54
N ILE A 77 9.91 18.31 3.69
CA ILE A 77 10.94 18.06 2.69
C ILE A 77 10.34 17.24 1.56
N GLU A 78 10.92 17.34 0.36
CA GLU A 78 10.44 16.58 -0.79
C GLU A 78 11.61 15.92 -1.53
N GLU A 79 11.29 14.91 -2.36
CA GLU A 79 12.31 14.22 -3.16
C GLU A 79 11.68 13.78 -4.49
N ASP A 80 12.50 13.18 -5.36
CA ASP A 80 12.17 12.87 -6.75
C ASP A 80 10.79 12.23 -6.97
N GLY A 81 10.23 11.54 -5.98
CA GLY A 81 8.91 10.94 -6.11
C GLY A 81 8.18 10.77 -4.78
N LYS A 82 8.75 11.28 -3.68
CA LYS A 82 8.20 11.10 -2.35
C LYS A 82 8.47 12.34 -1.51
N LEU A 83 8.18 12.30 -0.21
CA LEU A 83 8.48 13.40 0.70
C LEU A 83 9.11 12.90 1.99
N TYR A 84 9.68 13.82 2.76
CA TYR A 84 10.35 13.49 4.01
C TYR A 84 10.02 14.50 5.11
N LEU A 85 10.14 14.08 6.38
CA LEU A 85 10.05 14.97 7.53
C LEU A 85 11.20 14.65 8.47
N CYS A 86 11.59 15.59 9.33
CA CYS A 86 12.68 15.36 10.27
C CYS A 86 12.14 15.03 11.65
N VAL A 87 12.72 14.00 12.28
CA VAL A 87 12.34 13.55 13.62
C VAL A 87 13.57 13.08 14.38
N SER A 88 13.44 12.94 15.70
CA SER A 88 14.54 12.48 16.55
C SER A 88 14.83 11.00 16.30
N SER A 89 16.08 10.59 16.50
CA SER A 89 16.50 9.21 16.30
C SER A 89 17.75 8.91 17.12
N PRO A 90 17.80 7.72 17.75
CA PRO A 90 18.95 7.24 18.52
C PRO A 90 20.10 6.70 17.65
N THR A 91 19.97 6.70 16.32
CA THR A 91 21.02 6.19 15.43
C THR A 91 21.90 7.36 14.99
N ILE A 92 21.43 8.57 15.29
CA ILE A 92 22.00 9.85 14.90
C ILE A 92 21.55 10.87 15.95
N LYS A 93 21.49 12.16 15.59
CA LYS A 93 20.87 13.17 16.44
C LYS A 93 19.42 13.36 16.00
N ASP A 94 19.19 13.29 14.69
CA ASP A 94 17.87 13.35 14.06
C ASP A 94 17.98 12.79 12.65
N LYS A 95 16.88 12.26 12.09
CA LYS A 95 16.92 11.70 10.74
C LYS A 95 15.64 11.98 9.96
N PRO A 96 15.75 12.33 8.67
CA PRO A 96 14.63 12.40 7.76
C PRO A 96 13.90 11.06 7.64
N VAL A 97 12.56 11.08 7.57
CA VAL A 97 11.76 9.87 7.38
C VAL A 97 10.84 10.09 6.19
N GLN A 98 10.61 9.05 5.38
CA GLN A 98 9.86 9.18 4.13
C GLN A 98 8.36 9.02 4.33
N ILE A 99 7.58 9.69 3.47
CA ILE A 99 6.12 9.61 3.44
C ILE A 99 5.63 9.31 2.02
N ARG A 100 4.56 8.52 1.90
CA ARG A 100 3.90 8.30 0.61
C ARG A 100 2.47 7.80 0.84
N PRO A 101 1.47 8.69 0.78
CA PRO A 101 0.06 8.34 0.95
C PRO A 101 -0.47 7.40 -0.13
N TRP A 102 -1.66 6.84 0.10
CA TRP A 102 -2.35 6.05 -0.90
C TRP A 102 -3.19 6.96 -1.79
N ASN A 103 -3.32 6.60 -3.07
CA ASN A 103 -4.05 7.39 -4.04
C ASN A 103 -5.38 6.75 -4.42
N LEU A 104 -6.37 7.59 -4.72
CA LEU A 104 -7.72 7.15 -5.05
C LEU A 104 -7.86 7.12 -6.56
N SER A 105 -7.62 5.96 -7.19
CA SER A 105 -7.72 5.85 -8.63
C SER A 105 -7.92 4.40 -9.09
N ASP A 106 -7.24 3.45 -8.47
CA ASP A 106 -7.28 2.05 -8.91
C ASP A 106 -7.24 1.06 -7.75
N SER A 107 -7.94 1.36 -6.65
CA SER A 107 -7.96 0.48 -5.49
C SER A 107 -8.67 -0.84 -5.77
N ASP A 108 -9.49 -0.91 -6.82
CA ASP A 108 -10.24 -2.11 -7.19
C ASP A 108 -10.59 -2.09 -8.68
N PHE A 109 -10.90 -3.25 -9.24
CA PHE A 109 -11.30 -3.38 -10.62
C PHE A 109 -12.15 -4.63 -10.81
N VAL A 110 -13.07 -4.62 -11.80
CA VAL A 110 -13.98 -5.74 -12.03
C VAL A 110 -13.91 -6.16 -13.49
N MET A 111 -14.00 -7.47 -13.74
CA MET A 111 -13.87 -8.01 -15.10
C MET A 111 -15.01 -8.94 -15.48
N ASP A 112 -16.02 -9.12 -14.61
CA ASP A 112 -17.14 -9.99 -14.93
C ASP A 112 -18.40 -9.62 -14.14
N GLY A 113 -18.24 -9.30 -12.85
CA GLY A 113 -19.39 -8.97 -12.01
C GLY A 113 -19.12 -9.21 -10.52
N SER A 114 -17.85 -9.43 -10.15
CA SER A 114 -17.48 -9.67 -8.75
C SER A 114 -18.27 -10.83 -8.14
N GLN A 115 -18.19 -12.01 -8.78
CA GLN A 115 -18.81 -13.22 -8.27
C GLN A 115 -18.28 -13.54 -6.87
N PRO A 116 -19.00 -14.33 -6.07
CA PRO A 116 -18.54 -14.73 -4.76
C PRO A 116 -17.21 -15.48 -4.86
N LEU A 117 -16.34 -15.30 -3.88
CA LEU A 117 -14.96 -15.78 -3.93
C LEU A 117 -14.64 -16.75 -2.80
N ASP A 118 -13.51 -17.44 -2.93
CA ASP A 118 -13.03 -18.38 -1.93
C ASP A 118 -11.51 -18.26 -1.82
N PRO A 119 -10.91 -18.62 -0.68
CA PRO A 119 -9.48 -18.47 -0.45
C PRO A 119 -8.68 -19.46 -1.28
N ARG A 120 -9.38 -20.38 -1.95
CA ARG A 120 -8.79 -21.40 -2.82
C ARG A 120 -8.91 -21.02 -4.30
N LYS A 121 -9.43 -19.82 -4.58
CA LYS A 121 -9.53 -19.31 -5.94
C LYS A 121 -8.94 -17.90 -6.04
N THR A 122 -8.17 -17.48 -5.03
CA THR A 122 -7.65 -16.12 -4.97
C THR A 122 -6.16 -16.12 -4.64
N ILE A 123 -5.40 -15.20 -5.26
CA ILE A 123 -3.96 -15.10 -5.09
C ILE A 123 -3.59 -13.81 -4.35
N PHE A 124 -2.46 -13.84 -3.63
CA PHE A 124 -1.94 -12.66 -2.96
C PHE A 124 -0.54 -12.37 -3.48
N VAL A 125 -0.18 -11.09 -3.63
CA VAL A 125 1.12 -10.69 -4.13
C VAL A 125 1.67 -9.51 -3.35
N GLY A 126 3.00 -9.42 -3.23
CA GLY A 126 3.66 -8.36 -2.49
C GLY A 126 4.99 -7.98 -3.14
N GLY A 127 5.54 -6.84 -2.72
CA GLY A 127 6.73 -6.29 -3.35
C GLY A 127 6.35 -5.57 -4.65
N VAL A 128 5.08 -5.19 -4.76
CA VAL A 128 4.55 -4.54 -5.96
C VAL A 128 5.24 -3.21 -6.24
N PRO A 129 5.28 -2.80 -7.51
CA PRO A 129 5.77 -1.49 -7.92
C PRO A 129 4.80 -0.40 -7.46
N ARG A 130 5.21 0.86 -7.55
CA ARG A 130 4.42 1.98 -7.02
C ARG A 130 3.08 2.18 -7.73
N PRO A 131 3.02 2.21 -9.07
CA PRO A 131 1.76 2.45 -9.77
C PRO A 131 0.83 1.24 -9.69
N LEU A 132 1.33 0.04 -10.04
CA LEU A 132 0.61 -1.23 -10.09
C LEU A 132 -0.72 -1.19 -10.86
N ARG A 133 -1.72 -0.54 -10.27
CA ARG A 133 -3.10 -0.43 -10.74
C ARG A 133 -3.80 -1.79 -10.81
N ALA A 134 -4.97 -1.89 -10.19
CA ALA A 134 -5.75 -3.12 -10.24
C ALA A 134 -6.25 -3.38 -11.65
N VAL A 135 -6.34 -2.33 -12.47
CA VAL A 135 -6.81 -2.44 -13.84
C VAL A 135 -5.76 -3.11 -14.72
N GLU A 136 -4.51 -2.66 -14.61
CA GLU A 136 -3.43 -3.15 -15.46
C GLU A 136 -2.91 -4.48 -14.92
N LEU A 137 -2.93 -4.64 -13.60
CA LEU A 137 -2.48 -5.87 -12.96
C LEU A 137 -3.42 -7.02 -13.33
N ALA A 138 -4.71 -6.74 -13.50
CA ALA A 138 -5.70 -7.77 -13.76
C ALA A 138 -5.82 -8.11 -15.24
N MET A 139 -5.49 -7.18 -16.13
CA MET A 139 -5.53 -7.44 -17.56
C MET A 139 -4.39 -8.39 -17.94
N ILE A 140 -3.26 -8.29 -17.24
CA ILE A 140 -2.14 -9.18 -17.48
C ILE A 140 -2.46 -10.57 -16.94
N MET A 141 -3.09 -10.64 -15.76
CA MET A 141 -3.55 -11.92 -15.21
C MET A 141 -4.54 -12.60 -16.15
N ASP A 142 -5.25 -11.86 -17.00
CA ASP A 142 -6.17 -12.48 -17.95
C ASP A 142 -5.47 -12.86 -19.25
N ARG A 143 -4.31 -12.25 -19.53
CA ARG A 143 -3.55 -12.52 -20.75
C ARG A 143 -2.62 -13.74 -20.59
N LEU A 144 -2.32 -14.14 -19.35
CA LEU A 144 -1.49 -15.32 -19.10
C LEU A 144 -2.28 -16.39 -18.35
N TYR A 145 -3.32 -15.99 -17.61
CA TYR A 145 -4.09 -16.90 -16.77
C TYR A 145 -5.59 -16.65 -16.97
N GLY A 146 -6.00 -16.51 -18.24
CA GLY A 146 -7.38 -16.20 -18.59
C GLY A 146 -8.38 -17.04 -17.81
N GLY A 147 -9.46 -16.38 -17.38
CA GLY A 147 -10.47 -16.98 -16.52
C GLY A 147 -10.65 -16.17 -15.23
N VAL A 148 -10.03 -14.98 -15.19
CA VAL A 148 -10.09 -14.09 -14.04
C VAL A 148 -11.48 -13.47 -13.89
N CYS A 149 -11.81 -12.96 -12.70
CA CYS A 149 -13.14 -12.39 -12.44
C CYS A 149 -13.07 -11.07 -11.70
N TYR A 150 -12.12 -10.91 -10.78
CA TYR A 150 -12.02 -9.71 -9.96
C TYR A 150 -10.57 -9.45 -9.56
N ALA A 151 -10.26 -8.19 -9.26
CA ALA A 151 -8.94 -7.79 -8.82
C ALA A 151 -9.02 -6.53 -7.97
N GLY A 152 -7.99 -6.28 -7.16
CA GLY A 152 -7.94 -5.09 -6.34
C GLY A 152 -6.73 -5.11 -5.43
N ILE A 153 -6.64 -4.10 -4.57
CA ILE A 153 -5.55 -4.00 -3.60
C ILE A 153 -6.03 -4.55 -2.27
N ASP A 154 -5.15 -5.21 -1.52
CA ASP A 154 -5.49 -5.73 -0.22
C ASP A 154 -5.90 -4.58 0.70
N THR A 155 -7.10 -4.68 1.26
CA THR A 155 -7.62 -3.69 2.19
C THR A 155 -8.25 -4.41 3.37
N ASP A 156 -8.05 -3.89 4.58
CA ASP A 156 -8.71 -4.45 5.75
C ASP A 156 -10.09 -3.81 5.85
N PRO A 157 -11.15 -4.63 5.97
CA PRO A 157 -12.54 -4.17 5.95
C PRO A 157 -12.97 -3.52 7.27
N GLU A 158 -12.13 -3.64 8.32
CA GLU A 158 -12.45 -3.08 9.62
C GLU A 158 -12.39 -1.56 9.57
N LEU A 159 -11.54 -1.02 8.68
CA LEU A 159 -11.34 0.42 8.54
C LEU A 159 -11.16 0.81 7.06
N LYS A 160 -11.34 -0.16 6.16
CA LYS A 160 -11.31 0.04 4.72
C LYS A 160 -10.05 0.75 4.21
N TYR A 161 -8.85 0.32 4.65
CA TYR A 161 -7.60 0.93 4.22
C TYR A 161 -6.67 -0.12 3.58
N PRO A 162 -5.78 0.29 2.67
CA PRO A 162 -4.90 -0.60 1.92
C PRO A 162 -3.77 -1.16 2.79
N LYS A 163 -3.02 -2.12 2.22
CA LYS A 163 -1.90 -2.76 2.89
C LYS A 163 -0.70 -2.87 1.95
N GLY A 164 -0.67 -2.06 0.89
CA GLY A 164 0.45 -2.01 -0.04
C GLY A 164 0.70 -3.33 -0.77
N ALA A 165 -0.28 -4.24 -0.77
CA ALA A 165 -0.16 -5.54 -1.41
C ALA A 165 -1.36 -5.80 -2.30
N GLY A 166 -1.19 -6.65 -3.32
CA GLY A 166 -2.25 -6.90 -4.29
C GLY A 166 -2.91 -8.26 -4.10
N ARG A 167 -4.11 -8.41 -4.66
CA ARG A 167 -4.82 -9.68 -4.66
C ARG A 167 -5.72 -9.75 -5.90
N VAL A 168 -5.87 -10.95 -6.47
CA VAL A 168 -6.65 -11.17 -7.67
C VAL A 168 -7.44 -12.47 -7.52
N ALA A 169 -8.61 -12.55 -8.13
CA ALA A 169 -9.47 -13.71 -8.02
C ALA A 169 -9.94 -14.18 -9.39
N PHE A 170 -10.12 -15.49 -9.54
CA PHE A 170 -10.49 -16.08 -10.81
C PHE A 170 -11.73 -16.98 -10.65
N SER A 171 -12.45 -17.18 -11.76
CA SER A 171 -13.64 -18.03 -11.75
C SER A 171 -13.30 -19.51 -11.75
N ASN A 172 -12.01 -19.86 -11.91
CA ASN A 172 -11.61 -21.25 -12.01
C ASN A 172 -10.42 -21.54 -11.09
N GLN A 173 -10.36 -22.75 -10.53
CA GLN A 173 -9.24 -23.17 -9.70
C GLN A 173 -8.01 -23.40 -10.58
N GLN A 174 -8.22 -23.64 -11.87
CA GLN A 174 -7.13 -23.86 -12.80
C GLN A 174 -6.38 -22.55 -13.04
N SER A 175 -7.12 -21.44 -13.11
CA SER A 175 -6.52 -20.13 -13.32
C SER A 175 -5.81 -19.69 -12.04
N TYR A 176 -6.29 -20.13 -10.89
CA TYR A 176 -5.69 -19.81 -9.61
C TYR A 176 -4.34 -20.50 -9.45
N ILE A 177 -4.28 -21.82 -9.65
CA ILE A 177 -3.03 -22.57 -9.48
C ILE A 177 -2.03 -22.20 -10.57
N ALA A 178 -2.50 -21.55 -11.65
CA ALA A 178 -1.61 -21.09 -12.70
C ALA A 178 -1.01 -19.74 -12.33
N ALA A 179 -1.71 -18.95 -11.50
CA ALA A 179 -1.23 -17.64 -11.10
C ALA A 179 -0.22 -17.74 -9.96
N ILE A 180 -0.28 -18.81 -9.15
CA ILE A 180 0.69 -19.07 -8.09
C ILE A 180 1.62 -20.20 -8.50
N SER A 181 1.80 -20.40 -9.81
CA SER A 181 2.63 -21.46 -10.35
C SER A 181 4.12 -21.12 -10.30
N ALA A 182 4.45 -19.86 -10.00
CA ALA A 182 5.83 -19.41 -9.92
C ALA A 182 5.93 -18.22 -8.98
N ARG A 183 7.02 -18.14 -8.20
CA ARG A 183 7.23 -17.07 -7.23
C ARG A 183 7.16 -15.70 -7.88
N PHE A 184 7.60 -15.58 -9.14
CA PHE A 184 7.56 -14.32 -9.86
C PHE A 184 6.79 -14.46 -11.16
N VAL A 185 5.66 -13.76 -11.24
CA VAL A 185 4.85 -13.69 -12.44
C VAL A 185 5.37 -12.53 -13.31
N GLN A 186 5.28 -12.67 -14.63
CA GLN A 186 5.69 -11.63 -15.54
C GLN A 186 4.57 -10.62 -15.69
N LEU A 187 4.91 -9.33 -15.61
CA LEU A 187 3.95 -8.25 -15.74
C LEU A 187 4.35 -7.34 -16.91
N GLN A 188 5.18 -7.86 -17.82
CA GLN A 188 5.63 -7.13 -19.00
C GLN A 188 4.45 -6.87 -19.92
N HIS A 189 4.50 -5.75 -20.66
CA HIS A 189 3.42 -5.38 -21.57
C HIS A 189 3.96 -4.65 -22.79
N GLY A 190 5.29 -4.61 -22.94
CA GLY A 190 5.98 -3.88 -24.00
C GLY A 190 7.44 -3.71 -23.62
N GLU A 191 8.00 -2.53 -23.86
CA GLU A 191 9.36 -2.21 -23.47
C GLU A 191 9.45 -1.99 -21.95
N ILE A 192 8.30 -2.02 -21.27
CA ILE A 192 8.19 -1.85 -19.82
C ILE A 192 8.37 -3.21 -19.15
N ASP A 193 8.84 -3.23 -17.91
CA ASP A 193 9.03 -4.46 -17.17
C ASP A 193 8.50 -4.32 -15.74
N LYS A 194 7.78 -5.35 -15.29
CA LYS A 194 7.14 -5.39 -13.97
C LYS A 194 7.17 -6.82 -13.44
N ARG A 195 7.28 -6.98 -12.13
CA ARG A 195 7.26 -8.27 -11.46
C ARG A 195 6.70 -8.13 -10.06
N VAL A 196 6.27 -9.25 -9.46
CA VAL A 196 5.81 -9.26 -8.07
C VAL A 196 5.99 -10.66 -7.48
N GLU A 197 6.17 -10.75 -6.17
CA GLU A 197 6.31 -12.04 -5.50
C GLU A 197 4.92 -12.55 -5.11
N VAL A 198 4.60 -13.79 -5.49
CA VAL A 198 3.27 -14.34 -5.26
C VAL A 198 3.23 -15.34 -4.11
N LYS A 199 2.05 -15.52 -3.54
CA LYS A 199 1.81 -16.59 -2.57
C LYS A 199 0.32 -16.91 -2.53
N PRO A 200 -0.05 -18.12 -2.06
CA PRO A 200 -1.44 -18.49 -1.84
C PRO A 200 -2.10 -17.50 -0.89
N TYR A 201 -3.36 -17.14 -1.15
CA TYR A 201 -4.06 -16.19 -0.30
C TYR A 201 -4.83 -16.92 0.80
N VAL A 202 -5.44 -16.15 1.70
CA VAL A 202 -6.05 -16.67 2.91
C VAL A 202 -7.23 -15.78 3.32
N LEU A 203 -8.20 -16.36 4.03
CA LEU A 203 -9.40 -15.66 4.47
C LEU A 203 -9.20 -14.99 5.83
N SER A 1 7.24 32.09 2.09
CA SER A 1 6.47 33.26 1.62
C SER A 1 5.22 32.83 0.86
N HIS A 2 5.40 32.12 -0.25
CA HIS A 2 4.29 31.64 -1.08
C HIS A 2 4.54 30.21 -1.54
N GLN A 3 3.49 29.56 -2.08
CA GLN A 3 3.57 28.21 -2.59
C GLN A 3 2.69 28.06 -3.83
N ASN A 4 2.89 26.97 -4.60
CA ASN A 4 2.13 26.72 -5.80
C ASN A 4 0.73 26.22 -5.47
N GLY A 5 -0.18 26.33 -6.44
CA GLY A 5 -1.56 25.90 -6.28
C GLY A 5 -2.22 25.57 -7.62
N GLU A 6 -1.44 25.54 -8.70
CA GLU A 6 -1.94 25.24 -10.04
C GLU A 6 -2.08 23.74 -10.28
N ARG A 7 -1.73 22.93 -9.26
CA ARG A 7 -1.81 21.48 -9.32
C ARG A 7 -2.22 20.94 -7.95
N VAL A 8 -2.92 19.79 -7.95
CA VAL A 8 -3.37 19.14 -6.74
C VAL A 8 -3.40 17.63 -6.94
N GLU A 9 -3.31 16.87 -5.84
CA GLU A 9 -3.32 15.41 -5.88
C GLU A 9 -4.35 14.88 -4.89
N ARG A 10 -4.68 13.59 -4.98
CA ARG A 10 -5.67 12.96 -4.13
C ARG A 10 -5.19 11.61 -3.64
N TYR A 11 -5.17 11.45 -2.31
CA TYR A 11 -4.78 10.20 -1.68
C TYR A 11 -5.56 9.99 -0.37
N SER A 12 -5.43 8.80 0.21
CA SER A 12 -6.20 8.38 1.37
C SER A 12 -5.52 8.77 2.68
N ARG A 13 -6.26 8.64 3.78
CA ARG A 13 -5.76 8.88 5.12
C ARG A 13 -4.88 7.73 5.62
N LYS A 14 -4.63 6.75 4.75
CA LYS A 14 -3.72 5.65 5.04
C LYS A 14 -2.45 5.84 4.21
N VAL A 15 -1.29 5.73 4.88
CA VAL A 15 -0.02 6.10 4.29
C VAL A 15 1.13 5.27 4.89
N PHE A 16 2.13 4.96 4.05
CA PHE A 16 3.34 4.32 4.53
C PHE A 16 4.27 5.38 5.10
N VAL A 17 4.86 5.07 6.27
CA VAL A 17 5.73 5.99 6.99
C VAL A 17 6.92 5.20 7.52
N GLY A 18 7.87 4.93 6.62
CA GLY A 18 9.04 4.15 6.95
C GLY A 18 10.33 4.93 6.74
N GLY A 19 11.40 4.48 7.39
CA GLY A 19 12.69 5.15 7.34
C GLY A 19 12.99 5.85 8.66
N LEU A 20 12.14 5.66 9.67
CA LEU A 20 12.39 6.12 11.02
C LEU A 20 13.46 5.18 11.63
N PRO A 21 13.99 5.44 12.83
CA PRO A 21 15.08 4.64 13.35
C PRO A 21 14.55 3.34 13.95
N PRO A 22 15.37 2.28 14.01
CA PRO A 22 15.04 1.03 14.68
C PRO A 22 14.86 1.20 16.19
N ASP A 23 14.75 2.45 16.67
CA ASP A 23 14.73 2.73 18.10
C ASP A 23 13.62 3.72 18.48
N ILE A 24 12.53 3.77 17.70
CA ILE A 24 11.39 4.63 18.00
C ILE A 24 10.14 3.76 18.08
N ASP A 25 9.16 4.20 18.87
CA ASP A 25 7.91 3.47 19.08
C ASP A 25 6.70 4.35 18.79
N GLU A 26 5.51 3.80 19.02
CA GLU A 26 4.24 4.44 18.73
C GLU A 26 4.13 5.87 19.29
N ASP A 27 4.90 6.20 20.33
CA ASP A 27 4.78 7.51 20.98
C ASP A 27 5.51 8.61 20.21
N GLU A 28 6.66 8.31 19.62
CA GLU A 28 7.48 9.34 18.97
C GLU A 28 7.01 9.58 17.55
N ILE A 29 6.38 8.57 16.93
CA ILE A 29 5.83 8.72 15.59
C ILE A 29 4.56 9.56 15.68
N THR A 30 3.72 9.28 16.67
CA THR A 30 2.49 10.04 16.85
C THR A 30 2.84 11.48 17.23
N ALA A 31 4.01 11.69 17.85
CA ALA A 31 4.44 13.02 18.23
C ALA A 31 5.02 13.78 17.03
N SER A 32 5.46 13.06 15.98
CA SER A 32 6.00 13.70 14.79
C SER A 32 4.93 14.13 13.79
N PHE A 33 3.76 13.47 13.80
CA PHE A 33 2.73 13.74 12.79
C PHE A 33 1.42 14.29 13.37
N ARG A 34 1.34 14.51 14.69
CA ARG A 34 0.12 15.08 15.28
C ARG A 34 0.06 16.60 15.12
N ARG A 35 1.11 17.19 14.53
CA ARG A 35 1.19 18.63 14.30
C ARG A 35 0.33 19.07 13.11
N PHE A 36 -0.24 18.12 12.37
CA PHE A 36 -1.08 18.44 11.21
C PHE A 36 -2.48 17.84 11.37
N GLY A 37 -2.75 17.20 12.51
CA GLY A 37 -4.05 16.58 12.78
C GLY A 37 -3.85 15.29 13.56
N PRO A 38 -4.91 14.77 14.20
CA PRO A 38 -4.83 13.57 15.01
C PRO A 38 -4.58 12.34 14.12
N LEU A 39 -3.72 11.44 14.59
CA LEU A 39 -3.38 10.23 13.86
C LEU A 39 -2.89 9.13 14.79
N ILE A 40 -2.74 7.92 14.25
CA ILE A 40 -2.16 6.79 14.96
C ILE A 40 -1.18 6.07 14.03
N VAL A 41 -0.30 5.25 14.59
CA VAL A 41 0.64 4.46 13.81
C VAL A 41 0.36 2.97 14.06
N ASP A 42 0.63 2.13 13.05
CA ASP A 42 0.31 0.72 13.15
C ASP A 42 1.20 -0.13 12.24
N TRP A 43 1.05 -1.44 12.43
CA TRP A 43 1.70 -2.47 11.61
C TRP A 43 0.71 -3.64 11.56
N PRO A 44 0.81 -4.52 10.56
CA PRO A 44 -0.21 -5.53 10.27
C PRO A 44 -0.40 -6.53 11.40
N HIS A 45 0.54 -6.59 12.35
CA HIS A 45 0.48 -7.56 13.43
C HIS A 45 0.06 -6.91 14.75
N LYS A 46 0.48 -5.64 14.94
CA LYS A 46 0.30 -4.86 16.17
C LYS A 46 0.53 -5.66 17.45
N ALA A 47 1.39 -6.69 17.37
CA ALA A 47 1.74 -7.56 18.49
C ALA A 47 0.51 -8.16 19.20
N GLU A 48 0.75 -8.78 20.36
CA GLU A 48 -0.31 -9.38 21.17
C GLU A 48 -0.98 -8.33 22.06
N SER A 49 -0.97 -7.07 21.64
CA SER A 49 -1.49 -5.94 22.41
C SER A 49 -0.78 -5.77 23.76
N LYS A 50 0.47 -6.27 23.87
CA LYS A 50 1.28 -6.16 25.07
C LYS A 50 2.51 -5.28 24.81
N SER A 51 2.61 -4.70 23.62
CA SER A 51 3.71 -3.81 23.25
C SER A 51 3.24 -2.78 22.22
N TYR A 52 4.07 -1.76 21.98
CA TYR A 52 3.75 -0.65 21.10
C TYR A 52 4.97 -0.23 20.29
N PHE A 53 5.84 -1.18 19.96
CA PHE A 53 7.10 -0.94 19.29
C PHE A 53 7.21 -1.89 18.09
N PRO A 54 7.44 -1.35 16.89
CA PRO A 54 7.55 -2.11 15.65
C PRO A 54 8.88 -2.87 15.61
N PRO A 55 8.96 -3.94 14.80
CA PRO A 55 10.14 -4.78 14.68
C PRO A 55 11.29 -4.10 13.94
N LYS A 56 11.01 -2.99 13.23
CA LYS A 56 12.03 -2.25 12.50
C LYS A 56 11.58 -0.79 12.35
N GLY A 57 12.49 0.07 11.88
CA GLY A 57 12.29 1.48 11.66
C GLY A 57 11.39 1.79 10.46
N TYR A 58 10.38 0.97 10.18
CA TYR A 58 9.38 1.30 9.19
C TYR A 58 8.01 0.76 9.59
N ALA A 59 7.00 1.62 9.46
CA ALA A 59 5.64 1.36 9.88
C ALA A 59 4.67 2.14 8.97
N PHE A 60 3.39 2.19 9.34
CA PHE A 60 2.36 2.84 8.54
C PHE A 60 1.48 3.71 9.42
N LEU A 61 0.91 4.79 8.86
CA LEU A 61 0.08 5.69 9.63
C LEU A 61 -1.40 5.56 9.27
N LEU A 62 -2.24 5.85 10.26
CA LEU A 62 -3.68 5.86 10.11
C LEU A 62 -4.17 7.23 10.57
N PHE A 63 -4.45 8.13 9.62
CA PHE A 63 -4.94 9.45 9.95
C PHE A 63 -6.45 9.42 10.14
N GLN A 64 -6.97 10.39 10.89
CA GLN A 64 -8.40 10.47 11.16
C GLN A 64 -9.12 11.23 10.07
N ASP A 65 -8.44 12.17 9.40
CA ASP A 65 -9.04 12.94 8.33
C ASP A 65 -8.21 12.92 7.05
N GLU A 66 -8.86 13.17 5.91
CA GLU A 66 -8.18 13.21 4.62
C GLU A 66 -7.50 14.57 4.44
N SER A 67 -7.92 15.59 5.20
CA SER A 67 -7.32 16.91 5.15
C SER A 67 -6.18 17.03 6.16
N SER A 68 -6.11 16.12 7.14
CA SER A 68 -5.02 16.11 8.10
C SER A 68 -3.75 15.64 7.43
N VAL A 69 -3.88 14.60 6.59
CA VAL A 69 -2.76 14.07 5.83
C VAL A 69 -2.42 14.99 4.66
N GLN A 70 -3.33 15.92 4.34
CA GLN A 70 -3.10 16.88 3.26
C GLN A 70 -2.17 17.99 3.74
N ALA A 71 -2.28 18.39 5.01
CA ALA A 71 -1.44 19.44 5.55
C ALA A 71 -0.03 18.93 5.85
N LEU A 72 0.09 17.68 6.32
CA LEU A 72 1.39 17.09 6.60
C LEU A 72 2.14 16.91 5.27
N ILE A 73 1.46 16.55 4.19
CA ILE A 73 2.12 16.30 2.91
C ILE A 73 2.29 17.59 2.11
N ASP A 74 1.66 18.69 2.54
CA ASP A 74 1.86 19.99 1.89
C ASP A 74 2.80 20.89 2.69
N ALA A 75 3.23 20.46 3.87
CA ALA A 75 4.09 21.29 4.72
C ALA A 75 5.38 20.59 5.17
N CYS A 76 5.69 19.39 4.66
CA CYS A 76 6.91 18.69 5.00
C CYS A 76 7.85 18.58 3.78
N ILE A 77 9.00 17.95 3.97
CA ILE A 77 10.07 17.91 2.96
C ILE A 77 9.60 17.07 1.79
N GLU A 78 10.04 17.41 0.57
CA GLU A 78 9.63 16.69 -0.61
C GLU A 78 10.84 16.29 -1.47
N GLU A 79 10.70 15.20 -2.22
CA GLU A 79 11.76 14.70 -3.10
C GLU A 79 11.16 14.20 -4.42
N ASP A 80 10.62 15.13 -5.20
CA ASP A 80 10.12 14.91 -6.56
C ASP A 80 9.12 13.77 -6.73
N GLY A 81 8.58 13.23 -5.62
CA GLY A 81 7.59 12.17 -5.69
C GLY A 81 7.35 11.50 -4.34
N LYS A 82 8.28 11.66 -3.40
CA LYS A 82 8.11 11.16 -2.04
C LYS A 82 8.36 12.32 -1.07
N LEU A 83 8.14 12.11 0.22
CA LEU A 83 8.33 13.16 1.21
C LEU A 83 9.09 12.65 2.44
N TYR A 84 9.53 13.58 3.29
CA TYR A 84 10.24 13.26 4.52
C TYR A 84 9.78 14.16 5.67
N LEU A 85 10.01 13.71 6.91
CA LEU A 85 9.84 14.53 8.10
C LEU A 85 10.83 14.03 9.15
N CYS A 86 11.17 14.86 10.15
CA CYS A 86 12.15 14.51 11.16
C CYS A 86 11.48 13.95 12.43
N VAL A 87 12.30 13.38 13.32
CA VAL A 87 11.85 12.79 14.58
C VAL A 87 12.71 13.30 15.73
N SER A 88 12.26 13.12 16.97
CA SER A 88 12.96 13.64 18.14
C SER A 88 13.71 12.58 18.94
N SER A 89 13.69 11.31 18.48
CA SER A 89 14.46 10.25 19.11
C SER A 89 15.21 9.40 18.08
N PRO A 90 15.94 10.04 17.14
CA PRO A 90 16.68 9.39 16.09
C PRO A 90 17.83 8.53 16.64
N THR A 91 18.24 7.51 15.87
CA THR A 91 19.32 6.60 16.26
C THR A 91 20.68 7.13 15.81
N ILE A 92 20.68 8.17 14.98
CA ILE A 92 21.88 8.74 14.38
C ILE A 92 21.69 10.27 14.36
N LYS A 93 22.71 11.02 13.95
CA LYS A 93 22.68 12.48 13.96
C LYS A 93 21.49 13.01 13.14
N ASP A 94 21.01 12.21 12.18
CA ASP A 94 19.81 12.52 11.40
C ASP A 94 19.02 11.23 11.15
N LYS A 95 17.70 11.34 11.01
CA LYS A 95 16.85 10.21 10.65
C LYS A 95 15.52 10.72 10.08
N PRO A 96 15.54 11.31 8.89
CA PRO A 96 14.32 11.72 8.22
C PRO A 96 13.53 10.49 7.80
N VAL A 97 12.26 10.40 8.25
CA VAL A 97 11.40 9.29 7.90
C VAL A 97 10.63 9.64 6.63
N GLN A 98 10.47 8.66 5.74
CA GLN A 98 9.88 8.88 4.43
C GLN A 98 8.37 8.67 4.45
N ILE A 99 7.64 9.34 3.55
CA ILE A 99 6.19 9.28 3.49
C ILE A 99 5.73 8.90 2.08
N ARG A 100 4.76 7.98 1.99
CA ARG A 100 4.18 7.58 0.71
C ARG A 100 2.69 7.23 0.91
N PRO A 101 1.77 8.17 0.65
CA PRO A 101 0.33 7.95 0.82
C PRO A 101 -0.24 7.15 -0.34
N TRP A 102 -1.45 6.61 -0.20
CA TRP A 102 -2.09 5.88 -1.28
C TRP A 102 -2.76 6.84 -2.26
N ASN A 103 -2.22 6.95 -3.49
CA ASN A 103 -2.87 7.76 -4.51
C ASN A 103 -4.16 7.09 -4.97
N LEU A 104 -5.14 7.89 -5.37
CA LEU A 104 -6.49 7.42 -5.63
C LEU A 104 -6.89 7.67 -7.07
N SER A 105 -6.82 6.59 -7.87
CA SER A 105 -7.20 6.63 -9.28
C SER A 105 -7.36 5.20 -9.82
N ASP A 106 -6.57 4.25 -9.31
CA ASP A 106 -6.62 2.87 -9.76
C ASP A 106 -6.48 1.89 -8.59
N SER A 107 -7.16 2.17 -7.48
CA SER A 107 -7.05 1.35 -6.28
C SER A 107 -7.61 -0.06 -6.48
N ASP A 108 -8.66 -0.18 -7.32
CA ASP A 108 -9.31 -1.45 -7.59
C ASP A 108 -9.91 -1.45 -9.00
N PHE A 109 -10.12 -2.65 -9.54
CA PHE A 109 -10.73 -2.80 -10.86
C PHE A 109 -11.39 -4.17 -10.98
N VAL A 110 -12.40 -4.28 -11.85
CA VAL A 110 -13.12 -5.53 -12.04
C VAL A 110 -13.52 -5.65 -13.51
N MET A 111 -13.60 -6.88 -14.03
CA MET A 111 -13.83 -7.12 -15.45
C MET A 111 -15.14 -7.85 -15.70
N ASP A 112 -16.02 -7.96 -14.70
CA ASP A 112 -17.29 -8.63 -14.86
C ASP A 112 -18.25 -8.17 -13.75
N GLY A 113 -17.73 -8.05 -12.52
CA GLY A 113 -18.47 -7.54 -11.38
C GLY A 113 -19.62 -8.45 -10.95
N SER A 114 -19.73 -9.65 -11.54
CA SER A 114 -20.85 -10.54 -11.26
C SER A 114 -20.48 -11.99 -10.98
N GLN A 115 -19.19 -12.36 -11.01
CA GLN A 115 -18.81 -13.73 -10.72
C GLN A 115 -18.62 -13.92 -9.21
N PRO A 116 -18.87 -15.12 -8.69
CA PRO A 116 -18.64 -15.46 -7.29
C PRO A 116 -17.13 -15.56 -7.04
N LEU A 117 -16.70 -15.22 -5.82
CA LEU A 117 -15.30 -15.22 -5.45
C LEU A 117 -15.12 -15.90 -4.09
N ASP A 118 -13.95 -16.49 -3.85
CA ASP A 118 -13.65 -17.16 -2.59
C ASP A 118 -12.19 -16.97 -2.23
N PRO A 119 -11.83 -17.03 -0.93
CA PRO A 119 -10.45 -16.95 -0.47
C PRO A 119 -9.59 -18.08 -1.05
N ARG A 120 -10.23 -19.18 -1.50
CA ARG A 120 -9.55 -20.30 -2.11
C ARG A 120 -9.39 -20.10 -3.63
N LYS A 121 -9.76 -18.91 -4.11
CA LYS A 121 -9.64 -18.55 -5.52
C LYS A 121 -8.93 -17.21 -5.67
N THR A 122 -8.21 -16.77 -4.64
CA THR A 122 -7.57 -15.45 -4.64
C THR A 122 -6.08 -15.57 -4.36
N ILE A 123 -5.29 -14.75 -5.08
CA ILE A 123 -3.83 -14.76 -4.97
C ILE A 123 -3.36 -13.46 -4.32
N PHE A 124 -2.23 -13.51 -3.61
CA PHE A 124 -1.62 -12.33 -3.02
C PHE A 124 -0.21 -12.17 -3.61
N VAL A 125 0.19 -10.93 -3.88
CA VAL A 125 1.50 -10.63 -4.43
C VAL A 125 2.07 -9.42 -3.71
N GLY A 126 3.39 -9.41 -3.43
CA GLY A 126 3.98 -8.34 -2.65
C GLY A 126 5.48 -8.16 -2.93
N GLY A 127 6.13 -7.29 -2.15
CA GLY A 127 7.53 -6.94 -2.36
C GLY A 127 7.66 -6.00 -3.55
N VAL A 128 6.62 -5.21 -3.83
CA VAL A 128 6.56 -4.40 -5.03
C VAL A 128 6.01 -3.00 -4.74
N PRO A 129 6.48 -1.97 -5.47
CA PRO A 129 5.90 -0.64 -5.43
C PRO A 129 4.50 -0.65 -6.06
N ARG A 130 3.90 0.52 -6.26
CA ARG A 130 2.50 0.63 -6.70
C ARG A 130 2.24 0.80 -8.20
N PRO A 131 3.22 0.76 -9.12
CA PRO A 131 2.96 1.01 -10.53
C PRO A 131 2.29 -0.17 -11.22
N LEU A 132 1.89 -1.22 -10.49
CA LEU A 132 1.24 -2.36 -11.09
C LEU A 132 -0.11 -1.97 -11.68
N ARG A 133 -0.82 -1.03 -11.01
CA ARG A 133 -2.15 -0.57 -11.40
C ARG A 133 -3.18 -1.71 -11.42
N ALA A 134 -4.28 -1.56 -10.69
CA ALA A 134 -5.28 -2.61 -10.59
C ALA A 134 -5.89 -2.95 -11.94
N VAL A 135 -5.97 -1.95 -12.84
CA VAL A 135 -6.55 -2.16 -14.16
C VAL A 135 -5.67 -3.07 -15.00
N GLU A 136 -4.37 -2.77 -15.08
CA GLU A 136 -3.47 -3.52 -15.94
C GLU A 136 -3.06 -4.83 -15.31
N LEU A 137 -3.11 -4.92 -13.98
CA LEU A 137 -2.81 -6.15 -13.28
C LEU A 137 -3.88 -7.19 -13.59
N ALA A 138 -5.13 -6.76 -13.76
CA ALA A 138 -6.22 -7.66 -14.06
C ALA A 138 -6.19 -8.12 -15.51
N MET A 139 -5.80 -7.23 -16.42
CA MET A 139 -5.81 -7.55 -17.85
C MET A 139 -4.69 -8.52 -18.20
N ILE A 140 -3.55 -8.42 -17.52
CA ILE A 140 -2.40 -9.26 -17.84
C ILE A 140 -2.59 -10.66 -17.27
N MET A 141 -3.14 -10.79 -16.06
CA MET A 141 -3.47 -12.09 -15.52
C MET A 141 -4.55 -12.76 -16.37
N ASP A 142 -5.37 -11.98 -17.07
CA ASP A 142 -6.41 -12.56 -17.91
C ASP A 142 -5.88 -12.89 -19.31
N ARG A 143 -4.72 -12.34 -19.68
CA ARG A 143 -4.10 -12.63 -20.97
C ARG A 143 -3.09 -13.77 -20.87
N LEU A 144 -2.61 -14.09 -19.65
CA LEU A 144 -1.64 -15.15 -19.47
C LEU A 144 -2.21 -16.34 -18.67
N TYR A 145 -3.37 -16.16 -18.01
CA TYR A 145 -3.96 -17.24 -17.24
C TYR A 145 -5.48 -17.32 -17.43
N GLY A 146 -6.12 -16.18 -17.70
CA GLY A 146 -7.57 -16.14 -17.88
C GLY A 146 -8.30 -16.44 -16.57
N GLY A 147 -9.63 -16.50 -16.66
CA GLY A 147 -10.48 -16.83 -15.53
C GLY A 147 -10.55 -15.74 -14.46
N VAL A 148 -9.98 -14.57 -14.73
CA VAL A 148 -9.96 -13.47 -13.77
C VAL A 148 -11.33 -12.78 -13.74
N CYS A 149 -11.68 -12.21 -12.59
CA CYS A 149 -12.92 -11.45 -12.46
C CYS A 149 -12.66 -10.12 -11.75
N TYR A 150 -11.85 -10.13 -10.67
CA TYR A 150 -11.64 -8.95 -9.85
C TYR A 150 -10.17 -8.77 -9.49
N ALA A 151 -9.76 -7.51 -9.28
CA ALA A 151 -8.39 -7.21 -8.88
C ALA A 151 -8.31 -5.90 -8.10
N GLY A 152 -7.18 -5.71 -7.40
CA GLY A 152 -6.93 -4.47 -6.68
C GLY A 152 -5.56 -4.50 -6.00
N ILE A 153 -5.11 -3.35 -5.50
CA ILE A 153 -3.85 -3.28 -4.78
C ILE A 153 -4.19 -3.44 -3.30
N ASP A 154 -4.11 -4.68 -2.82
CA ASP A 154 -4.61 -5.07 -1.51
C ASP A 154 -5.97 -4.45 -1.15
N THR A 155 -5.97 -3.21 -0.62
CA THR A 155 -7.19 -2.52 -0.24
C THR A 155 -8.04 -3.39 0.69
N ASP A 156 -7.41 -3.91 1.73
CA ASP A 156 -8.09 -4.78 2.69
C ASP A 156 -9.09 -3.99 3.53
N PRO A 157 -10.27 -4.56 3.82
CA PRO A 157 -11.31 -3.94 4.62
C PRO A 157 -11.08 -4.06 6.13
N GLU A 158 -10.19 -4.95 6.58
CA GLU A 158 -9.95 -5.17 8.00
C GLU A 158 -8.68 -4.44 8.45
N LEU A 159 -7.66 -4.40 7.59
CA LEU A 159 -6.44 -3.67 7.86
C LEU A 159 -6.54 -2.25 7.27
N LYS A 160 -7.65 -2.00 6.57
CA LYS A 160 -8.01 -0.72 5.94
C LYS A 160 -6.95 -0.20 4.97
N TYR A 161 -7.33 -0.13 3.69
CA TYR A 161 -6.50 0.37 2.61
C TYR A 161 -5.28 -0.54 2.37
N PRO A 162 -4.52 -0.33 1.28
CA PRO A 162 -3.47 -1.23 0.84
C PRO A 162 -2.39 -1.53 1.87
N LYS A 163 -1.64 -2.60 1.60
CA LYS A 163 -0.50 -3.03 2.40
C LYS A 163 0.75 -3.14 1.53
N GLY A 164 0.89 -2.26 0.53
CA GLY A 164 2.05 -2.26 -0.37
C GLY A 164 2.10 -3.55 -1.18
N ALA A 165 0.93 -4.17 -1.40
CA ALA A 165 0.83 -5.47 -2.05
C ALA A 165 -0.44 -5.53 -2.91
N GLY A 166 -0.52 -6.52 -3.79
CA GLY A 166 -1.67 -6.68 -4.68
C GLY A 166 -2.40 -7.99 -4.41
N ARG A 167 -3.63 -8.08 -4.92
CA ARG A 167 -4.43 -9.30 -4.86
C ARG A 167 -5.27 -9.39 -6.12
N VAL A 168 -5.57 -10.62 -6.55
CA VAL A 168 -6.40 -10.86 -7.72
C VAL A 168 -7.28 -12.06 -7.42
N ALA A 169 -8.52 -12.04 -7.92
CA ALA A 169 -9.46 -13.12 -7.65
C ALA A 169 -10.01 -13.68 -8.96
N PHE A 170 -10.21 -15.00 -8.98
CA PHE A 170 -10.63 -15.72 -10.17
C PHE A 170 -11.99 -16.37 -9.94
N SER A 171 -12.74 -16.57 -11.03
CA SER A 171 -14.02 -17.27 -10.97
C SER A 171 -13.80 -18.78 -11.05
N ASN A 172 -12.54 -19.22 -11.11
CA ASN A 172 -12.19 -20.63 -11.17
C ASN A 172 -11.00 -20.92 -10.25
N GLN A 173 -11.05 -22.05 -9.56
CA GLN A 173 -9.98 -22.46 -8.67
C GLN A 173 -8.78 -22.96 -9.48
N GLN A 174 -9.03 -23.37 -10.73
CA GLN A 174 -7.98 -23.85 -11.62
C GLN A 174 -7.10 -22.68 -12.06
N SER A 175 -7.71 -21.52 -12.33
CA SER A 175 -6.97 -20.35 -12.76
C SER A 175 -6.20 -19.75 -11.58
N TYR A 176 -6.73 -19.93 -10.36
CA TYR A 176 -6.05 -19.48 -9.16
C TYR A 176 -4.76 -20.27 -8.95
N ILE A 177 -4.80 -21.61 -9.02
CA ILE A 177 -3.61 -22.42 -8.80
C ILE A 177 -2.64 -22.31 -9.97
N ALA A 178 -3.09 -21.72 -11.09
CA ALA A 178 -2.21 -21.45 -12.20
C ALA A 178 -1.47 -20.12 -12.00
N ALA A 179 -2.03 -19.21 -11.20
CA ALA A 179 -1.42 -17.91 -10.94
C ALA A 179 -0.39 -17.98 -9.80
N ILE A 180 -0.51 -18.97 -8.91
CA ILE A 180 0.46 -19.20 -7.85
C ILE A 180 1.37 -20.39 -8.19
N SER A 181 1.52 -20.65 -9.49
CA SER A 181 2.28 -21.78 -10.00
C SER A 181 3.75 -21.42 -10.23
N ALA A 182 4.13 -20.18 -9.90
CA ALA A 182 5.48 -19.69 -10.11
C ALA A 182 5.90 -18.84 -8.92
N ARG A 183 6.87 -17.94 -9.12
CA ARG A 183 7.34 -17.04 -8.08
C ARG A 183 7.32 -15.60 -8.59
N PHE A 184 7.64 -15.42 -9.89
CA PHE A 184 7.60 -14.11 -10.52
C PHE A 184 6.77 -14.18 -11.79
N VAL A 185 5.54 -13.66 -11.72
CA VAL A 185 4.64 -13.58 -12.86
C VAL A 185 5.24 -12.68 -13.93
N GLN A 186 4.93 -12.97 -15.20
CA GLN A 186 5.38 -12.12 -16.29
C GLN A 186 4.32 -11.07 -16.57
N LEU A 187 4.77 -9.83 -16.82
CA LEU A 187 3.89 -8.71 -17.07
C LEU A 187 4.31 -8.02 -18.37
N GLN A 188 5.00 -8.77 -19.24
CA GLN A 188 5.60 -8.22 -20.45
C GLN A 188 4.62 -8.23 -21.61
N HIS A 189 4.56 -7.10 -22.33
CA HIS A 189 3.72 -6.95 -23.52
C HIS A 189 4.39 -6.02 -24.52
N GLY A 190 5.72 -5.90 -24.42
CA GLY A 190 6.52 -5.04 -25.28
C GLY A 190 6.61 -3.63 -24.71
N GLU A 191 7.82 -3.06 -24.74
CA GLU A 191 8.14 -1.72 -24.21
C GLU A 191 7.72 -1.53 -22.75
N ILE A 192 7.28 -2.59 -22.08
CA ILE A 192 6.83 -2.53 -20.69
C ILE A 192 7.23 -3.84 -19.98
N ASP A 193 7.62 -3.72 -18.71
CA ASP A 193 7.94 -4.88 -17.89
C ASP A 193 7.66 -4.55 -16.42
N LYS A 194 7.06 -5.52 -15.71
CA LYS A 194 6.73 -5.41 -14.30
C LYS A 194 6.93 -6.80 -13.68
N ARG A 195 7.06 -6.88 -12.35
CA ARG A 195 7.21 -8.16 -11.66
C ARG A 195 6.74 -8.04 -10.21
N VAL A 196 6.40 -9.17 -9.61
CA VAL A 196 6.04 -9.24 -8.20
C VAL A 196 6.21 -10.66 -7.69
N GLU A 197 6.49 -10.83 -6.40
CA GLU A 197 6.59 -12.16 -5.82
C GLU A 197 5.21 -12.64 -5.41
N VAL A 198 4.79 -13.83 -5.86
CA VAL A 198 3.46 -14.34 -5.59
C VAL A 198 3.44 -15.30 -4.42
N LYS A 199 2.28 -15.43 -3.76
CA LYS A 199 2.05 -16.46 -2.76
C LYS A 199 0.55 -16.75 -2.63
N PRO A 200 0.19 -17.94 -2.14
CA PRO A 200 -1.19 -18.28 -1.83
C PRO A 200 -1.75 -17.28 -0.83
N TYR A 201 -2.99 -16.84 -1.02
CA TYR A 201 -3.58 -15.86 -0.12
C TYR A 201 -4.34 -16.58 1.00
N VAL A 202 -4.76 -15.81 2.01
CA VAL A 202 -5.30 -16.36 3.25
C VAL A 202 -6.30 -15.38 3.85
N LEU A 203 -7.25 -15.90 4.63
CA LEU A 203 -8.27 -15.09 5.30
C LEU A 203 -8.60 -15.75 6.65
N SER A 1 -16.23 30.19 -2.00
CA SER A 1 -14.80 29.81 -1.97
C SER A 1 -14.42 29.04 -3.23
N HIS A 2 -13.11 28.97 -3.51
CA HIS A 2 -12.60 28.26 -4.68
C HIS A 2 -11.21 27.70 -4.38
N GLN A 3 -10.84 26.63 -5.09
CA GLN A 3 -9.54 25.97 -4.97
C GLN A 3 -9.07 25.50 -6.33
N ASN A 4 -7.75 25.37 -6.50
CA ASN A 4 -7.17 24.94 -7.77
C ASN A 4 -6.86 23.44 -7.77
N GLY A 5 -7.01 22.78 -6.62
CA GLY A 5 -6.77 21.34 -6.52
C GLY A 5 -7.97 20.55 -7.01
N GLU A 6 -7.73 19.34 -7.52
CA GLU A 6 -8.79 18.47 -8.00
C GLU A 6 -8.36 16.99 -7.97
N ARG A 7 -7.05 16.73 -8.07
CA ARG A 7 -6.53 15.37 -8.17
C ARG A 7 -5.26 15.18 -7.34
N VAL A 8 -5.03 16.06 -6.36
CA VAL A 8 -3.80 16.06 -5.58
C VAL A 8 -4.06 16.05 -4.07
N GLU A 9 -5.32 15.85 -3.66
CA GLU A 9 -5.71 15.81 -2.26
C GLU A 9 -6.63 14.63 -1.95
N ARG A 10 -6.97 13.84 -2.97
CA ARG A 10 -7.87 12.69 -2.83
C ARG A 10 -7.13 11.48 -2.27
N TYR A 11 -6.72 11.58 -1.00
CA TYR A 11 -5.94 10.53 -0.36
C TYR A 11 -6.80 9.59 0.48
N SER A 12 -6.25 8.40 0.77
CA SER A 12 -6.97 7.29 1.37
C SER A 12 -6.90 7.27 2.90
N ARG A 13 -6.74 8.42 3.55
CA ARG A 13 -6.61 8.49 5.00
C ARG A 13 -5.48 7.58 5.49
N LYS A 14 -4.51 7.28 4.62
CA LYS A 14 -3.40 6.39 4.92
C LYS A 14 -2.16 6.85 4.19
N VAL A 15 -1.02 6.80 4.89
CA VAL A 15 0.27 7.15 4.32
C VAL A 15 1.33 6.17 4.80
N PHE A 16 2.36 5.96 3.98
CA PHE A 16 3.52 5.19 4.38
C PHE A 16 4.46 6.12 5.15
N VAL A 17 5.20 5.58 6.12
CA VAL A 17 6.17 6.35 6.89
C VAL A 17 7.46 5.54 7.00
N GLY A 18 8.19 5.49 5.89
CA GLY A 18 9.46 4.78 5.84
C GLY A 18 10.56 5.61 6.49
N GLY A 19 11.49 4.93 7.15
CA GLY A 19 12.65 5.59 7.73
C GLY A 19 12.36 6.27 9.05
N LEU A 20 11.33 5.85 9.80
CA LEU A 20 11.15 6.37 11.15
C LEU A 20 12.38 5.97 11.95
N PRO A 21 12.78 6.78 12.94
CA PRO A 21 14.05 6.57 13.61
C PRO A 21 14.05 5.26 14.39
N PRO A 22 15.19 4.55 14.43
CA PRO A 22 15.29 3.27 15.12
C PRO A 22 15.03 3.37 16.63
N ASP A 23 15.01 2.20 17.28
CA ASP A 23 14.86 2.09 18.73
C ASP A 23 13.53 2.61 19.30
N ILE A 24 12.58 3.02 18.45
CA ILE A 24 11.23 3.37 18.88
C ILE A 24 10.24 2.70 17.93
N ASP A 25 8.94 2.73 18.25
CA ASP A 25 7.97 2.05 17.40
C ASP A 25 6.63 2.79 17.25
N GLU A 26 6.23 3.62 18.22
CA GLU A 26 4.92 4.25 18.16
C GLU A 26 4.88 5.57 18.93
N ASP A 27 5.59 5.69 20.05
CA ASP A 27 5.51 6.88 20.88
C ASP A 27 6.11 8.10 20.18
N GLU A 28 7.29 7.92 19.58
CA GLU A 28 8.03 9.03 19.00
C GLU A 28 7.35 9.53 17.73
N ILE A 29 6.76 8.62 16.94
CA ILE A 29 6.17 8.99 15.66
C ILE A 29 4.75 9.51 15.82
N THR A 30 3.97 8.96 16.75
CA THR A 30 2.61 9.43 16.97
C THR A 30 2.66 10.80 17.66
N ALA A 31 3.81 11.17 18.22
CA ALA A 31 4.01 12.51 18.76
C ALA A 31 4.62 13.47 17.73
N SER A 32 5.29 12.95 16.69
CA SER A 32 5.92 13.78 15.67
C SER A 32 4.96 14.24 14.57
N PHE A 33 3.82 13.56 14.40
CA PHE A 33 2.85 13.94 13.39
C PHE A 33 1.54 14.45 14.02
N ARG A 34 1.53 14.59 15.35
CA ARG A 34 0.36 15.00 16.11
C ARG A 34 -0.06 16.43 15.78
N ARG A 35 0.85 17.24 15.26
CA ARG A 35 0.58 18.64 14.95
C ARG A 35 -0.33 18.79 13.73
N PHE A 36 -0.69 17.68 13.08
CA PHE A 36 -1.54 17.70 11.91
C PHE A 36 -2.89 17.04 12.18
N GLY A 37 -3.23 16.86 13.45
CA GLY A 37 -4.49 16.24 13.85
C GLY A 37 -4.26 14.87 14.48
N PRO A 38 -5.35 14.21 14.93
CA PRO A 38 -5.28 12.91 15.57
C PRO A 38 -4.90 11.84 14.55
N LEU A 39 -4.24 10.79 15.03
CA LEU A 39 -3.62 9.79 14.17
C LEU A 39 -3.28 8.51 14.92
N ILE A 40 -3.05 7.44 14.15
CA ILE A 40 -2.57 6.17 14.68
C ILE A 40 -1.58 5.56 13.70
N VAL A 41 -0.86 4.53 14.12
CA VAL A 41 0.15 3.88 13.31
C VAL A 41 -0.09 2.37 13.27
N ASP A 42 0.43 1.71 12.23
CA ASP A 42 0.24 0.28 12.05
C ASP A 42 1.45 -0.34 11.34
N TRP A 43 1.64 -1.64 11.57
CA TRP A 43 2.58 -2.44 10.81
C TRP A 43 2.12 -3.90 10.92
N PRO A 44 2.47 -4.76 9.95
CA PRO A 44 1.91 -6.10 9.80
C PRO A 44 2.51 -7.05 10.84
N HIS A 45 3.56 -6.60 11.55
CA HIS A 45 4.24 -7.37 12.57
C HIS A 45 3.84 -6.93 13.97
N LYS A 46 2.79 -6.08 14.07
CA LYS A 46 2.28 -5.58 15.34
C LYS A 46 1.78 -6.74 16.20
N ALA A 47 1.98 -6.63 17.51
CA ALA A 47 1.57 -7.64 18.47
C ALA A 47 1.16 -6.99 19.79
N GLU A 48 0.61 -7.78 20.72
CA GLU A 48 0.17 -7.29 22.01
C GLU A 48 1.34 -7.14 22.99
N SER A 49 2.56 -7.46 22.54
CA SER A 49 3.76 -7.35 23.36
C SER A 49 4.26 -5.91 23.42
N LYS A 50 5.16 -5.64 24.36
CA LYS A 50 5.74 -4.31 24.57
C LYS A 50 7.08 -4.19 23.84
N SER A 51 7.15 -4.71 22.61
CA SER A 51 8.35 -4.67 21.80
C SER A 51 8.57 -3.27 21.21
N TYR A 52 9.75 -3.05 20.61
CA TYR A 52 10.12 -1.78 20.01
C TYR A 52 10.83 -2.01 18.68
N PHE A 53 11.05 -0.92 17.94
CA PHE A 53 11.75 -0.90 16.65
C PHE A 53 11.18 -1.89 15.63
N PRO A 54 10.27 -1.44 14.77
CA PRO A 54 9.72 -2.26 13.69
C PRO A 54 10.78 -2.44 12.61
N PRO A 55 10.60 -3.40 11.70
CA PRO A 55 11.57 -3.75 10.67
C PRO A 55 12.21 -2.53 10.00
N LYS A 56 13.48 -2.29 10.34
CA LYS A 56 14.31 -1.19 9.83
C LYS A 56 13.62 0.17 9.85
N GLY A 57 12.58 0.33 10.68
CA GLY A 57 11.90 1.61 10.81
C GLY A 57 10.95 1.90 9.65
N TYR A 58 10.29 0.87 9.09
CA TYR A 58 9.25 1.09 8.09
C TYR A 58 7.89 0.87 8.76
N ALA A 59 6.94 1.81 8.59
CA ALA A 59 5.60 1.69 9.16
C ALA A 59 4.59 2.46 8.34
N PHE A 60 3.32 2.50 8.78
CA PHE A 60 2.24 3.14 8.04
C PHE A 60 1.29 3.86 9.01
N LEU A 61 0.75 5.01 8.60
CA LEU A 61 -0.19 5.76 9.44
C LEU A 61 -1.63 5.55 8.99
N LEU A 62 -2.52 5.58 9.99
CA LEU A 62 -3.95 5.57 9.78
C LEU A 62 -4.48 6.92 10.27
N PHE A 63 -5.40 7.51 9.51
CA PHE A 63 -5.97 8.81 9.82
C PHE A 63 -7.50 8.73 9.72
N GLN A 64 -8.17 9.84 10.08
CA GLN A 64 -9.62 9.91 10.05
C GLN A 64 -10.08 10.93 9.03
N ASP A 65 -9.29 11.99 8.85
CA ASP A 65 -9.63 13.07 7.95
C ASP A 65 -8.66 13.15 6.78
N GLU A 66 -9.17 13.60 5.63
CA GLU A 66 -8.36 13.71 4.42
C GLU A 66 -7.47 14.96 4.46
N SER A 67 -7.78 15.91 5.35
CA SER A 67 -7.02 17.14 5.46
C SER A 67 -5.78 16.96 6.34
N SER A 68 -5.73 15.89 7.13
CA SER A 68 -4.61 15.64 8.04
C SER A 68 -3.37 15.18 7.28
N VAL A 69 -3.54 14.26 6.33
CA VAL A 69 -2.43 13.79 5.51
C VAL A 69 -2.00 14.91 4.57
N GLN A 70 -2.90 15.84 4.29
CA GLN A 70 -2.63 16.91 3.34
C GLN A 70 -1.82 18.01 4.02
N ALA A 71 -2.08 18.26 5.30
CA ALA A 71 -1.35 19.29 6.03
C ALA A 71 0.08 18.85 6.33
N LEU A 72 0.31 17.55 6.57
CA LEU A 72 1.65 17.09 6.87
C LEU A 72 2.49 16.95 5.61
N ILE A 73 1.85 16.77 4.46
CA ILE A 73 2.56 16.65 3.19
C ILE A 73 2.77 18.01 2.53
N ASP A 74 1.98 19.04 2.89
CA ASP A 74 2.09 20.35 2.27
C ASP A 74 2.86 21.35 3.15
N ALA A 75 3.09 21.02 4.42
CA ALA A 75 3.79 21.91 5.34
C ALA A 75 5.19 21.39 5.68
N CYS A 76 5.66 20.36 4.95
CA CYS A 76 6.94 19.72 5.22
C CYS A 76 7.78 19.62 3.96
N ILE A 77 8.85 18.82 4.00
CA ILE A 77 9.85 18.74 2.96
C ILE A 77 9.35 17.84 1.83
N GLU A 78 9.82 18.10 0.61
CA GLU A 78 9.47 17.27 -0.54
C GLU A 78 10.64 17.14 -1.49
N GLU A 79 10.63 16.10 -2.33
CA GLU A 79 11.65 15.90 -3.34
C GLU A 79 11.02 15.26 -4.59
N ASP A 80 11.81 15.12 -5.66
CA ASP A 80 11.34 14.71 -6.97
C ASP A 80 10.66 13.34 -7.02
N GLY A 81 10.63 12.59 -5.91
CA GLY A 81 9.98 11.29 -5.89
C GLY A 81 9.48 10.87 -4.51
N LYS A 82 9.67 11.71 -3.48
CA LYS A 82 9.32 11.35 -2.10
C LYS A 82 8.98 12.60 -1.30
N LEU A 83 8.38 12.40 -0.13
CA LEU A 83 8.08 13.47 0.83
C LEU A 83 8.89 13.20 2.09
N TYR A 84 9.17 14.23 2.90
CA TYR A 84 9.96 14.08 4.11
C TYR A 84 9.49 15.00 5.24
N LEU A 85 9.80 14.60 6.48
CA LEU A 85 9.63 15.43 7.65
C LEU A 85 10.88 15.29 8.52
N CYS A 86 11.08 16.22 9.46
CA CYS A 86 12.21 16.17 10.36
C CYS A 86 11.76 15.79 11.77
N VAL A 87 12.55 14.97 12.46
CA VAL A 87 12.23 14.50 13.80
C VAL A 87 13.51 14.09 14.54
N SER A 88 13.51 14.22 15.87
CA SER A 88 14.63 13.81 16.70
C SER A 88 14.81 12.29 16.66
N SER A 89 15.98 11.79 17.05
CA SER A 89 16.26 10.37 16.96
C SER A 89 17.26 9.92 18.03
N PRO A 90 17.15 8.68 18.51
CA PRO A 90 18.14 8.04 19.36
C PRO A 90 19.32 7.51 18.53
N THR A 91 19.20 7.54 17.20
CA THR A 91 20.22 7.04 16.28
C THR A 91 21.03 8.19 15.68
N ILE A 92 20.40 9.35 15.49
CA ILE A 92 20.99 10.50 14.83
C ILE A 92 20.55 11.77 15.57
N LYS A 93 21.13 12.93 15.24
CA LYS A 93 20.64 14.20 15.77
C LYS A 93 19.29 14.53 15.13
N ASP A 94 19.02 13.97 13.94
CA ASP A 94 17.75 14.13 13.25
C ASP A 94 17.57 13.01 12.22
N LYS A 95 16.33 12.60 11.96
CA LYS A 95 16.00 11.57 10.98
C LYS A 95 15.00 12.11 9.98
N PRO A 96 15.44 12.39 8.74
CA PRO A 96 14.55 12.69 7.64
C PRO A 96 13.66 11.48 7.36
N VAL A 97 12.44 11.49 7.91
CA VAL A 97 11.50 10.39 7.72
C VAL A 97 10.75 10.60 6.41
N GLN A 98 10.56 9.51 5.64
CA GLN A 98 9.98 9.58 4.31
C GLN A 98 8.48 9.26 4.34
N ILE A 99 7.71 9.90 3.45
CA ILE A 99 6.26 9.70 3.39
C ILE A 99 5.80 9.43 1.96
N ARG A 100 4.76 8.60 1.81
CA ARG A 100 4.09 8.36 0.54
C ARG A 100 2.61 8.07 0.81
N PRO A 101 1.70 8.98 0.45
CA PRO A 101 0.27 8.80 0.62
C PRO A 101 -0.30 7.88 -0.46
N TRP A 102 -1.53 7.38 -0.26
CA TRP A 102 -2.22 6.59 -1.28
C TRP A 102 -3.33 7.41 -1.92
N ASN A 103 -3.30 7.49 -3.25
CA ASN A 103 -4.37 8.10 -4.03
C ASN A 103 -5.31 7.02 -4.53
N LEU A 104 -6.62 7.23 -4.37
CA LEU A 104 -7.63 6.26 -4.77
C LEU A 104 -8.11 6.53 -6.19
N SER A 105 -7.87 5.54 -7.06
CA SER A 105 -8.29 5.58 -8.45
C SER A 105 -8.00 4.21 -9.08
N ASP A 106 -6.94 3.55 -8.61
CA ASP A 106 -6.54 2.24 -9.10
C ASP A 106 -6.49 1.20 -7.98
N SER A 107 -7.19 1.43 -6.88
CA SER A 107 -7.15 0.54 -5.73
C SER A 107 -7.73 -0.84 -6.05
N ASP A 108 -8.65 -0.93 -7.02
CA ASP A 108 -9.25 -2.19 -7.44
C ASP A 108 -9.88 -2.07 -8.82
N PHE A 109 -10.11 -3.22 -9.47
CA PHE A 109 -10.75 -3.27 -10.78
C PHE A 109 -11.41 -4.63 -11.02
N VAL A 110 -12.34 -4.68 -11.98
CA VAL A 110 -13.08 -5.88 -12.34
C VAL A 110 -13.17 -6.00 -13.85
N MET A 111 -13.22 -7.23 -14.38
CA MET A 111 -13.25 -7.45 -15.81
C MET A 111 -14.20 -8.57 -16.26
N ASP A 112 -15.08 -9.06 -15.38
CA ASP A 112 -15.96 -10.17 -15.74
C ASP A 112 -17.39 -9.96 -15.23
N GLY A 113 -17.79 -8.71 -15.01
CA GLY A 113 -19.12 -8.40 -14.51
C GLY A 113 -19.18 -8.37 -12.99
N SER A 114 -18.04 -8.13 -12.34
CA SER A 114 -17.94 -8.04 -10.88
C SER A 114 -18.63 -9.20 -10.17
N GLN A 115 -18.40 -10.42 -10.65
CA GLN A 115 -18.94 -11.63 -10.03
C GLN A 115 -18.40 -11.75 -8.60
N PRO A 116 -19.09 -12.48 -7.71
CA PRO A 116 -18.64 -12.69 -6.35
C PRO A 116 -17.35 -13.51 -6.32
N LEU A 117 -16.52 -13.29 -5.29
CA LEU A 117 -15.24 -13.97 -5.15
C LEU A 117 -15.30 -14.98 -4.01
N ASP A 118 -14.23 -15.78 -3.89
CA ASP A 118 -14.11 -16.78 -2.85
C ASP A 118 -12.64 -16.96 -2.50
N PRO A 119 -12.29 -17.12 -1.21
CA PRO A 119 -10.91 -17.24 -0.76
C PRO A 119 -10.21 -18.50 -1.29
N ARG A 120 -10.95 -19.46 -1.87
CA ARG A 120 -10.35 -20.63 -2.48
C ARG A 120 -10.05 -20.38 -3.95
N LYS A 121 -10.36 -19.18 -4.44
CA LYS A 121 -10.06 -18.77 -5.81
C LYS A 121 -9.28 -17.45 -5.83
N THR A 122 -8.56 -17.15 -4.75
CA THR A 122 -7.85 -15.88 -4.63
C THR A 122 -6.37 -16.10 -4.27
N ILE A 123 -5.51 -15.29 -4.89
CA ILE A 123 -4.05 -15.38 -4.72
C ILE A 123 -3.54 -14.13 -4.00
N PHE A 124 -2.45 -14.28 -3.23
CA PHE A 124 -1.82 -13.13 -2.59
C PHE A 124 -0.47 -12.85 -3.26
N VAL A 125 -0.10 -11.57 -3.28
CA VAL A 125 1.10 -11.11 -3.96
C VAL A 125 1.81 -10.09 -3.08
N GLY A 126 3.14 -10.16 -3.01
CA GLY A 126 3.92 -9.26 -2.17
C GLY A 126 5.23 -8.84 -2.85
N GLY A 127 5.66 -7.61 -2.55
CA GLY A 127 6.79 -7.00 -3.22
C GLY A 127 6.34 -6.16 -4.41
N VAL A 128 5.05 -5.83 -4.48
CA VAL A 128 4.49 -5.06 -5.58
C VAL A 128 4.96 -3.61 -5.52
N PRO A 129 5.14 -2.97 -6.69
CA PRO A 129 5.37 -1.54 -6.80
C PRO A 129 4.02 -0.84 -6.67
N ARG A 130 4.01 0.46 -6.35
CA ARG A 130 2.75 1.18 -6.20
C ARG A 130 2.09 1.46 -7.55
N PRO A 131 2.83 1.91 -8.58
CA PRO A 131 2.31 2.16 -9.92
C PRO A 131 1.81 0.91 -10.66
N LEU A 132 1.49 -0.18 -9.97
CA LEU A 132 1.12 -1.43 -10.65
C LEU A 132 -0.17 -1.28 -11.45
N ARG A 133 -1.07 -0.37 -11.02
CA ARG A 133 -2.33 -0.05 -11.68
C ARG A 133 -3.24 -1.26 -11.86
N ALA A 134 -4.30 -1.35 -11.07
CA ALA A 134 -5.20 -2.48 -11.10
C ALA A 134 -5.81 -2.72 -12.49
N VAL A 135 -5.85 -1.70 -13.35
CA VAL A 135 -6.38 -1.85 -14.70
C VAL A 135 -5.45 -2.73 -15.54
N GLU A 136 -4.17 -2.35 -15.63
CA GLU A 136 -3.23 -3.07 -16.47
C GLU A 136 -2.69 -4.30 -15.75
N LEU A 137 -2.79 -4.34 -14.43
CA LEU A 137 -2.39 -5.48 -13.64
C LEU A 137 -3.44 -6.59 -13.81
N ALA A 138 -4.71 -6.23 -13.97
CA ALA A 138 -5.76 -7.22 -14.16
C ALA A 138 -5.69 -7.80 -15.58
N MET A 139 -5.33 -6.97 -16.56
CA MET A 139 -5.26 -7.40 -17.95
C MET A 139 -4.12 -8.38 -18.15
N ILE A 140 -3.03 -8.21 -17.41
CA ILE A 140 -1.86 -9.07 -17.55
C ILE A 140 -2.12 -10.43 -16.91
N MET A 141 -2.74 -10.46 -15.73
CA MET A 141 -3.17 -11.72 -15.12
C MET A 141 -4.21 -12.41 -15.98
N ASP A 142 -4.90 -11.69 -16.87
CA ASP A 142 -5.87 -12.31 -17.76
C ASP A 142 -5.19 -12.84 -19.03
N ARG A 143 -4.00 -12.33 -19.36
CA ARG A 143 -3.27 -12.76 -20.54
C ARG A 143 -2.35 -13.95 -20.26
N LEU A 144 -2.06 -14.24 -18.98
CA LEU A 144 -1.25 -15.39 -18.60
C LEU A 144 -2.07 -16.39 -17.79
N TYR A 145 -3.14 -15.92 -17.16
CA TYR A 145 -3.98 -16.75 -16.29
C TYR A 145 -5.45 -16.46 -16.55
N GLY A 146 -5.82 -16.35 -17.83
CA GLY A 146 -7.16 -15.99 -18.26
C GLY A 146 -8.24 -16.75 -17.50
N GLY A 147 -9.31 -16.03 -17.15
CA GLY A 147 -10.40 -16.52 -16.33
C GLY A 147 -10.54 -15.70 -15.06
N VAL A 148 -9.84 -14.56 -15.00
CA VAL A 148 -9.84 -13.67 -13.85
C VAL A 148 -11.12 -12.84 -13.80
N CYS A 149 -11.45 -12.28 -12.63
CA CYS A 149 -12.65 -11.49 -12.46
C CYS A 149 -12.39 -10.20 -11.67
N TYR A 150 -11.38 -10.20 -10.80
CA TYR A 150 -11.14 -9.08 -9.90
C TYR A 150 -9.67 -8.99 -9.52
N ALA A 151 -9.14 -7.77 -9.44
CA ALA A 151 -7.76 -7.54 -9.03
C ALA A 151 -7.62 -6.18 -8.33
N GLY A 152 -6.57 -6.02 -7.52
CA GLY A 152 -6.31 -4.77 -6.85
C GLY A 152 -5.37 -4.94 -5.66
N ILE A 153 -5.36 -3.94 -4.77
CA ILE A 153 -4.57 -3.99 -3.56
C ILE A 153 -5.50 -4.34 -2.39
N ASP A 154 -5.03 -5.20 -1.49
CA ASP A 154 -5.81 -5.59 -0.32
C ASP A 154 -6.13 -4.37 0.53
N THR A 155 -7.37 -4.30 1.04
CA THR A 155 -7.84 -3.17 1.82
C THR A 155 -8.74 -3.65 2.96
N ASP A 156 -8.90 -2.82 3.98
CA ASP A 156 -9.83 -3.09 5.08
C ASP A 156 -10.98 -2.08 5.00
N PRO A 157 -12.23 -2.55 5.06
CA PRO A 157 -13.42 -1.74 4.89
C PRO A 157 -13.82 -0.97 6.15
N GLU A 158 -13.31 -1.35 7.32
CA GLU A 158 -13.72 -0.73 8.57
C GLU A 158 -12.86 0.50 8.88
N LEU A 159 -11.59 0.46 8.47
CA LEU A 159 -10.66 1.58 8.65
C LEU A 159 -10.32 2.21 7.29
N LYS A 160 -10.86 1.63 6.21
CA LYS A 160 -10.73 2.12 4.85
C LYS A 160 -9.29 2.48 4.48
N TYR A 161 -8.40 1.49 4.51
CA TYR A 161 -6.99 1.69 4.15
C TYR A 161 -6.42 0.43 3.50
N PRO A 162 -5.40 0.58 2.62
CA PRO A 162 -4.75 -0.53 1.96
C PRO A 162 -3.68 -1.19 2.82
N LYS A 163 -3.39 -2.46 2.54
CA LYS A 163 -2.30 -3.21 3.15
C LYS A 163 -1.05 -3.11 2.26
N GLY A 164 -1.16 -2.36 1.16
CA GLY A 164 -0.03 -2.14 0.25
C GLY A 164 0.44 -3.40 -0.45
N ALA A 165 -0.29 -4.50 -0.30
CA ALA A 165 0.05 -5.77 -0.92
C ALA A 165 -1.05 -6.19 -1.88
N GLY A 166 -0.68 -6.86 -2.97
CA GLY A 166 -1.60 -7.19 -4.03
C GLY A 166 -2.37 -8.48 -3.75
N ARG A 167 -3.59 -8.56 -4.30
CA ARG A 167 -4.38 -9.78 -4.28
C ARG A 167 -5.26 -9.79 -5.52
N VAL A 168 -5.44 -10.97 -6.10
CA VAL A 168 -6.19 -11.13 -7.33
C VAL A 168 -7.13 -12.32 -7.16
N ALA A 169 -8.31 -12.25 -7.74
CA ALA A 169 -9.29 -13.31 -7.62
C ALA A 169 -9.88 -13.65 -8.99
N PHE A 170 -10.26 -14.91 -9.17
CA PHE A 170 -10.70 -15.41 -10.46
C PHE A 170 -12.07 -16.07 -10.32
N SER A 171 -12.83 -16.08 -11.42
CA SER A 171 -14.13 -16.74 -11.44
C SER A 171 -13.98 -18.23 -11.74
N ASN A 172 -12.72 -18.70 -11.83
CA ASN A 172 -12.41 -20.10 -12.09
C ASN A 172 -11.31 -20.57 -11.14
N GLN A 173 -11.46 -21.76 -10.58
CA GLN A 173 -10.45 -22.31 -9.68
C GLN A 173 -9.24 -22.77 -10.48
N GLN A 174 -9.42 -23.01 -11.78
CA GLN A 174 -8.33 -23.41 -12.66
C GLN A 174 -7.37 -22.25 -12.87
N SER A 175 -7.92 -21.03 -12.94
CA SER A 175 -7.11 -19.83 -13.13
C SER A 175 -6.39 -19.47 -11.83
N TYR A 176 -7.00 -19.80 -10.69
CA TYR A 176 -6.39 -19.54 -9.40
C TYR A 176 -5.14 -20.42 -9.21
N ILE A 177 -5.25 -21.72 -9.45
CA ILE A 177 -4.12 -22.63 -9.26
C ILE A 177 -3.05 -22.38 -10.32
N ALA A 178 -3.41 -21.72 -11.42
CA ALA A 178 -2.45 -21.35 -12.44
C ALA A 178 -1.69 -20.08 -12.05
N ALA A 179 -2.27 -19.24 -11.19
CA ALA A 179 -1.64 -18.00 -10.77
C ALA A 179 -0.63 -18.22 -9.65
N ILE A 180 -0.85 -19.23 -8.80
CA ILE A 180 0.09 -19.62 -7.75
C ILE A 180 0.97 -20.78 -8.24
N SER A 181 1.10 -20.92 -9.56
CA SER A 181 1.84 -22.01 -10.17
C SER A 181 3.34 -21.70 -10.25
N ALA A 182 3.72 -20.44 -10.03
CA ALA A 182 5.11 -20.03 -10.06
C ALA A 182 5.33 -18.85 -9.11
N ARG A 183 6.41 -18.92 -8.34
CA ARG A 183 6.77 -17.87 -7.39
C ARG A 183 6.83 -16.49 -8.03
N PHE A 184 7.32 -16.42 -9.28
CA PHE A 184 7.39 -15.17 -10.01
C PHE A 184 6.45 -15.19 -11.22
N VAL A 185 5.33 -14.48 -11.11
CA VAL A 185 4.39 -14.31 -12.20
C VAL A 185 5.04 -13.53 -13.33
N GLN A 186 4.56 -13.72 -14.56
CA GLN A 186 5.08 -13.00 -15.72
C GLN A 186 4.21 -11.78 -15.99
N LEU A 187 4.87 -10.62 -16.15
CA LEU A 187 4.18 -9.36 -16.39
C LEU A 187 4.70 -8.72 -17.69
N GLN A 188 5.36 -9.52 -18.54
CA GLN A 188 6.07 -9.02 -19.69
C GLN A 188 5.19 -8.92 -20.93
N HIS A 189 5.02 -7.70 -21.44
CA HIS A 189 4.34 -7.45 -22.69
C HIS A 189 4.97 -6.20 -23.32
N GLY A 190 5.14 -6.19 -24.64
CA GLY A 190 5.81 -5.07 -25.29
C GLY A 190 7.23 -4.93 -24.75
N GLU A 191 7.62 -3.71 -24.37
CA GLU A 191 8.93 -3.43 -23.80
C GLU A 191 8.88 -3.34 -22.28
N ILE A 192 7.73 -3.68 -21.68
CA ILE A 192 7.52 -3.59 -20.24
C ILE A 192 7.96 -4.89 -19.57
N ASP A 193 8.45 -4.79 -18.33
CA ASP A 193 8.87 -5.94 -17.55
C ASP A 193 8.68 -5.67 -16.07
N LYS A 194 7.99 -6.59 -15.38
CA LYS A 194 7.74 -6.53 -13.94
C LYS A 194 7.75 -7.95 -13.40
N ARG A 195 8.00 -8.11 -12.09
CA ARG A 195 7.96 -9.40 -11.42
C ARG A 195 7.63 -9.20 -9.95
N VAL A 196 7.01 -10.21 -9.33
CA VAL A 196 6.64 -10.14 -7.92
C VAL A 196 6.41 -11.56 -7.37
N GLU A 197 6.50 -11.71 -6.05
CA GLU A 197 6.37 -12.99 -5.38
C GLU A 197 4.91 -13.32 -5.10
N VAL A 198 4.55 -14.62 -5.17
CA VAL A 198 3.18 -15.05 -4.91
C VAL A 198 3.10 -16.11 -3.84
N LYS A 199 1.89 -16.28 -3.28
CA LYS A 199 1.59 -17.40 -2.39
C LYS A 199 0.07 -17.58 -2.34
N PRO A 200 -0.40 -18.77 -1.93
CA PRO A 200 -1.82 -19.01 -1.72
C PRO A 200 -2.33 -18.00 -0.69
N TYR A 201 -3.47 -17.36 -0.94
CA TYR A 201 -3.94 -16.36 0.00
C TYR A 201 -4.50 -17.03 1.26
N VAL A 202 -4.59 -16.26 2.35
CA VAL A 202 -4.90 -16.76 3.68
C VAL A 202 -6.32 -16.37 4.11
N LEU A 203 -6.82 -17.03 5.15
CA LEU A 203 -8.16 -16.81 5.67
C LEU A 203 -8.11 -16.82 7.20
N SER A 1 -3.68 32.03 -12.66
CA SER A 1 -3.51 31.00 -11.63
C SER A 1 -2.47 29.96 -12.04
N HIS A 2 -1.91 29.25 -11.06
CA HIS A 2 -0.88 28.24 -11.31
C HIS A 2 -1.16 26.95 -10.56
N GLN A 3 -2.32 26.85 -9.89
CA GLN A 3 -2.72 25.68 -9.14
C GLN A 3 -3.67 24.80 -9.95
N ASN A 4 -3.95 25.20 -11.19
CA ASN A 4 -4.85 24.49 -12.10
C ASN A 4 -4.28 24.46 -13.52
N GLY A 5 -4.96 23.75 -14.42
CA GLY A 5 -4.53 23.61 -15.80
C GLY A 5 -3.44 22.55 -15.96
N GLU A 6 -3.18 21.76 -14.90
CA GLU A 6 -2.16 20.73 -14.90
C GLU A 6 -2.69 19.50 -14.16
N ARG A 7 -2.18 18.31 -14.51
CA ARG A 7 -2.61 17.05 -13.91
C ARG A 7 -2.10 16.93 -12.48
N VAL A 8 -2.97 16.47 -11.58
CA VAL A 8 -2.66 16.30 -10.17
C VAL A 8 -3.31 15.02 -9.65
N GLU A 9 -2.99 14.63 -8.41
CA GLU A 9 -3.55 13.44 -7.77
C GLU A 9 -4.08 13.80 -6.38
N ARG A 10 -4.82 12.88 -5.76
CA ARG A 10 -5.41 13.09 -4.45
C ARG A 10 -4.99 11.97 -3.50
N TYR A 11 -5.11 12.20 -2.19
CA TYR A 11 -4.61 11.27 -1.19
C TYR A 11 -5.70 10.70 -0.31
N SER A 12 -5.41 9.57 0.31
CA SER A 12 -6.30 8.89 1.22
C SER A 12 -5.93 9.24 2.66
N ARG A 13 -6.73 8.80 3.63
CA ARG A 13 -6.48 9.02 5.04
C ARG A 13 -5.40 8.08 5.57
N LYS A 14 -4.45 7.69 4.70
CA LYS A 14 -3.37 6.79 5.05
C LYS A 14 -2.08 7.18 4.34
N VAL A 15 -0.96 7.01 5.05
CA VAL A 15 0.36 7.27 4.48
C VAL A 15 1.35 6.21 4.98
N PHE A 16 2.41 5.98 4.21
CA PHE A 16 3.53 5.17 4.66
C PHE A 16 4.58 6.12 5.23
N VAL A 17 5.06 5.83 6.44
CA VAL A 17 6.11 6.61 7.06
C VAL A 17 7.38 5.79 7.08
N GLY A 18 8.20 5.99 6.04
CA GLY A 18 9.43 5.27 5.89
C GLY A 18 10.57 5.96 6.64
N GLY A 19 11.59 5.20 7.00
CA GLY A 19 12.81 5.77 7.54
C GLY A 19 12.64 6.41 8.90
N LEU A 20 11.67 5.96 9.72
CA LEU A 20 11.57 6.44 11.08
C LEU A 20 12.67 5.78 11.90
N PRO A 21 13.27 6.50 12.88
CA PRO A 21 14.42 6.03 13.60
C PRO A 21 14.09 4.74 14.37
N PRO A 22 14.79 3.63 14.09
CA PRO A 22 14.57 2.33 14.71
C PRO A 22 14.64 2.32 16.24
N ASP A 23 15.10 3.40 16.86
CA ASP A 23 15.26 3.45 18.31
C ASP A 23 13.96 3.78 19.03
N ILE A 24 12.89 4.14 18.31
CA ILE A 24 11.60 4.45 18.89
C ILE A 24 10.51 3.93 17.97
N ASP A 25 9.26 3.92 18.46
CA ASP A 25 8.13 3.48 17.65
C ASP A 25 6.82 3.91 18.29
N GLU A 26 5.71 3.56 17.65
CA GLU A 26 4.34 3.81 18.09
C GLU A 26 4.10 5.22 18.62
N ASP A 27 4.10 5.40 19.95
CA ASP A 27 3.72 6.66 20.57
C ASP A 27 4.58 7.84 20.10
N GLU A 28 5.84 7.60 19.71
CA GLU A 28 6.73 8.67 19.28
C GLU A 28 6.43 9.06 17.84
N ILE A 29 5.85 8.14 17.06
CA ILE A 29 5.47 8.41 15.68
C ILE A 29 4.20 9.25 15.70
N THR A 30 3.24 8.84 16.53
CA THR A 30 1.98 9.54 16.70
C THR A 30 2.24 10.93 17.27
N ALA A 31 3.40 11.14 17.92
CA ALA A 31 3.77 12.44 18.44
C ALA A 31 4.59 13.26 17.43
N SER A 32 5.17 12.63 16.40
CA SER A 32 5.96 13.35 15.41
C SER A 32 5.07 14.05 14.38
N PHE A 33 3.87 13.54 14.13
CA PHE A 33 2.98 14.12 13.14
C PHE A 33 1.70 14.69 13.75
N ARG A 34 1.65 14.82 15.09
CA ARG A 34 0.46 15.29 15.79
C ARG A 34 0.12 16.74 15.45
N ARG A 35 1.09 17.50 14.94
CA ARG A 35 0.91 18.92 14.66
C ARG A 35 0.07 19.19 13.41
N PHE A 36 -0.38 18.14 12.72
CA PHE A 36 -1.16 18.28 11.49
C PHE A 36 -2.59 17.75 11.64
N GLY A 37 -2.91 17.16 12.80
CA GLY A 37 -4.24 16.64 13.07
C GLY A 37 -4.16 15.33 13.85
N PRO A 38 -5.31 14.75 14.22
CA PRO A 38 -5.39 13.49 14.94
C PRO A 38 -4.99 12.34 14.03
N LEU A 39 -4.34 11.33 14.61
CA LEU A 39 -3.71 10.26 13.84
C LEU A 39 -3.44 9.03 14.71
N ILE A 40 -3.22 7.89 14.06
CA ILE A 40 -2.82 6.66 14.72
C ILE A 40 -1.75 5.99 13.86
N VAL A 41 -0.96 5.07 14.44
CA VAL A 41 0.05 4.34 13.69
C VAL A 41 -0.17 2.85 13.83
N ASP A 42 0.11 2.10 12.75
CA ASP A 42 -0.14 0.67 12.72
C ASP A 42 0.85 -0.03 11.80
N TRP A 43 0.88 -1.36 11.90
CA TRP A 43 1.69 -2.22 11.03
C TRP A 43 1.04 -3.60 11.07
N PRO A 44 1.32 -4.52 10.14
CA PRO A 44 0.59 -5.76 10.00
C PRO A 44 0.97 -6.75 11.10
N HIS A 45 2.09 -6.48 11.78
CA HIS A 45 2.62 -7.31 12.84
C HIS A 45 2.06 -6.88 14.21
N LYS A 46 1.21 -5.85 14.24
CA LYS A 46 0.63 -5.31 15.46
C LYS A 46 -0.37 -6.33 16.02
N ALA A 47 -0.03 -6.94 17.16
CA ALA A 47 -0.87 -7.93 17.79
C ALA A 47 -0.56 -8.03 19.29
N GLU A 48 -1.50 -8.62 20.03
CA GLU A 48 -1.42 -8.87 21.48
C GLU A 48 -1.21 -7.60 22.32
N SER A 49 -1.00 -6.44 21.70
CA SER A 49 -0.76 -5.18 22.39
C SER A 49 0.41 -5.26 23.37
N LYS A 50 1.37 -6.15 23.11
CA LYS A 50 2.56 -6.34 23.94
C LYS A 50 3.85 -6.30 23.13
N SER A 51 3.78 -5.78 21.90
CA SER A 51 4.94 -5.64 21.03
C SER A 51 4.94 -4.25 20.39
N TYR A 52 6.12 -3.68 20.18
CA TYR A 52 6.24 -2.31 19.67
C TYR A 52 7.40 -2.14 18.69
N PHE A 53 8.16 -3.20 18.41
CA PHE A 53 9.35 -3.11 17.57
C PHE A 53 9.52 -4.23 16.54
N PRO A 54 8.44 -4.87 16.03
CA PRO A 54 8.58 -5.89 15.02
C PRO A 54 9.11 -5.39 13.67
N PRO A 55 8.88 -4.14 13.22
CA PRO A 55 9.50 -3.64 12.00
C PRO A 55 10.92 -3.17 12.29
N LYS A 56 11.70 -2.90 11.24
CA LYS A 56 13.06 -2.42 11.39
C LYS A 56 13.06 -0.93 11.69
N GLY A 57 12.33 -0.14 10.90
CA GLY A 57 12.33 1.32 11.04
C GLY A 57 11.33 1.98 10.10
N TYR A 58 10.17 1.34 9.89
CA TYR A 58 9.14 1.88 9.01
C TYR A 58 7.76 1.51 9.55
N ALA A 59 6.75 2.33 9.28
CA ALA A 59 5.39 2.10 9.77
C ALA A 59 4.38 2.81 8.85
N PHE A 60 3.10 2.77 9.22
CA PHE A 60 2.04 3.37 8.42
C PHE A 60 1.05 4.10 9.33
N LEU A 61 0.53 5.25 8.89
CA LEU A 61 -0.40 6.04 9.68
C LEU A 61 -1.83 5.98 9.16
N LEU A 62 -2.76 6.13 10.10
CA LEU A 62 -4.18 6.32 9.78
C LEU A 62 -4.54 7.74 10.23
N PHE A 63 -5.46 8.37 9.49
CA PHE A 63 -5.89 9.74 9.78
C PHE A 63 -7.40 9.85 9.71
N GLN A 64 -7.92 10.99 10.18
CA GLN A 64 -9.35 11.23 10.20
C GLN A 64 -9.78 12.20 9.10
N ASP A 65 -8.86 13.06 8.63
CA ASP A 65 -9.17 14.02 7.60
C ASP A 65 -8.27 13.88 6.37
N GLU A 66 -8.80 14.30 5.21
CA GLU A 66 -8.05 14.31 3.96
C GLU A 66 -7.24 15.60 3.86
N SER A 67 -7.57 16.59 4.70
CA SER A 67 -6.85 17.85 4.75
C SER A 67 -5.70 17.77 5.76
N SER A 68 -5.71 16.77 6.64
CA SER A 68 -4.65 16.58 7.61
C SER A 68 -3.41 16.01 6.93
N VAL A 69 -3.60 15.09 6.00
CA VAL A 69 -2.50 14.53 5.22
C VAL A 69 -2.00 15.58 4.23
N GLN A 70 -2.85 16.56 3.91
CA GLN A 70 -2.49 17.59 2.95
C GLN A 70 -1.59 18.62 3.62
N ALA A 71 -1.74 18.83 4.93
CA ALA A 71 -0.93 19.79 5.66
C ALA A 71 0.45 19.21 5.96
N LEU A 72 0.54 17.91 6.24
CA LEU A 72 1.83 17.29 6.56
C LEU A 72 2.63 17.00 5.30
N ILE A 73 1.98 17.02 4.12
CA ILE A 73 2.65 16.83 2.85
C ILE A 73 2.98 18.17 2.18
N ASP A 74 2.33 19.26 2.61
CA ASP A 74 2.58 20.58 2.04
C ASP A 74 3.51 21.43 2.92
N ALA A 75 3.77 20.98 4.16
CA ALA A 75 4.64 21.70 5.09
C ALA A 75 5.84 20.85 5.48
N CYS A 76 6.47 20.20 4.50
CA CYS A 76 7.57 19.28 4.74
C CYS A 76 8.66 19.40 3.67
N ILE A 77 9.72 18.58 3.81
CA ILE A 77 10.86 18.56 2.92
C ILE A 77 10.49 17.69 1.71
N GLU A 78 11.16 17.88 0.59
CA GLU A 78 10.88 17.10 -0.61
C GLU A 78 12.13 16.38 -1.13
N GLU A 79 11.92 15.31 -1.89
CA GLU A 79 13.00 14.58 -2.53
C GLU A 79 12.52 14.07 -3.89
N ASP A 80 13.39 13.36 -4.62
CA ASP A 80 13.20 12.96 -6.01
C ASP A 80 11.79 12.53 -6.42
N GLY A 81 10.96 12.05 -5.49
CA GLY A 81 9.58 11.72 -5.79
C GLY A 81 8.68 11.64 -4.56
N LYS A 82 9.19 11.98 -3.37
CA LYS A 82 8.45 11.81 -2.13
C LYS A 82 8.79 12.93 -1.12
N LEU A 83 8.33 12.78 0.12
CA LEU A 83 8.47 13.82 1.14
C LEU A 83 9.35 13.36 2.30
N TYR A 84 9.79 14.31 3.12
CA TYR A 84 10.55 14.05 4.33
C TYR A 84 10.15 15.04 5.43
N LEU A 85 10.20 14.61 6.70
CA LEU A 85 10.02 15.52 7.83
C LEU A 85 11.17 15.33 8.81
N CYS A 86 11.42 16.31 9.68
CA CYS A 86 12.49 16.22 10.68
C CYS A 86 11.96 15.63 11.98
N VAL A 87 12.83 14.93 12.72
CA VAL A 87 12.48 14.31 13.99
C VAL A 87 13.67 14.37 14.95
N SER A 88 13.47 13.94 16.20
CA SER A 88 14.52 13.95 17.21
C SER A 88 15.62 12.95 16.89
N SER A 89 15.35 12.04 15.95
CA SER A 89 16.33 11.08 15.44
C SER A 89 17.12 10.36 16.55
N PRO A 90 16.45 9.67 17.48
CA PRO A 90 17.12 8.98 18.58
C PRO A 90 18.07 7.86 18.12
N THR A 91 18.06 7.49 16.84
CA THR A 91 18.94 6.47 16.29
C THR A 91 20.31 7.07 16.00
N ILE A 92 20.33 8.38 15.69
CA ILE A 92 21.51 9.07 15.18
C ILE A 92 21.45 10.53 15.64
N LYS A 93 21.47 11.48 14.70
CA LYS A 93 21.31 12.90 15.01
C LYS A 93 20.60 13.60 13.86
N ASP A 94 19.46 14.24 14.18
CA ASP A 94 18.69 15.11 13.31
C ASP A 94 18.42 14.55 11.90
N LYS A 95 18.28 13.24 11.71
CA LYS A 95 17.95 12.72 10.38
C LYS A 95 16.45 12.82 10.14
N PRO A 96 16.03 13.02 8.88
CA PRO A 96 14.63 13.13 8.51
C PRO A 96 13.98 11.76 8.30
N VAL A 97 12.65 11.74 8.19
CA VAL A 97 11.87 10.53 7.94
C VAL A 97 10.94 10.77 6.75
N GLN A 98 10.68 9.74 5.95
CA GLN A 98 9.95 9.90 4.69
C GLN A 98 8.45 9.69 4.84
N ILE A 99 7.66 10.37 4.00
CA ILE A 99 6.22 10.21 3.91
C ILE A 99 5.84 9.84 2.48
N ARG A 100 4.82 8.98 2.33
CA ARG A 100 4.35 8.51 1.03
C ARG A 100 2.86 8.20 1.15
N PRO A 101 1.99 9.11 0.67
CA PRO A 101 0.54 8.95 0.75
C PRO A 101 0.03 7.92 -0.25
N TRP A 102 -1.20 7.42 -0.03
CA TRP A 102 -1.83 6.50 -0.97
C TRP A 102 -2.62 7.27 -2.02
N ASN A 103 -2.72 6.70 -3.22
CA ASN A 103 -3.52 7.26 -4.30
C ASN A 103 -4.74 6.36 -4.50
N LEU A 104 -5.92 6.92 -4.23
CA LEU A 104 -7.18 6.19 -4.16
C LEU A 104 -7.86 5.96 -5.50
N SER A 105 -7.17 6.20 -6.62
CA SER A 105 -7.79 6.14 -7.93
C SER A 105 -7.59 4.79 -8.62
N ASP A 106 -6.86 3.86 -7.98
CA ASP A 106 -6.61 2.54 -8.55
C ASP A 106 -6.57 1.45 -7.49
N SER A 107 -7.15 1.69 -6.31
CA SER A 107 -7.07 0.74 -5.20
C SER A 107 -7.79 -0.58 -5.49
N ASP A 108 -8.71 -0.59 -6.45
CA ASP A 108 -9.44 -1.79 -6.81
C ASP A 108 -9.92 -1.73 -8.27
N PHE A 109 -10.15 -2.89 -8.87
CA PHE A 109 -10.64 -2.98 -10.24
C PHE A 109 -11.31 -4.34 -10.45
N VAL A 110 -12.29 -4.40 -11.36
CA VAL A 110 -13.02 -5.64 -11.60
C VAL A 110 -13.33 -5.78 -13.09
N MET A 111 -13.45 -7.02 -13.57
CA MET A 111 -13.66 -7.30 -14.98
C MET A 111 -14.86 -8.22 -15.19
N ASP A 112 -15.80 -8.23 -14.24
CA ASP A 112 -16.98 -9.08 -14.32
C ASP A 112 -18.07 -8.49 -13.42
N GLY A 113 -17.71 -8.19 -12.16
CA GLY A 113 -18.58 -7.50 -11.22
C GLY A 113 -19.82 -8.29 -10.83
N SER A 114 -19.91 -9.58 -11.18
CA SER A 114 -21.11 -10.36 -10.92
C SER A 114 -20.84 -11.79 -10.41
N GLN A 115 -19.70 -12.39 -10.75
CA GLN A 115 -19.40 -13.76 -10.33
C GLN A 115 -18.96 -13.77 -8.86
N PRO A 116 -19.28 -14.86 -8.14
CA PRO A 116 -18.91 -15.04 -6.74
C PRO A 116 -17.43 -15.41 -6.62
N LEU A 117 -16.88 -15.14 -5.43
CA LEU A 117 -15.49 -15.44 -5.11
C LEU A 117 -15.42 -16.43 -3.96
N ASP A 118 -14.26 -17.07 -3.80
CA ASP A 118 -14.03 -18.04 -2.73
C ASP A 118 -12.64 -17.82 -2.14
N PRO A 119 -12.43 -18.17 -0.86
CA PRO A 119 -11.18 -17.95 -0.15
C PRO A 119 -10.10 -18.91 -0.63
N ARG A 120 -10.44 -19.79 -1.58
CA ARG A 120 -9.55 -20.80 -2.13
C ARG A 120 -9.26 -20.55 -3.61
N LYS A 121 -9.70 -19.39 -4.12
CA LYS A 121 -9.47 -19.00 -5.50
C LYS A 121 -8.77 -17.65 -5.59
N THR A 122 -8.12 -17.22 -4.50
CA THR A 122 -7.49 -15.90 -4.44
C THR A 122 -5.98 -16.03 -4.30
N ILE A 123 -5.26 -15.16 -5.01
CA ILE A 123 -3.80 -15.18 -5.05
C ILE A 123 -3.23 -13.88 -4.50
N PHE A 124 -2.04 -13.93 -3.88
CA PHE A 124 -1.35 -12.73 -3.43
C PHE A 124 -0.13 -12.50 -4.31
N VAL A 125 0.23 -11.23 -4.52
CA VAL A 125 1.34 -10.86 -5.38
C VAL A 125 2.17 -9.79 -4.68
N GLY A 126 3.49 -9.96 -4.65
CA GLY A 126 4.38 -9.03 -3.96
C GLY A 126 5.77 -9.00 -4.58
N GLY A 127 6.57 -8.00 -4.19
CA GLY A 127 7.84 -7.72 -4.83
C GLY A 127 7.63 -6.80 -6.04
N VAL A 128 6.43 -6.23 -6.14
CA VAL A 128 6.07 -5.34 -7.23
C VAL A 128 6.89 -4.04 -7.18
N PRO A 129 7.03 -3.37 -8.34
CA PRO A 129 7.67 -2.08 -8.44
C PRO A 129 6.78 -0.99 -7.84
N ARG A 130 7.16 0.28 -8.00
CA ARG A 130 6.42 1.40 -7.44
C ARG A 130 4.94 1.38 -7.86
N PRO A 131 4.61 1.25 -9.16
CA PRO A 131 3.23 1.08 -9.58
C PRO A 131 2.74 -0.33 -9.29
N LEU A 132 1.50 -0.46 -8.82
CA LEU A 132 0.91 -1.75 -8.50
C LEU A 132 -0.62 -1.73 -8.61
N ARG A 133 -1.18 -0.68 -9.23
CA ARG A 133 -2.61 -0.53 -9.47
C ARG A 133 -3.25 -1.84 -9.94
N ALA A 134 -4.46 -2.10 -9.43
CA ALA A 134 -5.17 -3.33 -9.73
C ALA A 134 -5.69 -3.35 -11.17
N VAL A 135 -5.76 -2.20 -11.82
CA VAL A 135 -6.24 -2.11 -13.19
C VAL A 135 -5.30 -2.85 -14.13
N GLU A 136 -4.00 -2.57 -14.03
CA GLU A 136 -3.02 -3.15 -14.93
C GLU A 136 -2.59 -4.52 -14.43
N LEU A 137 -2.70 -4.75 -13.12
CA LEU A 137 -2.36 -6.04 -12.54
C LEU A 137 -3.40 -7.09 -12.97
N ALA A 138 -4.65 -6.67 -13.14
CA ALA A 138 -5.72 -7.57 -13.51
C ALA A 138 -5.71 -7.85 -15.01
N MET A 139 -5.29 -6.87 -15.83
CA MET A 139 -5.25 -7.05 -17.27
C MET A 139 -4.17 -8.05 -17.64
N ILE A 140 -3.09 -8.11 -16.86
CA ILE A 140 -2.00 -9.03 -17.15
C ILE A 140 -2.36 -10.43 -16.68
N MET A 141 -3.13 -10.57 -15.59
CA MET A 141 -3.56 -11.88 -15.13
C MET A 141 -4.66 -12.41 -16.06
N ASP A 142 -5.30 -11.52 -16.82
CA ASP A 142 -6.30 -11.92 -17.82
C ASP A 142 -5.62 -12.33 -19.13
N ARG A 143 -4.41 -11.81 -19.39
CA ARG A 143 -3.69 -12.14 -20.62
C ARG A 143 -2.82 -13.40 -20.47
N LEU A 144 -2.55 -13.84 -19.23
CA LEU A 144 -1.72 -15.01 -19.01
C LEU A 144 -2.47 -16.16 -18.32
N TYR A 145 -3.61 -15.90 -17.69
CA TYR A 145 -4.29 -16.93 -16.91
C TYR A 145 -5.80 -17.01 -17.16
N GLY A 146 -6.26 -16.55 -18.32
CA GLY A 146 -7.65 -16.68 -18.70
C GLY A 146 -8.54 -15.72 -17.92
N GLY A 147 -9.76 -16.17 -17.60
CA GLY A 147 -10.76 -15.32 -16.99
C GLY A 147 -10.43 -14.99 -15.53
N VAL A 148 -10.35 -13.70 -15.24
CA VAL A 148 -10.20 -13.16 -13.90
C VAL A 148 -11.49 -12.44 -13.52
N CYS A 149 -11.98 -12.61 -12.28
CA CYS A 149 -13.22 -11.99 -11.87
C CYS A 149 -13.00 -10.64 -11.21
N TYR A 150 -11.97 -10.51 -10.37
CA TYR A 150 -11.79 -9.31 -9.56
C TYR A 150 -10.34 -9.13 -9.14
N ALA A 151 -9.94 -7.88 -8.86
CA ALA A 151 -8.60 -7.58 -8.38
C ALA A 151 -8.61 -6.35 -7.48
N GLY A 152 -7.57 -6.22 -6.65
CA GLY A 152 -7.43 -5.06 -5.80
C GLY A 152 -6.10 -5.07 -5.05
N ILE A 153 -5.79 -3.95 -4.39
CA ILE A 153 -4.63 -3.86 -3.54
C ILE A 153 -5.00 -4.47 -2.20
N ASP A 154 -4.03 -5.07 -1.50
CA ASP A 154 -4.30 -5.65 -0.19
C ASP A 154 -4.84 -4.57 0.74
N THR A 155 -6.06 -4.76 1.24
CA THR A 155 -6.70 -3.80 2.14
C THR A 155 -7.42 -4.53 3.25
N ASP A 156 -7.65 -3.81 4.36
CA ASP A 156 -8.39 -4.33 5.50
C ASP A 156 -9.66 -3.52 5.69
N PRO A 157 -10.82 -4.19 5.87
CA PRO A 157 -12.14 -3.56 5.89
C PRO A 157 -12.47 -2.87 7.21
N GLU A 158 -11.75 -3.13 8.30
CA GLU A 158 -12.06 -2.52 9.58
C GLU A 158 -10.97 -1.51 10.00
N LEU A 159 -9.74 -1.69 9.50
CA LEU A 159 -8.70 -0.68 9.65
C LEU A 159 -8.82 0.31 8.49
N LYS A 160 -9.65 -0.02 7.49
CA LYS A 160 -9.96 0.83 6.35
C LYS A 160 -8.69 1.38 5.70
N TYR A 161 -7.71 0.51 5.47
CA TYR A 161 -6.43 0.94 4.90
C TYR A 161 -5.78 -0.16 4.06
N PRO A 162 -4.89 0.21 3.11
CA PRO A 162 -4.12 -0.74 2.33
C PRO A 162 -2.90 -1.24 3.11
N LYS A 163 -2.39 -2.41 2.73
CA LYS A 163 -1.20 -3.00 3.33
C LYS A 163 -0.10 -3.18 2.28
N GLY A 164 -0.16 -2.43 1.18
CA GLY A 164 0.79 -2.56 0.08
C GLY A 164 0.56 -3.88 -0.64
N ALA A 165 1.38 -4.18 -1.66
CA ALA A 165 1.23 -5.38 -2.46
C ALA A 165 -0.16 -5.50 -3.08
N GLY A 166 -0.46 -6.62 -3.74
CA GLY A 166 -1.74 -6.80 -4.41
C GLY A 166 -2.28 -8.22 -4.27
N ARG A 167 -3.55 -8.38 -4.65
CA ARG A 167 -4.23 -9.68 -4.62
C ARG A 167 -5.21 -9.74 -5.79
N VAL A 168 -5.45 -10.94 -6.31
CA VAL A 168 -6.34 -11.14 -7.44
C VAL A 168 -7.23 -12.34 -7.19
N ALA A 169 -8.43 -12.32 -7.76
CA ALA A 169 -9.41 -13.38 -7.56
C ALA A 169 -9.86 -13.97 -8.89
N PHE A 170 -10.15 -15.27 -8.86
CA PHE A 170 -10.60 -16.03 -10.01
C PHE A 170 -11.94 -16.69 -9.70
N SER A 171 -12.76 -16.90 -10.73
CA SER A 171 -14.05 -17.57 -10.57
C SER A 171 -13.92 -19.07 -10.79
N ASN A 172 -12.71 -19.55 -11.11
CA ASN A 172 -12.46 -20.96 -11.35
C ASN A 172 -11.22 -21.43 -10.57
N GLN A 173 -11.25 -22.67 -10.09
CA GLN A 173 -10.14 -23.22 -9.33
C GLN A 173 -9.02 -23.70 -10.26
N GLN A 174 -9.27 -23.73 -11.56
CA GLN A 174 -8.29 -24.17 -12.54
C GLN A 174 -7.37 -23.01 -12.92
N SER A 175 -7.94 -21.82 -13.12
CA SER A 175 -7.17 -20.64 -13.45
C SER A 175 -6.46 -20.13 -12.20
N TYR A 176 -6.99 -20.45 -11.02
CA TYR A 176 -6.32 -20.11 -9.77
C TYR A 176 -5.04 -20.90 -9.59
N ILE A 177 -5.08 -22.23 -9.78
CA ILE A 177 -3.89 -23.06 -9.61
C ILE A 177 -2.90 -22.83 -10.74
N ALA A 178 -3.33 -22.17 -11.81
CA ALA A 178 -2.43 -21.77 -12.88
C ALA A 178 -1.70 -20.47 -12.52
N ALA A 179 -2.34 -19.63 -11.69
CA ALA A 179 -1.75 -18.34 -11.31
C ALA A 179 -0.74 -18.50 -10.18
N ILE A 180 -0.89 -19.52 -9.34
CA ILE A 180 0.07 -19.84 -8.28
C ILE A 180 0.88 -21.10 -8.66
N SER A 181 1.05 -21.31 -9.96
CA SER A 181 1.74 -22.49 -10.48
C SER A 181 3.26 -22.36 -10.37
N ALA A 182 3.75 -21.14 -10.11
CA ALA A 182 5.18 -20.89 -9.98
C ALA A 182 5.39 -19.64 -9.14
N ARG A 183 6.45 -19.62 -8.32
CA ARG A 183 6.74 -18.50 -7.44
C ARG A 183 6.96 -17.21 -8.23
N PHE A 184 7.52 -17.31 -9.43
CA PHE A 184 7.76 -16.15 -10.28
C PHE A 184 7.02 -16.30 -11.60
N VAL A 185 6.06 -15.40 -11.83
CA VAL A 185 5.27 -15.37 -13.06
C VAL A 185 5.68 -14.19 -13.92
N GLN A 186 5.37 -14.26 -15.22
CA GLN A 186 5.70 -13.18 -16.15
C GLN A 186 4.59 -12.14 -16.18
N LEU A 187 5.00 -10.88 -16.33
CA LEU A 187 4.08 -9.78 -16.51
C LEU A 187 4.59 -8.93 -17.65
N GLN A 188 3.94 -9.07 -18.81
CA GLN A 188 4.36 -8.42 -20.04
C GLN A 188 3.20 -7.80 -20.80
N HIS A 189 3.51 -6.77 -21.58
CA HIS A 189 2.56 -6.11 -22.48
C HIS A 189 3.26 -5.79 -23.81
N GLY A 190 4.45 -6.36 -24.01
CA GLY A 190 5.28 -6.11 -25.18
C GLY A 190 6.62 -6.83 -25.03
N GLU A 191 7.72 -6.14 -25.31
CA GLU A 191 9.07 -6.69 -25.17
C GLU A 191 9.50 -6.70 -23.69
N ILE A 192 8.55 -6.48 -22.78
CA ILE A 192 8.78 -6.48 -21.34
C ILE A 192 9.16 -7.89 -20.86
N ASP A 193 9.83 -7.98 -19.71
CA ASP A 193 10.30 -9.25 -19.17
C ASP A 193 10.25 -9.29 -17.65
N LYS A 194 9.42 -8.43 -17.03
CA LYS A 194 9.38 -8.27 -15.58
C LYS A 194 8.81 -9.50 -14.89
N ARG A 195 9.09 -9.62 -13.59
CA ARG A 195 8.69 -10.75 -12.76
C ARG A 195 8.21 -10.25 -11.40
N VAL A 196 7.47 -11.10 -10.68
CA VAL A 196 6.96 -10.80 -9.35
C VAL A 196 6.76 -12.10 -8.58
N GLU A 197 6.76 -12.03 -7.25
CA GLU A 197 6.58 -13.23 -6.43
C GLU A 197 5.10 -13.47 -6.15
N VAL A 198 4.68 -14.74 -6.21
CA VAL A 198 3.29 -15.10 -5.93
C VAL A 198 3.21 -16.07 -4.77
N LYS A 199 2.02 -16.13 -4.15
CA LYS A 199 1.72 -17.13 -3.13
C LYS A 199 0.21 -17.24 -2.97
N PRO A 200 -0.29 -18.36 -2.42
CA PRO A 200 -1.70 -18.51 -2.12
C PRO A 200 -2.15 -17.43 -1.15
N TYR A 201 -3.35 -16.87 -1.34
CA TYR A 201 -3.85 -15.85 -0.43
C TYR A 201 -4.38 -16.49 0.84
N VAL A 202 -4.64 -15.67 1.86
CA VAL A 202 -4.95 -16.13 3.20
C VAL A 202 -5.89 -15.14 3.90
N LEU A 203 -6.68 -15.64 4.84
CA LEU A 203 -7.63 -14.83 5.60
C LEU A 203 -7.79 -15.36 7.03
N SER A 1 -2.90 29.98 -6.12
CA SER A 1 -3.99 29.05 -6.44
C SER A 1 -3.98 28.69 -7.91
N HIS A 2 -4.70 27.62 -8.28
CA HIS A 2 -4.79 27.14 -9.65
C HIS A 2 -6.16 26.55 -9.92
N GLN A 3 -6.46 26.28 -11.19
CA GLN A 3 -7.76 25.78 -11.63
C GLN A 3 -7.80 24.26 -11.74
N ASN A 4 -6.79 23.57 -11.24
CA ASN A 4 -6.71 22.11 -11.27
C ASN A 4 -6.99 21.51 -9.89
N GLY A 5 -7.44 22.34 -8.94
CA GLY A 5 -7.74 21.91 -7.59
C GLY A 5 -9.00 21.05 -7.51
N GLU A 6 -9.25 20.48 -6.34
CA GLU A 6 -10.41 19.63 -6.09
C GLU A 6 -10.86 19.80 -4.64
N ARG A 7 -12.11 19.43 -4.34
CA ARG A 7 -12.68 19.57 -3.00
C ARG A 7 -11.98 18.65 -2.00
N VAL A 8 -11.36 17.57 -2.48
CA VAL A 8 -10.63 16.61 -1.66
C VAL A 8 -9.40 16.11 -2.43
N GLU A 9 -8.39 15.61 -1.71
CA GLU A 9 -7.18 15.11 -2.33
C GLU A 9 -7.28 13.61 -2.61
N ARG A 10 -8.48 13.03 -2.40
CA ARG A 10 -8.80 11.64 -2.71
C ARG A 10 -7.75 10.63 -2.24
N TYR A 11 -7.14 10.86 -1.08
CA TYR A 11 -6.16 9.92 -0.53
C TYR A 11 -6.81 8.67 0.06
N SER A 12 -5.98 7.69 0.41
CA SER A 12 -6.44 6.34 0.76
C SER A 12 -6.51 6.07 2.26
N ARG A 13 -6.71 7.11 3.08
CA ARG A 13 -6.72 6.96 4.53
C ARG A 13 -5.41 6.31 5.03
N LYS A 14 -4.37 6.32 4.18
CA LYS A 14 -3.10 5.70 4.49
C LYS A 14 -1.93 6.44 3.85
N VAL A 15 -0.83 6.57 4.60
CA VAL A 15 0.43 7.06 4.07
C VAL A 15 1.55 6.17 4.60
N PHE A 16 2.61 5.99 3.81
CA PHE A 16 3.79 5.28 4.26
C PHE A 16 4.69 6.26 5.02
N VAL A 17 5.29 5.81 6.11
CA VAL A 17 6.25 6.60 6.87
C VAL A 17 7.57 5.85 6.95
N GLY A 18 8.50 6.21 6.07
CA GLY A 18 9.82 5.59 6.03
C GLY A 18 10.72 6.21 7.08
N GLY A 19 11.88 5.59 7.31
CA GLY A 19 12.87 6.14 8.22
C GLY A 19 12.41 6.18 9.67
N LEU A 20 11.50 5.30 10.11
CA LEU A 20 11.18 5.26 11.53
C LEU A 20 12.46 4.85 12.27
N PRO A 21 12.93 5.67 13.22
CA PRO A 21 14.18 5.42 13.92
C PRO A 21 14.05 4.28 14.93
N PRO A 22 15.17 3.82 15.50
CA PRO A 22 15.21 2.77 16.50
C PRO A 22 14.47 3.14 17.79
N ASP A 23 14.45 2.21 18.75
CA ASP A 23 13.74 2.39 20.02
C ASP A 23 12.24 2.58 19.88
N ILE A 24 11.78 3.80 19.53
CA ILE A 24 10.36 4.08 19.42
C ILE A 24 9.70 3.28 18.29
N ASP A 25 8.37 3.22 18.29
CA ASP A 25 7.63 2.46 17.31
C ASP A 25 6.28 3.09 16.94
N GLU A 26 5.70 3.89 17.84
CA GLU A 26 4.36 4.43 17.63
C GLU A 26 4.15 5.73 18.38
N ASP A 27 4.70 5.86 19.60
CA ASP A 27 4.44 7.01 20.44
C ASP A 27 5.01 8.30 19.87
N GLU A 28 6.22 8.23 19.30
CA GLU A 28 6.92 9.42 18.87
C GLU A 28 6.32 9.99 17.59
N ILE A 29 5.84 9.13 16.68
CA ILE A 29 5.24 9.58 15.43
C ILE A 29 3.77 9.95 15.64
N THR A 30 3.10 9.31 16.61
CA THR A 30 1.72 9.68 16.91
C THR A 30 1.71 10.94 17.78
N ALA A 31 2.89 11.42 18.19
CA ALA A 31 3.02 12.71 18.84
C ALA A 31 3.66 13.77 17.93
N SER A 32 4.28 13.38 16.81
CA SER A 32 4.91 14.32 15.89
C SER A 32 4.01 14.73 14.74
N PHE A 33 2.95 13.96 14.47
CA PHE A 33 2.04 14.26 13.36
C PHE A 33 0.61 14.50 13.83
N ARG A 34 0.36 14.42 15.15
CA ARG A 34 -0.96 14.66 15.72
C ARG A 34 -1.33 16.14 15.63
N ARG A 35 -0.31 17.01 15.49
CA ARG A 35 -0.50 18.45 15.37
C ARG A 35 -1.14 18.83 14.04
N PHE A 36 -1.34 17.86 13.14
CA PHE A 36 -1.95 18.10 11.85
C PHE A 36 -3.32 17.43 11.74
N GLY A 37 -3.63 16.53 12.67
CA GLY A 37 -4.90 15.81 12.67
C GLY A 37 -4.75 14.48 13.42
N PRO A 38 -5.87 13.80 13.73
CA PRO A 38 -5.85 12.53 14.42
C PRO A 38 -5.30 11.43 13.53
N LEU A 39 -4.66 10.43 14.14
CA LEU A 39 -3.92 9.41 13.41
C LEU A 39 -3.58 8.19 14.26
N ILE A 40 -3.30 7.08 13.57
CA ILE A 40 -2.78 5.87 14.19
C ILE A 40 -1.68 5.34 13.26
N VAL A 41 -0.94 4.32 13.66
CA VAL A 41 0.10 3.73 12.83
C VAL A 41 0.06 2.20 12.91
N ASP A 42 0.58 1.53 11.87
CA ASP A 42 0.51 0.08 11.76
C ASP A 42 1.73 -0.47 11.01
N TRP A 43 1.95 -1.77 11.13
CA TRP A 43 2.96 -2.49 10.36
C TRP A 43 2.53 -3.96 10.29
N PRO A 44 2.98 -4.72 9.27
CA PRO A 44 2.49 -6.07 8.97
C PRO A 44 3.04 -7.08 9.98
N HIS A 45 4.04 -6.66 10.77
CA HIS A 45 4.71 -7.52 11.73
C HIS A 45 4.28 -7.19 13.17
N LYS A 46 3.29 -6.30 13.33
CA LYS A 46 2.83 -5.84 14.63
C LYS A 46 2.20 -6.96 15.46
N ALA A 47 2.19 -6.75 16.78
CA ALA A 47 1.66 -7.68 17.77
C ALA A 47 2.38 -9.03 17.77
N GLU A 48 2.03 -9.89 18.74
CA GLU A 48 2.62 -11.20 18.95
C GLU A 48 4.15 -11.13 19.05
N SER A 49 4.65 -10.80 20.25
CA SER A 49 6.07 -10.72 20.56
C SER A 49 6.84 -9.72 19.67
N LYS A 50 6.13 -8.80 19.02
CA LYS A 50 6.74 -7.80 18.15
C LYS A 50 6.15 -6.41 18.42
N SER A 51 5.66 -6.20 19.64
CA SER A 51 5.09 -4.92 20.05
C SER A 51 6.17 -3.97 20.57
N TYR A 52 5.84 -2.68 20.65
CA TYR A 52 6.72 -1.61 21.13
C TYR A 52 8.04 -1.50 20.36
N PHE A 53 8.19 -2.21 19.24
CA PHE A 53 9.40 -2.13 18.43
C PHE A 53 9.12 -2.68 17.02
N PRO A 54 9.50 -1.94 15.97
CA PRO A 54 9.38 -2.36 14.59
C PRO A 54 10.45 -3.42 14.28
N PRO A 55 10.36 -4.11 13.13
CA PRO A 55 11.34 -5.11 12.73
C PRO A 55 12.72 -4.49 12.55
N LYS A 56 12.77 -3.20 12.20
CA LYS A 56 14.00 -2.40 12.16
C LYS A 56 13.57 -0.95 12.16
N GLY A 57 12.52 -0.67 11.39
CA GLY A 57 11.94 0.64 11.27
C GLY A 57 10.81 0.63 10.23
N TYR A 58 10.45 1.84 9.81
CA TYR A 58 9.37 2.10 8.87
C TYR A 58 8.00 1.61 9.36
N ALA A 59 6.94 2.34 8.95
CA ALA A 59 5.57 2.01 9.33
C ALA A 59 4.60 2.69 8.36
N PHE A 60 3.30 2.61 8.64
CA PHE A 60 2.27 3.21 7.79
C PHE A 60 1.15 3.78 8.67
N LEU A 61 0.70 5.01 8.39
CA LEU A 61 -0.31 5.68 9.21
C LEU A 61 -1.72 5.40 8.71
N LEU A 62 -2.66 5.39 9.67
CA LEU A 62 -4.08 5.29 9.39
C LEU A 62 -4.76 6.55 9.91
N PHE A 63 -5.78 7.02 9.20
CA PHE A 63 -6.52 8.22 9.56
C PHE A 63 -7.90 8.19 8.90
N GLN A 64 -8.74 9.19 9.17
CA GLN A 64 -10.11 9.20 8.66
C GLN A 64 -10.37 10.38 7.74
N ASP A 65 -9.47 11.37 7.71
CA ASP A 65 -9.67 12.59 6.96
C ASP A 65 -8.49 12.92 6.05
N GLU A 66 -8.78 13.44 4.86
CA GLU A 66 -7.77 13.80 3.89
C GLU A 66 -7.14 15.14 4.22
N SER A 67 -7.68 15.85 5.23
CA SER A 67 -7.14 17.14 5.66
C SER A 67 -5.95 16.96 6.59
N SER A 68 -5.82 15.78 7.20
CA SER A 68 -4.71 15.50 8.11
C SER A 68 -3.42 15.35 7.33
N VAL A 69 -3.48 14.61 6.20
CA VAL A 69 -2.31 14.44 5.35
C VAL A 69 -1.98 15.73 4.62
N GLN A 70 -2.97 16.60 4.40
CA GLN A 70 -2.75 17.83 3.65
C GLN A 70 -1.88 18.80 4.44
N ALA A 71 -2.12 18.94 5.75
CA ALA A 71 -1.36 19.86 6.57
C ALA A 71 0.04 19.33 6.88
N LEU A 72 0.19 18.02 7.08
CA LEU A 72 1.50 17.47 7.42
C LEU A 72 2.39 17.39 6.17
N ILE A 73 1.78 17.50 4.98
CA ILE A 73 2.53 17.49 3.72
C ILE A 73 2.80 18.92 3.26
N ASP A 74 2.08 19.91 3.79
CA ASP A 74 2.30 21.31 3.46
C ASP A 74 3.32 21.95 4.40
N ALA A 75 3.60 21.30 5.54
CA ALA A 75 4.55 21.79 6.54
C ALA A 75 5.71 20.83 6.72
N CYS A 76 6.29 20.35 5.61
CA CYS A 76 7.37 19.36 5.66
C CYS A 76 8.49 19.66 4.66
N ILE A 77 9.53 18.82 4.72
CA ILE A 77 10.71 18.89 3.85
C ILE A 77 10.47 17.98 2.65
N GLU A 78 11.27 18.15 1.60
CA GLU A 78 11.13 17.36 0.39
C GLU A 78 12.48 16.83 -0.08
N GLU A 79 12.47 15.68 -0.75
CA GLU A 79 13.66 15.08 -1.34
C GLU A 79 13.35 14.70 -2.79
N ASP A 80 14.33 14.14 -3.49
CA ASP A 80 14.27 13.88 -4.94
C ASP A 80 13.08 13.03 -5.39
N GLY A 81 12.26 12.52 -4.46
CA GLY A 81 11.08 11.76 -4.83
C GLY A 81 10.16 11.48 -3.64
N LYS A 82 10.35 12.17 -2.50
CA LYS A 82 9.60 11.86 -1.28
C LYS A 82 9.58 13.07 -0.34
N LEU A 83 8.96 12.91 0.84
CA LEU A 83 8.86 13.96 1.83
C LEU A 83 9.68 13.62 3.08
N TYR A 84 9.86 14.60 3.98
CA TYR A 84 10.60 14.41 5.22
C TYR A 84 9.97 15.27 6.33
N LEU A 85 9.86 14.74 7.56
CA LEU A 85 9.47 15.53 8.72
C LEU A 85 10.35 15.19 9.91
N CYS A 86 10.59 16.16 10.81
CA CYS A 86 11.34 15.93 12.02
C CYS A 86 10.53 15.07 13.00
N VAL A 87 11.21 14.35 13.89
CA VAL A 87 10.54 13.46 14.82
C VAL A 87 11.32 13.35 16.15
N SER A 88 12.37 14.16 16.33
CA SER A 88 13.21 14.11 17.52
C SER A 88 13.72 12.69 17.76
N SER A 89 14.22 12.07 16.69
CA SER A 89 14.71 10.69 16.69
C SER A 89 15.64 10.41 17.88
N PRO A 90 15.52 9.24 18.50
CA PRO A 90 16.34 8.82 19.62
C PRO A 90 17.72 8.29 19.22
N THR A 91 17.97 7.97 17.94
CA THR A 91 19.27 7.42 17.57
C THR A 91 20.26 8.53 17.18
N ILE A 92 19.75 9.69 16.77
CA ILE A 92 20.55 10.87 16.46
C ILE A 92 20.08 12.00 17.37
N LYS A 93 20.59 13.23 17.20
CA LYS A 93 20.03 14.37 17.92
C LYS A 93 18.65 14.68 17.35
N ASP A 94 18.48 14.45 16.05
CA ASP A 94 17.22 14.49 15.33
C ASP A 94 17.44 13.80 13.99
N LYS A 95 16.40 13.19 13.41
CA LYS A 95 16.54 12.46 12.16
C LYS A 95 15.20 12.42 11.44
N PRO A 96 15.04 13.23 10.37
CA PRO A 96 13.81 13.29 9.59
C PRO A 96 13.32 11.94 9.08
N VAL A 97 11.99 11.76 9.01
CA VAL A 97 11.38 10.53 8.55
C VAL A 97 10.58 10.81 7.28
N GLN A 98 10.49 9.83 6.38
CA GLN A 98 9.84 10.02 5.10
C GLN A 98 8.32 9.89 5.18
N ILE A 99 7.62 10.50 4.22
CA ILE A 99 6.18 10.34 4.05
C ILE A 99 5.87 10.15 2.57
N ARG A 100 4.89 9.28 2.25
CA ARG A 100 4.39 9.14 0.90
C ARG A 100 2.98 8.54 0.92
N PRO A 101 1.93 9.36 0.71
CA PRO A 101 0.54 8.91 0.61
C PRO A 101 0.27 7.93 -0.52
N TRP A 102 -0.92 7.31 -0.46
CA TRP A 102 -1.42 6.48 -1.54
C TRP A 102 -2.62 7.16 -2.21
N ASN A 103 -2.65 7.15 -3.54
CA ASN A 103 -3.67 7.82 -4.33
C ASN A 103 -4.72 6.86 -4.88
N LEU A 104 -5.94 7.37 -5.05
CA LEU A 104 -7.05 6.59 -5.57
C LEU A 104 -7.16 6.80 -7.08
N SER A 105 -6.59 5.86 -7.85
CA SER A 105 -6.68 5.89 -9.30
C SER A 105 -6.49 4.50 -9.88
N ASP A 106 -5.67 3.65 -9.24
CA ASP A 106 -5.43 2.29 -9.70
C ASP A 106 -5.38 1.29 -8.54
N SER A 107 -6.00 1.64 -7.40
CA SER A 107 -5.96 0.80 -6.20
C SER A 107 -6.73 -0.51 -6.38
N ASP A 108 -7.71 -0.53 -7.28
CA ASP A 108 -8.55 -1.69 -7.52
C ASP A 108 -9.10 -1.67 -8.95
N PHE A 109 -9.52 -2.84 -9.45
CA PHE A 109 -10.11 -2.94 -10.76
C PHE A 109 -11.08 -4.12 -10.80
N VAL A 110 -12.07 -4.08 -11.69
CA VAL A 110 -13.12 -5.08 -11.75
C VAL A 110 -13.40 -5.49 -13.19
N MET A 111 -13.71 -6.77 -13.41
CA MET A 111 -14.02 -7.27 -14.75
C MET A 111 -15.15 -8.31 -14.72
N ASP A 112 -15.90 -8.39 -13.61
CA ASP A 112 -16.96 -9.40 -13.47
C ASP A 112 -18.08 -8.93 -12.55
N GLY A 113 -18.08 -7.65 -12.18
CA GLY A 113 -19.09 -7.12 -11.26
C GLY A 113 -18.81 -7.54 -9.81
N SER A 114 -17.62 -8.08 -9.55
CA SER A 114 -17.22 -8.52 -8.22
C SER A 114 -18.23 -9.47 -7.58
N GLN A 115 -18.28 -10.73 -8.07
CA GLN A 115 -19.08 -11.75 -7.43
C GLN A 115 -18.42 -12.12 -6.10
N PRO A 116 -19.04 -12.95 -5.24
CA PRO A 116 -18.43 -13.36 -3.99
C PRO A 116 -17.04 -13.96 -4.19
N LEU A 117 -16.07 -13.53 -3.36
CA LEU A 117 -14.70 -14.02 -3.39
C LEU A 117 -14.44 -14.94 -2.20
N ASP A 118 -13.40 -15.76 -2.29
CA ASP A 118 -13.05 -16.70 -1.24
C ASP A 118 -11.54 -16.94 -1.23
N PRO A 119 -10.91 -17.14 -0.07
CA PRO A 119 -9.47 -17.36 0.05
C PRO A 119 -8.96 -18.55 -0.77
N ARG A 120 -9.83 -19.49 -1.16
CA ARG A 120 -9.42 -20.64 -1.95
C ARG A 120 -9.57 -20.36 -3.45
N LYS A 121 -9.95 -19.13 -3.81
CA LYS A 121 -10.03 -18.70 -5.20
C LYS A 121 -9.33 -17.36 -5.40
N THR A 122 -8.51 -16.94 -4.45
CA THR A 122 -7.85 -15.64 -4.50
C THR A 122 -6.35 -15.78 -4.28
N ILE A 123 -5.57 -15.00 -5.05
CA ILE A 123 -4.11 -15.07 -5.03
C ILE A 123 -3.54 -13.78 -4.45
N PHE A 124 -2.36 -13.87 -3.83
CA PHE A 124 -1.66 -12.71 -3.30
C PHE A 124 -0.28 -12.63 -3.96
N VAL A 125 0.28 -11.42 -4.06
CA VAL A 125 1.59 -11.21 -4.64
C VAL A 125 2.35 -10.14 -3.87
N GLY A 126 3.68 -10.23 -3.88
CA GLY A 126 4.52 -9.28 -3.18
C GLY A 126 5.97 -9.36 -3.66
N GLY A 127 6.80 -8.41 -3.21
CA GLY A 127 8.19 -8.34 -3.63
C GLY A 127 8.32 -7.60 -4.97
N VAL A 128 7.24 -6.96 -5.41
CA VAL A 128 7.23 -6.21 -6.67
C VAL A 128 8.22 -5.04 -6.56
N PRO A 129 9.00 -4.76 -7.61
CA PRO A 129 10.00 -3.70 -7.58
C PRO A 129 9.37 -2.31 -7.45
N ARG A 130 8.42 -1.96 -8.33
CA ARG A 130 7.72 -0.68 -8.22
C ARG A 130 6.41 -0.64 -9.02
N PRO A 131 6.39 -1.07 -10.29
CA PRO A 131 5.19 -1.03 -11.12
C PRO A 131 4.16 -2.05 -10.68
N LEU A 132 2.87 -1.70 -10.70
CA LEU A 132 1.80 -2.62 -10.37
C LEU A 132 0.51 -2.25 -11.09
N ARG A 133 -0.31 -1.36 -10.50
CA ARG A 133 -1.64 -0.97 -10.95
C ARG A 133 -2.60 -2.16 -11.01
N ALA A 134 -3.76 -2.05 -10.36
CA ALA A 134 -4.74 -3.12 -10.39
C ALA A 134 -5.34 -3.24 -11.79
N VAL A 135 -5.21 -2.19 -12.61
CA VAL A 135 -5.72 -2.19 -13.98
C VAL A 135 -4.90 -3.14 -14.85
N GLU A 136 -3.58 -2.96 -14.87
CA GLU A 136 -2.72 -3.72 -15.76
C GLU A 136 -2.40 -5.09 -15.15
N LEU A 137 -2.49 -5.21 -13.82
CA LEU A 137 -2.27 -6.48 -13.16
C LEU A 137 -3.43 -7.44 -13.46
N ALA A 138 -4.64 -6.90 -13.61
CA ALA A 138 -5.80 -7.72 -13.86
C ALA A 138 -5.90 -8.14 -15.33
N MET A 139 -5.45 -7.28 -16.24
CA MET A 139 -5.53 -7.57 -17.67
C MET A 139 -4.56 -8.69 -18.03
N ILE A 140 -3.37 -8.70 -17.43
CA ILE A 140 -2.37 -9.71 -17.76
C ILE A 140 -2.77 -11.05 -17.16
N MET A 141 -3.36 -11.05 -15.96
CA MET A 141 -3.87 -12.29 -15.37
C MET A 141 -5.06 -12.81 -16.16
N ASP A 142 -5.72 -11.95 -16.96
CA ASP A 142 -6.84 -12.36 -17.78
C ASP A 142 -6.40 -12.93 -19.12
N ARG A 143 -5.18 -12.62 -19.56
CA ARG A 143 -4.64 -13.14 -20.82
C ARG A 143 -3.77 -14.38 -20.63
N LEU A 144 -3.34 -14.68 -19.39
CA LEU A 144 -2.47 -15.82 -19.14
C LEU A 144 -3.10 -16.87 -18.22
N TYR A 145 -4.21 -16.55 -17.53
CA TYR A 145 -4.79 -17.48 -16.57
C TYR A 145 -6.31 -17.58 -16.67
N GLY A 146 -6.89 -17.21 -17.81
CA GLY A 146 -8.33 -17.33 -18.03
C GLY A 146 -9.10 -16.17 -17.41
N GLY A 147 -10.34 -16.45 -16.99
CA GLY A 147 -11.26 -15.43 -16.54
C GLY A 147 -10.95 -14.94 -15.12
N VAL A 148 -10.71 -13.64 -15.00
CA VAL A 148 -10.45 -12.97 -13.74
C VAL A 148 -11.72 -12.27 -13.25
N CYS A 149 -11.91 -12.19 -11.93
CA CYS A 149 -13.08 -11.56 -11.35
C CYS A 149 -12.75 -10.16 -10.82
N TYR A 150 -11.61 -10.03 -10.13
CA TYR A 150 -11.29 -8.81 -9.41
C TYR A 150 -9.80 -8.71 -9.14
N ALA A 151 -9.31 -7.48 -8.89
CA ALA A 151 -7.92 -7.25 -8.55
C ALA A 151 -7.78 -5.99 -7.71
N GLY A 152 -6.69 -5.88 -6.95
CA GLY A 152 -6.42 -4.71 -6.13
C GLY A 152 -5.09 -4.85 -5.40
N ILE A 153 -4.77 -3.87 -4.55
CA ILE A 153 -3.56 -3.89 -3.74
C ILE A 153 -3.95 -4.02 -2.28
N ASP A 154 -4.04 -5.26 -1.80
CA ASP A 154 -4.61 -5.60 -0.49
C ASP A 154 -6.06 -5.11 -0.30
N THR A 155 -6.26 -3.78 -0.32
CA THR A 155 -7.59 -3.19 -0.29
C THR A 155 -8.51 -3.80 0.76
N ASP A 156 -8.09 -3.81 2.02
CA ASP A 156 -8.93 -4.30 3.10
C ASP A 156 -10.15 -3.39 3.22
N PRO A 157 -11.36 -3.96 3.26
CA PRO A 157 -12.62 -3.23 3.23
C PRO A 157 -13.00 -2.60 4.58
N GLU A 158 -12.35 -3.00 5.67
CA GLU A 158 -12.69 -2.49 7.00
C GLU A 158 -11.79 -1.32 7.36
N LEU A 159 -10.52 -1.38 6.96
CA LEU A 159 -9.57 -0.29 7.15
C LEU A 159 -9.49 0.57 5.90
N LYS A 160 -10.14 0.11 4.82
CA LYS A 160 -10.26 0.82 3.56
C LYS A 160 -8.92 1.32 3.05
N TYR A 161 -7.90 0.46 3.11
CA TYR A 161 -6.53 0.84 2.78
C TYR A 161 -5.77 -0.27 2.06
N PRO A 162 -4.73 0.08 1.27
CA PRO A 162 -3.85 -0.88 0.63
C PRO A 162 -2.72 -1.30 1.58
N LYS A 163 -1.87 -2.22 1.11
CA LYS A 163 -0.74 -2.71 1.88
C LYS A 163 0.51 -2.85 0.99
N GLY A 164 0.54 -2.11 -0.13
CA GLY A 164 1.68 -2.13 -1.04
C GLY A 164 1.92 -3.50 -1.69
N ALA A 165 1.00 -4.45 -1.50
CA ALA A 165 1.12 -5.80 -2.04
C ALA A 165 -0.16 -6.15 -2.79
N GLY A 166 -0.03 -6.84 -3.93
CA GLY A 166 -1.15 -7.07 -4.82
C GLY A 166 -1.97 -8.30 -4.47
N ARG A 167 -3.20 -8.34 -5.01
CA ARG A 167 -4.09 -9.49 -4.90
C ARG A 167 -4.96 -9.55 -6.15
N VAL A 168 -5.34 -10.76 -6.55
CA VAL A 168 -6.20 -10.97 -7.70
C VAL A 168 -7.15 -12.12 -7.38
N ALA A 169 -8.32 -12.15 -8.01
CA ALA A 169 -9.31 -13.18 -7.74
C ALA A 169 -9.89 -13.72 -9.04
N PHE A 170 -10.31 -14.98 -9.02
CA PHE A 170 -10.83 -15.66 -10.18
C PHE A 170 -12.23 -16.22 -9.91
N SER A 171 -13.03 -16.38 -10.97
CA SER A 171 -14.35 -16.97 -10.86
C SER A 171 -14.28 -18.50 -10.94
N ASN A 172 -13.07 -19.06 -11.04
CA ASN A 172 -12.84 -20.50 -11.11
C ASN A 172 -11.64 -20.88 -10.25
N GLN A 173 -11.72 -22.02 -9.55
CA GLN A 173 -10.62 -22.49 -8.73
C GLN A 173 -9.51 -23.05 -9.60
N GLN A 174 -9.82 -23.41 -10.85
CA GLN A 174 -8.85 -23.93 -11.79
C GLN A 174 -7.92 -22.79 -12.24
N SER A 175 -8.48 -21.59 -12.40
CA SER A 175 -7.70 -20.43 -12.79
C SER A 175 -6.83 -19.97 -11.62
N TYR A 176 -7.31 -20.18 -10.39
CA TYR A 176 -6.57 -19.81 -9.21
C TYR A 176 -5.34 -20.70 -9.04
N ILE A 177 -5.49 -22.02 -9.11
CA ILE A 177 -4.36 -22.93 -8.93
C ILE A 177 -3.38 -22.81 -10.09
N ALA A 178 -3.81 -22.24 -11.21
CA ALA A 178 -2.93 -22.00 -12.34
C ALA A 178 -2.13 -20.71 -12.12
N ALA A 179 -2.66 -19.78 -11.33
CA ALA A 179 -2.00 -18.51 -11.07
C ALA A 179 -0.98 -18.62 -9.93
N ILE A 180 -1.15 -19.60 -9.03
CA ILE A 180 -0.18 -19.87 -7.97
C ILE A 180 0.64 -21.12 -8.28
N SER A 181 0.79 -21.45 -9.57
CA SER A 181 1.52 -22.63 -10.02
C SER A 181 3.03 -22.38 -10.13
N ALA A 182 3.46 -21.11 -10.01
CA ALA A 182 4.87 -20.75 -10.08
C ALA A 182 5.07 -19.44 -9.35
N ARG A 183 6.21 -19.28 -8.66
CA ARG A 183 6.46 -18.08 -7.86
C ARG A 183 6.44 -16.81 -8.70
N PHE A 184 7.20 -16.74 -9.79
CA PHE A 184 7.24 -15.53 -10.61
C PHE A 184 6.22 -15.64 -11.74
N VAL A 185 5.22 -14.75 -11.72
CA VAL A 185 4.27 -14.62 -12.82
C VAL A 185 4.87 -13.71 -13.89
N GLN A 186 4.54 -13.98 -15.16
CA GLN A 186 5.00 -13.16 -16.26
C GLN A 186 4.11 -11.92 -16.40
N LEU A 187 4.73 -10.74 -16.42
CA LEU A 187 4.02 -9.48 -16.57
C LEU A 187 4.65 -8.68 -17.72
N GLN A 188 5.42 -9.35 -18.58
CA GLN A 188 6.18 -8.71 -19.64
C GLN A 188 5.33 -8.47 -20.89
N HIS A 189 5.38 -7.23 -21.39
CA HIS A 189 4.75 -6.86 -22.64
C HIS A 189 5.52 -5.69 -23.24
N GLY A 190 5.66 -5.65 -24.57
CA GLY A 190 6.42 -4.61 -25.23
C GLY A 190 7.89 -4.66 -24.78
N GLU A 191 8.52 -3.50 -24.66
CA GLU A 191 9.90 -3.39 -24.21
C GLU A 191 10.00 -3.24 -22.69
N ILE A 192 8.87 -3.41 -21.99
CA ILE A 192 8.79 -3.24 -20.54
C ILE A 192 8.93 -4.60 -19.84
N ASP A 193 9.41 -4.58 -18.60
CA ASP A 193 9.58 -5.78 -17.80
C ASP A 193 8.95 -5.60 -16.42
N LYS A 194 8.20 -6.61 -15.98
CA LYS A 194 7.51 -6.63 -14.70
C LYS A 194 7.50 -8.06 -14.18
N ARG A 195 7.61 -8.23 -12.85
CA ARG A 195 7.55 -9.52 -12.19
C ARG A 195 7.18 -9.34 -10.74
N VAL A 196 6.60 -10.38 -10.13
CA VAL A 196 6.28 -10.41 -8.71
C VAL A 196 6.17 -11.86 -8.26
N GLU A 197 6.41 -12.13 -6.97
CA GLU A 197 6.29 -13.48 -6.46
C GLU A 197 4.90 -13.72 -5.87
N VAL A 198 4.32 -14.88 -6.18
CA VAL A 198 2.95 -15.21 -5.78
C VAL A 198 2.91 -16.14 -4.57
N LYS A 199 1.75 -16.17 -3.91
CA LYS A 199 1.46 -17.16 -2.89
C LYS A 199 -0.06 -17.28 -2.70
N PRO A 200 -0.53 -18.39 -2.12
CA PRO A 200 -1.92 -18.56 -1.76
C PRO A 200 -2.35 -17.43 -0.84
N TYR A 201 -3.52 -16.85 -1.06
CA TYR A 201 -3.96 -15.74 -0.21
C TYR A 201 -4.67 -16.25 1.03
N VAL A 202 -4.90 -15.35 1.99
CA VAL A 202 -5.37 -15.67 3.32
C VAL A 202 -6.12 -14.49 3.91
N LEU A 203 -7.11 -14.76 4.76
CA LEU A 203 -7.90 -13.75 5.45
C LEU A 203 -8.18 -14.19 6.88
N SER A 1 -9.11 31.42 -20.39
CA SER A 1 -8.62 30.55 -21.48
C SER A 1 -7.10 30.55 -21.53
N HIS A 2 -6.52 29.63 -22.32
CA HIS A 2 -5.08 29.51 -22.51
C HIS A 2 -4.30 29.41 -21.20
N GLN A 3 -4.92 28.82 -20.16
CA GLN A 3 -4.28 28.67 -18.86
C GLN A 3 -3.22 27.57 -18.91
N ASN A 4 -2.32 27.57 -17.92
CA ASN A 4 -1.23 26.61 -17.82
C ASN A 4 -1.08 26.08 -16.39
N GLY A 5 -2.08 26.32 -15.54
CA GLY A 5 -2.07 25.89 -14.15
C GLY A 5 -2.30 24.38 -14.03
N GLU A 6 -2.48 23.91 -12.79
CA GLU A 6 -2.69 22.50 -12.49
C GLU A 6 -3.94 22.31 -11.64
N ARG A 7 -4.46 21.08 -11.60
CA ARG A 7 -5.67 20.75 -10.87
C ARG A 7 -5.34 20.25 -9.46
N VAL A 8 -6.40 20.09 -8.65
CA VAL A 8 -6.31 19.59 -7.28
C VAL A 8 -5.90 18.12 -7.27
N GLU A 9 -5.35 17.65 -6.14
CA GLU A 9 -4.94 16.27 -5.96
C GLU A 9 -5.60 15.70 -4.71
N ARG A 10 -5.78 14.37 -4.68
CA ARG A 10 -6.47 13.70 -3.58
C ARG A 10 -5.57 12.64 -2.94
N TYR A 11 -5.98 12.19 -1.74
CA TYR A 11 -5.16 11.31 -0.92
C TYR A 11 -6.02 10.41 -0.05
N SER A 12 -5.44 9.29 0.37
CA SER A 12 -6.09 8.37 1.28
C SER A 12 -5.67 8.70 2.71
N ARG A 13 -6.44 8.23 3.69
CA ARG A 13 -6.15 8.45 5.09
C ARG A 13 -5.12 7.45 5.60
N LYS A 14 -4.30 6.89 4.68
CA LYS A 14 -3.24 5.96 5.04
C LYS A 14 -1.99 6.22 4.22
N VAL A 15 -0.83 6.15 4.89
CA VAL A 15 0.46 6.38 4.26
C VAL A 15 1.51 5.46 4.87
N PHE A 16 2.58 5.17 4.12
CA PHE A 16 3.73 4.46 4.67
C PHE A 16 4.67 5.48 5.29
N VAL A 17 5.24 5.16 6.46
CA VAL A 17 6.25 5.99 7.08
C VAL A 17 7.53 5.18 7.21
N GLY A 18 8.57 5.62 6.50
CA GLY A 18 9.82 4.90 6.44
C GLY A 18 10.66 5.16 7.68
N GLY A 19 11.27 4.08 8.17
CA GLY A 19 12.22 4.13 9.27
C GLY A 19 11.60 4.36 10.65
N LEU A 20 12.36 3.98 11.66
CA LEU A 20 12.06 4.14 13.07
C LEU A 20 13.39 4.03 13.80
N PRO A 21 13.77 5.00 14.63
CA PRO A 21 15.04 4.96 15.33
C PRO A 21 14.97 3.91 16.44
N PRO A 22 16.06 3.16 16.68
CA PRO A 22 16.09 2.06 17.64
C PRO A 22 15.81 2.45 19.09
N ASP A 23 15.63 3.74 19.40
CA ASP A 23 15.54 4.20 20.77
C ASP A 23 14.11 4.44 21.26
N ILE A 24 13.14 4.65 20.36
CA ILE A 24 11.76 4.94 20.76
C ILE A 24 10.76 4.09 19.96
N ASP A 25 9.47 4.39 20.12
CA ASP A 25 8.39 3.59 19.56
C ASP A 25 7.29 4.45 18.95
N GLU A 26 6.12 3.83 18.73
CA GLU A 26 4.91 4.42 18.19
C GLU A 26 4.61 5.83 18.72
N ASP A 27 5.02 6.12 19.97
CA ASP A 27 4.71 7.39 20.60
C ASP A 27 5.39 8.57 19.89
N GLU A 28 6.55 8.33 19.27
CA GLU A 28 7.33 9.40 18.69
C GLU A 28 6.78 9.81 17.31
N ILE A 29 6.25 8.84 16.56
CA ILE A 29 5.66 9.14 15.26
C ILE A 29 4.31 9.83 15.48
N THR A 30 3.59 9.42 16.53
CA THR A 30 2.31 10.02 16.85
C THR A 30 2.50 11.45 17.35
N ALA A 31 3.72 11.77 17.82
CA ALA A 31 4.04 13.12 18.25
C ALA A 31 4.69 13.93 17.12
N SER A 32 5.13 13.28 16.03
CA SER A 32 5.78 13.98 14.93
C SER A 32 4.75 14.55 13.94
N PHE A 33 3.59 13.92 13.80
CA PHE A 33 2.58 14.36 12.83
C PHE A 33 1.34 14.96 13.49
N ARG A 34 1.34 15.14 14.82
CA ARG A 34 0.23 15.77 15.51
C ARG A 34 0.16 17.25 15.15
N ARG A 35 1.21 17.78 14.53
CA ARG A 35 1.32 19.17 14.09
C ARG A 35 0.31 19.50 12.99
N PHE A 36 -0.28 18.47 12.37
CA PHE A 36 -1.19 18.66 11.25
C PHE A 36 -2.58 18.09 11.54
N GLY A 37 -2.72 17.39 12.67
CA GLY A 37 -3.99 16.82 13.09
C GLY A 37 -3.76 15.49 13.81
N PRO A 38 -4.76 14.99 14.54
CA PRO A 38 -4.68 13.71 15.22
C PRO A 38 -4.38 12.57 14.25
N LEU A 39 -3.52 11.64 14.65
CA LEU A 39 -3.18 10.49 13.83
C LEU A 39 -2.81 9.29 14.70
N ILE A 40 -2.73 8.13 14.06
CA ILE A 40 -2.34 6.89 14.71
C ILE A 40 -1.39 6.12 13.78
N VAL A 41 -0.68 5.14 14.32
CA VAL A 41 0.28 4.36 13.55
C VAL A 41 0.08 2.88 13.83
N ASP A 42 0.27 2.04 12.81
CA ASP A 42 0.01 0.62 12.90
C ASP A 42 0.87 -0.14 11.89
N TRP A 43 0.84 -1.47 12.01
CA TRP A 43 1.50 -2.38 11.09
C TRP A 43 0.76 -3.72 11.16
N PRO A 44 0.90 -4.65 10.20
CA PRO A 44 0.04 -5.82 10.15
C PRO A 44 0.37 -6.80 11.29
N HIS A 45 1.44 -6.51 12.04
CA HIS A 45 1.92 -7.36 13.12
C HIS A 45 1.47 -6.81 14.49
N LYS A 46 0.70 -5.72 14.50
CA LYS A 46 0.23 -5.07 15.72
C LYS A 46 -0.50 -6.02 16.66
N ALA A 47 -0.55 -5.65 17.94
CA ALA A 47 -1.21 -6.42 18.99
C ALA A 47 -2.23 -5.56 19.74
N GLU A 48 -2.63 -4.43 19.13
CA GLU A 48 -3.57 -3.43 19.64
C GLU A 48 -3.17 -2.76 20.96
N SER A 49 -2.34 -3.40 21.79
CA SER A 49 -1.89 -2.80 23.04
C SER A 49 -0.66 -3.52 23.61
N LYS A 50 -0.43 -4.78 23.22
CA LYS A 50 0.66 -5.58 23.76
C LYS A 50 1.98 -5.38 23.02
N SER A 51 2.00 -4.51 22.01
CA SER A 51 3.20 -4.26 21.21
C SER A 51 3.31 -2.78 20.86
N TYR A 52 4.56 -2.31 20.74
CA TYR A 52 4.87 -0.92 20.42
C TYR A 52 6.00 -0.82 19.39
N PHE A 53 6.58 -1.95 18.98
CA PHE A 53 7.70 -1.96 18.07
C PHE A 53 7.41 -2.85 16.87
N PRO A 54 7.59 -2.34 15.64
CA PRO A 54 7.53 -3.11 14.42
C PRO A 54 8.56 -4.23 14.40
N PRO A 55 8.43 -5.19 13.48
CA PRO A 55 9.37 -6.30 13.31
C PRO A 55 10.82 -5.86 13.17
N LYS A 56 11.06 -4.62 12.71
CA LYS A 56 12.42 -4.09 12.60
C LYS A 56 12.43 -2.59 12.88
N GLY A 57 11.72 -1.79 12.06
CA GLY A 57 11.74 -0.35 12.24
C GLY A 57 11.04 0.43 11.12
N TYR A 58 9.86 -0.02 10.68
CA TYR A 58 9.08 0.71 9.69
C TYR A 58 7.59 0.60 10.06
N ALA A 59 6.77 1.58 9.67
CA ALA A 59 5.36 1.60 10.08
C ALA A 59 4.48 2.30 9.05
N PHE A 60 3.18 2.41 9.34
CA PHE A 60 2.22 3.04 8.45
C PHE A 60 1.21 3.84 9.29
N LEU A 61 0.81 5.04 8.84
CA LEU A 61 -0.12 5.87 9.60
C LEU A 61 -1.56 5.70 9.14
N LEU A 62 -2.46 5.87 10.11
CA LEU A 62 -3.89 5.95 9.86
C LEU A 62 -4.33 7.36 10.26
N PHE A 63 -5.26 7.95 9.50
CA PHE A 63 -5.67 9.33 9.70
C PHE A 63 -7.19 9.47 9.73
N GLN A 64 -7.66 10.64 10.16
CA GLN A 64 -9.08 10.94 10.29
C GLN A 64 -9.55 11.93 9.23
N ASP A 65 -8.68 12.84 8.77
CA ASP A 65 -9.04 13.85 7.80
C ASP A 65 -8.20 13.78 6.52
N GLU A 66 -8.76 14.24 5.40
CA GLU A 66 -8.05 14.29 4.14
C GLU A 66 -7.26 15.60 4.03
N SER A 67 -7.60 16.60 4.86
CA SER A 67 -6.88 17.86 4.90
C SER A 67 -5.69 17.75 5.86
N SER A 68 -5.69 16.73 6.72
CA SER A 68 -4.59 16.51 7.65
C SER A 68 -3.37 15.98 6.89
N VAL A 69 -3.61 15.10 5.92
CA VAL A 69 -2.53 14.56 5.10
C VAL A 69 -2.05 15.61 4.10
N GLN A 70 -2.91 16.55 3.73
CA GLN A 70 -2.54 17.57 2.77
C GLN A 70 -1.57 18.57 3.39
N ALA A 71 -1.71 18.85 4.69
CA ALA A 71 -0.85 19.81 5.35
C ALA A 71 0.50 19.19 5.70
N LEU A 72 0.55 17.91 6.05
CA LEU A 72 1.83 17.28 6.38
C LEU A 72 2.64 16.93 5.14
N ILE A 73 1.99 16.90 3.98
CA ILE A 73 2.67 16.62 2.71
C ILE A 73 3.12 17.93 2.05
N ASP A 74 2.48 19.07 2.39
CA ASP A 74 2.81 20.34 1.79
C ASP A 74 3.74 21.17 2.67
N ALA A 75 3.96 20.75 3.92
CA ALA A 75 4.81 21.46 4.87
C ALA A 75 6.01 20.60 5.29
N CYS A 76 6.53 19.80 4.35
CA CYS A 76 7.63 18.87 4.63
C CYS A 76 8.67 18.90 3.50
N ILE A 77 9.71 18.08 3.66
CA ILE A 77 10.83 17.99 2.73
C ILE A 77 10.49 16.99 1.63
N GLU A 78 11.18 17.08 0.49
CA GLU A 78 10.98 16.14 -0.61
C GLU A 78 12.31 15.52 -1.04
N GLU A 79 12.25 14.33 -1.62
CA GLU A 79 13.44 13.61 -2.05
C GLU A 79 13.15 12.80 -3.32
N ASP A 80 13.27 13.47 -4.48
CA ASP A 80 13.16 12.89 -5.81
C ASP A 80 11.87 12.12 -6.12
N GLY A 81 10.92 12.01 -5.19
CA GLY A 81 9.66 11.35 -5.44
C GLY A 81 8.85 11.02 -4.20
N LYS A 82 9.45 11.13 -3.01
CA LYS A 82 8.75 10.90 -1.75
C LYS A 82 9.07 12.01 -0.77
N LEU A 83 8.38 12.05 0.37
CA LEU A 83 8.47 13.16 1.31
C LEU A 83 9.29 12.78 2.55
N TYR A 84 9.68 13.80 3.33
CA TYR A 84 10.50 13.61 4.52
C TYR A 84 10.06 14.59 5.61
N LEU A 85 10.01 14.15 6.87
CA LEU A 85 9.80 15.05 8.00
C LEU A 85 10.94 14.87 9.00
N CYS A 86 11.58 15.98 9.40
CA CYS A 86 12.69 15.90 10.34
C CYS A 86 12.16 15.69 11.75
N VAL A 87 12.83 14.82 12.54
CA VAL A 87 12.38 14.52 13.90
C VAL A 87 13.52 14.47 14.90
N SER A 88 14.77 14.69 14.44
CA SER A 88 15.95 14.65 15.31
C SER A 88 15.94 13.43 16.21
N SER A 89 15.91 12.24 15.61
CA SER A 89 15.81 10.98 16.35
C SER A 89 16.93 10.82 17.37
N PRO A 90 16.68 10.11 18.48
CA PRO A 90 17.64 9.89 19.54
C PRO A 90 18.83 9.01 19.16
N THR A 91 19.04 8.70 17.87
CA THR A 91 20.10 7.78 17.45
C THR A 91 21.10 8.43 16.51
N ILE A 92 20.74 9.59 15.94
CA ILE A 92 21.54 10.34 14.97
C ILE A 92 20.93 11.74 14.78
N LYS A 93 21.50 12.53 13.87
CA LYS A 93 21.02 13.85 13.52
C LYS A 93 20.66 13.93 12.03
N ASP A 94 20.51 12.80 11.36
CA ASP A 94 20.32 12.76 9.91
C ASP A 94 19.31 11.70 9.43
N LYS A 95 18.25 11.42 10.21
CA LYS A 95 17.21 10.48 9.77
C LYS A 95 15.82 11.09 9.91
N PRO A 96 15.40 11.92 8.94
CA PRO A 96 14.03 12.37 8.83
C PRO A 96 13.15 11.18 8.45
N VAL A 97 11.90 11.12 8.93
CA VAL A 97 11.02 10.02 8.61
C VAL A 97 10.50 10.21 7.18
N GLN A 98 10.52 9.13 6.39
CA GLN A 98 10.08 9.19 5.01
C GLN A 98 8.57 8.97 4.95
N ILE A 99 7.89 9.56 3.96
CA ILE A 99 6.46 9.41 3.79
C ILE A 99 6.13 9.01 2.35
N ARG A 100 5.20 8.07 2.19
CA ARG A 100 4.71 7.64 0.88
C ARG A 100 3.21 7.38 0.97
N PRO A 101 2.38 8.39 0.69
CA PRO A 101 0.92 8.30 0.75
C PRO A 101 0.35 7.36 -0.31
N TRP A 102 -0.90 6.93 -0.13
CA TRP A 102 -1.60 6.16 -1.15
C TRP A 102 -2.41 7.09 -2.04
N ASN A 103 -2.47 6.79 -3.35
CA ASN A 103 -3.24 7.58 -4.29
C ASN A 103 -4.56 6.88 -4.61
N LEU A 104 -5.54 7.66 -5.06
CA LEU A 104 -6.87 7.16 -5.34
C LEU A 104 -7.00 6.68 -6.79
N SER A 105 -8.20 6.18 -7.10
CA SER A 105 -8.63 5.73 -8.42
C SER A 105 -7.90 4.51 -8.99
N ASP A 106 -6.99 3.86 -8.24
CA ASP A 106 -6.39 2.60 -8.70
C ASP A 106 -6.31 1.54 -7.59
N SER A 107 -7.01 1.75 -6.48
CA SER A 107 -6.94 0.83 -5.34
C SER A 107 -7.54 -0.54 -5.67
N ASP A 108 -8.56 -0.56 -6.54
CA ASP A 108 -9.26 -1.79 -6.89
C ASP A 108 -9.86 -1.69 -8.29
N PHE A 109 -10.18 -2.84 -8.88
CA PHE A 109 -10.81 -2.89 -10.20
C PHE A 109 -11.63 -4.17 -10.33
N VAL A 110 -12.67 -4.14 -11.16
CA VAL A 110 -13.53 -5.29 -11.38
C VAL A 110 -13.63 -5.55 -12.88
N MET A 111 -13.63 -6.83 -13.29
CA MET A 111 -13.67 -7.19 -14.70
C MET A 111 -14.71 -8.26 -14.99
N ASP A 112 -15.61 -8.51 -14.03
CA ASP A 112 -16.69 -9.47 -14.22
C ASP A 112 -17.79 -9.18 -13.21
N GLY A 113 -17.45 -9.20 -11.91
CA GLY A 113 -18.36 -8.85 -10.84
C GLY A 113 -19.60 -9.76 -10.77
N SER A 114 -19.60 -10.87 -11.49
CA SER A 114 -20.77 -11.74 -11.57
C SER A 114 -20.55 -13.06 -10.83
N GLN A 115 -19.35 -13.31 -10.31
CA GLN A 115 -19.05 -14.52 -9.56
C GLN A 115 -18.53 -14.17 -8.17
N PRO A 116 -18.99 -14.87 -7.12
CA PRO A 116 -18.49 -14.68 -5.76
C PRO A 116 -17.05 -15.17 -5.67
N LEU A 117 -16.33 -14.72 -4.64
CA LEU A 117 -14.92 -15.03 -4.47
C LEU A 117 -14.70 -15.91 -3.24
N ASP A 118 -13.63 -16.70 -3.25
CA ASP A 118 -13.30 -17.60 -2.15
C ASP A 118 -11.78 -17.68 -2.01
N PRO A 119 -11.28 -17.93 -0.78
CA PRO A 119 -9.85 -18.00 -0.50
C PRO A 119 -9.21 -19.22 -1.17
N ARG A 120 -10.01 -20.09 -1.79
CA ARG A 120 -9.52 -21.25 -2.53
C ARG A 120 -9.35 -20.91 -4.01
N LYS A 121 -9.68 -19.68 -4.42
CA LYS A 121 -9.52 -19.23 -5.79
C LYS A 121 -8.86 -17.85 -5.85
N THR A 122 -8.16 -17.45 -4.78
CA THR A 122 -7.54 -16.12 -4.71
C THR A 122 -6.03 -16.24 -4.53
N ILE A 123 -5.30 -15.32 -5.18
CA ILE A 123 -3.85 -15.26 -5.09
C ILE A 123 -3.47 -13.97 -4.36
N PHE A 124 -2.44 -14.04 -3.51
CA PHE A 124 -1.89 -12.85 -2.87
C PHE A 124 -0.54 -12.54 -3.52
N VAL A 125 -0.16 -11.27 -3.52
CA VAL A 125 1.03 -10.78 -4.19
C VAL A 125 1.73 -9.78 -3.29
N GLY A 126 3.06 -9.75 -3.32
CA GLY A 126 3.84 -8.86 -2.47
C GLY A 126 5.13 -8.40 -3.13
N GLY A 127 5.57 -7.19 -2.80
CA GLY A 127 6.71 -6.57 -3.46
C GLY A 127 6.26 -5.87 -4.74
N VAL A 128 4.98 -5.53 -4.83
CA VAL A 128 4.41 -4.89 -6.02
C VAL A 128 5.07 -3.55 -6.31
N PRO A 129 5.24 -3.21 -7.59
CA PRO A 129 5.68 -1.88 -8.00
C PRO A 129 4.51 -0.91 -7.83
N ARG A 130 4.82 0.39 -7.72
CA ARG A 130 3.78 1.39 -7.50
C ARG A 130 2.83 1.55 -8.69
N PRO A 131 3.31 1.65 -9.93
CA PRO A 131 2.48 1.78 -11.11
C PRO A 131 1.86 0.45 -11.57
N LEU A 132 1.65 -0.51 -10.66
CA LEU A 132 1.07 -1.79 -11.05
C LEU A 132 -0.36 -1.60 -11.56
N ARG A 133 -1.14 -0.78 -10.83
CA ARG A 133 -2.52 -0.43 -11.12
C ARG A 133 -3.45 -1.64 -11.16
N ALA A 134 -4.57 -1.57 -10.44
CA ALA A 134 -5.49 -2.69 -10.35
C ALA A 134 -6.13 -2.98 -11.72
N VAL A 135 -6.21 -1.98 -12.59
CA VAL A 135 -6.80 -2.14 -13.91
C VAL A 135 -5.90 -2.96 -14.81
N GLU A 136 -4.61 -2.62 -14.85
CA GLU A 136 -3.66 -3.27 -15.73
C GLU A 136 -3.21 -4.60 -15.13
N LEU A 137 -3.30 -4.74 -13.80
CA LEU A 137 -2.99 -5.99 -13.13
C LEU A 137 -4.04 -7.03 -13.48
N ALA A 138 -5.30 -6.61 -13.66
CA ALA A 138 -6.38 -7.55 -13.96
C ALA A 138 -6.36 -7.96 -15.42
N MET A 139 -5.95 -7.05 -16.32
CA MET A 139 -5.96 -7.33 -17.75
C MET A 139 -4.89 -8.34 -18.12
N ILE A 140 -3.74 -8.27 -17.44
CA ILE A 140 -2.62 -9.13 -17.77
C ILE A 140 -2.82 -10.53 -17.19
N MET A 141 -3.34 -10.63 -15.97
CA MET A 141 -3.71 -11.92 -15.40
C MET A 141 -4.77 -12.62 -16.24
N ASP A 142 -5.62 -11.87 -16.96
CA ASP A 142 -6.61 -12.49 -17.81
C ASP A 142 -6.02 -12.89 -19.16
N ARG A 143 -4.90 -12.26 -19.55
CA ARG A 143 -4.23 -12.56 -20.81
C ARG A 143 -3.22 -13.70 -20.67
N LEU A 144 -2.76 -14.00 -19.45
CA LEU A 144 -1.80 -15.08 -19.23
C LEU A 144 -2.43 -16.27 -18.52
N TYR A 145 -3.59 -16.09 -17.88
CA TYR A 145 -4.21 -17.16 -17.12
C TYR A 145 -5.71 -17.26 -17.41
N GLY A 146 -6.37 -16.11 -17.49
CA GLY A 146 -7.79 -16.04 -17.80
C GLY A 146 -8.68 -16.59 -16.69
N GLY A 147 -9.96 -16.25 -16.74
CA GLY A 147 -10.96 -16.77 -15.83
C GLY A 147 -11.02 -15.93 -14.56
N VAL A 148 -10.44 -14.74 -14.62
CA VAL A 148 -10.34 -13.82 -13.50
C VAL A 148 -11.67 -13.11 -13.26
N CYS A 149 -11.86 -12.52 -12.08
CA CYS A 149 -13.09 -11.81 -11.75
C CYS A 149 -12.81 -10.48 -11.02
N TYR A 150 -11.74 -10.42 -10.22
CA TYR A 150 -11.45 -9.24 -9.42
C TYR A 150 -9.96 -9.07 -9.18
N ALA A 151 -9.52 -7.83 -8.93
CA ALA A 151 -8.13 -7.51 -8.63
C ALA A 151 -8.04 -6.20 -7.85
N GLY A 152 -6.95 -6.02 -7.10
CA GLY A 152 -6.70 -4.79 -6.37
C GLY A 152 -5.43 -4.88 -5.53
N ILE A 153 -5.10 -3.77 -4.86
CA ILE A 153 -3.95 -3.72 -3.98
C ILE A 153 -4.48 -3.78 -2.54
N ASP A 154 -4.66 -5.01 -2.06
CA ASP A 154 -5.36 -5.28 -0.80
C ASP A 154 -6.68 -4.52 -0.72
N THR A 155 -6.64 -3.28 -0.23
CA THR A 155 -7.82 -2.43 -0.10
C THR A 155 -8.95 -3.17 0.61
N ASP A 156 -8.72 -3.51 1.88
CA ASP A 156 -9.69 -4.20 2.71
C ASP A 156 -10.96 -3.35 2.81
N PRO A 157 -12.13 -3.97 2.62
CA PRO A 157 -13.42 -3.28 2.51
C PRO A 157 -14.01 -2.83 3.85
N GLU A 158 -13.53 -3.37 4.98
CA GLU A 158 -14.04 -2.98 6.29
C GLU A 158 -13.07 -2.06 7.02
N LEU A 159 -11.94 -1.76 6.38
CA LEU A 159 -10.97 -0.79 6.86
C LEU A 159 -10.75 0.31 5.81
N LYS A 160 -11.23 0.07 4.57
CA LYS A 160 -11.11 0.99 3.46
C LYS A 160 -9.66 1.42 3.24
N TYR A 161 -8.72 0.48 3.41
CA TYR A 161 -7.29 0.78 3.33
C TYR A 161 -6.51 -0.33 2.64
N PRO A 162 -5.45 0.03 1.88
CA PRO A 162 -4.54 -0.92 1.27
C PRO A 162 -3.55 -1.46 2.30
N LYS A 163 -2.72 -2.42 1.87
CA LYS A 163 -1.70 -3.02 2.71
C LYS A 163 -0.37 -3.08 1.97
N GLY A 164 -0.21 -2.24 0.94
CA GLY A 164 1.02 -2.21 0.14
C GLY A 164 1.27 -3.53 -0.58
N ALA A 165 0.24 -4.38 -0.68
CA ALA A 165 0.37 -5.71 -1.28
C ALA A 165 -0.82 -5.98 -2.20
N GLY A 166 -0.59 -6.78 -3.25
CA GLY A 166 -1.60 -7.04 -4.26
C GLY A 166 -2.38 -8.32 -3.99
N ARG A 167 -3.55 -8.44 -4.63
CA ARG A 167 -4.33 -9.66 -4.63
C ARG A 167 -5.21 -9.71 -5.87
N VAL A 168 -5.47 -10.91 -6.38
CA VAL A 168 -6.30 -11.13 -7.55
C VAL A 168 -7.16 -12.35 -7.29
N ALA A 169 -8.38 -12.37 -7.83
CA ALA A 169 -9.30 -13.48 -7.61
C ALA A 169 -9.89 -13.95 -8.94
N PHE A 170 -10.12 -15.25 -9.05
CA PHE A 170 -10.62 -15.86 -10.27
C PHE A 170 -11.82 -16.74 -9.96
N SER A 171 -12.56 -17.13 -11.00
CA SER A 171 -13.73 -17.98 -10.84
C SER A 171 -13.41 -19.46 -11.04
N ASN A 172 -12.16 -19.79 -11.35
CA ASN A 172 -11.76 -21.17 -11.62
C ASN A 172 -10.58 -21.60 -10.73
N GLN A 173 -10.57 -22.89 -10.38
CA GLN A 173 -9.49 -23.46 -9.58
C GLN A 173 -8.26 -23.72 -10.44
N GLN A 174 -8.44 -23.75 -11.77
CA GLN A 174 -7.36 -24.02 -12.70
C GLN A 174 -6.52 -22.76 -12.88
N SER A 175 -7.16 -21.59 -12.92
CA SER A 175 -6.45 -20.34 -13.05
C SER A 175 -5.88 -19.91 -11.71
N TYR A 176 -6.46 -20.41 -10.61
CA TYR A 176 -5.96 -20.17 -9.27
C TYR A 176 -4.59 -20.82 -9.09
N ILE A 177 -4.40 -22.04 -9.60
CA ILE A 177 -3.11 -22.73 -9.50
C ILE A 177 -2.16 -22.31 -10.61
N ALA A 178 -2.67 -21.68 -11.68
CA ALA A 178 -1.84 -21.23 -12.77
C ALA A 178 -1.21 -19.87 -12.47
N ALA A 179 -1.92 -19.03 -11.69
CA ALA A 179 -1.42 -17.71 -11.34
C ALA A 179 -0.35 -17.78 -10.25
N ILE A 180 -0.25 -18.92 -9.56
CA ILE A 180 0.77 -19.15 -8.54
C ILE A 180 1.68 -20.30 -8.93
N SER A 181 1.78 -20.56 -10.25
CA SER A 181 2.56 -21.66 -10.78
C SER A 181 4.06 -21.33 -10.77
N ALA A 182 4.40 -20.07 -10.48
CA ALA A 182 5.78 -19.63 -10.39
C ALA A 182 5.85 -18.45 -9.42
N ARG A 183 6.96 -18.36 -8.67
CA ARG A 183 7.15 -17.28 -7.70
C ARG A 183 7.06 -15.91 -8.36
N PHE A 184 7.40 -15.82 -9.65
CA PHE A 184 7.34 -14.56 -10.38
C PHE A 184 6.42 -14.71 -11.59
N VAL A 185 5.39 -13.87 -11.65
CA VAL A 185 4.48 -13.81 -12.79
C VAL A 185 5.08 -12.94 -13.89
N GLN A 186 4.74 -13.20 -15.15
CA GLN A 186 5.19 -12.39 -16.27
C GLN A 186 4.13 -11.35 -16.58
N LEU A 187 4.58 -10.12 -16.86
CA LEU A 187 3.68 -8.99 -17.10
C LEU A 187 4.01 -8.34 -18.44
N GLN A 188 4.63 -9.10 -19.35
CA GLN A 188 5.13 -8.57 -20.61
C GLN A 188 4.07 -8.61 -21.71
N HIS A 189 3.93 -7.49 -22.41
CA HIS A 189 3.02 -7.38 -23.55
C HIS A 189 3.56 -6.36 -24.55
N GLY A 190 4.81 -5.93 -24.39
CA GLY A 190 5.44 -4.93 -25.22
C GLY A 190 6.84 -4.62 -24.71
N GLU A 191 7.25 -3.36 -24.80
CA GLU A 191 8.55 -2.91 -24.32
C GLU A 191 8.53 -2.67 -22.81
N ILE A 192 7.39 -2.95 -22.16
CA ILE A 192 7.21 -2.78 -20.73
C ILE A 192 7.36 -4.14 -20.03
N ASP A 193 7.86 -4.12 -18.79
CA ASP A 193 8.05 -5.33 -18.01
C ASP A 193 7.84 -5.03 -16.53
N LYS A 194 7.19 -5.98 -15.83
CA LYS A 194 6.93 -5.91 -14.40
C LYS A 194 7.09 -7.32 -13.83
N ARG A 195 7.40 -7.44 -12.55
CA ARG A 195 7.50 -8.72 -11.87
C ARG A 195 7.20 -8.54 -10.38
N VAL A 196 6.68 -9.60 -9.74
CA VAL A 196 6.36 -9.55 -8.32
C VAL A 196 6.22 -10.97 -7.76
N GLU A 197 6.37 -11.13 -6.45
CA GLU A 197 6.29 -12.42 -5.78
C GLU A 197 4.85 -12.83 -5.50
N VAL A 198 4.55 -14.12 -5.59
CA VAL A 198 3.19 -14.62 -5.40
C VAL A 198 3.09 -15.69 -4.31
N LYS A 199 1.86 -15.92 -3.84
CA LYS A 199 1.55 -17.04 -2.94
C LYS A 199 0.06 -17.37 -3.07
N PRO A 200 -0.34 -18.62 -2.73
CA PRO A 200 -1.72 -19.09 -2.79
C PRO A 200 -2.58 -18.50 -1.67
N TYR A 201 -2.36 -17.21 -1.38
CA TYR A 201 -2.98 -16.49 -0.28
C TYR A 201 -2.98 -17.32 1.00
N VAL A 202 -1.85 -17.96 1.27
CA VAL A 202 -1.60 -18.78 2.46
C VAL A 202 -2.69 -19.81 2.76
N LEU A 203 -3.51 -20.12 1.74
CA LEU A 203 -4.60 -21.10 1.77
C LEU A 203 -5.46 -21.04 3.03
N SER A 1 -1.55 29.47 -13.83
CA SER A 1 -0.44 28.58 -14.20
C SER A 1 -0.60 27.20 -13.56
N HIS A 2 -0.58 27.14 -12.22
CA HIS A 2 -0.71 25.88 -11.48
C HIS A 2 -1.58 26.07 -10.23
N GLN A 3 -2.19 27.25 -10.10
CA GLN A 3 -3.03 27.58 -8.96
C GLN A 3 -4.38 26.87 -9.06
N ASN A 4 -5.09 26.79 -7.94
CA ASN A 4 -6.40 26.14 -7.87
C ASN A 4 -7.31 26.90 -6.91
N GLY A 5 -8.60 27.00 -7.23
CA GLY A 5 -9.58 27.67 -6.40
C GLY A 5 -10.12 26.75 -5.30
N GLU A 6 -9.71 25.48 -5.30
CA GLU A 6 -10.16 24.49 -4.34
C GLU A 6 -8.98 23.93 -3.55
N ARG A 7 -9.28 23.20 -2.46
CA ARG A 7 -8.28 22.62 -1.58
C ARG A 7 -8.70 21.22 -1.14
N VAL A 8 -7.75 20.51 -0.53
CA VAL A 8 -7.88 19.12 -0.09
C VAL A 8 -8.10 18.15 -1.26
N GLU A 9 -7.56 16.93 -1.12
CA GLU A 9 -7.65 15.91 -2.15
C GLU A 9 -8.03 14.57 -1.51
N ARG A 10 -8.53 13.65 -2.35
CA ARG A 10 -8.95 12.33 -1.91
C ARG A 10 -7.78 11.53 -1.33
N TYR A 11 -8.05 10.76 -0.28
CA TYR A 11 -7.04 9.93 0.37
C TYR A 11 -7.70 8.73 1.05
N SER A 12 -6.91 7.68 1.30
CA SER A 12 -7.40 6.45 1.90
C SER A 12 -7.25 6.45 3.43
N ARG A 13 -7.12 7.64 4.04
CA ARG A 13 -6.95 7.79 5.48
C ARG A 13 -5.75 7.00 6.01
N LYS A 14 -4.80 6.67 5.13
CA LYS A 14 -3.61 5.92 5.50
C LYS A 14 -2.43 6.37 4.64
N VAL A 15 -1.24 6.38 5.24
CA VAL A 15 -0.01 6.73 4.54
C VAL A 15 1.11 5.81 4.95
N PHE A 16 2.08 5.61 4.04
CA PHE A 16 3.31 4.91 4.39
C PHE A 16 4.30 5.94 4.90
N VAL A 17 5.06 5.57 5.93
CA VAL A 17 6.13 6.42 6.43
C VAL A 17 7.38 5.57 6.65
N GLY A 18 8.54 6.11 6.27
CA GLY A 18 9.79 5.38 6.37
C GLY A 18 10.90 6.32 6.82
N GLY A 19 12.14 5.85 6.79
CA GLY A 19 13.26 6.68 7.17
C GLY A 19 13.39 6.83 8.69
N LEU A 20 12.57 6.12 9.47
CA LEU A 20 12.64 6.21 10.92
C LEU A 20 13.92 5.52 11.39
N PRO A 21 14.52 5.98 12.49
CA PRO A 21 15.78 5.42 12.98
C PRO A 21 15.60 3.94 13.36
N PRO A 22 16.71 3.18 13.44
CA PRO A 22 16.72 1.75 13.75
C PRO A 22 15.96 1.36 15.02
N ASP A 23 15.55 2.35 15.84
CA ASP A 23 14.75 2.11 17.01
C ASP A 23 13.31 2.54 16.76
N ILE A 24 12.95 3.77 17.16
CA ILE A 24 11.60 4.32 17.01
C ILE A 24 10.49 3.46 17.63
N ASP A 25 9.32 4.08 17.84
CA ASP A 25 8.16 3.40 18.40
C ASP A 25 6.88 4.13 18.03
N GLU A 26 5.75 3.60 18.50
CA GLU A 26 4.42 4.12 18.21
C GLU A 26 4.24 5.58 18.67
N ASP A 27 4.90 5.99 19.75
CA ASP A 27 4.63 7.29 20.34
C ASP A 27 5.53 8.40 19.79
N GLU A 28 6.69 8.03 19.24
CA GLU A 28 7.62 9.00 18.68
C GLU A 28 7.19 9.40 17.27
N ILE A 29 6.48 8.50 16.58
CA ILE A 29 5.92 8.79 15.27
C ILE A 29 4.65 9.61 15.47
N THR A 30 3.85 9.26 16.48
CA THR A 30 2.64 10.00 16.80
C THR A 30 3.01 11.42 17.22
N ALA A 31 4.27 11.61 17.67
CA ALA A 31 4.76 12.94 18.02
C ALA A 31 5.37 13.66 16.81
N SER A 32 5.78 12.92 15.77
CA SER A 32 6.33 13.53 14.57
C SER A 32 5.26 14.21 13.73
N PHE A 33 4.00 13.77 13.82
CA PHE A 33 2.93 14.33 13.01
C PHE A 33 1.75 14.85 13.84
N ARG A 34 1.92 14.99 15.17
CA ARG A 34 0.88 15.48 16.06
C ARG A 34 0.51 16.94 15.74
N ARG A 35 1.39 17.64 15.01
CA ARG A 35 1.20 19.03 14.62
C ARG A 35 0.07 19.18 13.62
N PHE A 36 -0.43 18.07 13.06
CA PHE A 36 -1.41 18.10 11.99
C PHE A 36 -2.68 17.31 12.34
N GLY A 37 -3.08 17.37 13.61
CA GLY A 37 -4.29 16.70 14.07
C GLY A 37 -3.99 15.35 14.70
N PRO A 38 -5.01 14.69 15.25
CA PRO A 38 -4.87 13.39 15.91
C PRO A 38 -4.59 12.29 14.92
N LEU A 39 -3.89 11.25 15.39
CA LEU A 39 -3.35 10.21 14.54
C LEU A 39 -2.89 9.00 15.34
N ILE A 40 -2.71 7.87 14.65
CA ILE A 40 -2.12 6.66 15.23
C ILE A 40 -1.21 6.01 14.20
N VAL A 41 -0.42 5.03 14.61
CA VAL A 41 0.50 4.33 13.72
C VAL A 41 0.43 2.82 13.95
N ASP A 42 0.68 2.04 12.89
CA ASP A 42 0.59 0.59 12.97
C ASP A 42 1.51 -0.07 11.95
N TRP A 43 1.57 -1.40 12.04
CA TRP A 43 2.34 -2.24 11.13
C TRP A 43 1.76 -3.66 11.24
N PRO A 44 1.94 -4.53 10.23
CA PRO A 44 1.25 -5.81 10.18
C PRO A 44 1.85 -6.80 11.18
N HIS A 45 3.07 -6.54 11.63
CA HIS A 45 3.80 -7.39 12.55
C HIS A 45 3.41 -7.09 14.00
N LYS A 46 2.62 -6.03 14.21
CA LYS A 46 2.21 -5.54 15.51
C LYS A 46 1.21 -6.47 16.21
N ALA A 47 0.96 -6.18 17.49
CA ALA A 47 0.02 -6.90 18.32
C ALA A 47 -1.00 -5.92 18.91
N GLU A 48 -2.09 -6.45 19.48
CA GLU A 48 -3.17 -5.61 20.01
C GLU A 48 -2.94 -5.22 21.48
N SER A 49 -1.92 -5.79 22.13
CA SER A 49 -1.65 -5.50 23.54
C SER A 49 -0.18 -5.73 23.91
N LYS A 50 0.71 -5.80 22.92
CA LYS A 50 2.11 -6.10 23.17
C LYS A 50 3.04 -5.35 22.23
N SER A 51 4.20 -4.93 22.75
CA SER A 51 5.26 -4.23 22.04
C SER A 51 4.83 -2.90 21.40
N TYR A 52 5.83 -2.09 21.06
CA TYR A 52 5.64 -0.79 20.41
C TYR A 52 6.75 -0.52 19.39
N PHE A 53 7.54 -1.55 19.06
CA PHE A 53 8.72 -1.42 18.21
C PHE A 53 8.45 -2.01 16.82
N PRO A 54 8.50 -1.17 15.77
CA PRO A 54 8.42 -1.60 14.39
C PRO A 54 9.59 -2.53 14.02
N PRO A 55 9.44 -3.33 12.95
CA PRO A 55 10.46 -4.26 12.48
C PRO A 55 11.84 -3.65 12.31
N LYS A 56 11.95 -2.37 11.94
CA LYS A 56 13.25 -1.72 11.74
C LYS A 56 13.13 -0.21 11.84
N GLY A 57 12.32 0.40 10.98
CA GLY A 57 12.23 1.86 10.90
C GLY A 57 11.22 2.31 9.84
N TYR A 58 10.27 1.44 9.50
CA TYR A 58 9.24 1.77 8.53
C TYR A 58 7.89 1.43 9.13
N ALA A 59 6.88 2.28 8.91
CA ALA A 59 5.58 2.12 9.52
C ALA A 59 4.49 2.77 8.66
N PHE A 60 3.25 2.76 9.14
CA PHE A 60 2.13 3.32 8.39
C PHE A 60 1.18 4.02 9.36
N LEU A 61 0.72 5.22 9.05
CA LEU A 61 -0.19 5.95 9.93
C LEU A 61 -1.65 5.69 9.56
N LEU A 62 -2.50 5.77 10.58
CA LEU A 62 -3.94 5.69 10.40
C LEU A 62 -4.52 7.04 10.81
N PHE A 63 -5.49 7.53 10.03
CA PHE A 63 -6.08 8.84 10.25
C PHE A 63 -7.60 8.77 10.25
N GLN A 64 -8.24 9.85 10.72
CA GLN A 64 -9.68 9.91 10.85
C GLN A 64 -10.24 10.96 9.88
N ASP A 65 -9.47 12.00 9.62
CA ASP A 65 -9.88 13.09 8.75
C ASP A 65 -8.96 13.19 7.53
N GLU A 66 -9.54 13.64 6.41
CA GLU A 66 -8.82 13.76 5.15
C GLU A 66 -8.03 15.06 5.08
N SER A 67 -8.37 16.04 5.93
CA SER A 67 -7.69 17.32 5.96
C SER A 67 -6.44 17.30 6.83
N SER A 68 -6.33 16.30 7.71
CA SER A 68 -5.17 16.16 8.58
C SER A 68 -3.95 15.72 7.78
N VAL A 69 -4.14 14.70 6.93
CA VAL A 69 -3.08 14.16 6.11
C VAL A 69 -2.75 15.15 4.98
N GLN A 70 -3.68 16.05 4.67
CA GLN A 70 -3.45 17.06 3.66
C GLN A 70 -2.54 18.15 4.23
N ALA A 71 -2.62 18.41 5.54
CA ALA A 71 -1.83 19.46 6.15
C ALA A 71 -0.36 19.06 6.30
N LEU A 72 -0.05 17.84 6.75
CA LEU A 72 1.35 17.49 6.91
C LEU A 72 2.02 17.28 5.56
N ILE A 73 1.27 16.84 4.53
CA ILE A 73 1.83 16.64 3.20
C ILE A 73 1.94 17.97 2.46
N ASP A 74 1.24 19.02 2.91
CA ASP A 74 1.35 20.34 2.33
C ASP A 74 2.52 21.10 2.97
N ALA A 75 2.97 20.64 4.14
CA ALA A 75 4.08 21.26 4.87
C ALA A 75 5.33 20.38 4.93
N CYS A 76 5.40 19.34 4.09
CA CYS A 76 6.53 18.42 4.09
C CYS A 76 7.54 18.73 2.98
N ILE A 77 8.69 18.04 3.02
CA ILE A 77 9.78 18.16 2.06
C ILE A 77 9.55 17.15 0.93
N GLU A 78 10.29 17.26 -0.16
CA GLU A 78 10.12 16.38 -1.30
C GLU A 78 11.42 15.67 -1.68
N GLU A 79 11.29 14.49 -2.29
CA GLU A 79 12.41 13.76 -2.87
C GLU A 79 11.91 13.02 -4.11
N ASP A 80 12.77 12.19 -4.72
CA ASP A 80 12.42 11.46 -5.93
C ASP A 80 11.24 10.52 -5.70
N GLY A 81 10.04 10.96 -6.07
CA GLY A 81 8.84 10.14 -6.01
C GLY A 81 8.24 10.00 -4.59
N LYS A 82 8.88 10.58 -3.58
CA LYS A 82 8.39 10.49 -2.20
C LYS A 82 8.52 11.84 -1.49
N LEU A 83 7.99 11.92 -0.27
CA LEU A 83 8.05 13.11 0.55
C LEU A 83 9.00 12.89 1.74
N TYR A 84 9.25 13.93 2.53
CA TYR A 84 10.13 13.86 3.69
C TYR A 84 9.58 14.76 4.80
N LEU A 85 9.80 14.40 6.08
CA LEU A 85 9.52 15.30 7.20
C LEU A 85 10.73 15.32 8.13
N CYS A 86 11.01 16.48 8.75
CA CYS A 86 12.14 16.60 9.65
C CYS A 86 11.75 16.23 11.08
N VAL A 87 12.58 15.42 11.72
CA VAL A 87 12.40 14.97 13.09
C VAL A 87 13.77 14.59 13.66
N SER A 88 13.94 14.66 14.98
CA SER A 88 15.19 14.28 15.63
C SER A 88 15.20 12.78 15.90
N SER A 89 16.39 12.17 15.90
CA SER A 89 16.52 10.74 16.15
C SER A 89 17.71 10.46 17.05
N PRO A 90 17.62 9.44 17.91
CA PRO A 90 18.68 9.06 18.83
C PRO A 90 19.83 8.34 18.13
N THR A 91 19.71 7.97 16.85
CA THR A 91 20.80 7.30 16.15
C THR A 91 21.70 8.32 15.44
N ILE A 92 21.20 9.55 15.24
CA ILE A 92 21.93 10.67 14.64
C ILE A 92 21.66 11.90 15.53
N LYS A 93 21.56 13.08 14.90
CA LYS A 93 21.10 14.31 15.56
C LYS A 93 19.84 14.81 14.84
N ASP A 94 19.56 14.27 13.65
CA ASP A 94 18.39 14.59 12.85
C ASP A 94 18.11 13.44 11.89
N LYS A 95 16.86 13.31 11.42
CA LYS A 95 16.47 12.28 10.48
C LYS A 95 15.26 12.71 9.65
N PRO A 96 15.43 12.94 8.35
CA PRO A 96 14.33 13.10 7.42
C PRO A 96 13.58 11.77 7.29
N VAL A 97 12.26 11.77 7.35
CA VAL A 97 11.46 10.54 7.28
C VAL A 97 10.50 10.60 6.11
N GLN A 98 10.35 9.50 5.36
CA GLN A 98 9.51 9.50 4.17
C GLN A 98 8.03 9.49 4.50
N ILE A 99 7.24 10.00 3.56
CA ILE A 99 5.77 9.95 3.58
C ILE A 99 5.27 9.63 2.17
N ARG A 100 4.22 8.80 2.06
CA ARG A 100 3.54 8.58 0.80
C ARG A 100 2.11 8.10 1.08
N PRO A 101 1.10 8.94 0.81
CA PRO A 101 -0.30 8.62 1.02
C PRO A 101 -0.82 7.68 -0.06
N TRP A 102 -1.98 7.06 0.18
CA TRP A 102 -2.62 6.20 -0.81
C TRP A 102 -3.76 6.92 -1.52
N ASN A 103 -3.92 6.63 -2.82
CA ASN A 103 -4.91 7.29 -3.67
C ASN A 103 -6.08 6.37 -3.99
N LEU A 104 -7.23 6.97 -4.33
CA LEU A 104 -8.46 6.24 -4.57
C LEU A 104 -8.74 6.06 -6.06
N SER A 105 -7.73 6.27 -6.92
CA SER A 105 -7.91 6.26 -8.36
C SER A 105 -7.69 4.87 -8.96
N ASP A 106 -6.85 4.02 -8.35
CA ASP A 106 -6.54 2.71 -8.91
C ASP A 106 -6.44 1.63 -7.83
N SER A 107 -7.09 1.83 -6.68
CA SER A 107 -6.99 0.90 -5.56
C SER A 107 -7.69 -0.43 -5.84
N ASP A 108 -8.56 -0.48 -6.84
CA ASP A 108 -9.28 -1.68 -7.21
C ASP A 108 -9.69 -1.63 -8.68
N PHE A 109 -9.98 -2.79 -9.27
CA PHE A 109 -10.38 -2.88 -10.67
C PHE A 109 -11.17 -4.16 -10.94
N VAL A 110 -11.99 -4.15 -11.99
CA VAL A 110 -12.74 -5.32 -12.44
C VAL A 110 -12.69 -5.44 -13.95
N MET A 111 -12.78 -6.69 -14.44
CA MET A 111 -12.73 -6.97 -15.86
C MET A 111 -13.82 -7.97 -16.22
N ASP A 112 -14.82 -8.08 -15.35
CA ASP A 112 -15.94 -8.99 -15.52
C ASP A 112 -17.16 -8.39 -14.80
N GLY A 113 -18.29 -9.09 -14.84
CA GLY A 113 -19.53 -8.65 -14.18
C GLY A 113 -19.45 -8.70 -12.65
N SER A 114 -18.24 -8.73 -12.09
CA SER A 114 -18.04 -8.76 -10.65
C SER A 114 -18.81 -9.90 -9.99
N GLN A 115 -18.64 -11.12 -10.52
CA GLN A 115 -19.27 -12.32 -9.99
C GLN A 115 -18.74 -12.60 -8.58
N PRO A 116 -19.46 -13.39 -7.78
CA PRO A 116 -19.07 -13.74 -6.41
C PRO A 116 -17.65 -14.29 -6.34
N LEU A 117 -16.97 -14.03 -5.23
CA LEU A 117 -15.57 -14.40 -5.03
C LEU A 117 -15.41 -15.27 -3.80
N ASP A 118 -14.28 -15.98 -3.72
CA ASP A 118 -13.96 -16.85 -2.59
C ASP A 118 -12.46 -16.78 -2.30
N PRO A 119 -12.05 -16.96 -1.04
CA PRO A 119 -10.64 -16.94 -0.66
C PRO A 119 -9.90 -18.15 -1.23
N ARG A 120 -10.63 -19.14 -1.76
CA ARG A 120 -10.05 -20.30 -2.44
C ARG A 120 -9.89 -20.01 -3.94
N LYS A 121 -10.24 -18.81 -4.38
CA LYS A 121 -10.13 -18.41 -5.78
C LYS A 121 -9.32 -17.12 -5.92
N THR A 122 -8.55 -16.76 -4.89
CA THR A 122 -7.82 -15.49 -4.89
C THR A 122 -6.34 -15.72 -4.59
N ILE A 123 -5.47 -14.99 -5.29
CA ILE A 123 -4.02 -15.13 -5.18
C ILE A 123 -3.41 -13.88 -4.53
N PHE A 124 -2.27 -14.06 -3.85
CA PHE A 124 -1.51 -12.94 -3.32
C PHE A 124 -0.16 -12.87 -4.03
N VAL A 125 0.32 -11.65 -4.26
CA VAL A 125 1.58 -11.42 -4.95
C VAL A 125 2.34 -10.26 -4.31
N GLY A 126 3.63 -10.48 -4.04
CA GLY A 126 4.45 -9.49 -3.36
C GLY A 126 5.88 -9.44 -3.91
N GLY A 127 6.70 -8.57 -3.35
CA GLY A 127 8.03 -8.30 -3.89
C GLY A 127 7.94 -7.27 -5.02
N VAL A 128 6.76 -6.67 -5.17
CA VAL A 128 6.49 -5.69 -6.21
C VAL A 128 7.20 -4.36 -5.90
N PRO A 129 7.49 -3.55 -6.93
CA PRO A 129 8.06 -2.23 -6.79
C PRO A 129 7.01 -1.26 -6.24
N ARG A 130 7.32 0.04 -6.19
CA ARG A 130 6.42 1.04 -5.63
C ARG A 130 5.05 1.03 -6.33
N PRO A 131 4.96 1.03 -7.67
CA PRO A 131 3.69 0.89 -8.36
C PRO A 131 3.21 -0.55 -8.36
N LEU A 132 1.91 -0.75 -8.14
CA LEU A 132 1.28 -2.07 -8.15
C LEU A 132 -0.21 -1.97 -8.48
N ARG A 133 -0.64 -0.83 -9.02
CA ARG A 133 -2.03 -0.53 -9.34
C ARG A 133 -2.75 -1.71 -9.99
N ALA A 134 -4.02 -1.89 -9.63
CA ALA A 134 -4.80 -3.05 -10.02
C ALA A 134 -5.17 -3.07 -11.50
N VAL A 135 -5.17 -1.91 -12.16
CA VAL A 135 -5.53 -1.82 -13.57
C VAL A 135 -4.58 -2.66 -14.42
N GLU A 136 -3.27 -2.45 -14.27
CA GLU A 136 -2.29 -3.13 -15.09
C GLU A 136 -1.98 -4.52 -14.53
N LEU A 137 -2.29 -4.74 -13.25
CA LEU A 137 -2.09 -6.04 -12.63
C LEU A 137 -3.15 -7.02 -13.12
N ALA A 138 -4.36 -6.51 -13.40
CA ALA A 138 -5.45 -7.36 -13.85
C ALA A 138 -5.30 -7.71 -15.33
N MET A 139 -4.85 -6.75 -16.15
CA MET A 139 -4.72 -6.96 -17.58
C MET A 139 -3.66 -8.02 -17.85
N ILE A 140 -2.49 -7.88 -17.26
CA ILE A 140 -1.38 -8.82 -17.46
C ILE A 140 -1.75 -10.18 -16.90
N MET A 141 -2.50 -10.21 -15.80
CA MET A 141 -2.88 -11.45 -15.16
C MET A 141 -3.96 -12.18 -15.97
N ASP A 142 -4.58 -11.50 -16.93
CA ASP A 142 -5.57 -12.12 -17.79
C ASP A 142 -5.00 -12.47 -19.17
N ARG A 143 -3.82 -11.95 -19.52
CA ARG A 143 -3.18 -12.29 -20.78
C ARG A 143 -2.22 -13.48 -20.62
N LEU A 144 -1.81 -13.80 -19.38
CA LEU A 144 -0.97 -14.96 -19.12
C LEU A 144 -1.71 -16.00 -18.28
N TYR A 145 -2.76 -15.58 -17.57
CA TYR A 145 -3.52 -16.47 -16.69
C TYR A 145 -5.01 -16.15 -16.80
N GLY A 146 -5.49 -16.01 -18.04
CA GLY A 146 -6.86 -15.62 -18.35
C GLY A 146 -7.90 -16.33 -17.48
N GLY A 147 -8.89 -15.55 -17.01
CA GLY A 147 -9.95 -16.02 -16.14
C GLY A 147 -10.22 -15.04 -15.00
N VAL A 148 -9.58 -13.86 -15.03
CA VAL A 148 -9.68 -12.87 -13.97
C VAL A 148 -11.05 -12.20 -14.00
N CYS A 149 -11.54 -11.77 -12.83
CA CYS A 149 -12.80 -11.03 -12.72
C CYS A 149 -12.67 -9.82 -11.81
N TYR A 150 -11.70 -9.84 -10.89
CA TYR A 150 -11.47 -8.73 -9.97
C TYR A 150 -10.00 -8.67 -9.57
N ALA A 151 -9.52 -7.46 -9.27
CA ALA A 151 -8.17 -7.24 -8.80
C ALA A 151 -8.15 -6.03 -7.88
N GLY A 152 -7.17 -5.97 -6.98
CA GLY A 152 -7.05 -4.86 -6.06
C GLY A 152 -5.81 -5.00 -5.19
N ILE A 153 -5.66 -4.06 -4.25
CA ILE A 153 -4.55 -4.09 -3.31
C ILE A 153 -5.08 -4.65 -1.99
N ASP A 154 -4.21 -5.28 -1.19
CA ASP A 154 -4.59 -5.76 0.12
C ASP A 154 -5.21 -4.62 0.92
N THR A 155 -6.38 -4.86 1.55
CA THR A 155 -7.06 -3.86 2.36
C THR A 155 -7.73 -4.51 3.57
N ASP A 156 -8.17 -3.69 4.53
CA ASP A 156 -8.94 -4.17 5.67
C ASP A 156 -10.17 -3.28 5.89
N PRO A 157 -11.34 -3.87 6.15
CA PRO A 157 -12.62 -3.18 6.23
C PRO A 157 -12.79 -2.23 7.42
N GLU A 158 -11.88 -2.22 8.41
CA GLU A 158 -12.05 -1.36 9.57
C GLU A 158 -12.01 0.11 9.17
N LEU A 159 -11.32 0.39 8.06
CA LEU A 159 -11.15 1.74 7.56
C LEU A 159 -11.00 1.74 6.03
N LYS A 160 -11.13 0.56 5.41
CA LYS A 160 -10.92 0.36 3.99
C LYS A 160 -9.54 0.85 3.57
N TYR A 161 -8.54 0.59 4.42
CA TYR A 161 -7.18 1.06 4.20
C TYR A 161 -6.32 -0.05 3.62
N PRO A 162 -5.35 0.27 2.76
CA PRO A 162 -4.51 -0.71 2.09
C PRO A 162 -3.34 -1.18 2.96
N LYS A 163 -2.72 -2.30 2.53
CA LYS A 163 -1.47 -2.80 3.05
C LYS A 163 -0.53 -3.06 1.88
N GLY A 164 0.63 -3.64 2.16
CA GLY A 164 1.62 -3.94 1.13
C GLY A 164 1.13 -5.09 0.26
N ALA A 165 1.76 -5.26 -0.91
CA ALA A 165 1.42 -6.31 -1.87
C ALA A 165 -0.03 -6.24 -2.35
N GLY A 166 -0.38 -7.08 -3.33
CA GLY A 166 -1.69 -7.02 -3.98
C GLY A 166 -2.31 -8.41 -4.14
N ARG A 167 -3.54 -8.43 -4.67
CA ARG A 167 -4.29 -9.67 -4.85
C ARG A 167 -5.17 -9.60 -6.10
N VAL A 168 -5.49 -10.76 -6.65
CA VAL A 168 -6.33 -10.90 -7.84
C VAL A 168 -7.25 -12.09 -7.63
N ALA A 169 -8.48 -12.00 -8.16
CA ALA A 169 -9.45 -13.07 -8.00
C ALA A 169 -9.94 -13.53 -9.37
N PHE A 170 -10.28 -14.82 -9.46
CA PHE A 170 -10.70 -15.44 -10.71
C PHE A 170 -12.08 -16.07 -10.55
N SER A 171 -12.85 -16.12 -11.64
CA SER A 171 -14.14 -16.78 -11.64
C SER A 171 -14.01 -18.30 -11.85
N ASN A 172 -12.76 -18.79 -11.94
CA ASN A 172 -12.50 -20.20 -12.20
C ASN A 172 -11.47 -20.74 -11.21
N GLN A 173 -11.70 -21.96 -10.71
CA GLN A 173 -10.76 -22.61 -9.82
C GLN A 173 -9.55 -23.12 -10.60
N GLN A 174 -9.67 -23.16 -11.93
CA GLN A 174 -8.59 -23.61 -12.80
C GLN A 174 -7.60 -22.47 -13.01
N SER A 175 -8.10 -21.24 -13.13
CA SER A 175 -7.26 -20.07 -13.32
C SER A 175 -6.55 -19.73 -12.01
N TYR A 176 -7.17 -20.07 -10.88
CA TYR A 176 -6.57 -19.84 -9.58
C TYR A 176 -5.35 -20.73 -9.38
N ILE A 177 -5.49 -22.05 -9.58
CA ILE A 177 -4.38 -22.98 -9.37
C ILE A 177 -3.30 -22.79 -10.44
N ALA A 178 -3.64 -22.12 -11.55
CA ALA A 178 -2.68 -21.84 -12.59
C ALA A 178 -1.86 -20.59 -12.25
N ALA A 179 -2.41 -19.70 -11.42
CA ALA A 179 -1.71 -18.47 -11.04
C ALA A 179 -0.81 -18.69 -9.82
N ILE A 180 -1.06 -19.73 -9.03
CA ILE A 180 -0.21 -20.10 -7.91
C ILE A 180 0.52 -21.42 -8.21
N SER A 181 0.74 -21.71 -9.50
CA SER A 181 1.37 -22.93 -9.95
C SER A 181 2.89 -22.89 -9.82
N ALA A 182 3.45 -21.70 -9.54
CA ALA A 182 4.88 -21.53 -9.39
C ALA A 182 5.15 -20.27 -8.56
N ARG A 183 6.19 -20.28 -7.74
CA ARG A 183 6.53 -19.15 -6.88
C ARG A 183 6.74 -17.88 -7.69
N PHE A 184 7.25 -17.99 -8.92
CA PHE A 184 7.44 -16.84 -9.79
C PHE A 184 6.67 -17.06 -11.10
N VAL A 185 5.68 -16.20 -11.33
CA VAL A 185 4.89 -16.22 -12.56
C VAL A 185 5.40 -15.16 -13.53
N GLN A 186 5.06 -15.30 -14.81
CA GLN A 186 5.46 -14.33 -15.82
C GLN A 186 4.46 -13.17 -15.86
N LEU A 187 5.00 -11.98 -16.08
CA LEU A 187 4.19 -10.78 -16.27
C LEU A 187 4.72 -10.07 -17.50
N GLN A 188 3.98 -10.19 -18.60
CA GLN A 188 4.37 -9.62 -19.88
C GLN A 188 3.21 -8.84 -20.49
N HIS A 189 3.54 -7.78 -21.24
CA HIS A 189 2.55 -6.96 -21.93
C HIS A 189 3.06 -6.53 -23.30
N GLY A 190 4.05 -7.27 -23.81
CA GLY A 190 4.71 -6.98 -25.07
C GLY A 190 5.99 -6.18 -24.85
N GLU A 191 7.08 -6.63 -25.48
CA GLU A 191 8.41 -6.03 -25.41
C GLU A 191 8.95 -5.84 -23.98
N ILE A 192 8.23 -6.31 -22.96
CA ILE A 192 8.64 -6.17 -21.56
C ILE A 192 8.22 -7.40 -20.77
N ASP A 193 9.12 -7.90 -19.91
CA ASP A 193 8.80 -8.98 -18.99
C ASP A 193 9.22 -8.64 -17.57
N LYS A 194 8.44 -9.15 -16.59
CA LYS A 194 8.66 -8.95 -15.16
C LYS A 194 8.26 -10.21 -14.40
N ARG A 195 8.59 -10.26 -13.11
CA ARG A 195 8.28 -11.38 -12.24
C ARG A 195 7.79 -10.88 -10.88
N VAL A 196 7.10 -11.76 -10.14
CA VAL A 196 6.62 -11.45 -8.80
C VAL A 196 6.51 -12.73 -7.98
N GLU A 197 6.65 -12.65 -6.66
CA GLU A 197 6.52 -13.83 -5.81
C GLU A 197 5.06 -14.07 -5.47
N VAL A 198 4.56 -15.28 -5.72
CA VAL A 198 3.15 -15.60 -5.49
C VAL A 198 2.97 -16.53 -4.30
N LYS A 199 1.76 -16.51 -3.74
CA LYS A 199 1.34 -17.48 -2.74
C LYS A 199 -0.18 -17.52 -2.67
N PRO A 200 -0.75 -18.62 -2.16
CA PRO A 200 -2.17 -18.71 -1.89
C PRO A 200 -2.54 -17.58 -0.94
N TYR A 201 -3.62 -16.85 -1.22
CA TYR A 201 -3.90 -15.68 -0.42
C TYR A 201 -4.47 -16.08 0.95
N VAL A 202 -3.73 -15.70 2.00
CA VAL A 202 -4.05 -15.89 3.42
C VAL A 202 -4.34 -17.34 3.81
N LEU A 203 -4.41 -17.58 5.13
CA LEU A 203 -4.67 -18.90 5.71
C LEU A 203 -3.80 -19.99 5.08
N SER A 1 5.14 24.69 -18.52
CA SER A 1 4.01 25.21 -17.74
C SER A 1 2.80 25.45 -18.63
N HIS A 2 1.60 25.56 -18.03
CA HIS A 2 0.36 25.79 -18.74
C HIS A 2 -0.47 26.88 -18.06
N GLN A 3 0.12 27.57 -17.07
CA GLN A 3 -0.54 28.62 -16.30
C GLN A 3 -1.88 28.15 -15.71
N ASN A 4 -2.02 26.83 -15.51
CA ASN A 4 -3.23 26.24 -14.95
C ASN A 4 -2.87 24.99 -14.14
N GLY A 5 -3.72 24.62 -13.18
CA GLY A 5 -3.49 23.46 -12.33
C GLY A 5 -4.55 23.35 -11.24
N GLU A 6 -4.43 22.33 -10.40
CA GLU A 6 -5.36 22.08 -9.30
C GLU A 6 -4.63 21.46 -8.11
N ARG A 7 -5.28 21.44 -6.95
CA ARG A 7 -4.70 20.92 -5.71
C ARG A 7 -5.77 20.30 -4.81
N VAL A 8 -5.34 19.66 -3.73
CA VAL A 8 -6.22 19.06 -2.73
C VAL A 8 -7.23 18.12 -3.39
N GLU A 9 -6.74 17.25 -4.28
CA GLU A 9 -7.56 16.25 -4.94
C GLU A 9 -7.96 15.13 -3.98
N ARG A 10 -8.72 14.16 -4.50
CA ARG A 10 -9.10 12.95 -3.79
C ARG A 10 -7.88 12.35 -3.09
N TYR A 11 -8.04 11.95 -1.83
CA TYR A 11 -6.92 11.51 -1.01
C TYR A 11 -7.35 10.45 0.01
N SER A 12 -6.37 9.66 0.48
CA SER A 12 -6.61 8.69 1.52
C SER A 12 -6.06 9.20 2.86
N ARG A 13 -6.67 8.79 3.96
CA ARG A 13 -6.19 9.10 5.29
C ARG A 13 -5.14 8.09 5.74
N LYS A 14 -4.78 7.16 4.84
CA LYS A 14 -3.74 6.17 5.05
C LYS A 14 -2.46 6.63 4.35
N VAL A 15 -1.34 6.49 5.06
CA VAL A 15 -0.04 6.89 4.54
C VAL A 15 1.05 6.00 5.14
N PHE A 16 2.08 5.69 4.35
CA PHE A 16 3.22 4.94 4.84
C PHE A 16 4.29 5.92 5.32
N VAL A 17 5.00 5.53 6.38
CA VAL A 17 6.14 6.29 6.87
C VAL A 17 7.28 5.31 7.10
N GLY A 18 8.47 5.63 6.58
CA GLY A 18 9.61 4.73 6.66
C GLY A 18 10.88 5.50 6.90
N GLY A 19 11.83 4.88 7.62
CA GLY A 19 13.06 5.55 7.99
C GLY A 19 13.01 6.00 9.44
N LEU A 20 12.39 5.19 10.31
CA LEU A 20 12.43 5.42 11.74
C LEU A 20 13.69 4.77 12.31
N PRO A 21 14.13 5.20 13.50
CA PRO A 21 15.22 4.56 14.20
C PRO A 21 14.75 3.19 14.72
N PRO A 22 15.67 2.25 14.91
CA PRO A 22 15.36 0.90 15.38
C PRO A 22 14.97 0.87 16.86
N ASP A 23 14.89 2.04 17.51
CA ASP A 23 14.59 2.10 18.94
C ASP A 23 13.10 2.30 19.23
N ILE A 24 12.34 2.91 18.31
CA ILE A 24 10.91 3.13 18.50
C ILE A 24 10.16 2.80 17.20
N ASP A 25 8.82 2.85 17.26
CA ASP A 25 8.01 2.60 16.07
C ASP A 25 6.57 3.10 16.25
N GLU A 26 6.25 3.79 17.34
CA GLU A 26 4.86 4.17 17.59
C GLU A 26 4.72 5.53 18.30
N ASP A 27 5.49 5.79 19.34
CA ASP A 27 5.29 6.98 20.16
C ASP A 27 5.98 8.21 19.58
N GLU A 28 7.14 8.01 18.94
CA GLU A 28 7.93 9.12 18.42
C GLU A 28 7.26 9.70 17.17
N ILE A 29 6.50 8.89 16.45
CA ILE A 29 5.80 9.32 15.25
C ILE A 29 4.43 9.90 15.59
N THR A 30 3.79 9.41 16.67
CA THR A 30 2.53 10.00 17.09
C THR A 30 2.80 11.38 17.70
N ALA A 31 4.06 11.67 18.01
CA ALA A 31 4.46 13.00 18.46
C ALA A 31 5.01 13.85 17.32
N SER A 32 5.49 13.24 16.22
CA SER A 32 6.04 14.00 15.09
C SER A 32 4.99 14.40 14.05
N PHE A 33 3.79 13.81 14.07
CA PHE A 33 2.79 14.07 13.04
C PHE A 33 1.46 14.57 13.60
N ARG A 34 1.43 14.92 14.89
CA ARG A 34 0.22 15.40 15.54
C ARG A 34 0.00 16.90 15.31
N ARG A 35 1.02 17.60 14.80
CA ARG A 35 0.94 19.04 14.57
C ARG A 35 0.05 19.41 13.39
N PHE A 36 -0.24 18.44 12.51
CA PHE A 36 -1.08 18.68 11.34
C PHE A 36 -2.47 18.06 11.53
N GLY A 37 -2.72 17.47 12.70
CA GLY A 37 -3.99 16.84 13.01
C GLY A 37 -3.77 15.58 13.84
N PRO A 38 -4.81 15.07 14.50
CA PRO A 38 -4.74 13.87 15.30
C PRO A 38 -4.53 12.64 14.41
N LEU A 39 -3.69 11.71 14.87
CA LEU A 39 -3.36 10.51 14.10
C LEU A 39 -2.97 9.34 14.99
N ILE A 40 -2.95 8.15 14.37
CA ILE A 40 -2.47 6.93 15.01
C ILE A 40 -1.60 6.18 14.01
N VAL A 41 -1.08 5.01 14.41
CA VAL A 41 -0.24 4.20 13.55
C VAL A 41 -0.68 2.75 13.59
N ASP A 42 -0.34 1.97 12.55
CA ASP A 42 -0.74 0.59 12.45
C ASP A 42 0.30 -0.25 11.70
N TRP A 43 0.20 -1.57 11.88
CA TRP A 43 0.95 -2.55 11.12
C TRP A 43 0.16 -3.85 11.22
N PRO A 44 0.32 -4.82 10.31
CA PRO A 44 -0.57 -5.96 10.25
C PRO A 44 -0.33 -6.92 11.42
N HIS A 45 0.76 -6.68 12.16
CA HIS A 45 1.16 -7.47 13.32
C HIS A 45 0.86 -6.71 14.62
N LYS A 46 -0.02 -5.71 14.55
CA LYS A 46 -0.31 -4.75 15.61
C LYS A 46 -0.25 -5.35 17.02
N ALA A 47 -1.14 -6.31 17.30
CA ALA A 47 -1.30 -6.90 18.63
C ALA A 47 -1.61 -5.84 19.70
N GLU A 48 -2.03 -6.29 20.89
CA GLU A 48 -2.38 -5.38 21.98
C GLU A 48 -1.84 -5.89 23.32
N SER A 49 -0.96 -6.90 23.29
CA SER A 49 -0.41 -7.48 24.51
C SER A 49 1.07 -7.85 24.37
N LYS A 50 1.66 -7.68 23.18
CA LYS A 50 3.05 -8.03 22.93
C LYS A 50 3.72 -7.02 22.00
N SER A 51 4.99 -6.73 22.28
CA SER A 51 5.85 -5.83 21.52
C SER A 51 5.29 -4.41 21.34
N TYR A 52 6.14 -3.53 20.80
CA TYR A 52 5.81 -2.15 20.48
C TYR A 52 6.43 -1.76 19.14
N PHE A 53 7.27 -2.63 18.56
CA PHE A 53 7.97 -2.33 17.33
C PHE A 53 8.40 -3.58 16.54
N PRO A 54 7.47 -4.44 16.14
CA PRO A 54 7.78 -5.59 15.31
C PRO A 54 8.57 -5.23 14.03
N PRO A 55 8.23 -4.16 13.30
CA PRO A 55 9.00 -3.67 12.17
C PRO A 55 10.39 -3.19 12.57
N LYS A 56 11.29 -3.05 11.58
CA LYS A 56 12.64 -2.58 11.84
C LYS A 56 12.68 -1.06 11.99
N GLY A 57 11.78 -0.35 11.32
CA GLY A 57 11.78 1.12 11.35
C GLY A 57 10.79 1.71 10.35
N TYR A 58 9.70 0.99 10.05
CA TYR A 58 8.70 1.47 9.11
C TYR A 58 7.30 1.08 9.59
N ALA A 59 6.34 1.99 9.39
CA ALA A 59 4.97 1.80 9.86
C ALA A 59 4.00 2.56 8.96
N PHE A 60 2.70 2.50 9.28
CA PHE A 60 1.68 3.11 8.46
C PHE A 60 0.77 3.98 9.33
N LEU A 61 0.70 5.28 9.03
CA LEU A 61 -0.13 6.19 9.81
C LEU A 61 -1.58 6.16 9.36
N LEU A 62 -2.46 6.37 10.34
CA LEU A 62 -3.89 6.41 10.13
C LEU A 62 -4.38 7.76 10.66
N PHE A 63 -4.67 8.69 9.77
CA PHE A 63 -5.14 10.02 10.15
C PHE A 63 -6.66 10.01 10.28
N GLN A 64 -7.20 11.03 10.95
CA GLN A 64 -8.64 11.15 11.13
C GLN A 64 -9.27 11.96 10.00
N ASP A 65 -8.47 12.78 9.30
CA ASP A 65 -8.96 13.56 8.17
C ASP A 65 -8.04 13.43 6.97
N GLU A 66 -8.59 13.53 5.76
CA GLU A 66 -7.81 13.47 4.54
C GLU A 66 -7.10 14.80 4.28
N SER A 67 -7.52 15.87 4.96
CA SER A 67 -6.90 17.18 4.83
C SER A 67 -5.83 17.38 5.90
N SER A 68 -5.86 16.60 6.98
CA SER A 68 -4.83 16.67 8.02
C SER A 68 -3.52 16.13 7.47
N VAL A 69 -3.61 14.99 6.78
CA VAL A 69 -2.45 14.36 6.17
C VAL A 69 -2.02 15.14 4.93
N GLN A 70 -2.89 16.01 4.42
CA GLN A 70 -2.55 16.82 3.26
C GLN A 70 -1.66 17.98 3.68
N ALA A 71 -1.85 18.53 4.89
CA ALA A 71 -1.05 19.64 5.36
C ALA A 71 0.35 19.16 5.78
N LEU A 72 0.44 17.97 6.38
CA LEU A 72 1.73 17.41 6.76
C LEU A 72 2.57 17.12 5.50
N ILE A 73 1.93 16.62 4.44
CA ILE A 73 2.65 16.23 3.25
C ILE A 73 2.86 17.40 2.29
N ASP A 74 2.22 18.54 2.55
CA ASP A 74 2.39 19.74 1.72
C ASP A 74 3.20 20.82 2.45
N ALA A 75 3.57 20.60 3.71
CA ALA A 75 4.34 21.58 4.49
C ALA A 75 5.67 21.04 5.01
N CYS A 76 6.05 19.82 4.62
CA CYS A 76 7.31 19.22 5.06
C CYS A 76 8.26 19.06 3.85
N ILE A 77 9.40 18.39 4.06
CA ILE A 77 10.48 18.32 3.09
C ILE A 77 10.01 17.48 1.90
N GLU A 78 10.60 17.72 0.72
CA GLU A 78 10.22 16.98 -0.48
C GLU A 78 11.45 16.57 -1.29
N GLU A 79 11.29 15.53 -2.12
CA GLU A 79 12.33 15.07 -3.03
C GLU A 79 11.74 14.59 -4.35
N ASP A 80 11.07 15.51 -5.06
CA ASP A 80 10.57 15.35 -6.42
C ASP A 80 9.71 14.10 -6.66
N GLY A 81 9.36 13.36 -5.60
CA GLY A 81 8.55 12.16 -5.72
C GLY A 81 8.27 11.52 -4.37
N LYS A 82 9.06 11.85 -3.35
CA LYS A 82 8.78 11.44 -1.98
C LYS A 82 8.84 12.66 -1.06
N LEU A 83 8.27 12.53 0.15
CA LEU A 83 8.28 13.60 1.13
C LEU A 83 9.05 13.14 2.37
N TYR A 84 9.45 14.09 3.22
CA TYR A 84 10.20 13.79 4.43
C TYR A 84 9.83 14.74 5.56
N LEU A 85 10.17 14.35 6.79
CA LEU A 85 10.07 15.20 7.95
C LEU A 85 11.27 14.91 8.86
N CYS A 86 11.79 15.93 9.54
CA CYS A 86 12.89 15.73 10.47
C CYS A 86 12.35 15.28 11.83
N VAL A 87 12.88 14.17 12.36
CA VAL A 87 12.41 13.60 13.62
C VAL A 87 13.60 13.09 14.45
N SER A 88 13.35 12.81 15.73
CA SER A 88 14.36 12.28 16.62
C SER A 88 14.78 10.88 16.16
N SER A 89 16.04 10.51 16.40
CA SER A 89 16.57 9.24 15.96
C SER A 89 17.67 8.76 16.90
N PRO A 90 17.34 7.99 17.93
CA PRO A 90 18.28 7.44 18.90
C PRO A 90 19.44 6.62 18.31
N THR A 91 19.40 6.26 17.02
CA THR A 91 20.50 5.52 16.40
C THR A 91 21.47 6.46 15.68
N ILE A 92 21.08 7.73 15.52
CA ILE A 92 21.84 8.77 14.85
C ILE A 92 21.81 10.00 15.76
N LYS A 93 22.08 11.20 15.23
CA LYS A 93 21.86 12.45 15.93
C LYS A 93 20.59 13.13 15.39
N ASP A 94 20.24 12.78 14.14
CA ASP A 94 19.03 13.24 13.47
C ASP A 94 18.76 12.31 12.27
N LYS A 95 17.50 12.16 11.87
CA LYS A 95 17.16 11.35 10.70
C LYS A 95 15.86 11.84 10.06
N PRO A 96 15.90 12.25 8.79
CA PRO A 96 14.71 12.50 8.01
C PRO A 96 13.93 11.20 7.79
N VAL A 97 12.63 11.20 8.11
CA VAL A 97 11.77 10.05 7.87
C VAL A 97 10.96 10.30 6.61
N GLN A 98 10.86 9.30 5.74
CA GLN A 98 10.18 9.43 4.46
C GLN A 98 8.68 9.20 4.62
N ILE A 99 7.88 9.91 3.81
CA ILE A 99 6.42 9.82 3.84
C ILE A 99 5.91 9.48 2.44
N ARG A 100 4.86 8.67 2.37
CA ARG A 100 4.31 8.21 1.10
C ARG A 100 2.83 7.87 1.28
N PRO A 101 1.94 8.80 0.94
CA PRO A 101 0.49 8.65 1.08
C PRO A 101 -0.10 7.78 -0.02
N TRP A 102 -1.39 7.43 0.10
CA TRP A 102 -2.09 6.66 -0.91
C TRP A 102 -3.11 7.53 -1.66
N ASN A 103 -3.36 7.19 -2.93
CA ASN A 103 -4.25 7.94 -3.81
C ASN A 103 -5.45 7.09 -4.22
N LEU A 104 -6.54 7.77 -4.57
CA LEU A 104 -7.80 7.12 -4.94
C LEU A 104 -7.96 7.19 -6.45
N SER A 105 -7.46 6.18 -7.17
CA SER A 105 -7.59 6.14 -8.62
C SER A 105 -7.51 4.72 -9.16
N ASP A 106 -6.66 3.86 -8.58
CA ASP A 106 -6.49 2.49 -9.05
C ASP A 106 -6.36 1.49 -7.90
N SER A 107 -6.97 1.78 -6.74
CA SER A 107 -6.84 0.93 -5.57
C SER A 107 -7.35 -0.48 -5.82
N ASP A 108 -8.42 -0.62 -6.61
CA ASP A 108 -9.03 -1.92 -6.90
C ASP A 108 -9.76 -1.88 -8.24
N PHE A 109 -10.02 -3.06 -8.81
CA PHE A 109 -10.73 -3.17 -10.08
C PHE A 109 -11.44 -4.51 -10.19
N VAL A 110 -12.45 -4.60 -11.06
CA VAL A 110 -13.20 -5.82 -11.33
C VAL A 110 -13.46 -5.95 -12.82
N MET A 111 -13.56 -7.19 -13.32
CA MET A 111 -13.69 -7.43 -14.75
C MET A 111 -14.71 -8.51 -15.12
N ASP A 112 -15.50 -9.01 -14.18
CA ASP A 112 -16.44 -10.10 -14.47
C ASP A 112 -17.80 -9.90 -13.79
N GLY A 113 -18.11 -8.68 -13.35
CA GLY A 113 -19.41 -8.39 -12.75
C GLY A 113 -19.44 -8.66 -11.25
N SER A 114 -18.28 -8.74 -10.59
CA SER A 114 -18.19 -8.95 -9.16
C SER A 114 -18.94 -10.21 -8.71
N GLN A 115 -18.66 -11.34 -9.38
CA GLN A 115 -19.24 -12.63 -9.05
C GLN A 115 -18.82 -13.05 -7.64
N PRO A 116 -19.48 -14.07 -7.05
CA PRO A 116 -19.11 -14.60 -5.75
C PRO A 116 -17.62 -14.88 -5.69
N LEU A 117 -16.99 -14.51 -4.57
CA LEU A 117 -15.55 -14.53 -4.45
C LEU A 117 -15.12 -15.22 -3.14
N ASP A 118 -13.94 -15.83 -3.13
CA ASP A 118 -13.48 -16.57 -1.95
C ASP A 118 -11.96 -16.50 -1.82
N PRO A 119 -11.41 -16.34 -0.61
CA PRO A 119 -9.97 -16.28 -0.38
C PRO A 119 -9.19 -17.50 -0.90
N ARG A 120 -9.86 -18.64 -1.08
CA ARG A 120 -9.20 -19.85 -1.58
C ARG A 120 -9.16 -19.85 -3.11
N LYS A 121 -9.58 -18.73 -3.72
CA LYS A 121 -9.53 -18.54 -5.16
C LYS A 121 -8.75 -17.26 -5.48
N THR A 122 -7.83 -16.89 -4.59
CA THR A 122 -7.12 -15.62 -4.68
C THR A 122 -5.61 -15.83 -4.56
N ILE A 123 -4.84 -14.92 -5.17
CA ILE A 123 -3.38 -14.97 -5.16
C ILE A 123 -2.84 -13.66 -4.60
N PHE A 124 -1.69 -13.72 -3.93
CA PHE A 124 -0.99 -12.52 -3.47
C PHE A 124 0.34 -12.44 -4.20
N VAL A 125 0.76 -11.22 -4.53
CA VAL A 125 2.04 -10.98 -5.19
C VAL A 125 2.76 -9.80 -4.54
N GLY A 126 4.03 -10.00 -4.19
CA GLY A 126 4.82 -8.99 -3.51
C GLY A 126 6.19 -8.80 -4.18
N GLY A 127 6.86 -7.70 -3.84
CA GLY A 127 8.13 -7.34 -4.47
C GLY A 127 7.90 -6.54 -5.75
N VAL A 128 6.70 -5.99 -5.92
CA VAL A 128 6.35 -5.23 -7.10
C VAL A 128 7.17 -3.94 -7.19
N PRO A 129 7.42 -3.45 -8.42
CA PRO A 129 8.10 -2.20 -8.66
C PRO A 129 7.18 -1.02 -8.38
N ARG A 130 7.63 0.21 -8.66
CA ARG A 130 6.86 1.42 -8.39
C ARG A 130 5.49 1.40 -9.06
N PRO A 131 5.37 1.11 -10.36
CA PRO A 131 4.07 1.01 -11.02
C PRO A 131 3.40 -0.33 -10.69
N LEU A 132 2.08 -0.30 -10.50
CA LEU A 132 1.30 -1.50 -10.22
C LEU A 132 -0.10 -1.38 -10.81
N ARG A 133 -0.97 -0.59 -10.14
CA ARG A 133 -2.37 -0.30 -10.47
C ARG A 133 -3.24 -1.52 -10.74
N ALA A 134 -4.42 -1.57 -10.12
CA ALA A 134 -5.31 -2.72 -10.22
C ALA A 134 -5.86 -2.91 -11.63
N VAL A 135 -5.84 -1.86 -12.45
CA VAL A 135 -6.36 -1.93 -13.81
C VAL A 135 -5.50 -2.83 -14.68
N GLU A 136 -4.21 -2.50 -14.81
CA GLU A 136 -3.32 -3.23 -15.71
C GLU A 136 -2.81 -4.51 -15.07
N LEU A 137 -2.86 -4.60 -13.74
CA LEU A 137 -2.47 -5.83 -13.05
C LEU A 137 -3.52 -6.90 -13.32
N ALA A 138 -4.79 -6.52 -13.42
CA ALA A 138 -5.87 -7.47 -13.63
C ALA A 138 -5.93 -7.92 -15.08
N MET A 139 -5.62 -7.04 -16.03
CA MET A 139 -5.73 -7.36 -17.44
C MET A 139 -4.66 -8.37 -17.83
N ILE A 140 -3.46 -8.23 -17.27
CA ILE A 140 -2.35 -9.10 -17.62
C ILE A 140 -2.56 -10.50 -17.03
N MET A 141 -3.00 -10.59 -15.78
CA MET A 141 -3.37 -11.88 -15.19
C MET A 141 -4.53 -12.52 -15.96
N ASP A 142 -5.32 -11.74 -16.69
CA ASP A 142 -6.44 -12.30 -17.44
C ASP A 142 -6.05 -12.69 -18.86
N ARG A 143 -4.87 -12.26 -19.33
CA ARG A 143 -4.36 -12.66 -20.64
C ARG A 143 -3.41 -13.86 -20.54
N LEU A 144 -2.90 -14.17 -19.34
CA LEU A 144 -2.03 -15.32 -19.14
C LEU A 144 -2.71 -16.36 -18.26
N TYR A 145 -3.70 -15.94 -17.45
CA TYR A 145 -4.41 -16.82 -16.53
C TYR A 145 -5.89 -16.47 -16.55
N GLY A 146 -6.44 -16.28 -17.75
CA GLY A 146 -7.82 -15.83 -17.96
C GLY A 146 -8.82 -16.52 -17.04
N GLY A 147 -9.73 -15.72 -16.48
CA GLY A 147 -10.71 -16.17 -15.52
C GLY A 147 -10.76 -15.25 -14.29
N VAL A 148 -10.13 -14.07 -14.39
CA VAL A 148 -10.08 -13.11 -13.29
C VAL A 148 -11.46 -12.50 -13.07
N CYS A 149 -11.76 -12.15 -11.81
CA CYS A 149 -13.01 -11.50 -11.46
C CYS A 149 -12.75 -10.20 -10.71
N TYR A 150 -11.65 -10.13 -9.95
CA TYR A 150 -11.35 -8.97 -9.12
C TYR A 150 -9.85 -8.86 -8.88
N ALA A 151 -9.37 -7.64 -8.64
CA ALA A 151 -7.98 -7.38 -8.30
C ALA A 151 -7.86 -6.09 -7.49
N GLY A 152 -6.74 -5.93 -6.76
CA GLY A 152 -6.48 -4.72 -6.00
C GLY A 152 -5.13 -4.78 -5.30
N ILE A 153 -4.73 -3.67 -4.68
CA ILE A 153 -3.49 -3.61 -3.92
C ILE A 153 -3.86 -3.90 -2.47
N ASP A 154 -3.93 -5.19 -2.14
CA ASP A 154 -4.51 -5.69 -0.89
C ASP A 154 -5.93 -5.19 -0.61
N THR A 155 -6.10 -3.88 -0.37
CA THR A 155 -7.40 -3.27 -0.12
C THR A 155 -8.28 -4.10 0.81
N ASP A 156 -7.76 -4.44 1.99
CA ASP A 156 -8.52 -5.20 2.98
C ASP A 156 -9.76 -4.39 3.36
N PRO A 157 -10.94 -5.03 3.37
CA PRO A 157 -12.23 -4.37 3.58
C PRO A 157 -12.52 -4.04 5.04
N GLU A 158 -11.78 -4.61 5.99
CA GLU A 158 -12.04 -4.39 7.40
C GLU A 158 -11.21 -3.21 7.91
N LEU A 159 -9.96 -3.11 7.45
CA LEU A 159 -9.08 -2.01 7.80
C LEU A 159 -9.11 -0.95 6.70
N LYS A 160 -9.79 -1.26 5.58
CA LYS A 160 -10.03 -0.34 4.48
C LYS A 160 -8.74 0.30 3.99
N TYR A 161 -7.69 -0.50 3.81
CA TYR A 161 -6.38 0.01 3.44
C TYR A 161 -5.60 -0.97 2.55
N PRO A 162 -4.66 -0.47 1.74
CA PRO A 162 -3.76 -1.28 0.94
C PRO A 162 -2.55 -1.72 1.77
N LYS A 163 -1.71 -2.59 1.19
CA LYS A 163 -0.47 -3.04 1.82
C LYS A 163 0.73 -2.86 0.89
N GLY A 164 0.59 -2.02 -0.15
CA GLY A 164 1.66 -1.78 -1.10
C GLY A 164 1.96 -3.01 -1.95
N ALA A 165 1.11 -4.04 -1.87
CA ALA A 165 1.30 -5.28 -2.59
C ALA A 165 -0.01 -5.72 -3.24
N GLY A 166 0.09 -6.40 -4.38
CA GLY A 166 -1.08 -6.76 -5.17
C GLY A 166 -1.70 -8.09 -4.75
N ARG A 167 -2.99 -8.23 -5.06
CA ARG A 167 -3.69 -9.50 -4.93
C ARG A 167 -4.70 -9.58 -6.08
N VAL A 168 -4.98 -10.78 -6.56
CA VAL A 168 -5.91 -10.99 -7.67
C VAL A 168 -6.77 -12.20 -7.34
N ALA A 169 -8.04 -12.16 -7.73
CA ALA A 169 -8.96 -13.24 -7.44
C ALA A 169 -9.68 -13.68 -8.72
N PHE A 170 -10.01 -14.97 -8.78
CA PHE A 170 -10.57 -15.57 -9.97
C PHE A 170 -11.96 -16.17 -9.69
N SER A 171 -12.78 -16.26 -10.74
CA SER A 171 -14.07 -16.91 -10.64
C SER A 171 -13.95 -18.40 -10.98
N ASN A 172 -12.70 -18.88 -11.13
CA ASN A 172 -12.42 -20.27 -11.45
C ASN A 172 -11.29 -20.77 -10.55
N GLN A 173 -11.43 -21.99 -10.03
CA GLN A 173 -10.41 -22.59 -9.17
C GLN A 173 -9.22 -23.07 -10.01
N GLN A 174 -9.43 -23.21 -11.32
CA GLN A 174 -8.39 -23.67 -12.23
C GLN A 174 -7.42 -22.51 -12.53
N SER A 175 -7.96 -21.30 -12.64
CA SER A 175 -7.13 -20.13 -12.91
C SER A 175 -6.43 -19.67 -11.64
N TYR A 176 -7.00 -19.99 -10.47
CA TYR A 176 -6.37 -19.69 -9.20
C TYR A 176 -5.08 -20.48 -9.07
N ILE A 177 -5.12 -21.79 -9.31
CA ILE A 177 -3.93 -22.64 -9.18
C ILE A 177 -2.97 -22.43 -10.34
N ALA A 178 -3.42 -21.82 -11.44
CA ALA A 178 -2.56 -21.53 -12.57
C ALA A 178 -1.74 -20.27 -12.33
N ALA A 179 -2.24 -19.36 -11.48
CA ALA A 179 -1.54 -18.11 -11.20
C ALA A 179 -0.46 -18.29 -10.15
N ILE A 180 -0.55 -19.33 -9.32
CA ILE A 180 0.46 -19.65 -8.32
C ILE A 180 1.23 -20.91 -8.72
N SER A 181 1.19 -21.25 -10.01
CA SER A 181 1.84 -22.45 -10.52
C SER A 181 3.36 -22.26 -10.66
N ALA A 182 3.84 -21.02 -10.50
CA ALA A 182 5.26 -20.72 -10.57
C ALA A 182 5.57 -19.51 -9.71
N ARG A 183 6.75 -19.51 -9.07
CA ARG A 183 7.18 -18.42 -8.21
C ARG A 183 7.13 -17.06 -8.91
N PHE A 184 7.32 -17.05 -10.24
CA PHE A 184 7.28 -15.82 -11.02
C PHE A 184 6.29 -15.94 -12.16
N VAL A 185 5.29 -15.06 -12.16
CA VAL A 185 4.30 -14.97 -13.23
C VAL A 185 4.84 -14.11 -14.37
N GLN A 186 4.28 -14.27 -15.57
CA GLN A 186 4.67 -13.50 -16.73
C GLN A 186 3.75 -12.29 -16.89
N LEU A 187 4.34 -11.14 -17.22
CA LEU A 187 3.62 -9.88 -17.31
C LEU A 187 3.92 -9.18 -18.64
N GLN A 188 4.50 -9.89 -19.60
CA GLN A 188 4.95 -9.27 -20.83
C GLN A 188 3.88 -9.28 -21.92
N HIS A 189 3.80 -8.17 -22.66
CA HIS A 189 2.85 -8.00 -23.74
C HIS A 189 3.44 -7.12 -24.85
N GLY A 190 4.77 -7.04 -24.89
CA GLY A 190 5.49 -6.21 -25.86
C GLY A 190 5.66 -4.79 -25.32
N GLU A 191 6.84 -4.21 -25.56
CA GLU A 191 7.25 -2.89 -25.08
C GLU A 191 7.12 -2.73 -23.56
N ILE A 192 6.73 -3.78 -22.84
CA ILE A 192 6.56 -3.79 -21.40
C ILE A 192 6.96 -5.15 -20.86
N ASP A 193 7.61 -5.17 -19.68
CA ASP A 193 7.99 -6.41 -19.02
C ASP A 193 8.05 -6.20 -17.51
N LYS A 194 7.50 -7.16 -16.76
CA LYS A 194 7.47 -7.14 -15.29
C LYS A 194 7.55 -8.56 -14.76
N ARG A 195 7.84 -8.70 -13.47
CA ARG A 195 7.81 -9.98 -12.76
C ARG A 195 7.52 -9.71 -11.29
N VAL A 196 6.97 -10.71 -10.59
CA VAL A 196 6.66 -10.58 -9.18
C VAL A 196 6.62 -11.95 -8.53
N GLU A 197 6.93 -12.03 -7.23
CA GLU A 197 6.88 -13.29 -6.50
C GLU A 197 5.45 -13.57 -6.07
N VAL A 198 5.03 -14.84 -6.08
CA VAL A 198 3.65 -15.21 -5.78
C VAL A 198 3.52 -16.07 -4.54
N LYS A 199 2.35 -15.98 -3.92
CA LYS A 199 2.00 -16.81 -2.79
C LYS A 199 0.49 -17.00 -2.77
N PRO A 200 -0.02 -18.20 -2.43
CA PRO A 200 -1.44 -18.45 -2.32
C PRO A 200 -2.01 -17.51 -1.28
N TYR A 201 -3.18 -16.91 -1.57
CA TYR A 201 -3.69 -15.88 -0.68
C TYR A 201 -4.14 -16.47 0.65
N VAL A 202 -3.70 -15.81 1.73
CA VAL A 202 -3.99 -16.12 3.13
C VAL A 202 -3.69 -17.57 3.53
N LEU A 203 -3.79 -17.87 4.83
CA LEU A 203 -3.47 -19.20 5.34
C LEU A 203 -4.55 -20.23 5.02
N SER A 1 -9.74 35.26 -3.25
CA SER A 1 -10.69 34.14 -3.04
C SER A 1 -9.96 32.81 -2.99
N HIS A 2 -9.30 32.43 -4.10
CA HIS A 2 -8.57 31.18 -4.19
C HIS A 2 -7.36 31.34 -5.12
N GLN A 3 -6.39 30.42 -5.01
CA GLN A 3 -5.17 30.47 -5.82
C GLN A 3 -4.65 29.06 -6.08
N ASN A 4 -3.73 28.93 -7.05
CA ASN A 4 -3.14 27.66 -7.41
C ASN A 4 -2.07 27.26 -6.39
N GLY A 5 -1.63 26.00 -6.42
CA GLY A 5 -0.64 25.49 -5.49
C GLY A 5 -0.05 24.16 -5.96
N GLU A 6 0.61 23.44 -5.05
CA GLU A 6 1.25 22.16 -5.33
C GLU A 6 0.96 21.17 -4.22
N ARG A 7 1.08 19.87 -4.53
CA ARG A 7 0.78 18.79 -3.59
C ARG A 7 -0.62 18.95 -3.00
N VAL A 8 -1.55 19.55 -3.76
CA VAL A 8 -2.92 19.80 -3.32
C VAL A 8 -3.83 18.61 -3.62
N GLU A 9 -3.28 17.49 -4.06
CA GLU A 9 -4.05 16.30 -4.40
C GLU A 9 -4.63 15.64 -3.15
N ARG A 10 -5.69 14.86 -3.33
CA ARG A 10 -6.36 14.14 -2.26
C ARG A 10 -5.72 12.77 -2.04
N TYR A 11 -5.90 12.22 -0.83
CA TYR A 11 -5.27 10.97 -0.44
C TYR A 11 -6.25 10.03 0.25
N SER A 12 -5.90 8.74 0.29
CA SER A 12 -6.82 7.68 0.69
C SER A 12 -6.83 7.42 2.19
N ARG A 13 -6.59 8.47 2.99
CA ARG A 13 -6.54 8.36 4.45
C ARG A 13 -5.52 7.31 4.91
N LYS A 14 -4.60 6.94 4.02
CA LYS A 14 -3.59 5.93 4.27
C LYS A 14 -2.32 6.33 3.52
N VAL A 15 -1.17 6.25 4.19
CA VAL A 15 0.12 6.59 3.58
C VAL A 15 1.18 5.60 4.03
N PHE A 16 2.29 5.55 3.29
CA PHE A 16 3.47 4.83 3.73
C PHE A 16 4.42 5.80 4.40
N VAL A 17 5.10 5.36 5.47
CA VAL A 17 6.15 6.15 6.08
C VAL A 17 7.37 5.27 6.27
N GLY A 18 8.47 5.64 5.62
CA GLY A 18 9.65 4.80 5.58
C GLY A 18 10.62 5.09 6.72
N GLY A 19 11.18 4.02 7.28
CA GLY A 19 12.22 4.10 8.29
C GLY A 19 11.71 4.36 9.70
N LEU A 20 12.42 3.76 10.68
CA LEU A 20 12.12 3.87 12.10
C LEU A 20 13.35 3.36 12.86
N PRO A 21 13.84 4.08 13.88
CA PRO A 21 14.98 3.63 14.66
C PRO A 21 14.54 2.54 15.65
N PRO A 22 15.47 1.68 16.09
CA PRO A 22 15.21 0.57 17.00
C PRO A 22 14.70 0.99 18.40
N ASP A 23 14.52 2.29 18.64
CA ASP A 23 14.13 2.79 19.96
C ASP A 23 13.01 3.83 19.85
N ILE A 24 12.02 3.55 19.01
CA ILE A 24 10.86 4.41 18.83
C ILE A 24 9.64 3.51 18.67
N ASP A 25 8.46 4.00 19.06
CA ASP A 25 7.24 3.22 18.99
C ASP A 25 6.08 4.04 18.45
N GLU A 26 4.91 3.40 18.36
CA GLU A 26 3.68 3.99 17.84
C GLU A 26 3.44 5.40 18.40
N ASP A 27 3.66 5.61 19.70
CA ASP A 27 3.33 6.88 20.33
C ASP A 27 4.30 7.98 19.95
N GLU A 28 5.56 7.63 19.66
CA GLU A 28 6.59 8.62 19.43
C GLU A 28 6.52 9.17 18.00
N ILE A 29 6.05 8.36 17.05
CA ILE A 29 5.81 8.86 15.69
C ILE A 29 4.42 9.47 15.60
N THR A 30 3.49 9.02 16.45
CA THR A 30 2.18 9.67 16.55
C THR A 30 2.35 11.04 17.21
N ALA A 31 3.52 11.29 17.82
CA ALA A 31 3.86 12.59 18.35
C ALA A 31 4.72 13.40 17.38
N SER A 32 5.41 12.73 16.44
CA SER A 32 6.24 13.42 15.45
C SER A 32 5.39 14.04 14.34
N PHE A 33 4.17 13.54 14.14
CA PHE A 33 3.28 14.07 13.11
C PHE A 33 2.06 14.78 13.73
N ARG A 34 2.02 14.91 15.07
CA ARG A 34 0.88 15.49 15.77
C ARG A 34 0.78 16.99 15.55
N ARG A 35 1.79 17.57 14.88
CA ARG A 35 1.84 18.99 14.52
C ARG A 35 0.75 19.31 13.49
N PHE A 36 0.11 18.27 12.94
CA PHE A 36 -0.87 18.45 11.87
C PHE A 36 -2.20 17.78 12.21
N GLY A 37 -2.56 17.77 13.50
CA GLY A 37 -3.81 17.20 13.97
C GLY A 37 -3.63 15.74 14.43
N PRO A 38 -4.70 15.12 14.92
CA PRO A 38 -4.69 13.76 15.41
C PRO A 38 -4.57 12.75 14.27
N LEU A 39 -3.79 11.69 14.52
CA LEU A 39 -3.56 10.61 13.56
C LEU A 39 -3.04 9.37 14.28
N ILE A 40 -2.92 8.27 13.54
CA ILE A 40 -2.49 6.99 14.10
C ILE A 40 -1.55 6.29 13.12
N VAL A 41 -0.88 5.23 13.59
CA VAL A 41 0.04 4.45 12.77
C VAL A 41 -0.21 2.96 12.98
N ASP A 42 0.01 2.16 11.94
CA ASP A 42 -0.23 0.72 11.99
C ASP A 42 0.70 -0.02 11.05
N TRP A 43 0.80 -1.33 11.25
CA TRP A 43 1.59 -2.21 10.40
C TRP A 43 0.98 -3.62 10.49
N PRO A 44 1.28 -4.54 9.56
CA PRO A 44 0.58 -5.82 9.44
C PRO A 44 0.99 -6.78 10.57
N HIS A 45 2.02 -6.41 11.34
CA HIS A 45 2.55 -7.21 12.43
C HIS A 45 2.15 -6.63 13.80
N LYS A 46 1.12 -5.77 13.83
CA LYS A 46 0.67 -5.09 15.03
C LYS A 46 0.50 -6.02 16.23
N ALA A 47 0.68 -5.45 17.43
CA ALA A 47 0.64 -6.18 18.68
C ALA A 47 -0.05 -5.33 19.76
N GLU A 48 -0.34 -5.95 20.91
CA GLU A 48 -0.99 -5.26 22.03
C GLU A 48 0.01 -5.00 23.15
N SER A 49 1.24 -5.47 23.01
CA SER A 49 2.27 -5.31 24.03
C SER A 49 2.87 -3.90 24.00
N LYS A 50 3.50 -3.50 25.11
CA LYS A 50 4.10 -2.17 25.26
C LYS A 50 5.29 -2.02 24.32
N SER A 51 5.69 -0.77 24.06
CA SER A 51 6.81 -0.45 23.18
C SER A 51 6.62 -1.06 21.79
N TYR A 52 5.45 -0.79 21.18
CA TYR A 52 5.10 -1.30 19.85
C TYR A 52 6.24 -1.03 18.86
N PHE A 53 6.60 -2.02 18.05
CA PHE A 53 7.68 -1.89 17.09
C PHE A 53 7.53 -2.94 16.00
N PRO A 54 7.62 -2.54 14.73
CA PRO A 54 7.55 -3.45 13.59
C PRO A 54 8.82 -4.30 13.51
N PRO A 55 8.76 -5.45 12.82
CA PRO A 55 9.86 -6.40 12.67
C PRO A 55 11.17 -5.81 12.14
N LYS A 56 11.16 -4.59 11.56
CA LYS A 56 12.38 -3.98 11.04
C LYS A 56 12.40 -2.47 11.28
N GLY A 57 11.40 -1.75 10.76
CA GLY A 57 11.40 -0.30 10.92
C GLY A 57 10.62 0.44 9.83
N TYR A 58 9.69 -0.22 9.14
CA TYR A 58 8.88 0.43 8.13
C TYR A 58 7.42 0.44 8.62
N ALA A 59 6.68 1.52 8.36
CA ALA A 59 5.34 1.67 8.91
C ALA A 59 4.41 2.40 7.93
N PHE A 60 3.12 2.53 8.30
CA PHE A 60 2.12 3.15 7.45
C PHE A 60 1.16 3.97 8.31
N LEU A 61 0.79 5.18 7.87
CA LEU A 61 -0.02 6.09 8.67
C LEU A 61 -1.50 6.03 8.31
N LEU A 62 -2.34 6.27 9.32
CA LEU A 62 -3.79 6.30 9.17
C LEU A 62 -4.33 7.57 9.82
N PHE A 63 -5.41 8.12 9.27
CA PHE A 63 -6.09 9.28 9.83
C PHE A 63 -7.53 9.32 9.30
N GLN A 64 -8.32 10.32 9.72
CA GLN A 64 -9.73 10.38 9.37
C GLN A 64 -10.02 11.49 8.36
N ASP A 65 -9.12 12.48 8.28
CA ASP A 65 -9.32 13.63 7.42
C ASP A 65 -8.11 13.89 6.54
N GLU A 66 -8.35 14.34 5.31
CA GLU A 66 -7.29 14.59 4.35
C GLU A 66 -6.53 15.88 4.71
N SER A 67 -7.11 16.70 5.59
CA SER A 67 -6.50 17.96 5.98
C SER A 67 -5.28 17.72 6.85
N SER A 68 -5.20 16.55 7.49
CA SER A 68 -4.06 16.21 8.34
C SER A 68 -2.84 15.86 7.49
N VAL A 69 -3.05 15.12 6.39
CA VAL A 69 -1.97 14.76 5.50
C VAL A 69 -1.67 15.89 4.51
N GLN A 70 -2.65 16.76 4.27
CA GLN A 70 -2.44 17.90 3.38
C GLN A 70 -1.47 18.89 4.02
N ALA A 71 -1.56 19.07 5.35
CA ALA A 71 -0.70 20.02 6.04
C ALA A 71 0.68 19.43 6.33
N LEU A 72 0.78 18.14 6.64
CA LEU A 72 2.08 17.56 6.97
C LEU A 72 2.92 17.36 5.72
N ILE A 73 2.29 17.37 4.53
CA ILE A 73 3.03 17.28 3.28
C ILE A 73 3.31 18.68 2.71
N ASP A 74 2.52 19.69 3.10
CA ASP A 74 2.73 21.06 2.62
C ASP A 74 3.77 21.80 3.45
N ALA A 75 4.13 21.24 4.61
CA ALA A 75 5.12 21.84 5.51
C ALA A 75 6.25 20.86 5.82
N CYS A 76 6.78 20.18 4.80
CA CYS A 76 7.81 19.16 4.98
C CYS A 76 8.92 19.26 3.93
N ILE A 77 9.87 18.31 4.01
CA ILE A 77 11.01 18.21 3.12
C ILE A 77 10.59 17.41 1.89
N GLU A 78 11.28 17.62 0.76
CA GLU A 78 11.03 16.85 -0.44
C GLU A 78 12.34 16.45 -1.11
N GLU A 79 12.30 15.38 -1.91
CA GLU A 79 13.47 14.91 -2.65
C GLU A 79 13.02 14.29 -3.98
N ASP A 80 13.98 13.74 -4.74
CA ASP A 80 13.80 13.30 -6.13
C ASP A 80 12.52 12.52 -6.42
N GLY A 81 11.91 11.86 -5.44
CA GLY A 81 10.67 11.13 -5.64
C GLY A 81 9.93 10.81 -4.34
N LYS A 82 10.33 11.45 -3.23
CA LYS A 82 9.77 11.15 -1.92
C LYS A 82 9.66 12.41 -1.07
N LEU A 83 8.99 12.29 0.08
CA LEU A 83 8.89 13.37 1.06
C LEU A 83 9.75 13.04 2.28
N TYR A 84 9.99 14.01 3.16
CA TYR A 84 10.77 13.79 4.37
C TYR A 84 10.31 14.74 5.49
N LEU A 85 10.55 14.34 6.73
CA LEU A 85 10.30 15.17 7.90
C LEU A 85 11.40 14.91 8.94
N CYS A 86 11.57 15.84 9.88
CA CYS A 86 12.50 15.67 10.98
C CYS A 86 11.79 14.94 12.13
N VAL A 87 12.57 14.28 13.01
CA VAL A 87 12.01 13.54 14.13
C VAL A 87 12.71 13.91 15.44
N SER A 88 12.09 13.54 16.56
CA SER A 88 12.61 13.81 17.89
C SER A 88 12.94 12.49 18.59
N SER A 89 13.44 12.57 19.83
CA SER A 89 13.87 11.40 20.60
C SER A 89 15.02 10.68 19.87
N PRO A 90 15.47 9.49 20.31
CA PRO A 90 16.68 8.90 19.79
C PRO A 90 16.46 8.32 18.39
N THR A 91 17.42 8.58 17.50
CA THR A 91 17.35 8.16 16.10
C THR A 91 18.76 7.87 15.60
N ILE A 92 19.56 7.18 16.43
CA ILE A 92 20.97 6.91 16.22
C ILE A 92 21.80 8.21 16.20
N LYS A 93 21.53 9.09 15.23
CA LYS A 93 22.14 10.40 15.16
C LYS A 93 21.17 11.34 14.45
N ASP A 94 20.85 11.04 13.18
CA ASP A 94 19.83 11.75 12.43
C ASP A 94 19.36 10.92 11.24
N LYS A 95 18.04 10.78 11.09
CA LYS A 95 17.40 10.08 9.98
C LYS A 95 16.03 10.70 9.74
N PRO A 96 15.89 11.55 8.70
CA PRO A 96 14.61 12.10 8.30
C PRO A 96 13.63 10.99 7.89
N VAL A 97 12.38 11.07 8.35
CA VAL A 97 11.37 10.07 8.04
C VAL A 97 10.63 10.46 6.77
N GLN A 98 10.45 9.51 5.84
CA GLN A 98 9.86 9.80 4.54
C GLN A 98 8.40 9.40 4.46
N ILE A 99 7.64 10.07 3.57
CA ILE A 99 6.20 9.90 3.43
C ILE A 99 5.82 9.69 1.96
N ARG A 100 4.77 8.90 1.71
CA ARG A 100 4.21 8.72 0.36
C ARG A 100 2.78 8.17 0.45
N PRO A 101 1.76 9.04 0.32
CA PRO A 101 0.33 8.70 0.36
C PRO A 101 -0.16 7.76 -0.74
N TRP A 102 -1.43 7.35 -0.63
CA TRP A 102 -2.08 6.50 -1.62
C TRP A 102 -3.11 7.27 -2.46
N ASN A 103 -3.41 6.78 -3.66
CA ASN A 103 -4.40 7.39 -4.54
C ASN A 103 -5.72 6.61 -4.53
N LEU A 104 -6.81 7.31 -4.23
CA LEU A 104 -8.13 6.76 -4.00
C LEU A 104 -8.77 6.13 -5.23
N SER A 105 -8.30 6.49 -6.42
CA SER A 105 -9.00 6.17 -7.66
C SER A 105 -8.69 4.80 -8.27
N ASP A 106 -7.74 4.04 -7.72
CA ASP A 106 -7.35 2.77 -8.32
C ASP A 106 -6.95 1.70 -7.29
N SER A 107 -7.49 1.77 -6.08
CA SER A 107 -7.12 0.82 -5.03
C SER A 107 -7.69 -0.57 -5.28
N ASP A 108 -8.75 -0.68 -6.10
CA ASP A 108 -9.41 -1.96 -6.37
C ASP A 108 -10.02 -1.95 -7.77
N PHE A 109 -10.20 -3.15 -8.34
CA PHE A 109 -10.82 -3.31 -9.64
C PHE A 109 -11.52 -4.67 -9.68
N VAL A 110 -12.45 -4.86 -10.62
CA VAL A 110 -13.13 -6.14 -10.76
C VAL A 110 -13.49 -6.37 -12.23
N MET A 111 -13.53 -7.63 -12.66
CA MET A 111 -13.66 -7.96 -14.07
C MET A 111 -14.88 -8.83 -14.33
N ASP A 112 -15.87 -8.81 -13.44
CA ASP A 112 -17.07 -9.60 -13.57
C ASP A 112 -18.19 -8.98 -12.73
N GLY A 113 -17.85 -8.52 -11.53
CA GLY A 113 -18.75 -7.77 -10.66
C GLY A 113 -19.90 -8.61 -10.11
N SER A 114 -19.87 -9.93 -10.29
CA SER A 114 -20.97 -10.79 -9.86
C SER A 114 -20.54 -12.13 -9.27
N GLN A 115 -19.35 -12.65 -9.61
CA GLN A 115 -18.92 -13.92 -9.05
C GLN A 115 -18.35 -13.74 -7.64
N PRO A 116 -18.81 -14.55 -6.67
CA PRO A 116 -18.26 -14.57 -5.32
C PRO A 116 -16.78 -14.95 -5.32
N LEU A 117 -16.07 -14.60 -4.24
CA LEU A 117 -14.65 -14.92 -4.11
C LEU A 117 -14.45 -16.01 -3.06
N ASP A 118 -13.36 -16.77 -3.18
CA ASP A 118 -13.07 -17.85 -2.25
C ASP A 118 -11.54 -18.05 -2.17
N PRO A 119 -10.99 -18.28 -0.96
CA PRO A 119 -9.56 -18.41 -0.77
C PRO A 119 -8.96 -19.63 -1.47
N ARG A 120 -9.78 -20.58 -1.93
CA ARG A 120 -9.29 -21.72 -2.69
C ARG A 120 -9.18 -21.38 -4.17
N LYS A 121 -9.66 -20.19 -4.57
CA LYS A 121 -9.54 -19.71 -5.93
C LYS A 121 -8.88 -18.33 -5.97
N THR A 122 -8.24 -17.92 -4.88
CA THR A 122 -7.62 -16.59 -4.79
C THR A 122 -6.11 -16.70 -4.56
N ILE A 123 -5.37 -15.78 -5.17
CA ILE A 123 -3.91 -15.77 -5.11
C ILE A 123 -3.45 -14.43 -4.55
N PHE A 124 -2.32 -14.42 -3.84
CA PHE A 124 -1.76 -13.21 -3.26
C PHE A 124 -0.41 -12.91 -3.90
N VAL A 125 -0.03 -11.63 -3.95
CA VAL A 125 1.23 -11.18 -4.52
C VAL A 125 1.90 -10.18 -3.59
N GLY A 126 3.01 -10.57 -2.98
CA GLY A 126 3.72 -9.74 -2.02
C GLY A 126 4.62 -8.73 -2.70
N GLY A 127 4.45 -7.46 -2.35
CA GLY A 127 5.12 -6.36 -3.01
C GLY A 127 4.08 -5.44 -3.65
N VAL A 128 4.04 -5.44 -4.98
CA VAL A 128 3.13 -4.61 -5.76
C VAL A 128 2.90 -3.24 -5.09
N PRO A 129 3.97 -2.42 -5.00
CA PRO A 129 3.98 -1.15 -4.31
C PRO A 129 3.08 -0.11 -4.99
N ARG A 130 2.98 1.07 -4.37
CA ARG A 130 2.08 2.15 -4.78
C ARG A 130 2.28 2.69 -6.20
N PRO A 131 3.44 2.55 -6.87
CA PRO A 131 3.58 2.93 -8.27
C PRO A 131 2.62 2.17 -9.19
N LEU A 132 1.98 1.10 -8.69
CA LEU A 132 1.04 0.30 -9.45
C LEU A 132 -0.40 0.62 -9.03
N ARG A 133 -1.36 0.03 -9.75
CA ARG A 133 -2.77 0.35 -9.63
C ARG A 133 -3.60 -0.87 -10.02
N ALA A 134 -4.82 -0.99 -9.48
CA ALA A 134 -5.64 -2.17 -9.67
C ALA A 134 -6.12 -2.33 -11.12
N VAL A 135 -6.24 -1.24 -11.88
CA VAL A 135 -6.73 -1.31 -13.26
C VAL A 135 -5.74 -2.06 -14.15
N GLU A 136 -4.46 -1.70 -14.08
CA GLU A 136 -3.46 -2.31 -14.95
C GLU A 136 -2.96 -3.63 -14.37
N LEU A 137 -3.15 -3.82 -13.06
CA LEU A 137 -2.82 -5.10 -12.43
C LEU A 137 -3.82 -6.13 -12.92
N ALA A 138 -5.10 -5.75 -13.04
CA ALA A 138 -6.14 -6.65 -13.47
C ALA A 138 -5.98 -7.05 -14.95
N MET A 139 -5.57 -6.11 -15.79
CA MET A 139 -5.42 -6.38 -17.22
C MET A 139 -4.27 -7.33 -17.49
N ILE A 140 -3.20 -7.27 -16.67
CA ILE A 140 -2.07 -8.15 -16.87
C ILE A 140 -2.45 -9.58 -16.47
N MET A 141 -3.32 -9.73 -15.48
CA MET A 141 -3.77 -11.05 -15.05
C MET A 141 -4.71 -11.66 -16.09
N ASP A 142 -5.36 -10.84 -16.91
CA ASP A 142 -6.21 -11.34 -17.97
C ASP A 142 -5.39 -11.71 -19.21
N ARG A 143 -4.20 -11.14 -19.37
CA ARG A 143 -3.33 -11.44 -20.51
C ARG A 143 -2.46 -12.66 -20.25
N LEU A 144 -2.26 -13.06 -18.99
CA LEU A 144 -1.41 -14.20 -18.66
C LEU A 144 -2.17 -15.36 -18.01
N TYR A 145 -3.39 -15.14 -17.50
CA TYR A 145 -4.09 -16.17 -16.75
C TYR A 145 -5.55 -16.35 -17.16
N GLY A 146 -5.91 -15.87 -18.37
CA GLY A 146 -7.26 -16.07 -18.88
C GLY A 146 -8.29 -15.25 -18.12
N GLY A 147 -9.49 -15.80 -17.96
CA GLY A 147 -10.62 -15.11 -17.37
C GLY A 147 -10.43 -14.87 -15.87
N VAL A 148 -10.30 -13.59 -15.50
CA VAL A 148 -10.23 -13.16 -14.11
C VAL A 148 -11.62 -12.65 -13.70
N CYS A 149 -11.95 -12.69 -12.40
CA CYS A 149 -13.20 -12.13 -11.91
C CYS A 149 -12.97 -10.93 -11.00
N TYR A 150 -11.86 -10.92 -10.26
CA TYR A 150 -11.50 -9.77 -9.42
C TYR A 150 -9.99 -9.63 -9.32
N ALA A 151 -9.50 -8.38 -9.27
CA ALA A 151 -8.08 -8.12 -9.13
C ALA A 151 -7.82 -6.72 -8.59
N GLY A 152 -6.77 -6.54 -7.80
CA GLY A 152 -6.41 -5.23 -7.28
C GLY A 152 -5.43 -5.32 -6.11
N ILE A 153 -5.40 -4.25 -5.32
CA ILE A 153 -4.51 -4.17 -4.16
C ILE A 153 -5.31 -4.59 -2.93
N ASP A 154 -4.67 -5.33 -2.02
CA ASP A 154 -5.34 -5.77 -0.81
C ASP A 154 -5.68 -4.59 0.09
N THR A 155 -6.88 -4.63 0.67
CA THR A 155 -7.37 -3.55 1.53
C THR A 155 -8.03 -4.13 2.78
N ASP A 156 -8.06 -3.34 3.85
CA ASP A 156 -8.80 -3.69 5.04
C ASP A 156 -10.27 -3.35 4.79
N PRO A 157 -11.17 -4.32 4.99
CA PRO A 157 -12.59 -4.22 4.64
C PRO A 157 -13.39 -3.40 5.65
N GLU A 158 -12.82 -3.05 6.80
CA GLU A 158 -13.54 -2.30 7.82
C GLU A 158 -13.11 -0.84 7.82
N LEU A 159 -11.88 -0.57 7.39
CA LEU A 159 -11.34 0.78 7.29
C LEU A 159 -11.30 1.25 5.83
N LYS A 160 -11.58 0.35 4.90
CA LYS A 160 -11.57 0.63 3.45
C LYS A 160 -10.24 1.25 3.00
N TYR A 161 -9.11 0.75 3.52
CA TYR A 161 -7.80 1.31 3.23
C TYR A 161 -6.83 0.22 2.76
N PRO A 162 -5.78 0.55 1.99
CA PRO A 162 -4.82 -0.45 1.52
C PRO A 162 -4.08 -1.07 2.70
N LYS A 163 -3.74 -2.35 2.56
CA LYS A 163 -3.11 -3.15 3.60
C LYS A 163 -1.89 -3.88 3.02
N GLY A 164 -1.26 -3.23 2.04
CA GLY A 164 -0.04 -3.75 1.42
C GLY A 164 -0.28 -4.97 0.54
N ALA A 165 0.63 -5.19 -0.41
CA ALA A 165 0.57 -6.30 -1.35
C ALA A 165 -0.76 -6.31 -2.12
N GLY A 166 -0.98 -7.33 -2.94
CA GLY A 166 -2.17 -7.41 -3.77
C GLY A 166 -2.72 -8.82 -3.83
N ARG A 167 -3.88 -8.96 -4.48
CA ARG A 167 -4.57 -10.23 -4.60
C ARG A 167 -5.34 -10.27 -5.90
N VAL A 168 -5.57 -11.49 -6.42
CA VAL A 168 -6.32 -11.72 -7.64
C VAL A 168 -7.18 -12.95 -7.42
N ALA A 169 -8.38 -12.98 -8.02
CA ALA A 169 -9.30 -14.08 -7.83
C ALA A 169 -9.86 -14.57 -9.16
N PHE A 170 -10.17 -15.86 -9.21
CA PHE A 170 -10.64 -16.52 -10.40
C PHE A 170 -11.89 -17.35 -10.10
N SER A 171 -12.67 -17.67 -11.14
CA SER A 171 -13.83 -18.51 -10.99
C SER A 171 -13.49 -19.98 -11.25
N ASN A 172 -12.25 -20.26 -11.67
CA ASN A 172 -11.81 -21.60 -12.02
C ASN A 172 -10.58 -22.01 -11.21
N GLN A 173 -10.50 -23.30 -10.86
CA GLN A 173 -9.39 -23.82 -10.08
C GLN A 173 -8.15 -24.04 -10.97
N GLN A 174 -8.31 -23.92 -12.29
CA GLN A 174 -7.21 -24.11 -13.22
C GLN A 174 -6.41 -22.82 -13.33
N SER A 175 -7.10 -21.68 -13.34
CA SER A 175 -6.44 -20.38 -13.39
C SER A 175 -5.84 -20.05 -12.03
N TYR A 176 -6.43 -20.61 -10.96
CA TYR A 176 -5.91 -20.44 -9.62
C TYR A 176 -4.52 -21.08 -9.50
N ILE A 177 -4.39 -22.34 -9.92
CA ILE A 177 -3.11 -23.04 -9.81
C ILE A 177 -2.11 -22.53 -10.85
N ALA A 178 -2.58 -21.78 -11.86
CA ALA A 178 -1.71 -21.16 -12.83
C ALA A 178 -1.15 -19.83 -12.32
N ALA A 179 -1.81 -19.22 -11.33
CA ALA A 179 -1.38 -17.95 -10.77
C ALA A 179 -0.39 -18.13 -9.62
N ILE A 180 -0.29 -19.35 -9.07
CA ILE A 180 0.67 -19.67 -8.01
C ILE A 180 1.61 -20.78 -8.47
N SER A 181 1.78 -20.92 -9.80
CA SER A 181 2.61 -21.96 -10.39
C SER A 181 4.10 -21.64 -10.28
N ALA A 182 4.44 -20.37 -10.06
CA ALA A 182 5.83 -19.94 -10.00
C ALA A 182 5.97 -18.75 -9.06
N ARG A 183 6.96 -18.79 -8.17
CA ARG A 183 7.15 -17.78 -7.15
C ARG A 183 7.26 -16.37 -7.70
N PHE A 184 7.90 -16.19 -8.86
CA PHE A 184 8.03 -14.88 -9.48
C PHE A 184 7.44 -14.88 -10.89
N VAL A 185 6.39 -14.08 -11.07
CA VAL A 185 5.73 -13.93 -12.36
C VAL A 185 6.23 -12.69 -13.07
N GLN A 186 6.08 -12.65 -14.40
CA GLN A 186 6.52 -11.52 -15.20
C GLN A 186 5.42 -10.47 -15.32
N LEU A 187 5.82 -9.21 -15.33
CA LEU A 187 4.92 -8.10 -15.56
C LEU A 187 5.65 -7.12 -16.48
N GLN A 188 5.33 -7.21 -17.77
CA GLN A 188 6.03 -6.47 -18.80
C GLN A 188 5.06 -5.90 -19.83
N HIS A 189 4.37 -4.82 -19.45
CA HIS A 189 3.43 -4.13 -20.32
C HIS A 189 3.62 -2.63 -20.17
N GLY A 190 3.32 -1.85 -21.22
CA GLY A 190 3.51 -0.41 -21.17
C GLY A 190 4.99 -0.05 -21.08
N GLU A 191 5.86 -0.93 -21.58
CA GLU A 191 7.31 -0.80 -21.50
C GLU A 191 7.82 -0.79 -20.05
N ILE A 192 7.03 -1.35 -19.13
CA ILE A 192 7.40 -1.51 -17.73
C ILE A 192 8.04 -2.90 -17.54
N ASP A 193 8.74 -3.09 -16.42
CA ASP A 193 9.34 -4.38 -16.10
C ASP A 193 9.45 -4.52 -14.59
N LYS A 194 8.64 -5.41 -14.00
CA LYS A 194 8.62 -5.64 -12.56
C LYS A 194 8.33 -7.11 -12.25
N ARG A 195 8.61 -7.50 -11.00
CA ARG A 195 8.37 -8.85 -10.50
C ARG A 195 7.68 -8.77 -9.15
N VAL A 196 6.98 -9.84 -8.76
CA VAL A 196 6.31 -9.90 -7.47
C VAL A 196 6.28 -11.35 -6.99
N GLU A 197 6.30 -11.56 -5.67
CA GLU A 197 6.31 -12.90 -5.10
C GLU A 197 4.87 -13.39 -4.94
N VAL A 198 4.52 -14.53 -5.55
CA VAL A 198 3.17 -15.05 -5.47
C VAL A 198 3.05 -16.11 -4.37
N LYS A 199 1.85 -16.22 -3.78
CA LYS A 199 1.55 -17.30 -2.86
C LYS A 199 0.05 -17.51 -2.76
N PRO A 200 -0.41 -18.68 -2.29
CA PRO A 200 -1.81 -18.95 -2.08
C PRO A 200 -2.38 -17.91 -1.12
N TYR A 201 -3.56 -17.35 -1.42
CA TYR A 201 -4.09 -16.31 -0.57
C TYR A 201 -4.61 -16.88 0.75
N VAL A 202 -3.92 -16.51 1.84
CA VAL A 202 -4.29 -16.82 3.22
C VAL A 202 -4.75 -18.28 3.41
N LEU A 203 -4.13 -19.20 2.65
CA LEU A 203 -4.48 -20.61 2.68
C LEU A 203 -3.22 -21.46 2.88
N SER A 1 -6.15 36.41 -11.45
CA SER A 1 -5.52 36.55 -12.77
C SER A 1 -4.28 35.67 -12.87
N HIS A 2 -4.48 34.36 -13.02
CA HIS A 2 -3.40 33.38 -13.10
C HIS A 2 -3.81 32.20 -13.98
N GLN A 3 -2.82 31.40 -14.39
CA GLN A 3 -3.05 30.23 -15.22
C GLN A 3 -2.13 29.07 -14.83
N ASN A 4 -1.46 29.18 -13.68
CA ASN A 4 -0.52 28.18 -13.20
C ASN A 4 -0.65 27.98 -11.68
N GLY A 5 0.06 26.99 -11.15
CA GLY A 5 0.03 26.67 -9.73
C GLY A 5 -1.21 25.88 -9.36
N GLU A 6 -1.34 25.54 -8.07
CA GLU A 6 -2.46 24.76 -7.55
C GLU A 6 -2.78 25.19 -6.11
N ARG A 7 -3.89 24.68 -5.58
CA ARG A 7 -4.33 24.99 -4.22
C ARG A 7 -4.81 23.74 -3.48
N VAL A 8 -5.13 22.67 -4.23
CA VAL A 8 -5.61 21.43 -3.66
C VAL A 8 -5.29 20.26 -4.59
N GLU A 9 -5.16 19.06 -4.02
CA GLU A 9 -4.87 17.85 -4.78
C GLU A 9 -5.56 16.66 -4.12
N ARG A 10 -5.89 15.63 -4.91
CA ARG A 10 -6.59 14.46 -4.38
C ARG A 10 -5.65 13.56 -3.59
N TYR A 11 -6.19 12.88 -2.59
CA TYR A 11 -5.41 12.00 -1.71
C TYR A 11 -6.36 11.13 -0.91
N SER A 12 -5.81 10.07 -0.29
CA SER A 12 -6.53 9.24 0.65
C SER A 12 -6.01 9.52 2.06
N ARG A 13 -6.83 9.23 3.08
CA ARG A 13 -6.46 9.42 4.48
C ARG A 13 -5.54 8.30 4.98
N LYS A 14 -4.77 7.70 4.06
CA LYS A 14 -3.85 6.62 4.36
C LYS A 14 -2.53 6.86 3.63
N VAL A 15 -1.42 6.53 4.30
CA VAL A 15 -0.08 6.78 3.75
C VAL A 15 0.89 5.70 4.20
N PHE A 16 2.01 5.57 3.48
CA PHE A 16 3.12 4.75 3.92
C PHE A 16 4.18 5.67 4.52
N VAL A 17 4.85 5.20 5.58
CA VAL A 17 5.97 5.92 6.15
C VAL A 17 7.12 4.96 6.41
N GLY A 18 8.33 5.34 5.99
CA GLY A 18 9.49 4.48 6.10
C GLY A 18 10.70 5.31 6.51
N GLY A 19 11.90 4.77 6.33
CA GLY A 19 13.11 5.51 6.67
C GLY A 19 13.20 5.80 8.16
N LEU A 20 12.50 5.03 9.01
CA LEU A 20 12.55 5.18 10.45
C LEU A 20 13.07 3.88 11.09
N PRO A 21 13.76 3.99 12.24
CA PRO A 21 14.51 2.90 12.84
C PRO A 21 13.64 1.87 13.57
N PRO A 22 14.23 0.74 13.95
CA PRO A 22 13.57 -0.33 14.68
C PRO A 22 13.55 -0.05 16.18
N ASP A 23 14.11 1.09 16.61
CA ASP A 23 14.27 1.40 18.02
C ASP A 23 13.21 2.36 18.55
N ILE A 24 12.15 2.63 17.77
CA ILE A 24 11.08 3.50 18.20
C ILE A 24 9.74 2.75 18.15
N ASP A 25 8.66 3.41 18.56
CA ASP A 25 7.36 2.78 18.65
C ASP A 25 6.24 3.74 18.24
N GLU A 26 4.99 3.27 18.37
CA GLU A 26 3.79 4.02 18.02
C GLU A 26 3.79 5.44 18.61
N ASP A 27 4.39 5.61 19.79
CA ASP A 27 4.38 6.90 20.48
C ASP A 27 5.26 7.92 19.77
N GLU A 28 6.33 7.46 19.11
CA GLU A 28 7.29 8.35 18.50
C GLU A 28 6.79 8.82 17.13
N ILE A 29 6.03 7.97 16.44
CA ILE A 29 5.49 8.31 15.13
C ILE A 29 4.28 9.23 15.32
N THR A 30 3.44 8.91 16.30
CA THR A 30 2.26 9.71 16.59
C THR A 30 2.67 11.08 17.10
N ALA A 31 3.88 11.20 17.66
CA ALA A 31 4.42 12.47 18.11
C ALA A 31 5.16 13.22 16.99
N SER A 32 5.57 12.52 15.92
CA SER A 32 6.27 13.17 14.83
C SER A 32 5.31 13.93 13.92
N PHE A 33 4.05 13.51 13.85
CA PHE A 33 3.07 14.14 12.96
C PHE A 33 1.85 14.70 13.71
N ARG A 34 1.91 14.79 15.05
CA ARG A 34 0.79 15.24 15.84
C ARG A 34 0.41 16.70 15.56
N ARG A 35 1.31 17.46 14.95
CA ARG A 35 1.07 18.87 14.64
C ARG A 35 0.14 19.04 13.46
N PHE A 36 -0.15 17.94 12.74
CA PHE A 36 -0.98 17.98 11.54
C PHE A 36 -2.39 17.46 11.82
N GLY A 37 -2.81 17.51 13.08
CA GLY A 37 -4.11 16.99 13.49
C GLY A 37 -3.97 15.59 14.09
N PRO A 38 -5.09 15.00 14.53
CA PRO A 38 -5.11 13.69 15.15
C PRO A 38 -4.79 12.61 14.12
N LEU A 39 -4.18 11.52 14.60
CA LEU A 39 -3.63 10.49 13.74
C LEU A 39 -3.37 9.19 14.50
N ILE A 40 -3.16 8.12 13.74
CA ILE A 40 -2.78 6.82 14.28
C ILE A 40 -1.85 6.12 13.28
N VAL A 41 -1.15 5.08 13.74
CA VAL A 41 -0.22 4.34 12.90
C VAL A 41 -0.50 2.86 12.99
N ASP A 42 -0.20 2.12 11.92
CA ASP A 42 -0.52 0.71 11.83
C ASP A 42 0.56 -0.09 11.10
N TRP A 43 0.54 -1.39 11.36
CA TRP A 43 1.34 -2.36 10.64
C TRP A 43 0.56 -3.68 10.71
N PRO A 44 0.81 -4.64 9.81
CA PRO A 44 -0.02 -5.83 9.64
C PRO A 44 0.02 -6.74 10.86
N HIS A 45 0.97 -6.52 11.77
CA HIS A 45 1.16 -7.37 12.94
C HIS A 45 0.68 -6.66 14.23
N LYS A 46 -0.07 -5.57 14.10
CA LYS A 46 -0.58 -4.79 15.23
C LYS A 46 -1.27 -5.67 16.28
N ALA A 47 -1.24 -5.21 17.53
CA ALA A 47 -1.81 -5.92 18.66
C ALA A 47 -2.36 -4.94 19.69
N GLU A 48 -3.16 -5.45 20.63
CA GLU A 48 -3.74 -4.65 21.70
C GLU A 48 -2.76 -4.55 22.87
N SER A 49 -1.68 -5.34 22.84
CA SER A 49 -0.67 -5.37 23.88
C SER A 49 0.34 -4.24 23.69
N LYS A 50 1.35 -4.18 24.57
CA LYS A 50 2.39 -3.16 24.53
C LYS A 50 3.39 -3.41 23.40
N SER A 51 3.04 -4.28 22.44
CA SER A 51 3.86 -4.59 21.29
C SER A 51 3.78 -3.49 20.24
N TYR A 52 4.13 -2.26 20.63
CA TYR A 52 4.08 -1.08 19.78
C TYR A 52 5.22 -1.06 18.75
N PHE A 53 5.77 -2.23 18.39
CA PHE A 53 6.91 -2.31 17.50
C PHE A 53 6.57 -3.09 16.24
N PRO A 54 6.75 -2.48 15.06
CA PRO A 54 6.59 -3.13 13.77
C PRO A 54 7.57 -4.30 13.60
N PRO A 55 7.37 -5.17 12.59
CA PRO A 55 8.26 -6.28 12.29
C PRO A 55 9.68 -5.81 11.95
N LYS A 56 9.84 -4.52 11.62
CA LYS A 56 11.15 -3.91 11.45
C LYS A 56 11.10 -2.50 12.03
N GLY A 57 10.36 -1.61 11.39
CA GLY A 57 10.24 -0.23 11.83
C GLY A 57 9.43 0.62 10.86
N TYR A 58 9.22 0.16 9.63
CA TYR A 58 8.43 0.89 8.66
C TYR A 58 6.95 0.71 9.01
N ALA A 59 6.10 1.69 8.70
CA ALA A 59 4.71 1.66 9.12
C ALA A 59 3.81 2.41 8.14
N PHE A 60 2.52 2.50 8.45
CA PHE A 60 1.55 3.17 7.60
C PHE A 60 0.59 3.96 8.49
N LEU A 61 0.37 5.25 8.22
CA LEU A 61 -0.51 6.06 9.06
C LEU A 61 -1.96 6.04 8.59
N LEU A 62 -2.84 6.18 9.58
CA LEU A 62 -4.27 6.33 9.35
C LEU A 62 -4.65 7.75 9.78
N PHE A 63 -5.50 8.41 9.00
CA PHE A 63 -5.91 9.78 9.27
C PHE A 63 -7.42 9.92 9.10
N GLN A 64 -7.95 11.07 9.50
CA GLN A 64 -9.38 11.34 9.43
C GLN A 64 -9.74 12.21 8.25
N ASP A 65 -8.79 13.01 7.74
CA ASP A 65 -9.05 13.91 6.62
C ASP A 65 -7.95 13.88 5.57
N GLU A 66 -8.31 14.21 4.33
CA GLU A 66 -7.35 14.41 3.25
C GLU A 66 -6.65 15.76 3.44
N SER A 67 -7.21 16.64 4.27
CA SER A 67 -6.60 17.92 4.59
C SER A 67 -5.49 17.73 5.62
N SER A 68 -5.52 16.60 6.35
CA SER A 68 -4.50 16.31 7.34
C SER A 68 -3.23 15.83 6.66
N VAL A 69 -3.36 14.98 5.65
CA VAL A 69 -2.23 14.49 4.90
C VAL A 69 -1.70 15.60 3.98
N GLN A 70 -2.55 16.59 3.70
CA GLN A 70 -2.18 17.69 2.83
C GLN A 70 -1.20 18.60 3.56
N ALA A 71 -1.42 18.86 4.85
CA ALA A 71 -0.55 19.75 5.60
C ALA A 71 0.78 19.08 5.94
N LEU A 72 0.78 17.77 6.19
CA LEU A 72 2.02 17.08 6.55
C LEU A 72 2.89 16.82 5.33
N ILE A 73 2.32 16.88 4.13
CA ILE A 73 3.06 16.70 2.89
C ILE A 73 3.50 18.04 2.29
N ASP A 74 2.87 19.14 2.72
CA ASP A 74 3.22 20.47 2.22
C ASP A 74 4.14 21.23 3.17
N ALA A 75 4.33 20.72 4.40
CA ALA A 75 5.17 21.37 5.40
C ALA A 75 6.40 20.52 5.75
N CYS A 76 6.88 19.71 4.80
CA CYS A 76 7.99 18.81 5.03
C CYS A 76 8.98 18.81 3.86
N ILE A 77 9.96 17.91 3.92
CA ILE A 77 11.06 17.81 2.95
C ILE A 77 10.59 16.97 1.76
N GLU A 78 11.29 17.10 0.63
CA GLU A 78 10.97 16.30 -0.55
C GLU A 78 12.25 15.68 -1.14
N GLU A 79 12.09 14.61 -1.92
CA GLU A 79 13.22 13.92 -2.55
C GLU A 79 12.80 13.34 -3.91
N ASP A 80 12.65 14.23 -4.90
CA ASP A 80 12.45 13.92 -6.31
C ASP A 80 11.32 12.94 -6.65
N GLY A 81 10.47 12.57 -5.68
CA GLY A 81 9.35 11.67 -5.94
C GLY A 81 8.69 11.14 -4.67
N LYS A 82 9.31 11.39 -3.50
CA LYS A 82 8.72 11.05 -2.21
C LYS A 82 9.14 12.11 -1.20
N LEU A 83 8.69 12.01 0.06
CA LEU A 83 8.92 13.09 1.02
C LEU A 83 9.60 12.61 2.31
N TYR A 84 10.02 13.58 3.12
CA TYR A 84 10.76 13.32 4.35
C TYR A 84 10.31 14.26 5.46
N LEU A 85 10.51 13.86 6.72
CA LEU A 85 10.35 14.75 7.87
C LEU A 85 11.51 14.51 8.82
N CYS A 86 12.03 15.55 9.48
CA CYS A 86 13.13 15.37 10.42
C CYS A 86 12.59 14.94 11.78
N VAL A 87 13.19 13.90 12.38
CA VAL A 87 12.75 13.37 13.66
C VAL A 87 13.92 13.05 14.60
N SER A 88 15.16 13.07 14.09
CA SER A 88 16.36 12.84 14.90
C SER A 88 16.23 11.63 15.83
N SER A 89 15.73 10.51 15.30
CA SER A 89 15.52 9.29 16.07
C SER A 89 16.81 8.79 16.72
N PRO A 90 16.71 8.01 17.81
CA PRO A 90 17.83 7.52 18.59
C PRO A 90 18.66 6.42 17.90
N THR A 91 18.56 6.31 16.57
CA THR A 91 19.30 5.33 15.78
C THR A 91 19.90 6.09 14.60
N ILE A 92 21.15 5.77 14.27
CA ILE A 92 21.93 6.53 13.30
C ILE A 92 21.97 8.00 13.75
N LYS A 93 22.06 8.96 12.81
CA LYS A 93 22.07 10.37 13.13
C LYS A 93 21.22 11.16 12.14
N ASP A 94 20.57 12.22 12.62
CA ASP A 94 19.72 13.09 11.81
C ASP A 94 18.69 12.33 10.97
N LYS A 95 18.11 11.26 11.53
CA LYS A 95 17.16 10.40 10.84
C LYS A 95 15.98 11.19 10.28
N PRO A 96 15.80 11.18 8.96
CA PRO A 96 14.61 11.68 8.29
C PRO A 96 13.62 10.53 8.06
N VAL A 97 12.36 10.70 8.45
CA VAL A 97 11.33 9.70 8.21
C VAL A 97 10.65 9.99 6.87
N GLN A 98 10.51 8.97 6.04
CA GLN A 98 10.01 9.10 4.68
C GLN A 98 8.49 8.95 4.63
N ILE A 99 7.85 9.60 3.65
CA ILE A 99 6.40 9.62 3.49
C ILE A 99 6.00 9.39 2.04
N ARG A 100 4.88 8.68 1.84
CA ARG A 100 4.24 8.58 0.53
C ARG A 100 2.74 8.33 0.70
N PRO A 101 1.89 9.27 0.26
CA PRO A 101 0.45 9.14 0.33
C PRO A 101 -0.09 8.14 -0.70
N TRP A 102 -1.34 7.72 -0.53
CA TRP A 102 -1.98 6.78 -1.46
C TRP A 102 -2.91 7.51 -2.42
N ASN A 103 -3.10 6.93 -3.61
CA ASN A 103 -3.89 7.52 -4.69
C ASN A 103 -5.25 6.84 -4.85
N LEU A 104 -6.23 7.59 -5.38
CA LEU A 104 -7.62 7.17 -5.44
C LEU A 104 -8.00 6.51 -6.78
N SER A 105 -7.06 6.45 -7.73
CA SER A 105 -7.36 5.97 -9.07
C SER A 105 -7.42 4.45 -9.16
N ASP A 106 -7.00 3.72 -8.12
CA ASP A 106 -7.03 2.26 -8.13
C ASP A 106 -7.56 1.69 -6.83
N SER A 107 -6.68 1.05 -6.05
CA SER A 107 -6.97 0.32 -4.82
C SER A 107 -7.85 -0.92 -5.03
N ASP A 108 -8.77 -0.88 -5.99
CA ASP A 108 -9.62 -2.01 -6.34
C ASP A 108 -10.06 -1.92 -7.80
N PHE A 109 -10.31 -3.07 -8.42
CA PHE A 109 -10.78 -3.13 -9.80
C PHE A 109 -11.48 -4.45 -10.06
N VAL A 110 -12.41 -4.49 -11.02
CA VAL A 110 -13.16 -5.70 -11.30
C VAL A 110 -13.59 -5.70 -12.76
N MET A 111 -13.79 -6.91 -13.34
CA MET A 111 -14.12 -7.04 -14.75
C MET A 111 -15.35 -7.94 -14.95
N ASP A 112 -16.25 -7.94 -13.98
CA ASP A 112 -17.48 -8.72 -14.05
C ASP A 112 -18.49 -8.12 -13.05
N GLY A 113 -18.01 -7.82 -11.84
CA GLY A 113 -18.80 -7.15 -10.81
C GLY A 113 -19.87 -8.04 -10.18
N SER A 114 -19.92 -9.33 -10.55
CA SER A 114 -20.97 -10.22 -10.07
C SER A 114 -20.48 -11.62 -9.70
N GLN A 115 -19.19 -11.95 -9.85
CA GLN A 115 -18.72 -13.27 -9.46
C GLN A 115 -18.52 -13.34 -7.94
N PRO A 116 -18.87 -14.47 -7.32
CA PRO A 116 -18.61 -14.71 -5.91
C PRO A 116 -17.12 -15.01 -5.72
N LEU A 117 -16.59 -14.72 -4.54
CA LEU A 117 -15.17 -14.92 -4.26
C LEU A 117 -14.97 -15.87 -3.09
N ASP A 118 -13.85 -16.60 -3.11
CA ASP A 118 -13.46 -17.49 -2.02
C ASP A 118 -11.94 -17.45 -1.87
N PRO A 119 -11.43 -17.44 -0.64
CA PRO A 119 -10.00 -17.26 -0.36
C PRO A 119 -9.17 -18.47 -0.81
N ARG A 120 -9.82 -19.57 -1.21
CA ARG A 120 -9.13 -20.75 -1.70
C ARG A 120 -8.90 -20.66 -3.22
N LYS A 121 -9.38 -19.57 -3.84
CA LYS A 121 -9.21 -19.35 -5.27
C LYS A 121 -8.62 -17.95 -5.50
N THR A 122 -7.79 -17.50 -4.56
CA THR A 122 -7.22 -16.16 -4.60
C THR A 122 -5.68 -16.25 -4.52
N ILE A 123 -4.99 -15.24 -5.06
CA ILE A 123 -3.55 -15.18 -5.06
C ILE A 123 -3.09 -13.90 -4.36
N PHE A 124 -1.89 -13.94 -3.75
CA PHE A 124 -1.28 -12.76 -3.19
C PHE A 124 0.03 -12.48 -3.94
N VAL A 125 0.38 -11.20 -4.05
CA VAL A 125 1.61 -10.77 -4.70
C VAL A 125 2.25 -9.67 -3.86
N GLY A 126 3.46 -9.94 -3.36
CA GLY A 126 4.10 -9.05 -2.38
C GLY A 126 5.43 -8.49 -2.87
N GLY A 127 5.85 -7.39 -2.24
CA GLY A 127 7.08 -6.69 -2.60
C GLY A 127 6.81 -5.52 -3.54
N VAL A 128 5.59 -4.98 -3.49
CA VAL A 128 5.18 -3.91 -4.39
C VAL A 128 5.15 -2.55 -3.66
N PRO A 129 6.11 -1.67 -3.93
CA PRO A 129 6.14 -0.33 -3.36
C PRO A 129 5.19 0.64 -4.05
N ARG A 130 5.00 0.49 -5.37
CA ARG A 130 4.16 1.39 -6.17
C ARG A 130 3.49 0.71 -7.38
N PRO A 131 4.16 -0.21 -8.08
CA PRO A 131 3.62 -0.89 -9.26
C PRO A 131 2.34 -1.70 -9.01
N LEU A 132 1.99 -2.50 -10.01
CA LEU A 132 0.79 -3.35 -10.07
C LEU A 132 -0.53 -2.59 -10.09
N ARG A 133 -0.77 -1.69 -9.13
CA ARG A 133 -2.05 -1.02 -9.00
C ARG A 133 -3.17 -2.06 -8.92
N ALA A 134 -4.42 -1.65 -9.14
CA ALA A 134 -5.52 -2.60 -9.23
C ALA A 134 -5.95 -2.80 -10.69
N VAL A 135 -5.92 -1.72 -11.48
CA VAL A 135 -6.33 -1.77 -12.89
C VAL A 135 -5.38 -2.61 -13.71
N GLU A 136 -4.09 -2.27 -13.70
CA GLU A 136 -3.12 -2.92 -14.55
C GLU A 136 -2.79 -4.32 -14.04
N LEU A 137 -3.02 -4.57 -12.74
CA LEU A 137 -2.81 -5.89 -12.18
C LEU A 137 -3.85 -6.86 -12.74
N ALA A 138 -5.07 -6.38 -12.97
CA ALA A 138 -6.13 -7.22 -13.51
C ALA A 138 -5.92 -7.49 -15.00
N MET A 139 -5.28 -6.56 -15.71
CA MET A 139 -5.04 -6.72 -17.13
C MET A 139 -4.01 -7.80 -17.42
N ILE A 140 -2.98 -7.95 -16.56
CA ILE A 140 -1.99 -9.01 -16.76
C ILE A 140 -2.59 -10.35 -16.33
N MET A 141 -3.47 -10.35 -15.32
CA MET A 141 -4.03 -11.58 -14.80
C MET A 141 -5.12 -12.15 -15.72
N ASP A 142 -5.64 -11.35 -16.66
CA ASP A 142 -6.62 -11.85 -17.61
C ASP A 142 -5.97 -12.23 -18.94
N ARG A 143 -4.82 -11.64 -19.27
CA ARG A 143 -4.13 -11.92 -20.52
C ARG A 143 -3.19 -13.13 -20.41
N LEU A 144 -2.85 -13.55 -19.19
CA LEU A 144 -2.00 -14.72 -18.99
C LEU A 144 -2.74 -15.82 -18.23
N TYR A 145 -3.82 -15.47 -17.53
CA TYR A 145 -4.57 -16.40 -16.70
C TYR A 145 -6.07 -16.13 -16.84
N GLY A 146 -6.50 -15.88 -18.09
CA GLY A 146 -7.86 -15.50 -18.40
C GLY A 146 -8.91 -16.32 -17.65
N GLY A 147 -9.94 -15.64 -17.15
CA GLY A 147 -10.98 -16.22 -16.34
C GLY A 147 -11.07 -15.50 -15.00
N VAL A 148 -10.23 -14.48 -14.80
CA VAL A 148 -10.17 -13.69 -13.58
C VAL A 148 -11.48 -12.92 -13.40
N CYS A 149 -11.81 -12.53 -12.16
CA CYS A 149 -13.04 -11.79 -11.90
C CYS A 149 -12.83 -10.53 -11.08
N TYR A 150 -11.85 -10.49 -10.17
CA TYR A 150 -11.65 -9.33 -9.31
C TYR A 150 -10.17 -9.12 -8.98
N ALA A 151 -9.78 -7.87 -8.72
CA ALA A 151 -8.42 -7.53 -8.34
C ALA A 151 -8.38 -6.31 -7.42
N GLY A 152 -7.28 -6.11 -6.69
CA GLY A 152 -7.12 -4.94 -5.86
C GLY A 152 -5.94 -5.08 -4.90
N ILE A 153 -5.83 -4.14 -3.96
CA ILE A 153 -4.81 -4.17 -2.94
C ILE A 153 -5.45 -4.60 -1.62
N ASP A 154 -4.71 -5.34 -0.79
CA ASP A 154 -5.21 -5.80 0.49
C ASP A 154 -5.45 -4.61 1.42
N THR A 155 -6.71 -4.42 1.83
CA THR A 155 -7.09 -3.32 2.70
C THR A 155 -8.13 -3.79 3.72
N ASP A 156 -8.30 -3.02 4.79
CA ASP A 156 -9.31 -3.29 5.81
C ASP A 156 -10.34 -2.15 5.81
N PRO A 157 -11.63 -2.49 5.78
CA PRO A 157 -12.73 -1.55 5.59
C PRO A 157 -13.00 -0.65 6.79
N GLU A 158 -12.27 -0.80 7.90
CA GLU A 158 -12.49 0.04 9.07
C GLU A 158 -12.05 1.47 8.77
N LEU A 159 -11.04 1.64 7.93
CA LEU A 159 -10.55 2.93 7.49
C LEU A 159 -10.08 2.85 6.04
N LYS A 160 -10.34 1.71 5.38
CA LYS A 160 -9.87 1.41 4.02
C LYS A 160 -8.35 1.59 3.91
N TYR A 161 -7.64 1.17 4.96
CA TYR A 161 -6.19 1.28 5.03
C TYR A 161 -5.54 -0.02 4.53
N PRO A 162 -4.33 0.03 3.98
CA PRO A 162 -3.66 -1.15 3.44
C PRO A 162 -3.19 -2.06 4.56
N LYS A 163 -3.32 -3.37 4.33
CA LYS A 163 -2.95 -4.40 5.29
C LYS A 163 -2.03 -5.43 4.64
N GLY A 164 -1.47 -5.08 3.47
CA GLY A 164 -0.59 -5.96 2.74
C GLY A 164 -0.39 -5.47 1.31
N ALA A 165 0.15 -6.36 0.48
CA ALA A 165 0.43 -6.11 -0.93
C ALA A 165 -0.81 -6.39 -1.78
N GLY A 166 -0.61 -6.60 -3.09
CA GLY A 166 -1.71 -6.82 -4.02
C GLY A 166 -2.32 -8.22 -3.88
N ARG A 167 -3.56 -8.36 -4.36
CA ARG A 167 -4.26 -9.64 -4.36
C ARG A 167 -5.20 -9.70 -5.57
N VAL A 168 -5.49 -10.91 -6.05
CA VAL A 168 -6.35 -11.10 -7.21
C VAL A 168 -7.18 -12.38 -7.03
N ALA A 169 -8.40 -12.38 -7.53
CA ALA A 169 -9.29 -13.53 -7.41
C ALA A 169 -9.83 -13.93 -8.79
N PHE A 170 -10.01 -15.24 -8.99
CA PHE A 170 -10.48 -15.77 -10.26
C PHE A 170 -11.67 -16.70 -10.07
N SER A 171 -11.82 -17.26 -8.87
CA SER A 171 -12.88 -18.20 -8.55
C SER A 171 -12.95 -19.43 -9.47
N ASN A 172 -11.82 -19.82 -10.08
CA ASN A 172 -11.74 -21.05 -10.87
C ASN A 172 -10.54 -21.87 -10.39
N GLN A 173 -10.62 -23.21 -10.53
CA GLN A 173 -9.57 -24.10 -10.05
C GLN A 173 -8.33 -24.02 -10.93
N GLN A 174 -8.51 -23.76 -12.23
CA GLN A 174 -7.42 -23.83 -13.19
C GLN A 174 -6.63 -22.53 -13.23
N SER A 175 -7.32 -21.38 -13.16
CA SER A 175 -6.65 -20.08 -13.17
C SER A 175 -6.04 -19.79 -11.80
N TYR A 176 -6.57 -20.42 -10.74
CA TYR A 176 -6.02 -20.28 -9.41
C TYR A 176 -4.63 -20.93 -9.36
N ILE A 177 -4.51 -22.20 -9.77
CA ILE A 177 -3.24 -22.91 -9.70
C ILE A 177 -2.25 -22.41 -10.76
N ALA A 178 -2.72 -21.72 -11.79
CA ALA A 178 -1.86 -21.22 -12.84
C ALA A 178 -1.21 -19.89 -12.43
N ALA A 179 -1.88 -19.09 -11.60
CA ALA A 179 -1.36 -17.79 -11.20
C ALA A 179 -0.27 -17.92 -10.13
N ILE A 180 -0.27 -19.03 -9.39
CA ILE A 180 0.74 -19.32 -8.37
C ILE A 180 1.65 -20.46 -8.83
N SER A 181 1.77 -20.64 -10.15
CA SER A 181 2.54 -21.73 -10.73
C SER A 181 4.05 -21.46 -10.69
N ALA A 182 4.45 -20.22 -10.38
CA ALA A 182 5.85 -19.86 -10.28
C ALA A 182 6.01 -18.69 -9.31
N ARG A 183 7.08 -18.72 -8.50
CA ARG A 183 7.33 -17.68 -7.50
C ARG A 183 7.37 -16.28 -8.11
N PHE A 184 7.79 -16.17 -9.37
CA PHE A 184 7.80 -14.89 -10.07
C PHE A 184 7.09 -14.99 -11.40
N VAL A 185 6.17 -14.05 -11.62
CA VAL A 185 5.44 -13.91 -12.88
C VAL A 185 6.05 -12.81 -13.74
N GLN A 186 5.52 -12.61 -14.95
CA GLN A 186 5.90 -11.50 -15.78
C GLN A 186 4.77 -10.48 -15.87
N LEU A 187 5.12 -9.20 -15.81
CA LEU A 187 4.15 -8.11 -15.96
C LEU A 187 4.75 -7.07 -16.90
N GLN A 188 4.58 -7.29 -18.20
CA GLN A 188 5.22 -6.48 -19.22
C GLN A 188 4.21 -5.77 -20.12
N HIS A 189 3.47 -6.54 -20.93
CA HIS A 189 2.56 -5.98 -21.93
C HIS A 189 3.22 -4.88 -22.77
N GLY A 190 4.55 -4.92 -22.87
CA GLY A 190 5.31 -3.90 -23.59
C GLY A 190 6.81 -4.07 -23.30
N GLU A 191 7.56 -2.96 -23.36
CA GLU A 191 8.99 -2.95 -23.12
C GLU A 191 9.30 -2.96 -21.61
N ILE A 192 8.28 -3.09 -20.77
CA ILE A 192 8.43 -3.14 -19.32
C ILE A 192 9.08 -4.47 -18.93
N ASP A 193 9.72 -4.52 -17.75
CA ASP A 193 10.40 -5.71 -17.28
C ASP A 193 10.22 -5.91 -15.77
N LYS A 194 9.12 -5.36 -15.22
CA LYS A 194 8.84 -5.42 -13.80
C LYS A 194 8.03 -6.66 -13.44
N ARG A 195 8.14 -7.12 -12.18
CA ARG A 195 7.31 -8.19 -11.68
C ARG A 195 7.26 -8.21 -10.15
N VAL A 196 6.52 -9.17 -9.60
CA VAL A 196 6.27 -9.27 -8.17
C VAL A 196 6.36 -10.74 -7.72
N GLU A 197 6.60 -10.97 -6.43
CA GLU A 197 6.70 -12.32 -5.87
C GLU A 197 5.30 -12.83 -5.51
N VAL A 198 4.93 -14.03 -5.97
CA VAL A 198 3.60 -14.57 -5.74
C VAL A 198 3.55 -15.57 -4.59
N LYS A 199 2.36 -15.75 -4.03
CA LYS A 199 2.11 -16.83 -3.07
C LYS A 199 0.61 -17.12 -3.01
N PRO A 200 0.21 -18.32 -2.58
CA PRO A 200 -1.17 -18.67 -2.38
C PRO A 200 -1.80 -17.74 -1.35
N TYR A 201 -3.08 -17.41 -1.51
CA TYR A 201 -3.74 -16.52 -0.56
C TYR A 201 -4.15 -17.31 0.70
N VAL A 202 -4.50 -16.57 1.76
CA VAL A 202 -4.73 -17.13 3.07
C VAL A 202 -5.74 -16.28 3.85
N LEU A 203 -6.46 -16.90 4.77
CA LEU A 203 -7.45 -16.23 5.61
C LEU A 203 -7.46 -16.85 7.00
N SER A 1 -8.10 30.53 8.91
CA SER A 1 -8.06 30.98 7.51
C SER A 1 -8.83 32.29 7.33
N HIS A 2 -8.63 32.95 6.19
CA HIS A 2 -9.29 34.22 5.88
C HIS A 2 -9.77 34.27 4.44
N GLN A 3 -9.73 33.13 3.74
CA GLN A 3 -10.14 33.02 2.34
C GLN A 3 -10.93 31.74 2.12
N ASN A 4 -11.57 31.64 0.96
CA ASN A 4 -12.39 30.49 0.59
C ASN A 4 -12.22 30.14 -0.89
N GLY A 5 -12.89 29.07 -1.34
CA GLY A 5 -12.82 28.64 -2.73
C GLY A 5 -11.62 27.73 -3.00
N GLU A 6 -10.95 27.27 -1.94
CA GLU A 6 -9.80 26.38 -2.05
C GLU A 6 -10.21 24.99 -2.51
N ARG A 7 -9.23 24.16 -2.88
CA ARG A 7 -9.44 22.80 -3.34
C ARG A 7 -8.42 21.87 -2.70
N VAL A 8 -8.85 20.63 -2.42
CA VAL A 8 -8.01 19.63 -1.77
C VAL A 8 -8.10 18.31 -2.54
N GLU A 9 -7.03 17.50 -2.51
CA GLU A 9 -6.96 16.26 -3.26
C GLU A 9 -7.79 15.15 -2.60
N ARG A 10 -8.32 14.24 -3.42
CA ARG A 10 -9.22 13.18 -2.99
C ARG A 10 -8.49 11.92 -2.51
N TYR A 11 -7.30 12.06 -1.94
CA TYR A 11 -6.49 10.91 -1.57
C TYR A 11 -5.72 11.09 -0.25
N SER A 12 -4.59 10.38 -0.13
CA SER A 12 -3.71 10.36 1.02
C SER A 12 -4.36 9.77 2.26
N ARG A 13 -5.58 9.25 2.13
CA ARG A 13 -6.22 8.53 3.22
C ARG A 13 -5.37 7.29 3.46
N LYS A 14 -4.79 7.18 4.66
CA LYS A 14 -3.76 6.20 5.00
C LYS A 14 -2.49 6.42 4.19
N VAL A 15 -1.34 6.20 4.83
CA VAL A 15 -0.05 6.52 4.24
C VAL A 15 1.06 5.67 4.85
N PHE A 16 2.08 5.32 4.05
CA PHE A 16 3.24 4.60 4.55
C PHE A 16 4.30 5.61 5.00
N VAL A 17 4.97 5.32 6.12
CA VAL A 17 6.08 6.14 6.62
C VAL A 17 7.33 5.27 6.65
N GLY A 18 8.34 5.66 5.88
CA GLY A 18 9.50 4.83 5.64
C GLY A 18 10.61 5.05 6.67
N GLY A 19 11.03 3.95 7.31
CA GLY A 19 12.11 3.93 8.28
C GLY A 19 11.62 4.23 9.69
N LEU A 20 12.27 3.61 10.68
CA LEU A 20 11.98 3.80 12.09
C LEU A 20 13.26 3.48 12.88
N PRO A 21 13.77 4.42 13.69
CA PRO A 21 14.92 4.20 14.54
C PRO A 21 14.61 3.21 15.67
N PRO A 22 15.65 2.68 16.32
CA PRO A 22 15.53 1.74 17.43
C PRO A 22 15.01 2.43 18.69
N ASP A 23 14.78 1.64 19.74
CA ASP A 23 14.21 2.11 20.99
C ASP A 23 12.80 2.71 20.80
N ILE A 24 12.70 4.00 20.45
CA ILE A 24 11.43 4.64 20.16
C ILE A 24 10.67 3.91 19.06
N ASP A 25 9.35 4.09 19.03
CA ASP A 25 8.48 3.42 18.08
C ASP A 25 7.27 4.29 17.77
N GLU A 26 6.06 3.78 18.02
CA GLU A 26 4.79 4.45 17.76
C GLU A 26 4.74 5.83 18.41
N ASP A 27 5.53 6.08 19.45
CA ASP A 27 5.44 7.31 20.22
C ASP A 27 6.11 8.50 19.50
N GLU A 28 7.22 8.26 18.82
CA GLU A 28 7.99 9.35 18.23
C GLU A 28 7.48 9.72 16.85
N ILE A 29 6.91 8.77 16.10
CA ILE A 29 6.34 9.06 14.80
C ILE A 29 4.96 9.71 14.96
N THR A 30 4.21 9.32 16.00
CA THR A 30 2.94 9.95 16.27
C THR A 30 3.19 11.38 16.77
N ALA A 31 4.38 11.63 17.34
CA ALA A 31 4.78 12.98 17.73
C ALA A 31 5.37 13.77 16.57
N SER A 32 5.78 13.11 15.48
CA SER A 32 6.35 13.80 14.32
C SER A 32 5.26 14.47 13.49
N PHE A 33 4.10 13.83 13.35
CA PHE A 33 3.03 14.35 12.50
C PHE A 33 1.85 14.89 13.31
N ARG A 34 1.97 14.96 14.64
CA ARG A 34 0.92 15.48 15.50
C ARG A 34 0.66 16.96 15.21
N ARG A 35 1.61 17.62 14.56
CA ARG A 35 1.52 19.04 14.23
C ARG A 35 0.51 19.31 13.12
N PHE A 36 -0.01 18.25 12.48
CA PHE A 36 -0.96 18.38 11.40
C PHE A 36 -2.36 17.91 11.82
N GLY A 37 -2.52 17.57 13.10
CA GLY A 37 -3.78 17.06 13.63
C GLY A 37 -3.59 15.69 14.29
N PRO A 38 -4.66 15.13 14.87
CA PRO A 38 -4.62 13.84 15.54
C PRO A 38 -4.43 12.71 14.52
N LEU A 39 -3.80 11.63 14.98
CA LEU A 39 -3.37 10.55 14.11
C LEU A 39 -3.02 9.29 14.90
N ILE A 40 -2.93 8.16 14.19
CA ILE A 40 -2.49 6.90 14.76
C ILE A 40 -1.64 6.16 13.74
N VAL A 41 -0.99 5.06 14.17
CA VAL A 41 -0.10 4.29 13.31
C VAL A 41 -0.24 2.80 13.62
N ASP A 42 0.08 1.95 12.63
CA ASP A 42 -0.08 0.51 12.76
C ASP A 42 0.91 -0.24 11.88
N TRP A 43 0.97 -1.57 12.08
CA TRP A 43 1.69 -2.48 11.19
C TRP A 43 1.12 -3.89 11.44
N PRO A 44 1.24 -4.85 10.52
CA PRO A 44 0.53 -6.11 10.63
C PRO A 44 1.18 -7.02 11.68
N HIS A 45 2.36 -6.62 12.17
CA HIS A 45 3.12 -7.36 13.15
C HIS A 45 2.84 -6.87 14.58
N LYS A 46 1.87 -5.96 14.74
CA LYS A 46 1.55 -5.33 16.01
C LYS A 46 1.35 -6.35 17.13
N ALA A 47 1.64 -5.91 18.37
CA ALA A 47 1.58 -6.74 19.56
C ALA A 47 1.05 -5.92 20.73
N GLU A 48 0.58 -6.61 21.78
CA GLU A 48 0.05 -5.97 22.97
C GLU A 48 0.45 -6.75 24.22
N SER A 49 0.55 -6.05 25.35
CA SER A 49 0.85 -6.59 26.68
C SER A 49 2.04 -7.56 26.73
N LYS A 50 2.92 -7.54 25.72
CA LYS A 50 4.09 -8.40 25.70
C LYS A 50 5.22 -7.77 24.88
N SER A 51 4.87 -7.07 23.80
CA SER A 51 5.84 -6.40 22.93
C SER A 51 5.21 -5.15 22.32
N TYR A 52 6.05 -4.20 21.92
CA TYR A 52 5.59 -2.97 21.29
C TYR A 52 6.68 -2.38 20.38
N PHE A 53 7.62 -3.22 19.92
CA PHE A 53 8.75 -2.78 19.13
C PHE A 53 9.01 -3.80 18.01
N PRO A 54 9.04 -3.32 16.75
CA PRO A 54 9.28 -4.14 15.57
C PRO A 54 10.75 -4.57 15.46
N PRO A 55 11.05 -5.56 14.61
CA PRO A 55 12.40 -6.09 14.42
C PRO A 55 13.37 -5.07 13.86
N LYS A 56 12.88 -4.06 13.12
CA LYS A 56 13.67 -2.95 12.64
C LYS A 56 12.75 -1.75 12.47
N GLY A 57 11.54 -2.01 11.99
CA GLY A 57 10.45 -1.05 11.99
C GLY A 57 10.30 -0.21 10.73
N TYR A 58 9.10 -0.32 10.17
CA TYR A 58 8.59 0.57 9.13
C TYR A 58 7.08 0.60 9.43
N ALA A 59 6.40 1.72 9.26
CA ALA A 59 5.03 1.82 9.75
C ALA A 59 4.08 2.51 8.78
N PHE A 60 2.78 2.49 9.11
CA PHE A 60 1.73 3.05 8.28
C PHE A 60 0.76 3.85 9.14
N LEU A 61 0.53 5.12 8.80
CA LEU A 61 -0.35 5.97 9.58
C LEU A 61 -1.80 5.77 9.17
N LEU A 62 -2.68 5.80 10.18
CA LEU A 62 -4.12 5.72 9.97
C LEU A 62 -4.68 7.12 10.18
N PHE A 63 -5.59 7.54 9.30
CA PHE A 63 -6.17 8.86 9.31
C PHE A 63 -7.67 8.81 9.00
N GLN A 64 -8.36 9.90 9.30
CA GLN A 64 -9.80 10.00 9.12
C GLN A 64 -10.17 11.19 8.23
N ASP A 65 -9.33 12.24 8.25
CA ASP A 65 -9.61 13.46 7.53
C ASP A 65 -8.79 13.55 6.24
N GLU A 66 -9.25 14.39 5.31
CA GLU A 66 -8.59 14.55 4.02
C GLU A 66 -7.94 15.93 3.90
N SER A 67 -7.97 16.73 4.98
CA SER A 67 -7.33 18.04 5.01
C SER A 67 -6.05 18.00 5.83
N SER A 68 -5.92 17.02 6.73
CA SER A 68 -4.72 16.86 7.54
C SER A 68 -3.62 16.25 6.69
N VAL A 69 -3.99 15.41 5.72
CA VAL A 69 -3.04 14.88 4.76
C VAL A 69 -2.52 16.00 3.87
N GLN A 70 -3.28 17.10 3.77
CA GLN A 70 -2.92 18.19 2.87
C GLN A 70 -1.84 19.05 3.51
N ALA A 71 -1.92 19.25 4.83
CA ALA A 71 -0.92 20.03 5.53
C ALA A 71 0.38 19.24 5.71
N LEU A 72 0.29 17.91 5.91
CA LEU A 72 1.49 17.12 6.16
C LEU A 72 2.24 16.78 4.87
N ILE A 73 1.56 16.89 3.71
CA ILE A 73 2.19 16.65 2.42
C ILE A 73 2.62 17.98 1.78
N ASP A 74 2.12 19.12 2.28
CA ASP A 74 2.53 20.42 1.79
C ASP A 74 3.71 20.98 2.60
N ALA A 75 3.96 20.41 3.78
CA ALA A 75 5.04 20.83 4.66
C ALA A 75 6.17 19.80 4.70
N CYS A 76 6.33 19.00 3.64
CA CYS A 76 7.29 17.93 3.59
C CYS A 76 8.22 18.08 2.37
N ILE A 77 9.33 17.32 2.33
CA ILE A 77 10.27 17.34 1.22
C ILE A 77 9.80 16.33 0.18
N GLU A 78 10.45 16.32 -1.00
CA GLU A 78 10.10 15.36 -2.05
C GLU A 78 11.35 14.78 -2.70
N GLU A 79 11.19 13.61 -3.32
CA GLU A 79 12.26 12.93 -4.02
C GLU A 79 11.67 12.17 -5.21
N ASP A 80 12.49 11.36 -5.91
CA ASP A 80 12.17 10.65 -7.15
C ASP A 80 10.69 10.27 -7.31
N GLY A 81 10.02 9.83 -6.24
CA GLY A 81 8.61 9.48 -6.30
C GLY A 81 7.97 9.44 -4.91
N LYS A 82 8.65 10.01 -3.90
CA LYS A 82 8.20 9.90 -2.51
C LYS A 82 8.43 11.22 -1.77
N LEU A 83 8.01 11.28 -0.50
CA LEU A 83 8.11 12.50 0.31
C LEU A 83 8.98 12.23 1.55
N TYR A 84 9.32 13.28 2.29
CA TYR A 84 10.16 13.17 3.49
C TYR A 84 9.74 14.21 4.55
N LEU A 85 9.95 13.92 5.84
CA LEU A 85 9.80 14.92 6.90
C LEU A 85 11.01 14.86 7.82
N CYS A 86 11.44 15.99 8.38
CA CYS A 86 12.59 16.01 9.27
C CYS A 86 12.19 15.58 10.68
N VAL A 87 13.06 14.83 11.36
CA VAL A 87 12.82 14.34 12.72
C VAL A 87 14.13 14.38 13.51
N SER A 88 14.07 14.06 14.81
CA SER A 88 15.24 14.07 15.68
C SER A 88 15.24 12.86 16.61
N SER A 89 16.25 12.00 16.46
CA SER A 89 16.39 10.75 17.21
C SER A 89 17.88 10.37 17.26
N PRO A 90 18.31 9.49 18.17
CA PRO A 90 19.72 9.13 18.35
C PRO A 90 20.33 8.39 17.15
N THR A 91 19.50 7.86 16.24
CA THR A 91 19.97 7.21 15.02
C THR A 91 19.74 8.12 13.81
N ILE A 92 19.13 9.28 14.05
CA ILE A 92 18.70 10.18 12.99
C ILE A 92 19.71 11.31 12.80
N LYS A 93 20.05 12.02 13.89
CA LYS A 93 20.86 13.23 13.89
C LYS A 93 20.27 14.37 13.04
N ASP A 94 20.04 14.12 11.75
CA ASP A 94 19.44 15.08 10.82
C ASP A 94 18.67 14.35 9.72
N LYS A 95 18.42 13.05 9.90
CA LYS A 95 17.76 12.21 8.91
C LYS A 95 16.29 12.60 8.76
N PRO A 96 15.80 12.65 7.51
CA PRO A 96 14.39 12.76 7.21
C PRO A 96 13.74 11.37 7.15
N VAL A 97 12.47 11.27 7.56
CA VAL A 97 11.69 10.03 7.47
C VAL A 97 10.82 10.09 6.22
N GLN A 98 10.65 8.98 5.50
CA GLN A 98 9.91 9.02 4.24
C GLN A 98 8.40 8.95 4.45
N ILE A 99 7.68 9.41 3.43
CA ILE A 99 6.22 9.40 3.37
C ILE A 99 5.80 8.96 1.96
N ARG A 100 4.71 8.18 1.89
CA ARG A 100 4.21 7.64 0.63
C ARG A 100 2.69 7.57 0.67
N PRO A 101 2.01 8.64 0.27
CA PRO A 101 0.55 8.74 0.25
C PRO A 101 -0.10 7.62 -0.56
N TRP A 102 -1.29 7.15 -0.14
CA TRP A 102 -2.05 6.20 -0.92
C TRP A 102 -3.06 6.94 -1.82
N ASN A 103 -3.43 6.35 -2.95
CA ASN A 103 -4.44 6.91 -3.83
C ASN A 103 -5.63 5.95 -3.98
N LEU A 104 -6.84 6.53 -3.86
CA LEU A 104 -8.07 5.77 -3.75
C LEU A 104 -8.66 5.42 -5.11
N SER A 105 -7.94 5.68 -6.20
CA SER A 105 -8.46 5.48 -7.55
C SER A 105 -8.16 4.10 -8.09
N ASP A 106 -7.27 3.33 -7.45
CA ASP A 106 -6.85 2.03 -7.96
C ASP A 106 -6.80 0.94 -6.88
N SER A 107 -7.49 1.13 -5.76
CA SER A 107 -7.45 0.17 -4.66
C SER A 107 -8.15 -1.14 -5.01
N ASP A 108 -9.05 -1.14 -5.99
CA ASP A 108 -9.76 -2.34 -6.40
C ASP A 108 -10.30 -2.20 -7.84
N PHE A 109 -10.56 -3.33 -8.50
CA PHE A 109 -11.08 -3.33 -9.85
C PHE A 109 -11.78 -4.65 -10.18
N VAL A 110 -12.68 -4.63 -11.16
CA VAL A 110 -13.44 -5.79 -11.61
C VAL A 110 -13.56 -5.77 -13.12
N MET A 111 -13.64 -6.96 -13.74
CA MET A 111 -13.70 -7.06 -15.20
C MET A 111 -14.66 -8.15 -15.68
N ASP A 112 -15.49 -8.74 -14.80
CA ASP A 112 -16.37 -9.83 -15.20
C ASP A 112 -17.76 -9.73 -14.56
N GLY A 113 -18.12 -8.57 -14.01
CA GLY A 113 -19.44 -8.38 -13.42
C GLY A 113 -19.47 -8.68 -11.93
N SER A 114 -18.32 -8.63 -11.26
CA SER A 114 -18.24 -8.86 -9.81
C SER A 114 -18.82 -10.22 -9.40
N GLN A 115 -18.44 -11.27 -10.12
CA GLN A 115 -18.88 -12.63 -9.84
C GLN A 115 -18.43 -13.07 -8.44
N PRO A 116 -19.10 -14.07 -7.84
CA PRO A 116 -18.74 -14.59 -6.54
C PRO A 116 -17.36 -15.24 -6.58
N LEU A 117 -16.69 -15.28 -5.42
CA LEU A 117 -15.30 -15.73 -5.30
C LEU A 117 -15.15 -16.66 -4.10
N ASP A 118 -14.00 -17.34 -4.01
CA ASP A 118 -13.69 -18.24 -2.91
C ASP A 118 -12.21 -18.10 -2.54
N PRO A 119 -11.85 -18.31 -1.27
CA PRO A 119 -10.46 -18.26 -0.81
C PRO A 119 -9.59 -19.32 -1.51
N ARG A 120 -10.21 -20.35 -2.09
CA ARG A 120 -9.52 -21.40 -2.81
C ARG A 120 -9.36 -21.03 -4.29
N LYS A 121 -9.73 -19.80 -4.65
CA LYS A 121 -9.60 -19.30 -6.02
C LYS A 121 -8.94 -17.93 -6.04
N THR A 122 -8.23 -17.56 -4.97
CA THR A 122 -7.65 -16.24 -4.83
C THR A 122 -6.15 -16.31 -4.52
N ILE A 123 -5.38 -15.44 -5.15
CA ILE A 123 -3.93 -15.41 -5.02
C ILE A 123 -3.49 -14.14 -4.27
N PHE A 124 -2.39 -14.23 -3.52
CA PHE A 124 -1.81 -13.08 -2.86
C PHE A 124 -0.42 -12.80 -3.45
N VAL A 125 -0.02 -11.54 -3.47
CA VAL A 125 1.28 -11.14 -3.97
C VAL A 125 1.87 -10.03 -3.12
N GLY A 126 3.17 -10.10 -2.84
CA GLY A 126 3.85 -9.11 -2.01
C GLY A 126 5.29 -8.94 -2.44
N GLY A 127 5.98 -7.96 -1.83
CA GLY A 127 7.34 -7.62 -2.23
C GLY A 127 7.33 -6.70 -3.46
N VAL A 128 6.19 -6.04 -3.69
CA VAL A 128 6.03 -5.15 -4.83
C VAL A 128 7.11 -4.06 -4.82
N PRO A 129 7.62 -3.68 -6.00
CA PRO A 129 8.71 -2.72 -6.12
C PRO A 129 8.27 -1.30 -5.77
N ARG A 130 7.16 -0.82 -6.34
CA ARG A 130 6.61 0.49 -6.02
C ARG A 130 5.14 0.60 -6.43
N PRO A 131 4.78 0.42 -7.71
CA PRO A 131 3.39 0.43 -8.16
C PRO A 131 2.70 -0.88 -7.80
N LEU A 132 1.36 -0.83 -7.71
CA LEU A 132 0.53 -2.00 -7.46
C LEU A 132 -0.92 -1.81 -7.93
N ARG A 133 -1.23 -0.63 -8.51
CA ARG A 133 -2.51 -0.28 -9.10
C ARG A 133 -3.24 -1.51 -9.63
N ALA A 134 -4.44 -1.76 -9.10
CA ALA A 134 -5.21 -2.96 -9.41
C ALA A 134 -5.73 -2.96 -10.85
N VAL A 135 -5.83 -1.80 -11.48
CA VAL A 135 -6.32 -1.70 -12.85
C VAL A 135 -5.33 -2.36 -13.81
N GLU A 136 -4.06 -1.99 -13.72
CA GLU A 136 -3.05 -2.48 -14.64
C GLU A 136 -2.52 -3.84 -14.18
N LEU A 137 -2.65 -4.14 -12.89
CA LEU A 137 -2.27 -5.44 -12.37
C LEU A 137 -3.25 -6.50 -12.88
N ALA A 138 -4.51 -6.10 -13.09
CA ALA A 138 -5.54 -7.03 -13.52
C ALA A 138 -5.51 -7.24 -15.04
N MET A 139 -5.12 -6.22 -15.80
CA MET A 139 -5.09 -6.34 -17.25
C MET A 139 -3.96 -7.28 -17.67
N ILE A 140 -2.83 -7.21 -16.96
CA ILE A 140 -1.68 -8.04 -17.28
C ILE A 140 -1.96 -9.49 -16.90
N MET A 141 -2.59 -9.73 -15.75
CA MET A 141 -3.03 -11.07 -15.39
C MET A 141 -4.08 -11.58 -16.38
N ASP A 142 -4.81 -10.68 -17.06
CA ASP A 142 -5.83 -11.08 -18.02
C ASP A 142 -5.22 -11.44 -19.37
N ARG A 143 -3.97 -11.01 -19.63
CA ARG A 143 -3.29 -11.34 -20.88
C ARG A 143 -2.32 -12.52 -20.74
N LEU A 144 -1.94 -12.91 -19.52
CA LEU A 144 -0.98 -14.00 -19.32
C LEU A 144 -1.59 -15.21 -18.60
N TYR A 145 -2.78 -15.08 -18.00
CA TYR A 145 -3.36 -16.16 -17.21
C TYR A 145 -4.84 -16.36 -17.50
N GLY A 146 -5.29 -15.99 -18.71
CA GLY A 146 -6.68 -16.17 -19.09
C GLY A 146 -7.55 -15.10 -18.45
N GLY A 147 -8.81 -15.44 -18.19
CA GLY A 147 -9.79 -14.49 -17.67
C GLY A 147 -9.57 -14.24 -16.18
N VAL A 148 -9.76 -12.97 -15.79
CA VAL A 148 -9.74 -12.52 -14.41
C VAL A 148 -11.08 -11.89 -14.07
N CYS A 149 -11.56 -12.08 -12.84
CA CYS A 149 -12.86 -11.57 -12.44
C CYS A 149 -12.76 -10.41 -11.46
N TYR A 150 -11.74 -10.42 -10.59
CA TYR A 150 -11.56 -9.37 -9.60
C TYR A 150 -10.08 -9.21 -9.24
N ALA A 151 -9.70 -7.99 -8.89
CA ALA A 151 -8.36 -7.67 -8.42
C ALA A 151 -8.44 -6.49 -7.46
N GLY A 152 -7.46 -6.36 -6.56
CA GLY A 152 -7.43 -5.26 -5.62
C GLY A 152 -6.25 -5.37 -4.67
N ILE A 153 -6.20 -4.44 -3.70
CA ILE A 153 -5.16 -4.43 -2.70
C ILE A 153 -5.71 -4.95 -1.38
N ASP A 154 -4.88 -5.66 -0.62
CA ASP A 154 -5.25 -6.17 0.68
C ASP A 154 -5.75 -5.03 1.57
N THR A 155 -7.01 -5.11 1.99
CA THR A 155 -7.65 -4.06 2.78
C THR A 155 -8.60 -4.66 3.80
N ASP A 156 -8.91 -3.90 4.85
CA ASP A 156 -9.90 -4.28 5.85
C ASP A 156 -10.79 -3.07 6.14
N PRO A 157 -12.12 -3.28 6.22
CA PRO A 157 -13.10 -2.24 6.39
C PRO A 157 -13.20 -1.75 7.85
N GLU A 158 -12.49 -2.40 8.77
CA GLU A 158 -12.57 -2.04 10.18
C GLU A 158 -11.84 -0.73 10.46
N LEU A 159 -10.67 -0.54 9.81
CA LEU A 159 -9.91 0.69 9.88
C LEU A 159 -9.83 1.33 8.49
N LYS A 160 -10.44 0.69 7.49
CA LYS A 160 -10.44 1.13 6.10
C LYS A 160 -9.03 1.48 5.63
N TYR A 161 -8.11 0.52 5.68
CA TYR A 161 -6.72 0.75 5.33
C TYR A 161 -6.16 -0.33 4.40
N PRO A 162 -5.23 0.04 3.51
CA PRO A 162 -4.52 -0.88 2.64
C PRO A 162 -3.35 -1.53 3.39
N LYS A 163 -2.80 -2.60 2.82
CA LYS A 163 -1.61 -3.25 3.37
C LYS A 163 -0.49 -3.38 2.35
N GLY A 164 -0.50 -2.52 1.33
CA GLY A 164 0.62 -2.40 0.39
C GLY A 164 0.93 -3.66 -0.39
N ALA A 165 0.04 -4.65 -0.38
CA ALA A 165 0.24 -5.91 -1.09
C ALA A 165 -1.01 -6.27 -1.89
N GLY A 166 -0.82 -6.90 -3.04
CA GLY A 166 -1.92 -7.14 -3.96
C GLY A 166 -2.57 -8.50 -3.78
N ARG A 167 -3.79 -8.63 -4.33
CA ARG A 167 -4.50 -9.89 -4.36
C ARG A 167 -5.39 -9.90 -5.61
N VAL A 168 -5.55 -11.08 -6.22
CA VAL A 168 -6.32 -11.24 -7.44
C VAL A 168 -7.18 -12.49 -7.29
N ALA A 169 -8.37 -12.50 -7.88
CA ALA A 169 -9.29 -13.61 -7.73
C ALA A 169 -9.87 -14.04 -9.08
N PHE A 170 -10.26 -15.31 -9.14
CA PHE A 170 -10.76 -15.93 -10.35
C PHE A 170 -12.05 -16.70 -10.05
N SER A 171 -12.88 -16.88 -11.07
CA SER A 171 -14.07 -17.71 -10.97
C SER A 171 -13.79 -19.10 -11.53
N ASN A 172 -12.51 -19.39 -11.81
CA ASN A 172 -12.07 -20.66 -12.35
C ASN A 172 -10.87 -21.17 -11.56
N GLN A 173 -10.89 -22.46 -11.19
CA GLN A 173 -9.80 -23.06 -10.43
C GLN A 173 -8.57 -23.27 -11.30
N GLN A 174 -8.73 -23.14 -12.63
CA GLN A 174 -7.63 -23.37 -13.56
C GLN A 174 -6.76 -22.12 -13.65
N SER A 175 -7.39 -20.93 -13.64
CA SER A 175 -6.65 -19.68 -13.71
C SER A 175 -5.99 -19.39 -12.37
N TYR A 176 -6.59 -19.88 -11.28
CA TYR A 176 -6.02 -19.73 -9.95
C TYR A 176 -4.69 -20.47 -9.86
N ILE A 177 -4.67 -21.76 -10.21
CA ILE A 177 -3.44 -22.56 -10.12
C ILE A 177 -2.43 -22.13 -11.17
N ALA A 178 -2.86 -21.37 -12.19
CA ALA A 178 -1.95 -20.84 -13.18
C ALA A 178 -1.27 -19.56 -12.68
N ALA A 179 -1.87 -18.87 -11.71
CA ALA A 179 -1.33 -17.64 -11.17
C ALA A 179 -0.35 -17.91 -10.02
N ILE A 180 -0.54 -19.01 -9.29
CA ILE A 180 0.38 -19.43 -8.23
C ILE A 180 1.26 -20.59 -8.71
N SER A 181 1.45 -20.69 -10.03
CA SER A 181 2.23 -21.76 -10.64
C SER A 181 3.73 -21.56 -10.44
N ALA A 182 4.13 -20.33 -10.12
CA ALA A 182 5.53 -19.99 -9.98
C ALA A 182 5.68 -18.80 -9.01
N ARG A 183 6.77 -18.78 -8.24
CA ARG A 183 7.02 -17.75 -7.25
C ARG A 183 6.98 -16.35 -7.84
N PHE A 184 7.36 -16.19 -9.10
CA PHE A 184 7.35 -14.89 -9.77
C PHE A 184 6.49 -14.95 -11.02
N VAL A 185 5.48 -14.09 -11.08
CA VAL A 185 4.65 -13.89 -12.27
C VAL A 185 5.35 -12.93 -13.22
N GLN A 186 5.06 -13.04 -14.53
CA GLN A 186 5.62 -12.14 -15.51
C GLN A 186 4.63 -11.00 -15.77
N LEU A 187 5.14 -9.79 -15.92
CA LEU A 187 4.31 -8.60 -16.08
C LEU A 187 4.76 -7.83 -17.34
N GLN A 188 5.33 -8.54 -18.31
CA GLN A 188 5.97 -7.93 -19.47
C GLN A 188 5.00 -7.77 -20.64
N HIS A 189 5.06 -6.60 -21.27
CA HIS A 189 4.24 -6.29 -22.45
C HIS A 189 5.00 -5.34 -23.37
N GLY A 190 6.32 -5.27 -23.20
CA GLY A 190 7.18 -4.35 -23.95
C GLY A 190 7.21 -2.98 -23.27
N GLU A 191 8.40 -2.38 -23.21
CA GLU A 191 8.64 -1.10 -22.53
C GLU A 191 8.21 -1.13 -21.06
N ILE A 192 7.84 -2.31 -20.55
CA ILE A 192 7.39 -2.49 -19.18
C ILE A 192 7.90 -3.84 -18.66
N ASP A 193 8.31 -3.87 -17.38
CA ASP A 193 8.77 -5.09 -16.76
C ASP A 193 8.61 -4.95 -15.24
N LYS A 194 7.89 -5.89 -14.64
CA LYS A 194 7.59 -5.89 -13.22
C LYS A 194 7.58 -7.34 -12.74
N ARG A 195 7.71 -7.54 -11.42
CA ARG A 195 7.69 -8.88 -10.82
C ARG A 195 7.18 -8.75 -9.38
N VAL A 196 6.62 -9.84 -8.85
CA VAL A 196 6.17 -9.88 -7.47
C VAL A 196 6.17 -11.33 -6.98
N GLU A 197 6.36 -11.54 -5.68
CA GLU A 197 6.38 -12.86 -5.10
C GLU A 197 4.95 -13.31 -4.79
N VAL A 198 4.56 -14.50 -5.29
CA VAL A 198 3.20 -14.98 -5.12
C VAL A 198 3.09 -16.04 -4.03
N LYS A 199 1.87 -16.21 -3.53
CA LYS A 199 1.54 -17.32 -2.64
C LYS A 199 0.03 -17.54 -2.63
N PRO A 200 -0.42 -18.76 -2.27
CA PRO A 200 -1.83 -19.03 -2.08
C PRO A 200 -2.34 -18.06 -1.02
N TYR A 201 -3.47 -17.38 -1.28
CA TYR A 201 -3.89 -16.34 -0.36
C TYR A 201 -4.41 -16.93 0.95
N VAL A 202 -3.63 -16.71 2.02
CA VAL A 202 -3.96 -17.08 3.39
C VAL A 202 -4.53 -18.51 3.50
N LEU A 203 -4.03 -19.41 2.65
CA LEU A 203 -4.48 -20.79 2.58
C LEU A 203 -3.31 -21.76 2.77
N SER A 1 4.82 32.10 -17.04
CA SER A 1 4.14 30.83 -17.34
C SER A 1 3.28 30.39 -16.16
N HIS A 2 2.29 29.53 -16.41
CA HIS A 2 1.37 29.05 -15.40
C HIS A 2 1.03 27.57 -15.63
N GLN A 3 0.49 26.92 -14.61
CA GLN A 3 0.14 25.51 -14.67
C GLN A 3 -1.23 25.33 -15.33
N ASN A 4 -1.54 24.10 -15.75
CA ASN A 4 -2.78 23.76 -16.42
C ASN A 4 -3.26 22.38 -15.98
N GLY A 5 -4.41 21.94 -16.51
CA GLY A 5 -4.99 20.65 -16.16
C GLY A 5 -5.86 20.76 -14.91
N GLU A 6 -5.93 19.67 -14.14
CA GLU A 6 -6.74 19.60 -12.92
C GLU A 6 -6.28 20.62 -11.87
N ARG A 7 -7.20 20.99 -10.97
CA ARG A 7 -6.94 21.99 -9.94
C ARG A 7 -6.64 21.35 -8.59
N VAL A 8 -6.85 20.04 -8.47
CA VAL A 8 -6.63 19.31 -7.21
C VAL A 8 -5.95 17.98 -7.47
N GLU A 9 -5.34 17.42 -6.42
CA GLU A 9 -4.63 16.14 -6.49
C GLU A 9 -5.54 15.02 -5.98
N ARG A 10 -5.09 13.76 -6.14
CA ARG A 10 -5.82 12.59 -5.70
C ARG A 10 -4.93 11.69 -4.84
N TYR A 11 -5.57 10.88 -3.99
CA TYR A 11 -4.92 10.12 -2.93
C TYR A 11 -5.94 9.13 -2.38
N SER A 12 -5.61 8.41 -1.30
CA SER A 12 -6.59 7.55 -0.63
C SER A 12 -6.44 7.59 0.88
N ARG A 13 -6.12 8.78 1.42
CA ARG A 13 -6.02 9.05 2.86
C ARG A 13 -5.23 7.99 3.66
N LYS A 14 -4.18 7.44 3.04
CA LYS A 14 -3.22 6.56 3.71
C LYS A 14 -1.83 6.87 3.18
N VAL A 15 -0.81 6.60 3.98
CA VAL A 15 0.57 6.93 3.62
C VAL A 15 1.56 5.99 4.33
N PHE A 16 2.66 5.68 3.65
CA PHE A 16 3.73 4.90 4.24
C PHE A 16 4.73 5.81 4.93
N VAL A 17 5.28 5.35 6.05
CA VAL A 17 6.30 6.09 6.77
C VAL A 17 7.54 5.21 6.95
N GLY A 18 8.63 5.62 6.32
CA GLY A 18 9.88 4.89 6.36
C GLY A 18 10.66 5.24 7.63
N GLY A 19 11.95 4.89 7.65
CA GLY A 19 12.79 5.15 8.81
C GLY A 19 12.40 4.24 9.96
N LEU A 20 11.71 4.80 10.95
CA LEU A 20 11.28 4.12 12.17
C LEU A 20 12.44 3.47 12.92
N PRO A 21 12.92 4.09 14.00
CA PRO A 21 13.94 3.49 14.85
C PRO A 21 13.33 2.29 15.55
N PRO A 22 14.14 1.25 15.83
CA PRO A 22 13.67 0.00 16.40
C PRO A 22 13.39 0.10 17.91
N ASP A 23 13.19 1.32 18.42
CA ASP A 23 13.02 1.53 19.86
C ASP A 23 11.92 2.53 20.20
N ILE A 24 10.88 2.67 19.37
CA ILE A 24 9.74 3.53 19.68
C ILE A 24 8.44 2.77 19.39
N ASP A 25 7.30 3.38 19.70
CA ASP A 25 6.01 2.72 19.56
C ASP A 25 4.95 3.65 18.97
N GLU A 26 3.70 3.14 18.87
CA GLU A 26 2.57 3.83 18.27
C GLU A 26 2.40 5.25 18.81
N ASP A 27 2.70 5.47 20.09
CA ASP A 27 2.48 6.76 20.73
C ASP A 27 3.49 7.80 20.24
N GLU A 28 4.69 7.36 19.86
CA GLU A 28 5.75 8.28 19.51
C GLU A 28 5.54 8.79 18.08
N ILE A 29 5.05 7.91 17.20
CA ILE A 29 4.80 8.28 15.81
C ILE A 29 3.54 9.15 15.77
N THR A 30 2.53 8.82 16.58
CA THR A 30 1.31 9.59 16.64
C THR A 30 1.59 10.99 17.17
N ALA A 31 2.69 11.14 17.92
CA ALA A 31 3.09 12.44 18.42
C ALA A 31 3.99 13.19 17.44
N SER A 32 4.59 12.48 16.46
CA SER A 32 5.47 13.10 15.49
C SER A 32 4.70 13.81 14.37
N PHE A 33 3.47 13.34 14.09
CA PHE A 33 2.66 13.92 13.03
C PHE A 33 1.39 14.60 13.57
N ARG A 34 1.29 14.76 14.91
CA ARG A 34 0.08 15.23 15.57
C ARG A 34 -0.38 16.61 15.09
N ARG A 35 0.52 17.40 14.49
CA ARG A 35 0.20 18.75 14.03
C ARG A 35 -0.68 18.73 12.78
N PHE A 36 -0.81 17.57 12.13
CA PHE A 36 -1.57 17.44 10.89
C PHE A 36 -2.99 16.91 11.14
N GLY A 37 -3.44 16.95 12.40
CA GLY A 37 -4.77 16.48 12.76
C GLY A 37 -4.72 15.06 13.32
N PRO A 38 -5.88 14.46 13.61
CA PRO A 38 -5.98 13.13 14.17
C PRO A 38 -5.55 12.08 13.14
N LEU A 39 -4.78 11.10 13.61
CA LEU A 39 -4.21 10.06 12.76
C LEU A 39 -3.81 8.86 13.62
N ILE A 40 -3.54 7.73 12.96
CA ILE A 40 -3.09 6.52 13.64
C ILE A 40 -1.93 5.91 12.86
N VAL A 41 -1.20 4.99 13.48
CA VAL A 41 -0.14 4.25 12.79
C VAL A 41 -0.38 2.76 12.98
N ASP A 42 -0.01 1.96 11.97
CA ASP A 42 -0.30 0.53 12.00
C ASP A 42 0.76 -0.29 11.27
N TRP A 43 0.70 -1.61 11.49
CA TRP A 43 1.58 -2.57 10.85
C TRP A 43 0.85 -3.93 10.87
N PRO A 44 1.21 -4.88 9.99
CA PRO A 44 0.48 -6.13 9.82
C PRO A 44 0.67 -7.05 11.03
N HIS A 45 1.61 -6.70 11.92
CA HIS A 45 1.94 -7.48 13.10
C HIS A 45 1.29 -6.91 14.36
N LYS A 46 0.27 -6.04 14.19
CA LYS A 46 -0.42 -5.38 15.29
C LYS A 46 -0.95 -6.36 16.34
N ALA A 47 -1.23 -5.84 17.53
CA ALA A 47 -1.71 -6.62 18.66
C ALA A 47 -2.93 -5.94 19.29
N GLU A 48 -3.63 -6.67 20.17
CA GLU A 48 -4.82 -6.18 20.84
C GLU A 48 -4.87 -6.71 22.27
N SER A 49 -5.48 -5.95 23.19
CA SER A 49 -5.56 -6.28 24.61
C SER A 49 -4.19 -6.58 25.21
N LYS A 50 -3.13 -6.05 24.60
CA LYS A 50 -1.75 -6.27 25.04
C LYS A 50 -0.90 -5.05 24.65
N SER A 51 0.27 -4.91 25.26
CA SER A 51 1.19 -3.83 24.97
C SER A 51 1.66 -3.90 23.51
N TYR A 52 2.19 -2.79 23.00
CA TYR A 52 2.62 -2.69 21.62
C TYR A 52 4.03 -2.09 21.52
N PHE A 53 4.86 -2.71 20.68
CA PHE A 53 6.23 -2.28 20.43
C PHE A 53 6.69 -2.86 19.09
N PRO A 54 6.65 -2.07 18.01
CA PRO A 54 7.01 -2.51 16.68
C PRO A 54 8.53 -2.64 16.51
N PRO A 55 8.98 -3.60 15.70
CA PRO A 55 10.36 -3.77 15.30
C PRO A 55 10.69 -2.79 14.17
N LYS A 56 11.83 -2.98 13.49
CA LYS A 56 12.20 -2.17 12.34
C LYS A 56 11.39 -2.60 11.10
N GLY A 57 10.14 -3.01 11.32
CA GLY A 57 9.24 -3.41 10.25
C GLY A 57 8.60 -2.22 9.55
N TYR A 58 9.08 -1.01 9.87
CA TYR A 58 8.52 0.24 9.35
C TYR A 58 7.01 0.33 9.65
N ALA A 59 6.34 1.39 9.20
CA ALA A 59 4.94 1.56 9.53
C ALA A 59 4.17 2.34 8.47
N PHE A 60 2.85 2.45 8.66
CA PHE A 60 1.96 3.14 7.74
C PHE A 60 0.93 3.94 8.56
N LEU A 61 0.54 5.13 8.08
CA LEU A 61 -0.39 5.98 8.82
C LEU A 61 -1.80 5.93 8.25
N LEU A 62 -2.76 6.11 9.15
CA LEU A 62 -4.17 6.17 8.81
C LEU A 62 -4.63 7.61 8.97
N PHE A 63 -5.51 8.06 8.08
CA PHE A 63 -6.01 9.42 8.11
C PHE A 63 -7.50 9.43 7.80
N GLN A 64 -8.18 10.47 8.30
CA GLN A 64 -9.62 10.63 8.12
C GLN A 64 -9.93 11.62 7.02
N ASP A 65 -9.00 12.54 6.71
CA ASP A 65 -9.17 13.50 5.66
C ASP A 65 -8.20 13.22 4.52
N GLU A 66 -8.56 13.63 3.30
CA GLU A 66 -7.73 13.41 2.12
C GLU A 66 -6.90 14.64 1.79
N SER A 67 -7.02 15.69 2.61
CA SER A 67 -6.23 16.91 2.48
C SER A 67 -5.31 17.10 3.69
N SER A 68 -5.54 16.36 4.77
CA SER A 68 -4.64 16.40 5.92
C SER A 68 -3.30 15.79 5.54
N VAL A 69 -3.34 14.80 4.64
CA VAL A 69 -2.12 14.19 4.12
C VAL A 69 -1.40 15.21 3.26
N GLN A 70 -2.11 16.21 2.74
CA GLN A 70 -1.52 17.21 1.88
C GLN A 70 -0.80 18.25 2.72
N ALA A 71 -1.23 18.46 3.96
CA ALA A 71 -0.55 19.39 4.86
C ALA A 71 0.79 18.81 5.32
N LEU A 72 0.87 17.50 5.54
CA LEU A 72 2.13 16.89 5.96
C LEU A 72 3.05 16.68 4.76
N ILE A 73 2.52 16.74 3.55
CA ILE A 73 3.32 16.63 2.33
C ILE A 73 3.73 18.02 1.81
N ASP A 74 3.14 19.10 2.35
CA ASP A 74 3.47 20.45 1.94
C ASP A 74 4.27 21.20 3.01
N ALA A 75 4.38 20.65 4.21
CA ALA A 75 5.12 21.24 5.31
C ALA A 75 6.30 20.34 5.71
N CYS A 76 6.99 19.79 4.70
CA CYS A 76 8.03 18.80 4.89
C CYS A 76 9.18 19.01 3.90
N ILE A 77 10.26 18.23 4.03
CA ILE A 77 11.38 18.30 3.10
C ILE A 77 11.05 17.46 1.87
N GLU A 78 11.81 17.63 0.79
CA GLU A 78 11.59 16.84 -0.41
C GLU A 78 12.91 16.26 -0.94
N GLU A 79 12.79 15.17 -1.72
CA GLU A 79 13.94 14.52 -2.33
C GLU A 79 13.56 14.02 -3.73
N ASP A 80 13.49 14.96 -4.68
CA ASP A 80 13.24 14.71 -6.10
C ASP A 80 11.99 13.89 -6.40
N GLY A 81 11.09 13.70 -5.42
CA GLY A 81 9.85 12.97 -5.63
C GLY A 81 9.28 12.34 -4.36
N LYS A 82 10.05 12.35 -3.26
CA LYS A 82 9.59 11.80 -1.99
C LYS A 82 9.81 12.82 -0.88
N LEU A 83 9.28 12.58 0.32
CA LEU A 83 9.29 13.58 1.38
C LEU A 83 10.00 13.11 2.66
N TYR A 84 10.29 14.08 3.54
CA TYR A 84 10.90 13.81 4.85
C TYR A 84 10.34 14.77 5.89
N LEU A 85 10.26 14.36 7.15
CA LEU A 85 9.95 15.25 8.27
C LEU A 85 11.04 15.09 9.33
N CYS A 86 11.20 16.08 10.21
CA CYS A 86 12.23 16.01 11.25
C CYS A 86 11.65 15.45 12.55
N VAL A 87 12.33 14.43 13.09
CA VAL A 87 11.94 13.79 14.35
C VAL A 87 13.19 13.29 15.08
N SER A 88 13.03 12.94 16.35
CA SER A 88 14.12 12.42 17.17
C SER A 88 14.09 10.89 17.19
N SER A 89 15.25 10.29 17.45
CA SER A 89 15.40 8.84 17.54
C SER A 89 16.47 8.50 18.57
N PRO A 90 16.31 7.41 19.33
CA PRO A 90 17.29 6.94 20.28
C PRO A 90 18.43 6.19 19.59
N THR A 91 18.22 5.81 18.33
CA THR A 91 19.21 5.09 17.52
C THR A 91 20.30 6.03 17.03
N ILE A 92 19.97 7.33 16.95
CA ILE A 92 20.79 8.35 16.32
C ILE A 92 20.76 9.60 17.20
N LYS A 93 21.34 10.71 16.72
CA LYS A 93 21.19 12.00 17.35
C LYS A 93 19.99 12.74 16.75
N ASP A 94 19.62 12.39 15.51
CA ASP A 94 18.48 12.93 14.79
C ASP A 94 18.19 12.01 13.60
N LYS A 95 16.94 11.97 13.11
CA LYS A 95 16.60 11.20 11.92
C LYS A 95 15.43 11.83 11.18
N PRO A 96 15.64 12.28 9.94
CA PRO A 96 14.54 12.66 9.07
C PRO A 96 13.70 11.42 8.78
N VAL A 97 12.41 11.45 9.13
CA VAL A 97 11.51 10.33 8.88
C VAL A 97 10.98 10.43 7.46
N GLN A 98 11.04 9.32 6.72
CA GLN A 98 10.76 9.32 5.29
C GLN A 98 9.27 9.06 5.04
N ILE A 99 8.71 9.64 3.97
CA ILE A 99 7.29 9.54 3.65
C ILE A 99 7.07 9.25 2.17
N ARG A 100 6.06 8.42 1.88
CA ARG A 100 5.63 8.15 0.51
C ARG A 100 4.10 7.98 0.50
N PRO A 101 3.35 8.96 -0.01
CA PRO A 101 1.90 8.96 -0.01
C PRO A 101 1.29 7.95 -0.97
N TRP A 102 0.00 7.64 -0.73
CA TRP A 102 -0.77 6.78 -1.62
C TRP A 102 -1.54 7.68 -2.59
N ASN A 103 -0.93 7.91 -3.76
CA ASN A 103 -1.32 8.90 -4.75
C ASN A 103 -2.64 8.67 -5.49
N LEU A 104 -3.39 7.60 -5.22
CA LEU A 104 -4.50 7.28 -6.09
C LEU A 104 -5.61 6.47 -5.45
N SER A 105 -6.66 6.25 -6.24
CA SER A 105 -7.83 5.46 -5.88
C SER A 105 -7.83 4.16 -6.66
N ASP A 106 -6.64 3.71 -7.10
CA ASP A 106 -6.50 2.50 -7.90
C ASP A 106 -6.19 1.30 -7.00
N SER A 107 -6.71 1.32 -5.78
CA SER A 107 -6.42 0.31 -4.78
C SER A 107 -7.16 -1.01 -5.03
N ASP A 108 -8.24 -0.98 -5.81
CA ASP A 108 -9.02 -2.17 -6.10
C ASP A 108 -9.73 -2.07 -7.44
N PHE A 109 -10.03 -3.22 -8.05
CA PHE A 109 -10.75 -3.28 -9.31
C PHE A 109 -11.40 -4.65 -9.48
N VAL A 110 -12.50 -4.72 -10.24
CA VAL A 110 -13.20 -5.96 -10.53
C VAL A 110 -13.63 -6.00 -11.99
N MET A 111 -13.81 -7.21 -12.51
CA MET A 111 -14.18 -7.41 -13.91
C MET A 111 -15.29 -8.46 -14.05
N ASP A 112 -16.12 -8.60 -13.02
CA ASP A 112 -17.20 -9.58 -13.03
C ASP A 112 -18.31 -9.10 -12.07
N GLY A 113 -19.47 -9.75 -12.12
CA GLY A 113 -20.63 -9.37 -11.31
C GLY A 113 -20.51 -9.84 -9.86
N SER A 114 -19.32 -9.71 -9.26
CA SER A 114 -19.07 -10.13 -7.89
C SER A 114 -19.45 -11.59 -7.67
N GLN A 115 -18.77 -12.48 -8.42
CA GLN A 115 -18.98 -13.92 -8.32
C GLN A 115 -18.58 -14.41 -6.92
N PRO A 116 -19.03 -15.60 -6.50
CA PRO A 116 -18.67 -16.16 -5.21
C PRO A 116 -17.15 -16.23 -5.09
N LEU A 117 -16.62 -15.60 -4.03
CA LEU A 117 -15.19 -15.40 -3.85
C LEU A 117 -14.76 -15.92 -2.48
N ASP A 118 -13.61 -16.60 -2.44
CA ASP A 118 -13.09 -17.20 -1.23
C ASP A 118 -11.56 -17.10 -1.25
N PRO A 119 -10.91 -17.13 -0.08
CA PRO A 119 -9.46 -16.96 0.02
C PRO A 119 -8.73 -18.18 -0.55
N ARG A 120 -9.46 -19.27 -0.78
CA ARG A 120 -8.92 -20.50 -1.36
C ARG A 120 -8.84 -20.43 -2.88
N LYS A 121 -9.37 -19.35 -3.47
CA LYS A 121 -9.27 -19.09 -4.90
C LYS A 121 -8.50 -17.79 -5.15
N THR A 122 -7.64 -17.42 -4.21
CA THR A 122 -6.93 -16.14 -4.25
C THR A 122 -5.42 -16.36 -4.22
N ILE A 123 -4.67 -15.41 -4.78
CA ILE A 123 -3.22 -15.45 -4.83
C ILE A 123 -2.67 -14.12 -4.31
N PHE A 124 -1.51 -14.14 -3.62
CA PHE A 124 -0.89 -12.91 -3.16
C PHE A 124 0.22 -12.49 -4.11
N VAL A 125 0.17 -11.23 -4.53
CA VAL A 125 1.11 -10.62 -5.47
C VAL A 125 2.07 -9.72 -4.69
N GLY A 126 3.06 -10.33 -4.05
CA GLY A 126 3.98 -9.61 -3.18
C GLY A 126 5.28 -9.21 -3.86
N GLY A 127 5.89 -8.13 -3.36
CA GLY A 127 7.12 -7.61 -3.93
C GLY A 127 6.90 -6.27 -4.64
N VAL A 128 5.73 -5.67 -4.47
CA VAL A 128 5.40 -4.40 -5.10
C VAL A 128 6.16 -3.26 -4.41
N PRO A 129 6.45 -2.16 -5.12
CA PRO A 129 7.12 -1.01 -4.54
C PRO A 129 6.19 -0.32 -3.54
N ARG A 130 4.92 -0.11 -3.91
CA ARG A 130 3.88 0.38 -3.02
C ARG A 130 2.51 0.01 -3.62
N PRO A 131 2.02 0.69 -4.67
CA PRO A 131 0.84 0.24 -5.40
C PRO A 131 1.26 -0.71 -6.51
N LEU A 132 0.27 -1.25 -7.23
CA LEU A 132 0.49 -2.00 -8.46
C LEU A 132 -0.53 -1.57 -9.51
N ARG A 133 -1.41 -0.63 -9.13
CA ARG A 133 -2.50 -0.08 -9.92
C ARG A 133 -3.46 -1.17 -10.39
N ALA A 134 -4.55 -1.35 -9.62
CA ALA A 134 -5.48 -2.43 -9.85
C ALA A 134 -6.10 -2.40 -11.24
N VAL A 135 -6.20 -1.23 -11.87
CA VAL A 135 -6.78 -1.11 -13.21
C VAL A 135 -5.96 -1.89 -14.22
N GLU A 136 -4.67 -1.57 -14.33
CA GLU A 136 -3.82 -2.18 -15.35
C GLU A 136 -3.32 -3.55 -14.89
N LEU A 137 -3.30 -3.78 -13.58
CA LEU A 137 -2.89 -5.04 -13.01
C LEU A 137 -3.99 -6.08 -13.25
N ALA A 138 -5.26 -5.68 -13.15
CA ALA A 138 -6.36 -6.59 -13.36
C ALA A 138 -6.47 -6.96 -14.84
N MET A 139 -6.22 -6.01 -15.73
CA MET A 139 -6.37 -6.24 -17.16
C MET A 139 -5.31 -7.22 -17.67
N ILE A 140 -4.09 -7.15 -17.10
CA ILE A 140 -3.00 -7.98 -17.57
C ILE A 140 -3.13 -9.41 -17.06
N MET A 141 -3.63 -9.60 -15.84
CA MET A 141 -3.95 -10.93 -15.33
C MET A 141 -5.08 -11.55 -16.17
N ASP A 142 -5.91 -10.72 -16.82
CA ASP A 142 -6.92 -11.22 -17.73
C ASP A 142 -6.31 -11.60 -19.08
N ARG A 143 -5.17 -11.02 -19.44
CA ARG A 143 -4.51 -11.36 -20.69
C ARG A 143 -3.64 -12.62 -20.56
N LEU A 144 -3.29 -13.03 -19.34
CA LEU A 144 -2.42 -14.19 -19.13
C LEU A 144 -3.09 -15.32 -18.34
N TYR A 145 -4.20 -15.06 -17.64
CA TYR A 145 -4.81 -16.07 -16.79
C TYR A 145 -6.32 -16.19 -16.96
N GLY A 146 -6.85 -15.70 -18.09
CA GLY A 146 -8.27 -15.84 -18.38
C GLY A 146 -9.15 -14.97 -17.48
N GLY A 147 -10.33 -15.49 -17.11
CA GLY A 147 -11.31 -14.73 -16.36
C GLY A 147 -10.84 -14.48 -14.93
N VAL A 148 -10.71 -13.20 -14.59
CA VAL A 148 -10.40 -12.74 -13.24
C VAL A 148 -11.64 -12.07 -12.66
N CYS A 149 -11.90 -12.25 -11.35
CA CYS A 149 -13.07 -11.67 -10.72
C CYS A 149 -12.69 -10.40 -9.96
N TYR A 150 -11.53 -10.42 -9.28
CA TYR A 150 -11.10 -9.30 -8.46
C TYR A 150 -9.58 -9.21 -8.41
N ALA A 151 -9.06 -7.98 -8.34
CA ALA A 151 -7.64 -7.72 -8.20
C ALA A 151 -7.43 -6.37 -7.53
N GLY A 152 -6.30 -6.20 -6.83
CA GLY A 152 -5.97 -4.95 -6.18
C GLY A 152 -4.89 -5.12 -5.14
N ILE A 153 -4.83 -4.18 -4.19
CA ILE A 153 -3.85 -4.23 -3.11
C ILE A 153 -4.57 -4.56 -1.80
N ASP A 154 -3.91 -5.32 -0.93
CA ASP A 154 -4.46 -5.69 0.37
C ASP A 154 -4.75 -4.41 1.17
N THR A 155 -6.02 -4.03 1.23
CA THR A 155 -6.45 -2.81 1.90
C THR A 155 -7.83 -3.02 2.54
N ASP A 156 -8.23 -2.09 3.41
CA ASP A 156 -9.54 -2.13 4.04
C ASP A 156 -10.13 -0.72 4.07
N PRO A 157 -11.39 -0.54 3.65
CA PRO A 157 -12.06 0.74 3.53
C PRO A 157 -12.59 1.27 4.86
N GLU A 158 -12.70 0.43 5.89
CA GLU A 158 -13.27 0.85 7.17
C GLU A 158 -12.16 1.35 8.10
N LEU A 159 -10.96 0.78 7.97
CA LEU A 159 -9.80 1.19 8.73
C LEU A 159 -8.87 2.06 7.88
N LYS A 160 -9.24 2.26 6.60
CA LYS A 160 -8.52 3.14 5.68
C LYS A 160 -7.02 2.87 5.65
N TYR A 161 -6.62 1.59 5.58
CA TYR A 161 -5.21 1.22 5.63
C TYR A 161 -4.89 0.01 4.76
N PRO A 162 -3.64 -0.12 4.30
CA PRO A 162 -3.16 -1.31 3.64
C PRO A 162 -2.71 -2.34 4.68
N LYS A 163 -2.75 -3.62 4.32
CA LYS A 163 -2.38 -4.70 5.22
C LYS A 163 -1.33 -5.61 4.57
N GLY A 164 -0.84 -5.23 3.38
CA GLY A 164 0.14 -6.02 2.68
C GLY A 164 0.29 -5.57 1.22
N ALA A 165 0.91 -6.44 0.43
CA ALA A 165 1.14 -6.23 -0.99
C ALA A 165 -0.11 -6.52 -1.82
N GLY A 166 0.08 -6.72 -3.13
CA GLY A 166 -1.03 -6.97 -4.04
C GLY A 166 -1.66 -8.34 -3.86
N ARG A 167 -2.84 -8.52 -4.47
CA ARG A 167 -3.54 -9.80 -4.48
C ARG A 167 -4.46 -9.87 -5.69
N VAL A 168 -4.77 -11.08 -6.15
CA VAL A 168 -5.66 -11.31 -7.27
C VAL A 168 -6.52 -12.53 -6.95
N ALA A 169 -7.76 -12.56 -7.42
CA ALA A 169 -8.66 -13.65 -7.12
C ALA A 169 -9.46 -14.08 -8.35
N PHE A 170 -9.87 -15.34 -8.33
CA PHE A 170 -10.53 -15.97 -9.47
C PHE A 170 -11.83 -16.66 -9.05
N SER A 171 -12.72 -16.87 -10.01
CA SER A 171 -13.97 -17.56 -9.76
C SER A 171 -13.80 -19.08 -9.84
N ASN A 172 -12.64 -19.54 -10.32
CA ASN A 172 -12.39 -20.95 -10.56
C ASN A 172 -11.13 -21.41 -9.83
N GLN A 173 -11.10 -22.69 -9.41
CA GLN A 173 -9.97 -23.26 -8.71
C GLN A 173 -8.84 -23.59 -9.69
N GLN A 174 -9.13 -23.65 -10.98
CA GLN A 174 -8.14 -23.96 -11.99
C GLN A 174 -7.32 -22.71 -12.33
N SER A 175 -7.98 -21.54 -12.32
CA SER A 175 -7.29 -20.29 -12.57
C SER A 175 -6.51 -19.86 -11.34
N TYR A 176 -6.98 -20.29 -10.15
CA TYR A 176 -6.30 -20.00 -8.90
C TYR A 176 -4.93 -20.67 -8.87
N ILE A 177 -4.86 -21.96 -9.23
CA ILE A 177 -3.59 -22.69 -9.21
C ILE A 177 -2.70 -22.24 -10.35
N ALA A 178 -3.27 -21.72 -11.43
CA ALA A 178 -2.48 -21.24 -12.57
C ALA A 178 -1.79 -19.92 -12.22
N ALA A 179 -2.34 -19.16 -11.27
CA ALA A 179 -1.77 -17.88 -10.87
C ALA A 179 -0.64 -18.05 -9.84
N ILE A 180 -0.44 -19.26 -9.32
CA ILE A 180 0.64 -19.57 -8.40
C ILE A 180 1.56 -20.64 -8.97
N SER A 181 1.51 -20.85 -10.29
CA SER A 181 2.32 -21.85 -10.98
C SER A 181 3.68 -21.31 -11.41
N ALA A 182 3.86 -19.99 -11.35
CA ALA A 182 5.13 -19.37 -11.70
C ALA A 182 5.43 -18.20 -10.76
N ARG A 183 6.57 -18.25 -10.09
CA ARG A 183 6.98 -17.25 -9.12
C ARG A 183 6.88 -15.82 -9.67
N PHE A 184 7.28 -15.61 -10.93
CA PHE A 184 7.25 -14.29 -11.54
C PHE A 184 6.27 -14.24 -12.71
N VAL A 185 5.15 -13.56 -12.50
CA VAL A 185 4.18 -13.29 -13.54
C VAL A 185 4.79 -12.32 -14.54
N GLN A 186 4.35 -12.39 -15.80
CA GLN A 186 4.80 -11.42 -16.79
C GLN A 186 3.71 -10.37 -16.99
N LEU A 187 4.16 -9.12 -17.13
CA LEU A 187 3.27 -7.99 -17.31
C LEU A 187 3.58 -7.34 -18.66
N GLN A 188 4.20 -8.11 -19.56
CA GLN A 188 4.75 -7.62 -20.81
C GLN A 188 3.69 -7.53 -21.91
N HIS A 189 3.51 -6.33 -22.45
CA HIS A 189 2.62 -6.08 -23.57
C HIS A 189 3.18 -4.95 -24.42
N GLY A 190 4.50 -4.76 -24.35
CA GLY A 190 5.19 -3.66 -25.00
C GLY A 190 5.20 -2.43 -24.10
N GLU A 191 6.32 -1.69 -24.11
CA GLU A 191 6.53 -0.52 -23.26
C GLU A 191 6.38 -0.83 -21.76
N ILE A 192 6.29 -2.12 -21.40
CA ILE A 192 6.15 -2.57 -20.02
C ILE A 192 7.00 -3.81 -19.80
N ASP A 193 7.61 -3.93 -18.63
CA ASP A 193 8.46 -5.07 -18.28
C ASP A 193 8.29 -5.47 -16.81
N LYS A 194 7.20 -5.02 -16.19
CA LYS A 194 6.92 -5.22 -14.77
C LYS A 194 6.96 -6.69 -14.39
N ARG A 195 7.32 -6.97 -13.13
CA ARG A 195 7.36 -8.31 -12.56
C ARG A 195 7.08 -8.21 -11.06
N VAL A 196 6.55 -9.29 -10.48
CA VAL A 196 6.26 -9.36 -9.05
C VAL A 196 6.14 -10.83 -8.65
N GLU A 197 6.31 -11.14 -7.36
CA GLU A 197 6.31 -12.52 -6.88
C GLU A 197 4.90 -13.00 -6.51
N VAL A 198 4.63 -14.30 -6.65
CA VAL A 198 3.35 -14.87 -6.28
C VAL A 198 3.47 -15.91 -5.17
N LYS A 199 2.39 -16.13 -4.43
CA LYS A 199 2.31 -17.19 -3.44
C LYS A 199 0.85 -17.53 -3.18
N PRO A 200 0.56 -18.75 -2.69
CA PRO A 200 -0.79 -19.12 -2.29
C PRO A 200 -1.30 -18.08 -1.29
N TYR A 201 -2.56 -17.65 -1.40
CA TYR A 201 -3.02 -16.59 -0.52
C TYR A 201 -3.22 -17.07 0.91
N VAL A 202 -2.49 -16.44 1.83
CA VAL A 202 -2.59 -16.61 3.28
C VAL A 202 -2.71 -18.06 3.71
N LEU A 203 -1.93 -18.95 3.10
CA LEU A 203 -1.95 -20.38 3.41
C LEU A 203 -1.40 -20.66 4.81
N SER A 1 2.17 28.16 -15.27
CA SER A 1 1.87 26.89 -14.58
C SER A 1 0.39 26.56 -14.69
N HIS A 2 0.04 25.27 -14.51
CA HIS A 2 -1.33 24.81 -14.60
C HIS A 2 -1.69 23.89 -13.42
N GLN A 3 -0.77 23.72 -12.46
CA GLN A 3 -0.96 22.87 -11.29
C GLN A 3 -1.41 21.46 -11.68
N ASN A 4 -0.83 20.91 -12.74
CA ASN A 4 -1.17 19.57 -13.22
C ASN A 4 -0.76 18.50 -12.20
N GLY A 5 0.02 18.87 -11.19
CA GLY A 5 0.43 17.95 -10.13
C GLY A 5 -0.70 17.72 -9.11
N GLU A 6 -1.77 18.51 -9.20
CA GLU A 6 -2.92 18.45 -8.29
C GLU A 6 -2.49 18.64 -6.83
N ARG A 7 -3.45 18.52 -5.90
CA ARG A 7 -3.18 18.66 -4.47
C ARG A 7 -3.89 17.55 -3.70
N VAL A 8 -3.62 17.44 -2.40
CA VAL A 8 -4.26 16.48 -1.52
C VAL A 8 -5.78 16.63 -1.60
N GLU A 9 -6.47 15.53 -1.95
CA GLU A 9 -7.92 15.49 -1.98
C GLU A 9 -8.38 14.04 -1.94
N ARG A 10 -9.56 13.79 -1.36
CA ARG A 10 -10.11 12.47 -1.09
C ARG A 10 -9.18 11.62 -0.23
N TYR A 11 -8.17 11.02 -0.85
CA TYR A 11 -7.24 10.10 -0.20
C TYR A 11 -7.92 8.94 0.52
N SER A 12 -7.10 8.00 0.98
CA SER A 12 -7.57 6.75 1.57
C SER A 12 -7.38 6.73 3.08
N ARG A 13 -7.25 7.92 3.69
CA ARG A 13 -7.02 8.07 5.12
C ARG A 13 -5.81 7.28 5.62
N LYS A 14 -4.89 6.93 4.71
CA LYS A 14 -3.68 6.21 5.04
C LYS A 14 -2.52 6.65 4.15
N VAL A 15 -1.32 6.63 4.72
CA VAL A 15 -0.10 6.97 4.00
C VAL A 15 1.01 6.01 4.40
N PHE A 16 1.97 5.79 3.51
CA PHE A 16 3.18 5.07 3.84
C PHE A 16 4.19 6.06 4.38
N VAL A 17 4.97 5.67 5.39
CA VAL A 17 6.04 6.51 5.90
C VAL A 17 7.33 5.70 5.95
N GLY A 18 8.18 5.92 4.95
CA GLY A 18 9.46 5.23 4.84
C GLY A 18 10.53 5.96 5.64
N GLY A 19 11.78 5.51 5.54
CA GLY A 19 12.89 6.14 6.23
C GLY A 19 12.93 5.79 7.72
N LEU A 20 12.14 4.81 8.16
CA LEU A 20 12.05 4.45 9.58
C LEU A 20 13.37 3.81 10.05
N PRO A 21 13.97 4.32 11.14
CA PRO A 21 15.16 3.75 11.74
C PRO A 21 14.79 2.50 12.56
N PRO A 22 15.78 1.66 12.90
CA PRO A 22 15.56 0.37 13.54
C PRO A 22 15.41 0.47 15.06
N ASP A 23 15.43 1.67 15.63
CA ASP A 23 15.49 1.84 17.08
C ASP A 23 14.44 2.78 17.67
N ILE A 24 13.32 3.00 16.97
CA ILE A 24 12.23 3.81 17.51
C ILE A 24 10.92 3.00 17.49
N ASP A 25 9.88 3.55 18.13
CA ASP A 25 8.63 2.82 18.30
C ASP A 25 7.41 3.73 18.10
N GLU A 26 6.23 3.16 18.37
CA GLU A 26 4.94 3.79 18.18
C GLU A 26 4.84 5.18 18.82
N ASP A 27 5.57 5.44 19.90
CA ASP A 27 5.47 6.69 20.62
C ASP A 27 6.28 7.79 19.94
N GLU A 28 7.40 7.42 19.31
CA GLU A 28 8.33 8.39 18.75
C GLU A 28 7.79 8.96 17.44
N ILE A 29 7.18 8.12 16.62
CA ILE A 29 6.68 8.56 15.32
C ILE A 29 5.29 9.19 15.46
N THR A 30 4.44 8.67 16.35
CA THR A 30 3.13 9.28 16.55
C THR A 30 3.32 10.68 17.12
N ALA A 31 4.42 10.93 17.83
CA ALA A 31 4.74 12.25 18.34
C ALA A 31 5.44 13.11 17.27
N SER A 32 6.07 12.48 16.28
CA SER A 32 6.74 13.23 15.21
C SER A 32 5.75 13.75 14.17
N PHE A 33 4.50 13.28 14.19
CA PHE A 33 3.46 13.79 13.30
C PHE A 33 2.30 14.42 14.07
N ARG A 34 2.39 14.52 15.40
CA ARG A 34 1.27 14.96 16.23
C ARG A 34 0.91 16.44 16.03
N ARG A 35 1.82 17.24 15.45
CA ARG A 35 1.60 18.67 15.28
C ARG A 35 0.56 18.97 14.21
N PHE A 36 0.09 17.93 13.49
CA PHE A 36 -0.87 18.10 12.42
C PHE A 36 -2.25 17.60 12.82
N GLY A 37 -2.42 17.23 14.10
CA GLY A 37 -3.68 16.70 14.60
C GLY A 37 -3.51 15.27 15.09
N PRO A 38 -4.57 14.65 15.60
CA PRO A 38 -4.56 13.28 16.10
C PRO A 38 -4.43 12.30 14.95
N LEU A 39 -3.55 11.31 15.12
CA LEU A 39 -3.30 10.25 14.14
C LEU A 39 -2.66 9.06 14.83
N ILE A 40 -2.65 7.92 14.14
CA ILE A 40 -2.12 6.67 14.68
C ILE A 40 -1.13 6.08 13.67
N VAL A 41 -0.30 5.13 14.12
CA VAL A 41 0.61 4.42 13.24
C VAL A 41 0.29 2.93 13.26
N ASP A 42 0.62 2.23 12.18
CA ASP A 42 0.29 0.83 12.01
C ASP A 42 1.39 0.08 11.25
N TRP A 43 1.42 -1.23 11.47
CA TRP A 43 2.24 -2.14 10.68
C TRP A 43 1.59 -3.53 10.80
N PRO A 44 1.85 -4.45 9.87
CA PRO A 44 1.11 -5.71 9.77
C PRO A 44 1.54 -6.67 10.89
N HIS A 45 2.62 -6.31 11.62
CA HIS A 45 3.16 -7.10 12.71
C HIS A 45 2.80 -6.47 14.06
N LYS A 46 1.89 -5.47 14.06
CA LYS A 46 1.47 -4.76 15.26
C LYS A 46 0.75 -5.70 16.22
N ALA A 47 0.18 -6.79 15.70
CA ALA A 47 -0.52 -7.80 16.49
C ALA A 47 -1.55 -7.16 17.43
N GLU A 48 -1.82 -7.82 18.56
CA GLU A 48 -2.75 -7.33 19.58
C GLU A 48 -2.11 -6.24 20.43
N SER A 49 -1.34 -5.35 19.79
CA SER A 49 -0.61 -4.27 20.46
C SER A 49 0.34 -4.81 21.53
N LYS A 50 0.81 -6.05 21.34
CA LYS A 50 1.72 -6.72 22.26
C LYS A 50 3.18 -6.42 21.95
N SER A 51 3.43 -5.44 21.07
CA SER A 51 4.79 -5.03 20.70
C SER A 51 4.94 -3.51 20.82
N TYR A 52 6.12 -3.07 21.26
CA TYR A 52 6.39 -1.66 21.51
C TYR A 52 7.83 -1.30 21.08
N PHE A 53 8.48 -2.16 20.30
CA PHE A 53 9.82 -1.90 19.80
C PHE A 53 10.04 -2.61 18.47
N PRO A 54 9.40 -2.12 17.39
CA PRO A 54 9.49 -2.72 16.07
C PRO A 54 10.85 -2.43 15.42
N PRO A 55 11.26 -3.26 14.46
CA PRO A 55 12.48 -3.09 13.69
C PRO A 55 12.26 -2.03 12.61
N LYS A 56 13.25 -1.84 11.72
CA LYS A 56 13.15 -0.91 10.60
C LYS A 56 12.26 -1.45 9.49
N GLY A 57 11.18 -2.15 9.85
CA GLY A 57 10.22 -2.72 8.92
C GLY A 57 9.38 -1.64 8.22
N TYR A 58 9.73 -0.36 8.44
CA TYR A 58 8.99 0.77 7.92
C TYR A 58 7.55 0.81 8.43
N ALA A 59 6.82 1.93 8.26
CA ALA A 59 5.52 2.08 8.89
C ALA A 59 4.52 2.83 8.01
N PHE A 60 3.27 2.93 8.49
CA PHE A 60 2.17 3.57 7.77
C PHE A 60 1.23 4.25 8.77
N LEU A 61 0.69 5.43 8.44
CA LEU A 61 -0.19 6.17 9.35
C LEU A 61 -1.67 5.97 9.05
N LEU A 62 -2.48 5.95 10.11
CA LEU A 62 -3.93 5.89 10.01
C LEU A 62 -4.51 7.12 10.68
N PHE A 63 -5.54 7.71 10.07
CA PHE A 63 -6.24 8.86 10.64
C PHE A 63 -7.69 8.86 10.13
N GLN A 64 -8.51 9.82 10.58
CA GLN A 64 -9.90 9.90 10.18
C GLN A 64 -10.19 11.20 9.44
N ASP A 65 -9.45 12.24 9.79
CA ASP A 65 -9.66 13.56 9.21
C ASP A 65 -8.73 13.75 8.02
N GLU A 66 -9.30 14.07 6.85
CA GLU A 66 -8.54 14.26 5.63
C GLU A 66 -7.68 15.53 5.73
N SER A 67 -8.03 16.43 6.64
CA SER A 67 -7.30 17.67 6.87
C SER A 67 -6.00 17.41 7.65
N SER A 68 -5.87 16.22 8.25
CA SER A 68 -4.67 15.89 9.01
C SER A 68 -3.52 15.58 8.06
N VAL A 69 -3.82 14.91 6.94
CA VAL A 69 -2.80 14.58 5.95
C VAL A 69 -2.58 15.77 5.01
N GLN A 70 -3.56 16.67 4.90
CA GLN A 70 -3.39 17.89 4.12
C GLN A 70 -2.34 18.78 4.79
N ALA A 71 -2.35 18.87 6.11
CA ALA A 71 -1.42 19.73 6.83
C ALA A 71 -0.02 19.13 6.89
N LEU A 72 0.12 17.81 7.04
CA LEU A 72 1.43 17.21 7.17
C LEU A 72 2.16 17.17 5.82
N ILE A 73 1.43 17.24 4.71
CA ILE A 73 2.03 17.28 3.38
C ILE A 73 2.28 18.72 2.91
N ASP A 74 1.55 19.70 3.47
CA ASP A 74 1.68 21.09 3.04
C ASP A 74 2.72 21.84 3.88
N ALA A 75 3.17 21.26 5.00
CA ALA A 75 4.13 21.89 5.89
C ALA A 75 5.32 20.97 6.17
N CYS A 76 5.88 20.37 5.12
CA CYS A 76 6.99 19.43 5.23
C CYS A 76 8.01 19.63 4.12
N ILE A 77 9.05 18.78 4.12
CA ILE A 77 10.11 18.81 3.11
C ILE A 77 9.60 18.05 1.90
N GLU A 78 10.18 18.27 0.71
CA GLU A 78 9.73 17.58 -0.48
C GLU A 78 10.90 17.14 -1.38
N GLU A 79 10.62 16.19 -2.27
CA GLU A 79 11.58 15.76 -3.28
C GLU A 79 10.81 15.43 -4.56
N ASP A 80 11.54 15.09 -5.63
CA ASP A 80 11.00 14.92 -6.97
C ASP A 80 9.93 13.82 -7.10
N GLY A 81 9.54 13.17 -6.01
CA GLY A 81 8.49 12.14 -6.05
C GLY A 81 7.89 11.81 -4.69
N LYS A 82 8.32 12.49 -3.61
CA LYS A 82 7.86 12.16 -2.26
C LYS A 82 7.97 13.38 -1.35
N LEU A 83 7.52 13.23 -0.10
CA LEU A 83 7.66 14.25 0.93
C LEU A 83 8.55 13.72 2.05
N TYR A 84 9.06 14.62 2.90
CA TYR A 84 9.95 14.24 3.99
C TYR A 84 9.64 15.00 5.28
N LEU A 85 9.87 14.34 6.42
CA LEU A 85 9.78 14.96 7.74
C LEU A 85 10.94 14.42 8.58
N CYS A 86 10.98 14.70 9.88
CA CYS A 86 12.07 14.22 10.74
C CYS A 86 11.55 13.61 12.04
N VAL A 87 12.42 12.85 12.71
CA VAL A 87 12.15 12.22 14.01
C VAL A 87 13.26 12.59 14.99
N SER A 88 13.06 12.32 16.28
CA SER A 88 13.96 12.80 17.33
C SER A 88 14.64 11.71 18.16
N SER A 89 14.58 10.44 17.74
CA SER A 89 15.28 9.38 18.44
C SER A 89 15.90 8.31 17.51
N PRO A 90 16.36 8.69 16.30
CA PRO A 90 16.86 7.74 15.30
C PRO A 90 18.21 7.13 15.66
N THR A 91 18.63 6.14 14.86
CA THR A 91 19.86 5.39 15.08
C THR A 91 21.10 6.13 14.60
N ILE A 92 20.93 7.12 13.70
CA ILE A 92 22.03 7.93 13.18
C ILE A 92 21.76 9.38 13.60
N LYS A 93 22.77 10.26 13.51
CA LYS A 93 22.56 11.67 13.78
C LYS A 93 21.57 12.21 12.77
N ASP A 94 20.44 12.75 13.26
CA ASP A 94 19.30 13.18 12.47
C ASP A 94 18.72 12.05 11.60
N LYS A 95 17.46 12.21 11.18
CA LYS A 95 16.82 11.22 10.33
C LYS A 95 15.63 11.83 9.60
N PRO A 96 15.74 12.05 8.29
CA PRO A 96 14.62 12.41 7.46
C PRO A 96 13.82 11.15 7.13
N VAL A 97 12.48 11.23 7.15
CA VAL A 97 11.62 10.09 6.86
C VAL A 97 10.68 10.44 5.72
N GLN A 98 10.35 9.47 4.87
CA GLN A 98 9.53 9.70 3.69
C GLN A 98 8.04 9.61 4.02
N ILE A 99 7.21 10.23 3.16
CA ILE A 99 5.75 10.13 3.20
C ILE A 99 5.24 9.86 1.79
N ARG A 100 4.21 9.00 1.69
CA ARG A 100 3.63 8.63 0.39
C ARG A 100 2.17 8.17 0.58
N PRO A 101 1.21 9.09 0.47
CA PRO A 101 -0.22 8.82 0.59
C PRO A 101 -0.78 7.84 -0.44
N TRP A 102 -2.03 7.40 -0.22
CA TRP A 102 -2.74 6.57 -1.18
C TRP A 102 -3.93 7.32 -1.78
N ASN A 103 -4.18 7.11 -3.08
CA ASN A 103 -5.27 7.74 -3.80
C ASN A 103 -6.24 6.67 -4.36
N LEU A 104 -7.50 7.08 -4.54
CA LEU A 104 -8.60 6.16 -4.84
C LEU A 104 -8.78 5.95 -6.34
N SER A 105 -7.83 6.38 -7.17
CA SER A 105 -8.01 6.33 -8.61
C SER A 105 -7.86 4.92 -9.19
N ASP A 106 -7.14 4.02 -8.49
CA ASP A 106 -6.92 2.66 -8.98
C ASP A 106 -6.90 1.63 -7.86
N SER A 107 -7.65 1.87 -6.77
CA SER A 107 -7.67 0.95 -5.64
C SER A 107 -8.29 -0.39 -6.01
N ASP A 108 -9.12 -0.43 -7.06
CA ASP A 108 -9.77 -1.65 -7.51
C ASP A 108 -10.09 -1.58 -9.00
N PHE A 109 -10.25 -2.75 -9.63
CA PHE A 109 -10.62 -2.84 -11.03
C PHE A 109 -11.30 -4.19 -11.29
N VAL A 110 -12.16 -4.27 -12.29
CA VAL A 110 -12.87 -5.50 -12.59
C VAL A 110 -13.03 -5.65 -14.10
N MET A 111 -13.07 -6.90 -14.59
CA MET A 111 -13.12 -7.18 -16.02
C MET A 111 -14.32 -8.06 -16.36
N ASP A 112 -15.31 -8.12 -15.48
CA ASP A 112 -16.51 -8.92 -15.70
C ASP A 112 -17.67 -8.32 -14.90
N GLY A 113 -17.43 -8.04 -13.62
CA GLY A 113 -18.37 -7.33 -12.77
C GLY A 113 -19.64 -8.12 -12.45
N SER A 114 -19.70 -9.42 -12.75
CA SER A 114 -20.91 -10.20 -12.54
C SER A 114 -20.67 -11.63 -12.04
N GLN A 115 -19.46 -12.18 -12.15
CA GLN A 115 -19.20 -13.53 -11.69
C GLN A 115 -18.93 -13.55 -10.18
N PRO A 116 -19.47 -14.55 -9.45
CA PRO A 116 -19.20 -14.74 -8.03
C PRO A 116 -17.74 -15.04 -7.75
N LEU A 117 -17.28 -14.75 -6.53
CA LEU A 117 -15.92 -15.00 -6.09
C LEU A 117 -15.89 -15.96 -4.90
N ASP A 118 -14.71 -16.54 -4.64
CA ASP A 118 -14.53 -17.46 -3.54
C ASP A 118 -13.07 -17.36 -3.07
N PRO A 119 -12.80 -17.37 -1.75
CA PRO A 119 -11.48 -17.18 -1.19
C PRO A 119 -10.52 -18.33 -1.50
N ARG A 120 -11.02 -19.47 -2.01
CA ARG A 120 -10.17 -20.58 -2.43
C ARG A 120 -9.80 -20.44 -3.91
N LYS A 121 -10.19 -19.31 -4.52
CA LYS A 121 -9.83 -18.99 -5.91
C LYS A 121 -9.21 -17.61 -6.00
N THR A 122 -8.61 -17.12 -4.91
CA THR A 122 -8.01 -15.79 -4.86
C THR A 122 -6.54 -15.87 -4.45
N ILE A 123 -5.72 -15.00 -5.03
CA ILE A 123 -4.26 -15.04 -4.85
C ILE A 123 -3.77 -13.74 -4.21
N PHE A 124 -2.66 -13.84 -3.46
CA PHE A 124 -1.98 -12.68 -2.90
C PHE A 124 -0.66 -12.50 -3.65
N VAL A 125 -0.26 -11.25 -3.89
CA VAL A 125 1.03 -10.93 -4.49
C VAL A 125 1.63 -9.71 -3.79
N GLY A 126 2.93 -9.79 -3.47
CA GLY A 126 3.60 -8.73 -2.74
C GLY A 126 5.09 -8.64 -3.09
N GLY A 127 5.80 -7.72 -2.43
CA GLY A 127 7.20 -7.46 -2.73
C GLY A 127 7.33 -6.47 -3.89
N VAL A 128 6.20 -5.90 -4.33
CA VAL A 128 6.19 -4.93 -5.42
C VAL A 128 6.75 -3.59 -4.91
N PRO A 129 7.74 -3.00 -5.61
CA PRO A 129 8.45 -1.83 -5.12
C PRO A 129 7.70 -0.51 -5.34
N ARG A 130 6.93 -0.35 -6.43
CA ARG A 130 6.30 0.92 -6.72
C ARG A 130 5.12 0.90 -7.70
N PRO A 131 5.11 0.11 -8.78
CA PRO A 131 4.09 0.26 -9.81
C PRO A 131 2.73 -0.33 -9.42
N LEU A 132 2.69 -1.54 -8.86
CA LEU A 132 1.47 -2.26 -8.50
C LEU A 132 0.28 -1.91 -9.41
N ARG A 133 -0.68 -1.14 -8.89
CA ARG A 133 -1.92 -0.73 -9.56
C ARG A 133 -2.84 -1.93 -9.85
N ALA A 134 -4.13 -1.76 -9.60
CA ALA A 134 -5.09 -2.85 -9.76
C ALA A 134 -5.45 -3.09 -11.23
N VAL A 135 -5.45 -2.04 -12.04
CA VAL A 135 -5.79 -2.15 -13.45
C VAL A 135 -4.78 -3.00 -14.20
N GLU A 136 -3.50 -2.65 -14.09
CA GLU A 136 -2.46 -3.30 -14.87
C GLU A 136 -2.15 -4.67 -14.30
N LEU A 137 -2.44 -4.89 -13.02
CA LEU A 137 -2.21 -6.18 -12.40
C LEU A 137 -3.25 -7.19 -12.89
N ALA A 138 -4.45 -6.71 -13.22
CA ALA A 138 -5.53 -7.60 -13.64
C ALA A 138 -5.36 -8.05 -15.08
N MET A 139 -4.95 -7.14 -15.97
CA MET A 139 -4.82 -7.47 -17.39
C MET A 139 -3.58 -8.32 -17.63
N ILE A 140 -2.56 -8.19 -16.78
CA ILE A 140 -1.38 -9.03 -16.89
C ILE A 140 -1.72 -10.45 -16.45
N MET A 141 -2.56 -10.61 -15.42
CA MET A 141 -2.99 -11.92 -14.97
C MET A 141 -3.96 -12.53 -15.98
N ASP A 142 -4.52 -11.71 -16.88
CA ASP A 142 -5.38 -12.22 -17.93
C ASP A 142 -4.56 -12.59 -19.18
N ARG A 143 -3.33 -12.09 -19.29
CA ARG A 143 -2.45 -12.41 -20.39
C ARG A 143 -1.61 -13.65 -20.11
N LEU A 144 -1.48 -14.06 -18.84
CA LEU A 144 -0.76 -15.27 -18.48
C LEU A 144 -1.69 -16.31 -17.86
N TYR A 145 -2.80 -15.87 -17.27
CA TYR A 145 -3.71 -16.76 -16.56
C TYR A 145 -5.16 -16.39 -16.84
N GLY A 146 -5.48 -16.19 -18.13
CA GLY A 146 -6.81 -15.78 -18.57
C GLY A 146 -7.92 -16.53 -17.83
N GLY A 147 -8.95 -15.79 -17.41
CA GLY A 147 -10.03 -16.31 -16.59
C GLY A 147 -10.26 -15.45 -15.36
N VAL A 148 -9.61 -14.28 -15.30
CA VAL A 148 -9.73 -13.33 -14.19
C VAL A 148 -11.14 -12.76 -14.15
N CYS A 149 -11.64 -12.45 -12.95
CA CYS A 149 -12.95 -11.83 -12.78
C CYS A 149 -12.84 -10.46 -12.14
N TYR A 150 -11.92 -10.29 -11.18
CA TYR A 150 -11.85 -9.07 -10.39
C TYR A 150 -10.47 -8.88 -9.80
N ALA A 151 -10.07 -7.64 -9.55
CA ALA A 151 -8.77 -7.34 -8.97
C ALA A 151 -8.80 -6.10 -8.09
N GLY A 152 -7.79 -5.95 -7.23
CA GLY A 152 -7.67 -4.78 -6.38
C GLY A 152 -6.47 -4.87 -5.47
N ILE A 153 -6.28 -3.85 -4.62
CA ILE A 153 -5.24 -3.88 -3.62
C ILE A 153 -5.79 -4.56 -2.37
N ASP A 154 -4.91 -5.12 -1.53
CA ASP A 154 -5.32 -5.81 -0.32
C ASP A 154 -5.84 -4.88 0.78
N THR A 155 -6.59 -3.84 0.41
CA THR A 155 -7.21 -2.94 1.36
C THR A 155 -8.39 -3.60 2.05
N ASP A 156 -8.69 -3.19 3.28
CA ASP A 156 -9.78 -3.77 4.06
C ASP A 156 -10.62 -2.66 4.71
N PRO A 157 -11.94 -2.89 4.84
CA PRO A 157 -12.90 -1.91 5.34
C PRO A 157 -12.81 -1.77 6.87
N GLU A 158 -12.02 -2.62 7.53
CA GLU A 158 -11.80 -2.53 8.97
C GLU A 158 -10.77 -1.45 9.29
N LEU A 159 -10.85 -0.33 8.57
CA LEU A 159 -9.99 0.85 8.69
C LEU A 159 -8.49 0.53 8.61
N LYS A 160 -8.12 -0.61 8.02
CA LYS A 160 -6.71 -0.94 7.80
C LYS A 160 -6.23 -0.34 6.49
N TYR A 161 -7.15 -0.08 5.55
CA TYR A 161 -6.84 0.48 4.24
C TYR A 161 -5.80 -0.39 3.53
N PRO A 162 -5.18 0.03 2.40
CA PRO A 162 -4.23 -0.81 1.68
C PRO A 162 -3.06 -1.26 2.55
N LYS A 163 -2.50 -2.42 2.23
CA LYS A 163 -1.31 -2.95 2.90
C LYS A 163 -0.17 -3.16 1.89
N GLY A 164 -0.21 -2.41 0.78
CA GLY A 164 0.89 -2.36 -0.17
C GLY A 164 1.05 -3.64 -1.00
N ALA A 165 0.07 -4.53 -0.97
CA ALA A 165 0.14 -5.78 -1.71
C ALA A 165 -1.16 -6.01 -2.49
N GLY A 166 -1.07 -6.78 -3.58
CA GLY A 166 -2.20 -6.98 -4.48
C GLY A 166 -2.96 -8.28 -4.20
N ARG A 167 -4.19 -8.32 -4.69
CA ARG A 167 -5.01 -9.52 -4.67
C ARG A 167 -5.83 -9.54 -5.97
N VAL A 168 -6.10 -10.73 -6.50
CA VAL A 168 -6.88 -10.86 -7.73
C VAL A 168 -7.64 -12.17 -7.71
N ALA A 169 -8.80 -12.19 -8.36
CA ALA A 169 -9.72 -13.31 -8.33
C ALA A 169 -10.01 -13.83 -9.73
N PHE A 170 -10.30 -15.13 -9.81
CA PHE A 170 -10.55 -15.82 -11.07
C PHE A 170 -11.90 -16.55 -11.02
N SER A 171 -12.56 -16.67 -12.19
CA SER A 171 -13.78 -17.45 -12.31
C SER A 171 -13.45 -18.93 -12.49
N ASN A 172 -12.16 -19.28 -12.51
CA ASN A 172 -11.72 -20.65 -12.72
C ASN A 172 -10.66 -21.02 -11.68
N GLN A 173 -10.80 -22.20 -11.08
CA GLN A 173 -9.83 -22.66 -10.09
C GLN A 173 -8.54 -23.09 -10.80
N GLN A 174 -8.62 -23.41 -12.09
CA GLN A 174 -7.47 -23.82 -12.86
C GLN A 174 -6.53 -22.64 -13.10
N SER A 175 -7.09 -21.45 -13.33
CA SER A 175 -6.29 -20.25 -13.54
C SER A 175 -5.76 -19.74 -12.21
N TYR A 176 -6.45 -20.05 -11.11
CA TYR A 176 -6.00 -19.67 -9.79
C TYR A 176 -4.75 -20.47 -9.41
N ILE A 177 -4.79 -21.80 -9.54
CA ILE A 177 -3.65 -22.63 -9.18
C ILE A 177 -2.48 -22.42 -10.14
N ALA A 178 -2.76 -21.85 -11.32
CA ALA A 178 -1.71 -21.53 -12.27
C ALA A 178 -1.01 -20.23 -11.89
N ALA A 179 -1.72 -19.33 -11.21
CA ALA A 179 -1.16 -18.05 -10.79
C ALA A 179 -0.33 -18.17 -9.52
N ILE A 180 -0.49 -19.27 -8.76
CA ILE A 180 0.31 -19.56 -7.59
C ILE A 180 1.16 -20.80 -7.82
N SER A 181 1.44 -21.10 -9.10
CA SER A 181 2.19 -22.29 -9.50
C SER A 181 3.71 -22.09 -9.34
N ALA A 182 4.12 -20.85 -9.07
CA ALA A 182 5.53 -20.52 -8.89
C ALA A 182 5.65 -19.29 -8.00
N ARG A 183 6.64 -19.26 -7.11
CA ARG A 183 6.82 -18.16 -6.17
C ARG A 183 6.92 -16.82 -6.88
N PHE A 184 7.56 -16.81 -8.06
CA PHE A 184 7.69 -15.62 -8.86
C PHE A 184 7.17 -15.86 -10.28
N VAL A 185 6.10 -15.16 -10.62
CA VAL A 185 5.48 -15.24 -11.94
C VAL A 185 5.96 -14.09 -12.81
N GLN A 186 5.82 -14.21 -14.14
CA GLN A 186 6.18 -13.14 -15.04
C GLN A 186 5.00 -12.19 -15.21
N LEU A 187 5.31 -10.89 -15.28
CA LEU A 187 4.29 -9.86 -15.44
C LEU A 187 4.50 -9.13 -16.77
N GLN A 188 5.23 -9.79 -17.66
CA GLN A 188 5.52 -9.29 -18.99
C GLN A 188 4.23 -8.95 -19.72
N HIS A 189 4.24 -7.83 -20.44
CA HIS A 189 3.05 -7.33 -21.13
C HIS A 189 3.44 -6.63 -22.43
N GLY A 190 4.66 -6.91 -22.92
CA GLY A 190 5.21 -6.27 -24.11
C GLY A 190 5.95 -4.98 -23.75
N GLU A 191 5.82 -4.51 -22.51
CA GLU A 191 6.49 -3.31 -22.02
C GLU A 191 6.96 -3.50 -20.57
N ILE A 192 6.90 -4.74 -20.06
CA ILE A 192 7.21 -5.05 -18.67
C ILE A 192 8.12 -6.27 -18.60
N ASP A 193 8.91 -6.38 -17.53
CA ASP A 193 9.82 -7.50 -17.33
C ASP A 193 9.95 -7.83 -15.83
N LYS A 194 9.07 -7.24 -15.01
CA LYS A 194 9.16 -7.32 -13.55
C LYS A 194 8.61 -8.63 -13.02
N ARG A 195 8.77 -8.83 -11.71
CA ARG A 195 8.37 -10.04 -10.99
C ARG A 195 7.70 -9.65 -9.68
N VAL A 196 6.98 -10.59 -9.08
CA VAL A 196 6.32 -10.39 -7.80
C VAL A 196 6.26 -11.72 -7.05
N GLU A 197 6.27 -11.68 -5.72
CA GLU A 197 6.18 -12.90 -4.91
C GLU A 197 4.71 -13.25 -4.73
N VAL A 198 4.34 -14.52 -4.96
CA VAL A 198 2.96 -14.95 -4.90
C VAL A 198 2.72 -15.98 -3.81
N LYS A 199 1.48 -16.07 -3.32
CA LYS A 199 1.07 -17.17 -2.46
C LYS A 199 -0.45 -17.34 -2.50
N PRO A 200 -0.97 -18.51 -2.09
CA PRO A 200 -2.40 -18.73 -1.99
C PRO A 200 -2.92 -17.76 -0.93
N TYR A 201 -3.92 -16.94 -1.27
CA TYR A 201 -4.30 -15.85 -0.38
C TYR A 201 -4.90 -16.37 0.92
N VAL A 202 -4.23 -16.04 2.03
CA VAL A 202 -4.66 -16.32 3.40
C VAL A 202 -5.17 -17.75 3.60
N LEU A 203 -4.66 -18.70 2.80
CA LEU A 203 -5.06 -20.10 2.87
C LEU A 203 -4.28 -20.80 3.98
#